data_2NV9
#
_entry.id   2NV9
#
_cell.length_a   116.108
_cell.length_b   116.874
_cell.length_c   269.450
_cell.angle_alpha   90.00
_cell.angle_beta   90.00
_cell.angle_gamma   90.00
#
_symmetry.space_group_name_H-M   'P 21 21 21'
#
loop_
_entity.id
_entity.type
_entity.pdbx_description
1 polymer 'A207R protein, arginine decarboxylase'
2 non-polymer "PYRIDOXAL-5'-PHOSPHATE"
3 water water
#
_entity_poly.entity_id   1
_entity_poly.type   'polypeptide(L)'
_entity_poly.pdbx_seq_one_letter_code
;MNSVVNNILKAHPHQTKSFYVSSPKIVEDLIDQWTILFPRVTPHYAVKCNNDEVLLKTMCDKNVNFDCASSSEIKKVIQI
GVSPSRIIFAHTMKTIDDLIFAKDQGVDIATFDSSFELDKIHTYHPNCKMILRIRCDDPNAAVQLGNKFGANEDEIRHLL
EYAKQLDIEVIGISFHVGSGSRNPEAYYRAIKSSKEAFNEAISVGHKPYILDIGGGLHADIDEGELSTYMSDYINDAIKD
FFPEDTVTIVAEPGRFFAEHYSVLATQVIGKRVRDGLYEYFFNESTYGGFSNVIFEKSVPTPQLLRDVPDDEEYVPSVLY
GCTCDGVDVINHNVALPELHIGDWVYFPSWGAYTNVLTTSFNGFGEYDVYYI
;
_entity_poly.pdbx_strand_id   A,B,C,D,E,F,G,H
#
# COMPACT_ATOMS: atom_id res chain seq x y z
N MET A 1 -5.98 -62.95 -17.69
CA MET A 1 -5.68 -61.51 -18.04
C MET A 1 -4.35 -61.01 -17.44
N ASN A 2 -4.10 -61.42 -16.19
CA ASN A 2 -2.87 -61.12 -15.51
C ASN A 2 -1.64 -61.65 -16.26
N SER A 3 -1.72 -62.90 -16.71
CA SER A 3 -0.71 -63.54 -17.54
C SER A 3 -0.56 -62.84 -18.90
N VAL A 4 -1.69 -62.53 -19.53
CA VAL A 4 -1.70 -61.84 -20.83
C VAL A 4 -0.97 -60.48 -20.76
N VAL A 5 -1.32 -59.68 -19.76
CA VAL A 5 -0.73 -58.37 -19.57
C VAL A 5 0.75 -58.49 -19.19
N ASN A 6 1.06 -59.46 -18.35
CA ASN A 6 2.45 -59.70 -18.00
C ASN A 6 3.28 -60.14 -19.22
N ASN A 7 2.68 -60.94 -20.09
CA ASN A 7 3.34 -61.35 -21.34
C ASN A 7 3.57 -60.20 -22.31
N ILE A 8 2.59 -59.30 -22.45
CA ILE A 8 2.78 -58.07 -23.22
C ILE A 8 3.97 -57.22 -22.75
N LEU A 9 4.07 -57.02 -21.44
CA LEU A 9 5.16 -56.22 -20.85
C LEU A 9 6.52 -56.87 -21.03
N LYS A 10 6.55 -58.22 -20.97
CA LYS A 10 7.81 -58.95 -21.19
C LYS A 10 8.24 -58.91 -22.67
N ALA A 11 7.27 -58.97 -23.56
CA ALA A 11 7.52 -58.87 -24.99
C ALA A 11 7.86 -57.45 -25.45
N HIS A 12 7.37 -56.45 -24.73
CA HIS A 12 7.62 -55.03 -24.99
C HIS A 12 8.22 -54.37 -23.77
N PRO A 13 9.49 -54.69 -23.47
CA PRO A 13 10.09 -54.22 -22.25
C PRO A 13 10.29 -52.71 -22.25
N HIS A 14 10.21 -52.11 -23.44
CA HIS A 14 10.29 -50.65 -23.60
C HIS A 14 8.92 -49.90 -23.46
N GLN A 15 7.81 -50.65 -23.35
CA GLN A 15 6.48 -50.02 -23.16
C GLN A 15 6.51 -48.87 -22.15
N THR A 16 6.11 -47.68 -22.58
CA THR A 16 6.07 -46.51 -21.68
C THR A 16 4.66 -45.97 -21.43
N LYS A 17 3.86 -45.81 -22.49
CA LYS A 17 2.50 -45.31 -22.37
C LYS A 17 1.61 -46.31 -21.64
N SER A 18 0.54 -45.80 -21.04
CA SER A 18 -0.56 -46.65 -20.61
C SER A 18 -1.13 -47.38 -21.86
N PHE A 19 -1.78 -48.51 -21.66
CA PHE A 19 -2.29 -49.25 -22.84
C PHE A 19 -3.56 -50.04 -22.55
N TYR A 20 -4.45 -50.05 -23.53
CA TYR A 20 -5.62 -50.89 -23.52
C TYR A 20 -5.27 -52.26 -24.07
N VAL A 21 -5.79 -53.29 -23.39
CA VAL A 21 -5.73 -54.66 -23.92
C VAL A 21 -7.18 -55.07 -24.24
N SER A 22 -7.42 -55.22 -25.55
CA SER A 22 -8.78 -55.37 -26.06
C SER A 22 -8.97 -56.74 -26.71
N SER A 23 -10.12 -57.35 -26.42
CA SER A 23 -10.43 -58.72 -26.88
C SER A 23 -11.74 -58.77 -27.70
N PRO A 24 -11.63 -58.77 -29.04
CA PRO A 24 -12.79 -59.01 -29.92
C PRO A 24 -13.58 -60.27 -29.55
N LYS A 25 -12.92 -61.31 -29.05
CA LYS A 25 -13.60 -62.57 -28.72
C LYS A 25 -14.61 -62.39 -27.57
N ILE A 26 -14.27 -61.59 -26.56
CA ILE A 26 -15.20 -61.27 -25.48
C ILE A 26 -16.49 -60.66 -26.05
N VAL A 27 -16.34 -59.72 -26.96
CA VAL A 27 -17.49 -59.04 -27.57
C VAL A 27 -18.34 -59.96 -28.46
N GLU A 28 -17.68 -60.83 -29.23
CA GLU A 28 -18.36 -61.86 -30.02
C GLU A 28 -19.19 -62.78 -29.10
N ASP A 29 -18.63 -63.13 -27.94
CA ASP A 29 -19.33 -63.99 -27.01
C ASP A 29 -20.56 -63.31 -26.41
N LEU A 30 -20.43 -62.01 -26.13
CA LEU A 30 -21.53 -61.19 -25.61
C LEU A 30 -22.65 -60.98 -26.63
N ILE A 31 -22.28 -60.86 -27.90
CA ILE A 31 -23.26 -60.76 -28.97
C ILE A 31 -24.11 -62.04 -29.05
N ASP A 32 -23.44 -63.20 -29.05
CA ASP A 32 -24.11 -64.52 -28.96
C ASP A 32 -25.03 -64.58 -27.74
N GLN A 33 -24.59 -64.01 -26.62
CA GLN A 33 -25.45 -63.95 -25.40
C GLN A 33 -26.61 -62.97 -25.54
N TRP A 34 -26.38 -61.84 -26.19
CA TRP A 34 -27.46 -60.90 -26.47
C TRP A 34 -28.60 -61.60 -27.20
N THR A 35 -28.23 -62.38 -28.23
CA THR A 35 -29.17 -63.12 -29.04
C THR A 35 -30.03 -64.07 -28.19
N ILE A 36 -29.43 -64.68 -27.16
CA ILE A 36 -30.15 -65.59 -26.28
C ILE A 36 -31.04 -64.80 -25.31
N LEU A 37 -30.49 -63.73 -24.72
CA LEU A 37 -31.20 -62.88 -23.77
C LEU A 37 -32.35 -62.06 -24.39
N PHE A 38 -32.13 -61.57 -25.60
CA PHE A 38 -33.09 -60.70 -26.26
C PHE A 38 -33.37 -61.24 -27.66
N PRO A 39 -34.06 -62.40 -27.75
CA PRO A 39 -34.22 -63.00 -29.08
C PRO A 39 -35.01 -62.15 -30.07
N ARG A 40 -35.89 -61.25 -29.59
CA ARG A 40 -36.61 -60.35 -30.51
C ARG A 40 -35.94 -58.99 -30.78
N VAL A 41 -34.80 -58.73 -30.15
CA VAL A 41 -34.25 -57.36 -30.14
C VAL A 41 -32.97 -57.25 -30.95
N THR A 42 -33.00 -56.42 -31.99
CA THR A 42 -31.83 -56.20 -32.84
C THR A 42 -31.03 -55.04 -32.25
N PRO A 43 -29.74 -55.30 -31.89
CA PRO A 43 -28.93 -54.25 -31.27
C PRO A 43 -28.30 -53.32 -32.31
N HIS A 44 -28.52 -52.03 -32.13
CA HIS A 44 -27.82 -50.97 -32.84
C HIS A 44 -26.77 -50.38 -31.88
N TYR A 45 -25.52 -50.87 -32.01
CA TYR A 45 -24.45 -50.48 -31.09
C TYR A 45 -24.21 -48.95 -31.02
N ALA A 46 -24.22 -48.40 -29.81
CA ALA A 46 -23.97 -46.98 -29.63
C ALA A 46 -22.45 -46.71 -29.81
N VAL A 47 -22.08 -46.33 -31.03
CA VAL A 47 -20.71 -46.03 -31.41
C VAL A 47 -19.98 -45.09 -30.44
N LYS A 48 -20.70 -44.10 -29.91
CA LYS A 48 -20.15 -43.09 -29.00
C LYS A 48 -19.51 -43.66 -27.73
N CYS A 49 -19.96 -44.86 -27.33
CA CYS A 49 -19.44 -45.52 -26.13
C CYS A 49 -17.96 -45.94 -26.25
N ASN A 50 -17.62 -46.40 -27.46
CA ASN A 50 -16.30 -46.92 -27.81
C ASN A 50 -16.27 -47.10 -29.33
N ASN A 51 -15.49 -46.24 -30.00
CA ASN A 51 -15.44 -46.23 -31.46
C ASN A 51 -14.19 -46.94 -32.03
N ASP A 52 -13.56 -47.79 -31.22
CA ASP A 52 -12.39 -48.58 -31.62
C ASP A 52 -12.67 -49.32 -32.95
N GLU A 53 -11.78 -49.15 -33.93
CA GLU A 53 -12.01 -49.69 -35.26
C GLU A 53 -12.20 -51.19 -35.22
N VAL A 54 -11.40 -51.89 -34.42
CA VAL A 54 -11.46 -53.36 -34.37
C VAL A 54 -12.82 -53.80 -33.81
N LEU A 55 -13.25 -53.13 -32.74
CA LEU A 55 -14.55 -53.37 -32.14
C LEU A 55 -15.69 -53.18 -33.14
N LEU A 56 -15.70 -52.06 -33.84
CA LEU A 56 -16.77 -51.80 -34.84
C LEU A 56 -16.77 -52.87 -35.95
N LYS A 57 -15.58 -53.27 -36.41
CA LYS A 57 -15.47 -54.38 -37.44
C LYS A 57 -15.98 -55.70 -36.88
N THR A 58 -15.64 -55.99 -35.61
CA THR A 58 -16.12 -57.16 -34.87
C THR A 58 -17.66 -57.29 -34.82
N MET A 59 -18.33 -56.22 -34.45
CA MET A 59 -19.78 -56.14 -34.48
C MET A 59 -20.38 -56.29 -35.87
N CYS A 60 -19.82 -55.55 -36.83
CA CYS A 60 -20.25 -55.57 -38.23
C CYS A 60 -20.35 -56.99 -38.78
N ASP A 61 -19.27 -57.76 -38.59
CA ASP A 61 -19.18 -59.16 -39.00
C ASP A 61 -20.15 -60.10 -38.27
N LYS A 62 -20.61 -59.72 -37.07
CA LYS A 62 -21.59 -60.49 -36.30
C LYS A 62 -23.04 -60.01 -36.53
N ASN A 63 -23.24 -59.19 -37.56
CA ASN A 63 -24.59 -58.69 -37.92
C ASN A 63 -25.26 -57.82 -36.85
N VAL A 64 -24.43 -57.11 -36.10
CA VAL A 64 -24.87 -56.08 -35.18
C VAL A 64 -25.01 -54.80 -35.99
N ASN A 65 -26.10 -54.06 -35.74
CA ASN A 65 -26.29 -52.77 -36.36
C ASN A 65 -25.69 -51.60 -35.56
N PHE A 66 -25.98 -50.37 -35.95
CA PHE A 66 -25.33 -49.22 -35.34
C PHE A 66 -26.20 -48.03 -35.08
N ASP A 67 -25.89 -47.40 -33.95
CA ASP A 67 -26.45 -46.13 -33.51
C ASP A 67 -25.36 -45.04 -33.61
N CYS A 68 -25.56 -44.12 -34.55
CA CYS A 68 -24.62 -43.03 -34.75
C CYS A 68 -25.21 -41.69 -34.36
N ALA A 69 -24.37 -40.83 -33.80
CA ALA A 69 -24.84 -39.62 -33.15
C ALA A 69 -24.49 -38.36 -33.92
N SER A 70 -23.63 -38.53 -34.94
CA SER A 70 -23.09 -37.42 -35.72
C SER A 70 -22.60 -37.91 -37.12
N SER A 71 -22.31 -36.98 -38.01
CA SER A 71 -21.76 -37.34 -39.35
C SER A 71 -20.42 -38.06 -39.21
N SER A 72 -19.61 -37.67 -38.25
CA SER A 72 -18.30 -38.31 -38.04
C SER A 72 -18.43 -39.80 -37.68
N GLU A 73 -19.35 -40.14 -36.75
CA GLU A 73 -19.64 -41.53 -36.42
C GLU A 73 -20.24 -42.33 -37.60
N ILE A 74 -21.10 -41.69 -38.39
CA ILE A 74 -21.60 -42.29 -39.64
C ILE A 74 -20.43 -42.72 -40.58
N LYS A 75 -19.56 -41.74 -40.83
CA LYS A 75 -18.34 -41.96 -41.61
C LYS A 75 -17.50 -43.14 -41.10
N LYS A 76 -17.33 -43.23 -39.77
CA LYS A 76 -16.52 -44.30 -39.16
C LYS A 76 -17.09 -45.69 -39.52
N VAL A 77 -18.40 -45.82 -39.39
CA VAL A 77 -19.11 -47.07 -39.60
C VAL A 77 -19.12 -47.45 -41.08
N ILE A 78 -19.42 -46.49 -41.94
CA ILE A 78 -19.29 -46.69 -43.40
C ILE A 78 -17.88 -47.14 -43.81
N GLN A 79 -16.85 -46.48 -43.26
CA GLN A 79 -15.46 -46.83 -43.59
C GLN A 79 -15.11 -48.29 -43.26
N ILE A 80 -15.72 -48.79 -42.21
CA ILE A 80 -15.61 -50.19 -41.79
C ILE A 80 -16.29 -51.18 -42.76
N GLY A 81 -17.04 -50.66 -43.74
CA GLY A 81 -17.75 -51.45 -44.75
C GLY A 81 -19.22 -51.75 -44.44
N VAL A 82 -19.76 -51.15 -43.37
CA VAL A 82 -21.15 -51.39 -43.05
C VAL A 82 -22.06 -50.60 -43.98
N SER A 83 -23.16 -51.22 -44.39
CA SER A 83 -24.19 -50.47 -45.13
C SER A 83 -24.82 -49.35 -44.29
N PRO A 84 -24.94 -48.12 -44.85
CA PRO A 84 -25.71 -47.05 -44.19
C PRO A 84 -27.17 -47.44 -43.78
N SER A 85 -27.73 -48.42 -44.49
CA SER A 85 -29.05 -49.00 -44.17
C SER A 85 -29.14 -49.62 -42.77
N ARG A 86 -27.98 -49.99 -42.22
CA ARG A 86 -27.90 -50.57 -40.87
C ARG A 86 -27.73 -49.51 -39.77
N ILE A 87 -27.75 -48.25 -40.14
CA ILE A 87 -27.54 -47.17 -39.16
C ILE A 87 -28.84 -46.43 -38.80
N ILE A 88 -29.03 -46.19 -37.49
CA ILE A 88 -30.03 -45.23 -36.99
C ILE A 88 -29.27 -44.02 -36.46
N PHE A 89 -29.66 -42.83 -36.93
CA PHE A 89 -29.07 -41.58 -36.48
C PHE A 89 -29.73 -41.11 -35.20
N ALA A 90 -29.63 -41.93 -34.17
CA ALA A 90 -30.44 -41.82 -32.93
C ALA A 90 -30.00 -40.65 -32.07
N HIS A 91 -29.90 -39.49 -32.70
CA HIS A 91 -29.67 -38.23 -31.99
C HIS A 91 -30.82 -37.32 -32.40
N THR A 92 -31.57 -36.80 -31.41
CA THR A 92 -32.75 -35.96 -31.71
C THR A 92 -32.42 -34.56 -32.22
N MET A 93 -31.15 -34.13 -32.11
CA MET A 93 -30.75 -32.81 -32.60
C MET A 93 -29.56 -33.00 -33.56
N LYS A 94 -29.83 -32.83 -34.86
CA LYS A 94 -28.85 -33.11 -35.92
C LYS A 94 -28.62 -31.85 -36.75
N THR A 95 -27.38 -31.53 -37.05
CA THR A 95 -27.15 -30.31 -37.83
C THR A 95 -27.77 -30.49 -39.22
N ILE A 96 -28.15 -29.37 -39.84
CA ILE A 96 -28.56 -29.35 -41.27
C ILE A 96 -27.54 -30.09 -42.16
N ASP A 97 -26.26 -29.80 -41.99
CA ASP A 97 -25.25 -30.43 -42.86
C ASP A 97 -25.04 -31.93 -42.58
N ASP A 98 -25.24 -32.35 -41.34
CA ASP A 98 -25.21 -33.79 -41.04
C ASP A 98 -26.44 -34.50 -41.65
N LEU A 99 -27.59 -33.83 -41.60
CA LEU A 99 -28.82 -34.33 -42.23
C LEU A 99 -28.66 -34.53 -43.77
N ILE A 100 -28.10 -33.54 -44.45
CA ILE A 100 -27.78 -33.61 -45.92
C ILE A 100 -26.82 -34.78 -46.23
N PHE A 101 -25.77 -34.91 -45.40
CA PHE A 101 -24.82 -35.99 -45.51
C PHE A 101 -25.50 -37.36 -45.30
N ALA A 102 -26.33 -37.45 -44.26
CA ALA A 102 -27.12 -38.65 -43.96
C ALA A 102 -27.98 -39.09 -45.15
N LYS A 103 -28.72 -38.15 -45.72
CA LYS A 103 -29.55 -38.41 -46.87
C LYS A 103 -28.73 -38.98 -48.04
N ASP A 104 -27.62 -38.31 -48.34
CA ASP A 104 -26.77 -38.65 -49.47
C ASP A 104 -26.20 -40.07 -49.31
N GLN A 105 -25.70 -40.36 -48.11
CA GLN A 105 -25.13 -41.66 -47.80
C GLN A 105 -26.10 -42.83 -47.73
N GLY A 106 -27.34 -42.55 -47.32
CA GLY A 106 -28.35 -43.59 -47.12
C GLY A 106 -28.69 -43.85 -45.66
N VAL A 107 -28.30 -42.93 -44.78
CA VAL A 107 -28.74 -43.01 -43.41
C VAL A 107 -30.10 -42.29 -43.33
N ASP A 108 -31.17 -43.08 -43.31
CA ASP A 108 -32.54 -42.57 -43.50
C ASP A 108 -33.53 -43.04 -42.42
N ILE A 109 -33.00 -43.22 -41.21
CA ILE A 109 -33.80 -43.47 -40.03
C ILE A 109 -33.16 -42.64 -38.92
N ALA A 110 -33.98 -41.83 -38.27
CA ALA A 110 -33.46 -40.94 -37.23
C ALA A 110 -34.54 -40.70 -36.19
N THR A 111 -34.13 -40.15 -35.05
CA THR A 111 -35.02 -39.82 -33.94
C THR A 111 -35.34 -38.30 -33.90
N PHE A 112 -36.35 -37.90 -33.12
CA PHE A 112 -36.71 -36.48 -32.98
C PHE A 112 -37.51 -36.29 -31.68
N ASP A 113 -37.54 -35.06 -31.19
CA ASP A 113 -38.37 -34.74 -30.02
C ASP A 113 -38.88 -33.28 -30.06
N SER A 114 -38.77 -32.64 -31.23
CA SER A 114 -39.13 -31.23 -31.40
C SER A 114 -39.72 -30.97 -32.76
N SER A 115 -40.60 -29.97 -32.81
CA SER A 115 -41.20 -29.53 -34.10
C SER A 115 -40.15 -28.89 -35.02
N PHE A 116 -39.23 -28.11 -34.45
CA PHE A 116 -38.14 -27.54 -35.28
C PHE A 116 -37.26 -28.59 -35.95
N GLU A 117 -37.11 -29.74 -35.31
CA GLU A 117 -36.36 -30.82 -35.88
C GLU A 117 -37.10 -31.37 -37.11
N LEU A 118 -38.43 -31.37 -37.02
CA LEU A 118 -39.29 -31.82 -38.15
C LEU A 118 -39.22 -30.88 -39.35
N ASP A 119 -39.15 -29.59 -39.08
CA ASP A 119 -38.95 -28.58 -40.11
C ASP A 119 -37.64 -28.85 -40.88
N LYS A 120 -36.58 -29.11 -40.13
CA LYS A 120 -35.28 -29.47 -40.72
C LYS A 120 -35.36 -30.73 -41.62
N ILE A 121 -36.00 -31.76 -41.09
CA ILE A 121 -36.24 -33.02 -41.84
C ILE A 121 -37.02 -32.74 -43.14
N HIS A 122 -38.08 -31.96 -43.04
CA HIS A 122 -38.91 -31.60 -44.19
C HIS A 122 -38.11 -30.94 -45.29
N THR A 123 -37.25 -30.00 -44.90
CA THR A 123 -36.46 -29.21 -45.81
C THR A 123 -35.28 -30.00 -46.38
N TYR A 124 -34.59 -30.75 -45.53
CA TYR A 124 -33.28 -31.29 -45.90
C TYR A 124 -33.18 -32.82 -46.03
N HIS A 125 -34.14 -33.54 -45.49
CA HIS A 125 -34.12 -35.00 -45.50
C HIS A 125 -35.55 -35.54 -45.46
N PRO A 126 -36.39 -35.11 -46.44
CA PRO A 126 -37.86 -35.26 -46.36
C PRO A 126 -38.38 -36.69 -46.26
N ASN A 127 -37.61 -37.65 -46.77
CA ASN A 127 -38.05 -39.05 -46.69
C ASN A 127 -37.35 -39.85 -45.60
N CYS A 128 -36.66 -39.15 -44.70
CA CYS A 128 -36.06 -39.81 -43.55
C CYS A 128 -37.19 -40.42 -42.72
N LYS A 129 -37.02 -41.68 -42.35
CA LYS A 129 -37.98 -42.35 -41.49
C LYS A 129 -37.71 -41.99 -40.03
N MET A 130 -38.72 -41.48 -39.35
CA MET A 130 -38.55 -40.87 -38.03
C MET A 130 -39.07 -41.72 -36.87
N ILE A 131 -38.30 -41.73 -35.79
CA ILE A 131 -38.70 -42.38 -34.55
C ILE A 131 -38.87 -41.29 -33.50
N LEU A 132 -40.05 -41.21 -32.90
CA LEU A 132 -40.30 -40.23 -31.92
C LEU A 132 -39.71 -40.66 -30.57
N ARG A 133 -38.81 -39.86 -30.06
CA ARG A 133 -38.20 -40.17 -28.76
C ARG A 133 -39.00 -39.51 -27.63
N ILE A 134 -39.43 -40.34 -26.69
CA ILE A 134 -40.21 -39.83 -25.56
C ILE A 134 -39.40 -39.93 -24.30
N ARG A 135 -39.72 -39.05 -23.32
CA ARG A 135 -38.97 -39.00 -22.05
C ARG A 135 -39.56 -40.05 -21.10
N CYS A 136 -38.70 -40.93 -20.60
CA CYS A 136 -39.15 -41.94 -19.62
C CYS A 136 -38.01 -42.32 -18.69
N ASP A 137 -37.76 -41.55 -17.64
CA ASP A 137 -36.53 -41.69 -16.83
C ASP A 137 -36.50 -42.88 -15.88
N ASP A 138 -35.30 -43.40 -15.67
CA ASP A 138 -34.99 -44.21 -14.51
C ASP A 138 -34.26 -43.26 -13.54
N PRO A 139 -34.87 -42.95 -12.39
CA PRO A 139 -34.21 -42.04 -11.43
C PRO A 139 -32.95 -42.64 -10.80
N ASN A 140 -32.74 -43.95 -10.98
CA ASN A 140 -31.58 -44.64 -10.42
C ASN A 140 -30.41 -44.91 -11.39
N ALA A 141 -30.53 -44.46 -12.64
CA ALA A 141 -29.48 -44.62 -13.61
C ALA A 141 -28.30 -43.75 -13.18
N ALA A 142 -27.10 -44.26 -13.40
CA ALA A 142 -25.84 -43.53 -13.14
C ALA A 142 -25.76 -42.17 -13.90
N VAL A 143 -26.22 -42.13 -15.14
CA VAL A 143 -26.14 -40.91 -16.00
C VAL A 143 -27.58 -40.50 -16.43
N GLN A 144 -28.03 -39.29 -16.02
CA GLN A 144 -29.34 -38.72 -16.37
C GLN A 144 -29.43 -37.93 -17.66
N LEU A 145 -30.57 -38.02 -18.35
CA LEU A 145 -30.74 -37.63 -19.79
C LEU A 145 -32.12 -37.06 -20.11
N GLY A 146 -33.05 -37.31 -19.17
CA GLY A 146 -34.42 -36.89 -19.34
C GLY A 146 -34.67 -35.38 -19.54
N ASN A 147 -34.04 -34.47 -18.80
CA ASN A 147 -34.32 -33.02 -19.12
C ASN A 147 -33.98 -32.57 -20.61
N LYS A 148 -32.82 -32.99 -21.04
CA LYS A 148 -32.25 -32.55 -22.30
C LYS A 148 -32.95 -33.15 -23.51
N PHE A 149 -33.42 -34.41 -23.40
CA PHE A 149 -34.00 -35.15 -24.55
C PHE A 149 -35.32 -35.86 -24.30
N GLY A 150 -36.12 -35.99 -25.35
CA GLY A 150 -37.31 -36.82 -25.36
C GLY A 150 -38.56 -35.95 -25.09
N ALA A 151 -39.65 -36.29 -25.75
CA ALA A 151 -40.90 -35.54 -25.67
C ALA A 151 -41.62 -35.82 -24.36
N ASN A 152 -42.24 -34.77 -23.85
CA ASN A 152 -43.15 -34.82 -22.71
C ASN A 152 -44.45 -35.48 -23.13
N GLU A 153 -45.10 -36.14 -22.17
CA GLU A 153 -46.36 -36.83 -22.46
C GLU A 153 -47.36 -35.89 -23.15
N ASP A 154 -47.50 -34.67 -22.63
CA ASP A 154 -48.40 -33.64 -23.17
C ASP A 154 -48.15 -33.16 -24.62
N GLU A 155 -46.98 -33.46 -25.17
CA GLU A 155 -46.67 -33.06 -26.55
C GLU A 155 -46.61 -34.18 -27.58
N ILE A 156 -46.81 -35.42 -27.16
CA ILE A 156 -46.72 -36.59 -28.05
C ILE A 156 -47.66 -36.44 -29.25
N ARG A 157 -48.94 -36.16 -29.00
CA ARG A 157 -49.91 -36.04 -30.11
C ARG A 157 -49.60 -34.85 -31.04
N HIS A 158 -49.23 -33.71 -30.47
CA HIS A 158 -48.88 -32.53 -31.26
C HIS A 158 -47.71 -32.78 -32.24
N LEU A 159 -46.67 -33.41 -31.73
CA LEU A 159 -45.49 -33.76 -32.57
C LEU A 159 -45.84 -34.72 -33.72
N LEU A 160 -46.64 -35.73 -33.40
CA LEU A 160 -47.13 -36.70 -34.39
C LEU A 160 -48.03 -36.10 -35.47
N GLU A 161 -48.89 -35.15 -35.08
CA GLU A 161 -49.75 -34.47 -36.06
C GLU A 161 -48.91 -33.55 -36.92
N TYR A 162 -47.96 -32.85 -36.29
CA TYR A 162 -47.07 -31.94 -37.02
C TYR A 162 -46.27 -32.71 -38.06
N ALA A 163 -45.72 -33.86 -37.67
CA ALA A 163 -44.99 -34.72 -38.61
C ALA A 163 -45.91 -35.13 -39.76
N LYS A 164 -47.12 -35.59 -39.45
CA LYS A 164 -48.13 -35.95 -40.49
C LYS A 164 -48.39 -34.81 -41.49
N GLN A 165 -48.50 -33.60 -40.95
CA GLN A 165 -48.73 -32.37 -41.71
C GLN A 165 -47.60 -32.11 -42.73
N LEU A 166 -46.37 -32.41 -42.33
CA LEU A 166 -45.21 -32.21 -43.18
C LEU A 166 -44.92 -33.43 -44.06
N ASP A 167 -45.84 -34.40 -44.07
CA ASP A 167 -45.68 -35.64 -44.83
C ASP A 167 -44.42 -36.38 -44.41
N ILE A 168 -44.17 -36.39 -43.10
CA ILE A 168 -43.02 -37.09 -42.55
C ILE A 168 -43.49 -38.42 -41.98
N GLU A 169 -42.91 -39.50 -42.47
CA GLU A 169 -43.24 -40.84 -42.02
C GLU A 169 -42.68 -41.13 -40.61
N VAL A 170 -43.55 -41.31 -39.63
CA VAL A 170 -43.12 -41.75 -38.31
C VAL A 170 -43.33 -43.24 -38.22
N ILE A 171 -42.23 -43.98 -38.03
CA ILE A 171 -42.29 -45.45 -38.04
C ILE A 171 -42.07 -46.13 -36.70
N GLY A 172 -41.86 -45.32 -35.66
CA GLY A 172 -41.68 -45.86 -34.33
C GLY A 172 -41.48 -44.88 -33.19
N ILE A 173 -41.30 -45.49 -32.03
CA ILE A 173 -41.12 -44.78 -30.74
C ILE A 173 -39.86 -45.31 -30.05
N SER A 174 -39.08 -44.41 -29.49
CA SER A 174 -37.93 -44.79 -28.67
C SER A 174 -37.91 -44.07 -27.30
N PHE A 175 -37.06 -44.57 -26.41
CA PHE A 175 -36.78 -43.92 -25.13
C PHE A 175 -35.37 -44.30 -24.69
N HIS A 176 -34.79 -43.51 -23.80
CA HIS A 176 -33.61 -43.93 -23.10
C HIS A 176 -33.83 -43.59 -21.61
N VAL A 177 -33.83 -44.61 -20.77
CA VAL A 177 -34.13 -44.42 -19.32
C VAL A 177 -32.99 -43.67 -18.58
N GLY A 178 -31.81 -43.70 -19.18
CA GLY A 178 -30.60 -43.20 -18.56
C GLY A 178 -29.50 -44.21 -18.75
N SER A 179 -28.26 -43.74 -18.77
CA SER A 179 -27.12 -44.60 -19.01
C SER A 179 -26.68 -45.20 -17.67
N GLY A 180 -26.40 -46.50 -17.68
CA GLY A 180 -25.99 -47.20 -16.49
C GLY A 180 -27.17 -47.50 -15.57
N SER A 181 -28.16 -48.21 -16.09
CA SER A 181 -29.41 -48.48 -15.40
C SER A 181 -29.40 -49.93 -14.93
N ARG A 182 -29.91 -50.14 -13.71
CA ARG A 182 -30.13 -51.46 -13.12
C ARG A 182 -31.51 -51.51 -12.49
N ASN A 183 -32.46 -50.82 -13.11
CA ASN A 183 -33.85 -50.76 -12.64
C ASN A 183 -34.79 -51.34 -13.69
N PRO A 184 -35.22 -52.60 -13.50
CA PRO A 184 -36.02 -53.25 -14.56
C PRO A 184 -37.43 -52.66 -14.68
N GLU A 185 -37.96 -52.10 -13.59
CA GLU A 185 -39.24 -51.48 -13.65
C GLU A 185 -39.26 -50.22 -14.52
N ALA A 186 -38.14 -49.51 -14.56
CA ALA A 186 -38.02 -48.34 -15.42
C ALA A 186 -38.24 -48.72 -16.90
N TYR A 187 -37.70 -49.85 -17.31
CA TYR A 187 -37.88 -50.34 -18.71
C TYR A 187 -39.32 -50.77 -18.99
N TYR A 188 -39.92 -51.47 -18.02
CA TYR A 188 -41.33 -51.90 -18.09
C TYR A 188 -42.31 -50.74 -18.33
N ARG A 189 -42.18 -49.71 -17.48
CA ARG A 189 -43.01 -48.50 -17.57
C ARG A 189 -42.74 -47.72 -18.85
N ALA A 190 -41.48 -47.73 -19.30
CA ALA A 190 -41.14 -47.04 -20.54
C ALA A 190 -41.78 -47.70 -21.76
N ILE A 191 -41.79 -49.04 -21.76
CA ILE A 191 -42.38 -49.82 -22.84
C ILE A 191 -43.93 -49.69 -22.87
N LYS A 192 -44.53 -49.63 -21.68
CA LYS A 192 -45.97 -49.33 -21.56
C LYS A 192 -46.25 -47.95 -22.15
N SER A 193 -45.48 -46.94 -21.74
CA SER A 193 -45.68 -45.58 -22.26
C SER A 193 -45.50 -45.51 -23.80
N SER A 194 -44.53 -46.30 -24.29
CA SER A 194 -44.21 -46.37 -25.70
C SER A 194 -45.39 -46.93 -26.50
N LYS A 195 -46.06 -47.95 -25.95
CA LYS A 195 -47.24 -48.52 -26.57
C LYS A 195 -48.35 -47.47 -26.68
N GLU A 196 -48.50 -46.63 -25.65
CA GLU A 196 -49.49 -45.53 -25.67
C GLU A 196 -49.19 -44.49 -26.75
N ALA A 197 -47.92 -44.11 -26.87
CA ALA A 197 -47.43 -43.23 -27.93
C ALA A 197 -47.62 -43.89 -29.32
N PHE A 198 -47.39 -45.19 -29.37
CA PHE A 198 -47.58 -45.98 -30.58
C PHE A 198 -49.03 -45.90 -31.05
N ASN A 199 -49.96 -46.04 -30.10
CA ASN A 199 -51.38 -45.92 -30.39
C ASN A 199 -51.81 -44.52 -30.81
N GLU A 200 -51.26 -43.48 -30.19
CA GLU A 200 -51.47 -42.10 -30.64
C GLU A 200 -50.99 -41.90 -32.08
N ALA A 201 -49.84 -42.48 -32.46
CA ALA A 201 -49.35 -42.40 -33.86
C ALA A 201 -50.29 -43.04 -34.90
N ILE A 202 -50.77 -44.24 -34.58
CA ILE A 202 -51.83 -44.88 -35.35
C ILE A 202 -53.07 -43.99 -35.45
N SER A 203 -53.53 -43.48 -34.31
CA SER A 203 -54.67 -42.54 -34.25
C SER A 203 -54.53 -41.36 -35.23
N VAL A 204 -53.32 -40.80 -35.29
CA VAL A 204 -52.97 -39.65 -36.15
C VAL A 204 -52.93 -40.01 -37.65
N GLY A 205 -52.63 -41.27 -37.95
CA GLY A 205 -52.62 -41.74 -39.34
C GLY A 205 -51.25 -42.28 -39.76
N HIS A 206 -50.34 -42.40 -38.80
CA HIS A 206 -49.06 -43.06 -39.09
C HIS A 206 -49.21 -44.57 -39.02
N LYS A 207 -48.25 -45.28 -39.60
CA LYS A 207 -48.22 -46.74 -39.51
C LYS A 207 -46.88 -47.22 -38.91
N PRO A 208 -46.69 -47.00 -37.58
CA PRO A 208 -45.42 -47.31 -36.89
C PRO A 208 -45.23 -48.82 -36.75
N TYR A 209 -43.98 -49.26 -36.76
CA TYR A 209 -43.66 -50.69 -36.63
C TYR A 209 -42.41 -50.95 -35.78
N ILE A 210 -41.80 -49.89 -35.24
CA ILE A 210 -40.54 -50.03 -34.48
C ILE A 210 -40.74 -49.59 -33.04
N LEU A 211 -40.40 -50.49 -32.12
CA LEU A 211 -40.14 -50.11 -30.74
C LEU A 211 -38.64 -50.07 -30.58
N ASP A 212 -38.12 -48.95 -30.09
CA ASP A 212 -36.68 -48.82 -29.82
C ASP A 212 -36.48 -48.65 -28.29
N ILE A 213 -35.91 -49.63 -27.60
CA ILE A 213 -35.77 -49.55 -26.11
C ILE A 213 -34.49 -48.81 -25.60
N GLY A 214 -33.78 -48.15 -26.52
CA GLY A 214 -32.60 -47.36 -26.15
C GLY A 214 -31.50 -48.22 -25.52
N GLY A 215 -30.73 -47.60 -24.64
CA GLY A 215 -29.53 -48.22 -24.09
C GLY A 215 -29.65 -48.32 -22.59
N GLY A 216 -28.51 -48.30 -21.87
CA GLY A 216 -28.51 -48.23 -20.40
C GLY A 216 -28.19 -49.52 -19.64
N LEU A 217 -28.27 -50.66 -20.32
CA LEU A 217 -28.04 -51.94 -19.68
C LEU A 217 -26.56 -52.28 -19.46
N HIS A 218 -26.26 -52.90 -18.32
CA HIS A 218 -24.92 -53.46 -18.08
C HIS A 218 -24.94 -54.92 -18.43
N ALA A 219 -23.78 -55.42 -18.82
CA ALA A 219 -23.54 -56.84 -18.95
C ALA A 219 -22.93 -57.28 -17.62
N ASP A 220 -23.76 -57.35 -16.60
CA ASP A 220 -23.31 -57.75 -15.28
C ASP A 220 -23.04 -59.24 -15.20
N ILE A 221 -21.82 -59.58 -14.83
CA ILE A 221 -21.44 -60.97 -14.75
C ILE A 221 -21.14 -61.31 -13.29
N ASP A 222 -21.87 -62.27 -12.74
CA ASP A 222 -21.51 -62.89 -11.47
C ASP A 222 -21.23 -64.37 -11.66
N GLU A 223 -20.10 -64.81 -11.11
CA GLU A 223 -19.57 -66.20 -11.24
C GLU A 223 -19.52 -66.71 -12.69
N GLY A 224 -18.99 -65.85 -13.57
CA GLY A 224 -18.85 -66.15 -15.00
C GLY A 224 -20.16 -66.34 -15.71
N GLU A 225 -21.24 -65.80 -15.11
CA GLU A 225 -22.57 -65.97 -15.70
C GLU A 225 -23.26 -64.61 -15.85
N LEU A 226 -23.80 -64.35 -17.03
CA LEU A 226 -24.47 -63.06 -17.29
C LEU A 226 -25.81 -63.07 -16.58
N SER A 227 -26.07 -62.04 -15.79
CA SER A 227 -27.36 -61.93 -15.14
C SER A 227 -28.48 -61.70 -16.15
N THR A 228 -29.65 -62.28 -15.85
CA THR A 228 -30.83 -62.09 -16.68
C THR A 228 -31.90 -61.21 -16.00
N MET A 230 -32.53 -57.97 -15.91
CA MET A 230 -32.97 -56.89 -16.82
C MET A 230 -33.73 -57.51 -18.01
N SER A 231 -33.07 -58.41 -18.74
CA SER A 231 -33.62 -59.01 -19.96
C SER A 231 -34.99 -59.70 -19.74
N ASP A 232 -35.10 -60.50 -18.69
CA ASP A 232 -36.35 -61.18 -18.35
C ASP A 232 -37.54 -60.23 -18.21
N TYR A 233 -37.33 -59.11 -17.52
CA TYR A 233 -38.38 -58.13 -17.30
C TYR A 233 -38.71 -57.30 -18.55
N ILE A 234 -37.68 -56.91 -19.29
CA ILE A 234 -37.86 -56.28 -20.60
C ILE A 234 -38.64 -57.20 -21.56
N ASN A 235 -38.28 -58.47 -21.62
CA ASN A 235 -38.99 -59.40 -22.52
C ASN A 235 -40.46 -59.59 -22.12
N ASP A 236 -40.74 -59.46 -20.82
CA ASP A 236 -42.11 -59.54 -20.31
C ASP A 236 -42.96 -58.35 -20.73
N ALA A 237 -42.40 -57.16 -20.62
CA ALA A 237 -43.05 -55.93 -21.08
C ALA A 237 -43.29 -55.95 -22.59
N ILE A 238 -42.34 -56.50 -23.34
CA ILE A 238 -42.44 -56.69 -24.81
C ILE A 238 -43.62 -57.59 -25.14
N LYS A 239 -43.71 -58.72 -24.43
CA LYS A 239 -44.82 -59.65 -24.61
C LYS A 239 -46.17 -59.01 -24.24
N ASP A 240 -46.21 -58.28 -23.12
CA ASP A 240 -47.45 -57.65 -22.65
C ASP A 240 -47.95 -56.55 -23.58
N PHE A 241 -47.03 -55.74 -24.09
CA PHE A 241 -47.41 -54.53 -24.82
C PHE A 241 -47.19 -54.56 -26.32
N PHE A 242 -46.19 -55.33 -26.78
CA PHE A 242 -45.90 -55.48 -28.21
C PHE A 242 -45.82 -56.95 -28.62
N PRO A 243 -46.88 -57.75 -28.35
CA PRO A 243 -46.80 -59.17 -28.70
C PRO A 243 -46.85 -59.49 -30.21
N GLU A 244 -47.21 -58.50 -31.02
CA GLU A 244 -47.44 -58.72 -32.47
C GLU A 244 -46.13 -58.92 -33.21
N ASP A 245 -46.07 -59.92 -34.09
CA ASP A 245 -44.82 -60.17 -34.86
C ASP A 245 -44.59 -59.16 -35.98
N THR A 246 -45.58 -58.32 -36.23
CA THR A 246 -45.44 -57.25 -37.23
C THR A 246 -44.57 -56.11 -36.71
N VAL A 247 -44.36 -56.07 -35.39
CA VAL A 247 -43.50 -55.04 -34.78
C VAL A 247 -42.04 -55.50 -34.74
N THR A 248 -41.14 -54.61 -35.16
CA THR A 248 -39.71 -54.81 -35.05
C THR A 248 -39.18 -54.10 -33.79
N ILE A 249 -38.50 -54.85 -32.92
CA ILE A 249 -37.92 -54.30 -31.72
C ILE A 249 -36.41 -54.09 -31.93
N VAL A 250 -35.90 -52.91 -31.54
CA VAL A 250 -34.45 -52.60 -31.62
C VAL A 250 -33.99 -52.01 -30.27
N ALA A 251 -32.69 -52.02 -30.05
CA ALA A 251 -32.06 -51.35 -28.89
C ALA A 251 -30.81 -50.57 -29.31
N GLU A 252 -30.38 -49.65 -28.44
CA GLU A 252 -29.16 -48.88 -28.68
C GLU A 252 -28.11 -49.14 -27.55
N PRO A 253 -27.73 -50.41 -27.33
CA PRO A 253 -26.81 -50.65 -26.22
C PRO A 253 -25.39 -50.12 -26.57
N GLY A 254 -24.74 -49.44 -25.60
CA GLY A 254 -23.36 -49.05 -25.69
C GLY A 254 -22.54 -49.86 -24.71
N ARG A 255 -22.69 -49.50 -23.44
CA ARG A 255 -21.97 -50.13 -22.34
C ARG A 255 -22.10 -51.67 -22.24
N PHE A 256 -23.24 -52.23 -22.62
CA PHE A 256 -23.44 -53.67 -22.57
C PHE A 256 -22.26 -54.42 -23.26
N PHE A 257 -21.90 -53.96 -24.47
CA PHE A 257 -20.85 -54.58 -25.27
C PHE A 257 -19.46 -54.00 -25.04
N ALA A 258 -19.38 -52.70 -24.77
CA ALA A 258 -18.08 -52.03 -24.70
C ALA A 258 -17.35 -52.23 -23.34
N GLU A 259 -18.11 -52.35 -22.25
CA GLU A 259 -17.49 -52.33 -20.93
C GLU A 259 -16.36 -53.39 -20.76
N HIS A 260 -16.64 -54.64 -21.11
CA HIS A 260 -15.68 -55.74 -20.91
C HIS A 260 -14.69 -55.96 -22.07
N TYR A 261 -14.81 -55.15 -23.12
CA TYR A 261 -13.94 -55.24 -24.30
C TYR A 261 -12.46 -55.06 -23.97
N SER A 262 -12.16 -54.15 -23.02
CA SER A 262 -10.76 -53.76 -22.73
C SER A 262 -10.45 -53.75 -21.22
N VAL A 263 -9.17 -53.95 -20.89
CA VAL A 263 -8.63 -53.53 -19.60
C VAL A 263 -7.70 -52.37 -19.92
N LEU A 264 -7.46 -51.50 -18.94
CA LEU A 264 -6.49 -50.43 -19.05
C LEU A 264 -5.30 -50.60 -18.09
N ALA A 265 -4.11 -50.81 -18.67
CA ALA A 265 -2.85 -50.96 -17.93
C ALA A 265 -2.16 -49.60 -17.80
N THR A 266 -1.73 -49.28 -16.59
CA THR A 266 -1.12 -47.99 -16.30
C THR A 266 0.00 -48.20 -15.26
N GLN A 267 1.05 -47.37 -15.32
CA GLN A 267 2.19 -47.54 -14.46
C GLN A 267 2.25 -46.47 -13.34
N VAL A 268 2.69 -46.89 -12.17
CA VAL A 268 3.11 -45.99 -11.10
C VAL A 268 4.38 -45.22 -11.53
N ILE A 269 4.24 -43.92 -11.71
CA ILE A 269 5.39 -43.09 -12.11
C ILE A 269 5.92 -42.16 -10.98
N GLY A 270 5.13 -42.04 -9.90
CA GLY A 270 5.50 -41.18 -8.77
C GLY A 270 4.88 -41.70 -7.47
N LYS A 271 5.52 -41.34 -6.36
CA LYS A 271 5.19 -41.87 -5.04
C LYS A 271 5.49 -40.86 -3.95
N ARG A 272 4.61 -40.81 -2.95
CA ARG A 272 4.82 -39.97 -1.81
C ARG A 272 4.17 -40.66 -0.62
N VAL A 273 4.93 -40.81 0.48
CA VAL A 273 4.40 -41.48 1.66
C VAL A 273 4.44 -40.49 2.81
N ARG A 274 3.28 -40.22 3.39
CA ARG A 274 3.19 -39.23 4.48
C ARG A 274 2.27 -39.72 5.61
N ASP A 275 2.87 -39.85 6.80
CA ASP A 275 2.17 -40.26 8.02
C ASP A 275 1.28 -41.48 7.82
N GLY A 276 1.82 -42.52 7.19
CA GLY A 276 1.09 -43.76 7.04
C GLY A 276 0.24 -43.86 5.77
N LEU A 277 0.08 -42.75 5.04
CA LEU A 277 -0.73 -42.72 3.80
C LEU A 277 0.13 -42.82 2.53
N TYR A 278 -0.20 -43.76 1.64
CA TYR A 278 0.65 -44.05 0.45
C TYR A 278 0.06 -43.40 -0.80
N GLU A 279 0.68 -42.32 -1.26
CA GLU A 279 0.12 -41.61 -2.44
C GLU A 279 0.90 -41.99 -3.72
N TYR A 280 0.18 -42.35 -4.77
CA TYR A 280 0.79 -42.77 -6.04
C TYR A 280 0.28 -41.97 -7.22
N PHE A 281 1.17 -41.73 -8.19
CA PHE A 281 0.81 -41.01 -9.38
C PHE A 281 1.01 -41.98 -10.52
N PHE A 282 0.01 -42.03 -11.39
CA PHE A 282 0.00 -42.93 -12.56
C PHE A 282 0.18 -42.17 -13.86
N ASN A 283 0.60 -42.88 -14.92
CA ASN A 283 0.71 -42.27 -16.25
C ASN A 283 -0.65 -42.26 -16.98
N GLU A 284 -1.71 -42.13 -16.17
CA GLU A 284 -3.09 -41.98 -16.60
C GLU A 284 -3.77 -40.88 -15.78
N SER A 285 -4.99 -40.48 -16.16
CA SER A 285 -5.69 -39.41 -15.42
C SER A 285 -7.18 -39.35 -15.72
N THR A 286 -7.93 -38.59 -14.93
CA THR A 286 -9.33 -38.31 -15.23
C THR A 286 -9.51 -37.49 -16.52
N TYR A 287 -8.43 -36.91 -17.04
CA TYR A 287 -8.45 -36.26 -18.34
C TYR A 287 -8.00 -37.20 -19.47
N GLY A 288 -7.66 -38.45 -19.10
CA GLY A 288 -7.28 -39.48 -20.07
C GLY A 288 -8.35 -40.56 -20.14
N GLY A 289 -8.09 -41.76 -19.63
CA GLY A 289 -9.07 -42.86 -19.67
C GLY A 289 -10.02 -42.96 -18.46
N PHE A 290 -9.87 -42.05 -17.49
CA PHE A 290 -10.62 -42.14 -16.23
C PHE A 290 -11.69 -41.06 -16.01
N SER A 291 -12.28 -40.56 -17.10
CA SER A 291 -13.34 -39.54 -16.96
C SER A 291 -14.56 -40.10 -16.21
N ASN A 292 -14.75 -41.42 -16.25
CA ASN A 292 -15.83 -42.11 -15.50
C ASN A 292 -15.82 -41.89 -13.98
N VAL A 293 -14.63 -41.68 -13.42
CA VAL A 293 -14.46 -41.26 -12.03
C VAL A 293 -15.26 -39.97 -11.78
N ILE A 294 -15.15 -39.03 -12.69
CA ILE A 294 -15.86 -37.75 -12.53
C ILE A 294 -17.35 -37.87 -12.89
N PHE A 295 -17.66 -38.49 -14.01
CA PHE A 295 -19.04 -38.45 -14.57
C PHE A 295 -19.98 -39.57 -14.11
N GLU A 296 -19.44 -40.72 -13.71
CA GLU A 296 -20.27 -41.90 -13.34
C GLU A 296 -19.96 -42.33 -11.90
N LYS A 297 -19.23 -41.48 -11.16
CA LYS A 297 -18.84 -41.73 -9.76
C LYS A 297 -18.18 -43.09 -9.56
N SER A 298 -17.39 -43.49 -10.54
CA SER A 298 -16.66 -44.75 -10.48
C SER A 298 -15.58 -44.69 -9.41
N VAL A 299 -15.44 -45.79 -8.69
CA VAL A 299 -14.37 -45.95 -7.73
C VAL A 299 -13.66 -47.27 -8.10
N PRO A 300 -12.75 -47.20 -9.08
CA PRO A 300 -12.14 -48.43 -9.58
C PRO A 300 -10.95 -48.91 -8.73
N THR A 301 -10.87 -50.22 -8.53
CA THR A 301 -9.73 -50.84 -7.86
C THR A 301 -8.83 -51.52 -8.90
N PRO A 302 -7.50 -51.22 -8.89
CA PRO A 302 -6.61 -51.85 -9.86
C PRO A 302 -6.22 -53.28 -9.43
N GLN A 303 -5.81 -54.08 -10.40
CA GLN A 303 -5.16 -55.36 -10.17
C GLN A 303 -3.65 -55.15 -10.36
N LEU A 304 -2.87 -55.64 -9.41
CA LEU A 304 -1.40 -55.55 -9.45
C LEU A 304 -0.88 -56.63 -10.38
N LEU A 305 0.06 -56.28 -11.25
CA LEU A 305 0.70 -57.28 -12.11
C LEU A 305 1.76 -58.07 -11.35
N ARG A 306 2.40 -57.43 -10.36
CA ARG A 306 3.39 -58.08 -9.52
C ARG A 306 2.70 -59.03 -8.54
N ASP A 307 3.22 -60.25 -8.43
CA ASP A 307 2.77 -61.21 -7.44
C ASP A 307 3.17 -60.78 -6.01
N VAL A 308 2.25 -61.00 -5.08
CA VAL A 308 2.51 -60.73 -3.66
C VAL A 308 2.00 -61.95 -2.87
N PRO A 309 2.66 -62.29 -1.74
CA PRO A 309 2.19 -63.41 -0.90
C PRO A 309 0.80 -63.17 -0.32
N ASP A 310 0.12 -64.25 0.08
CA ASP A 310 -1.27 -64.19 0.52
C ASP A 310 -1.47 -63.27 1.72
N ASP A 311 -0.46 -63.19 2.57
CA ASP A 311 -0.52 -62.36 3.76
C ASP A 311 0.19 -61.00 3.64
N GLU A 312 0.43 -60.51 2.42
CA GLU A 312 0.90 -59.13 2.23
C GLU A 312 0.02 -58.14 3.01
N GLU A 313 0.67 -57.27 3.78
CA GLU A 313 0.05 -56.13 4.42
C GLU A 313 -0.55 -55.15 3.39
N TYR A 314 -1.84 -54.84 3.50
CA TYR A 314 -2.43 -53.77 2.72
C TYR A 314 -2.26 -52.46 3.46
N VAL A 315 -2.06 -51.38 2.69
CA VAL A 315 -1.81 -50.07 3.25
C VAL A 315 -2.82 -49.10 2.64
N PRO A 316 -3.12 -47.98 3.36
CA PRO A 316 -4.11 -47.06 2.80
C PRO A 316 -3.50 -46.24 1.67
N SER A 317 -4.11 -46.34 0.49
CA SER A 317 -3.52 -45.79 -0.73
C SER A 317 -4.41 -44.73 -1.37
N VAL A 318 -3.79 -43.76 -2.03
CA VAL A 318 -4.48 -42.76 -2.80
C VAL A 318 -3.93 -42.85 -4.25
N LEU A 319 -4.82 -42.96 -5.22
CA LEU A 319 -4.38 -43.06 -6.63
C LEU A 319 -4.65 -41.79 -7.41
N TYR A 320 -3.58 -41.05 -7.68
CA TYR A 320 -3.69 -39.77 -8.38
C TYR A 320 -3.46 -39.92 -9.89
N GLY A 321 -4.18 -39.13 -10.69
CA GLY A 321 -3.87 -38.95 -12.11
C GLY A 321 -2.63 -38.05 -12.31
N CYS A 322 -2.08 -38.10 -13.52
CA CYS A 322 -0.79 -37.46 -13.81
C CYS A 322 -0.88 -35.94 -14.04
N THR A 323 -2.09 -35.37 -14.16
CA THR A 323 -2.18 -33.91 -14.45
C THR A 323 -1.93 -33.03 -13.25
N CYS A 324 -1.71 -31.74 -13.53
N CYS A 324 -1.72 -31.74 -13.50
CA CYS A 324 -1.61 -30.64 -12.57
CA CYS A 324 -1.56 -30.71 -12.48
C CYS A 324 -2.82 -30.44 -11.64
C CYS A 324 -2.83 -30.38 -11.66
N ASP A 325 -3.98 -30.93 -12.08
CA ASP A 325 -5.28 -30.60 -11.45
C ASP A 325 -5.60 -31.44 -10.20
N GLY A 326 -6.07 -30.77 -9.16
CA GLY A 326 -6.43 -31.44 -7.90
C GLY A 326 -7.72 -32.27 -7.97
N VAL A 327 -8.59 -32.00 -8.95
CA VAL A 327 -9.79 -32.85 -9.18
C VAL A 327 -9.43 -34.24 -9.77
N ASP A 328 -8.24 -34.30 -10.41
CA ASP A 328 -7.78 -35.46 -11.12
C ASP A 328 -7.20 -36.50 -10.15
N VAL A 329 -8.12 -37.26 -9.55
CA VAL A 329 -7.82 -38.30 -8.59
C VAL A 329 -8.56 -39.53 -9.09
N ILE A 330 -7.84 -40.61 -9.32
CA ILE A 330 -8.45 -41.85 -9.82
C ILE A 330 -9.24 -42.59 -8.73
N ASN A 331 -8.64 -42.69 -7.54
CA ASN A 331 -9.30 -43.28 -6.36
C ASN A 331 -8.78 -42.61 -5.08
N HIS A 332 -9.69 -41.98 -4.33
CA HIS A 332 -9.29 -41.22 -3.12
C HIS A 332 -8.76 -42.08 -1.97
N ASN A 333 -9.20 -43.34 -1.89
CA ASN A 333 -8.87 -44.19 -0.75
C ASN A 333 -9.10 -45.63 -1.11
N VAL A 334 -8.04 -46.43 -1.15
CA VAL A 334 -8.20 -47.85 -1.43
C VAL A 334 -7.11 -48.59 -0.67
N ALA A 335 -7.44 -49.74 -0.09
CA ALA A 335 -6.44 -50.56 0.57
C ALA A 335 -5.75 -51.42 -0.48
N LEU A 336 -4.42 -51.36 -0.51
CA LEU A 336 -3.63 -52.12 -1.47
C LEU A 336 -2.28 -52.59 -0.89
N PRO A 337 -1.66 -53.65 -1.46
CA PRO A 337 -0.25 -53.86 -1.11
C PRO A 337 0.56 -52.63 -1.52
N GLU A 338 1.69 -52.39 -0.86
CA GLU A 338 2.51 -51.20 -1.16
C GLU A 338 3.00 -51.32 -2.60
N LEU A 339 2.93 -50.21 -3.33
CA LEU A 339 3.36 -50.18 -4.73
C LEU A 339 4.67 -49.39 -4.78
N HIS A 340 5.37 -49.54 -5.91
CA HIS A 340 6.66 -48.88 -6.13
C HIS A 340 6.70 -48.28 -7.52
N ILE A 341 7.45 -47.19 -7.66
CA ILE A 341 7.63 -46.55 -8.94
C ILE A 341 8.14 -47.63 -9.95
N GLY A 342 7.42 -47.78 -11.06
CA GLY A 342 7.71 -48.82 -12.03
C GLY A 342 6.73 -49.99 -12.00
N ASP A 343 5.95 -50.11 -10.92
CA ASP A 343 4.89 -51.14 -10.86
C ASP A 343 3.82 -50.89 -11.92
N TRP A 344 3.43 -51.94 -12.64
CA TRP A 344 2.26 -51.89 -13.51
C TRP A 344 1.01 -52.46 -12.79
N VAL A 345 -0.12 -51.80 -13.04
CA VAL A 345 -1.44 -52.29 -12.61
C VAL A 345 -2.37 -52.27 -13.82
N TYR A 346 -3.53 -52.91 -13.70
CA TYR A 346 -4.58 -52.75 -14.68
C TYR A 346 -5.98 -52.69 -14.05
N PHE A 347 -6.85 -51.94 -14.71
CA PHE A 347 -8.26 -51.83 -14.32
C PHE A 347 -9.11 -52.67 -15.27
N PRO A 348 -9.75 -53.72 -14.73
CA PRO A 348 -10.66 -54.57 -15.50
C PRO A 348 -11.86 -53.78 -16.05
N SER A 349 -12.41 -54.28 -17.15
CA SER A 349 -13.69 -53.81 -17.68
C SER A 349 -13.71 -52.30 -17.92
N TRP A 350 -12.70 -51.86 -18.68
CA TRP A 350 -12.48 -50.43 -18.88
C TRP A 350 -12.67 -50.01 -20.34
N GLY A 351 -13.73 -50.51 -20.97
CA GLY A 351 -13.94 -50.30 -22.41
C GLY A 351 -15.08 -49.32 -22.72
N ALA A 352 -15.86 -48.96 -21.69
CA ALA A 352 -17.06 -48.12 -21.88
C ALA A 352 -16.88 -46.68 -21.36
N TYR A 353 -16.95 -45.71 -22.27
CA TYR A 353 -16.82 -44.27 -21.96
C TYR A 353 -15.45 -44.06 -21.32
N THR A 354 -14.40 -44.64 -21.93
CA THR A 354 -13.08 -44.53 -21.35
C THR A 354 -12.16 -43.86 -22.41
N ASN A 355 -11.73 -44.65 -23.39
CA ASN A 355 -10.83 -44.12 -24.43
C ASN A 355 -11.47 -43.00 -25.28
N VAL A 356 -12.79 -43.03 -25.45
CA VAL A 356 -13.50 -42.03 -26.28
C VAL A 356 -13.48 -40.61 -25.66
N LEU A 357 -13.27 -40.57 -24.36
CA LEU A 357 -13.23 -39.32 -23.63
C LEU A 357 -11.81 -38.76 -23.34
N THR A 358 -10.82 -39.28 -24.05
CA THR A 358 -9.43 -38.82 -23.86
C THR A 358 -9.22 -37.36 -24.28
N THR A 359 -8.44 -36.63 -23.50
CA THR A 359 -8.00 -35.28 -23.87
C THR A 359 -6.46 -35.29 -23.92
N SER A 360 -5.88 -34.26 -24.53
CA SER A 360 -4.42 -34.07 -24.45
C SER A 360 -4.05 -32.95 -23.42
N PHE A 361 -4.92 -32.75 -22.44
CA PHE A 361 -4.65 -31.77 -21.36
C PHE A 361 -3.29 -32.07 -20.66
N ASN A 362 -2.51 -31.00 -20.46
CA ASN A 362 -1.15 -31.06 -19.89
C ASN A 362 -0.10 -31.76 -20.75
N GLY A 363 -0.49 -32.13 -21.97
CA GLY A 363 0.37 -32.88 -22.91
C GLY A 363 0.32 -34.37 -22.60
N PHE A 364 -0.59 -34.79 -21.71
CA PHE A 364 -0.75 -36.23 -21.48
C PHE A 364 -1.83 -36.82 -22.41
N GLY A 365 -2.33 -38.02 -22.09
CA GLY A 365 -3.49 -38.58 -22.76
C GLY A 365 -3.15 -39.63 -23.82
N GLU A 366 -1.87 -39.87 -24.06
CA GLU A 366 -1.43 -40.89 -25.02
C GLU A 366 -1.61 -42.30 -24.42
N TYR A 367 -1.93 -43.23 -25.29
CA TYR A 367 -2.02 -44.64 -24.92
C TYR A 367 -1.78 -45.49 -26.17
N ASP A 368 -1.31 -46.71 -25.95
CA ASP A 368 -1.27 -47.77 -26.96
C ASP A 368 -2.48 -48.71 -26.86
N VAL A 369 -2.68 -49.52 -27.89
CA VAL A 369 -3.73 -50.53 -27.87
C VAL A 369 -3.18 -51.87 -28.38
N TYR A 370 -3.36 -52.90 -27.57
CA TYR A 370 -2.99 -54.26 -27.92
C TYR A 370 -4.22 -55.13 -28.07
N TYR A 371 -4.35 -55.75 -29.23
CA TYR A 371 -5.43 -56.69 -29.53
C TYR A 371 -5.05 -58.15 -29.23
N ILE A 372 -5.97 -58.80 -28.53
CA ILE A 372 -5.90 -60.15 -27.96
C ILE A 372 -4.57 -60.58 -27.41
N MET B 1 -15.35 -6.51 -32.02
CA MET B 1 -15.30 -8.01 -32.02
C MET B 1 -16.54 -8.56 -32.70
N ASN B 2 -17.68 -7.94 -32.43
CA ASN B 2 -18.89 -8.27 -33.11
C ASN B 2 -18.75 -8.08 -34.63
N SER B 3 -18.17 -6.95 -35.03
CA SER B 3 -17.91 -6.73 -36.43
C SER B 3 -16.82 -7.68 -36.97
N VAL B 4 -15.77 -7.93 -36.20
CA VAL B 4 -14.72 -8.89 -36.58
C VAL B 4 -15.30 -10.28 -36.92
N VAL B 5 -16.11 -10.81 -36.02
CA VAL B 5 -16.66 -12.14 -36.21
C VAL B 5 -17.61 -12.17 -37.42
N ASN B 6 -18.47 -11.15 -37.55
CA ASN B 6 -19.33 -11.04 -38.73
C ASN B 6 -18.54 -10.99 -40.02
N ASN B 7 -17.44 -10.26 -40.02
CA ASN B 7 -16.57 -10.19 -41.20
C ASN B 7 -15.96 -11.56 -41.52
N ILE B 8 -15.57 -12.32 -40.50
CA ILE B 8 -15.09 -13.69 -40.70
C ILE B 8 -16.14 -14.54 -41.42
N LEU B 9 -17.38 -14.48 -40.91
CA LEU B 9 -18.46 -15.26 -41.48
C LEU B 9 -18.79 -14.84 -42.90
N LYS B 10 -18.78 -13.53 -43.15
CA LYS B 10 -19.02 -13.00 -44.48
C LYS B 10 -17.94 -13.44 -45.48
N ALA B 11 -16.70 -13.50 -45.00
CA ALA B 11 -15.55 -13.92 -45.82
C ALA B 11 -15.48 -15.43 -46.01
N HIS B 12 -16.04 -16.17 -45.06
CA HIS B 12 -16.11 -17.64 -45.11
C HIS B 12 -17.56 -18.15 -45.04
N PRO B 13 -18.33 -18.00 -46.14
CA PRO B 13 -19.75 -18.32 -46.20
C PRO B 13 -20.05 -19.81 -45.90
N HIS B 14 -19.07 -20.66 -46.21
CA HIS B 14 -19.12 -22.09 -45.97
C HIS B 14 -18.81 -22.55 -44.53
N GLN B 15 -18.49 -21.61 -43.64
CA GLN B 15 -18.06 -21.96 -42.28
C GLN B 15 -19.14 -22.75 -41.58
N THR B 16 -18.82 -23.94 -41.09
CA THR B 16 -19.84 -24.77 -40.40
C THR B 16 -19.43 -25.09 -38.96
N LYS B 17 -18.16 -25.45 -38.76
CA LYS B 17 -17.67 -25.77 -37.43
C LYS B 17 -17.70 -24.53 -36.55
N SER B 18 -17.80 -24.75 -35.23
CA SER B 18 -17.43 -23.70 -34.28
C SER B 18 -15.98 -23.25 -34.52
N PHE B 19 -15.67 -22.01 -34.11
CA PHE B 19 -14.33 -21.43 -34.36
C PHE B 19 -13.89 -20.43 -33.28
N TYR B 20 -12.62 -20.52 -32.91
CA TYR B 20 -12.01 -19.52 -32.04
C TYR B 20 -11.53 -18.35 -32.90
N VAL B 21 -11.75 -17.14 -32.42
CA VAL B 21 -11.12 -15.96 -33.00
C VAL B 21 -10.06 -15.47 -32.00
N SER B 22 -8.79 -15.58 -32.41
CA SER B 22 -7.63 -15.37 -31.51
C SER B 22 -6.77 -14.17 -31.92
N SER B 23 -6.34 -13.41 -30.93
CA SER B 23 -5.65 -12.15 -31.19
C SER B 23 -4.31 -12.07 -30.43
N PRO B 24 -3.20 -12.31 -31.15
CA PRO B 24 -1.87 -12.11 -30.57
C PRO B 24 -1.67 -10.71 -29.93
N LYS B 25 -2.31 -9.68 -30.48
CA LYS B 25 -2.08 -8.30 -30.04
C LYS B 25 -2.61 -8.10 -28.62
N ILE B 26 -3.73 -8.75 -28.31
CA ILE B 26 -4.28 -8.69 -26.94
C ILE B 26 -3.26 -9.24 -25.94
N VAL B 27 -2.63 -10.36 -26.28
CA VAL B 27 -1.64 -10.99 -25.42
C VAL B 27 -0.35 -10.15 -25.31
N GLU B 28 0.10 -9.61 -26.47
CA GLU B 28 1.23 -8.66 -26.49
C GLU B 28 1.00 -7.48 -25.56
N ASP B 29 -0.20 -6.88 -25.64
CA ASP B 29 -0.56 -5.79 -24.72
C ASP B 29 -0.54 -6.24 -23.25
N LEU B 30 -1.04 -7.46 -22.98
CA LEU B 30 -1.05 -7.99 -21.59
C LEU B 30 0.34 -8.30 -21.04
N ILE B 31 1.22 -8.76 -21.91
CA ILE B 31 2.64 -8.93 -21.57
C ILE B 31 3.24 -7.58 -21.14
N ASP B 32 3.00 -6.53 -21.93
CA ASP B 32 3.44 -5.17 -21.60
C ASP B 32 2.91 -4.71 -20.23
N GLN B 33 1.64 -5.02 -19.97
CA GLN B 33 1.03 -4.69 -18.68
C GLN B 33 1.65 -5.51 -17.55
N TRP B 34 2.00 -6.76 -17.82
CA TRP B 34 2.62 -7.59 -16.82
C TRP B 34 3.94 -6.96 -16.34
N THR B 35 4.74 -6.49 -17.30
CA THR B 35 5.95 -5.69 -17.03
C THR B 35 5.66 -4.53 -16.06
N ILE B 36 4.53 -3.84 -16.25
CA ILE B 36 4.17 -2.70 -15.39
C ILE B 36 3.70 -3.21 -14.03
N LEU B 37 2.79 -4.18 -14.05
CA LEU B 37 2.24 -4.75 -12.81
C LEU B 37 3.29 -5.46 -11.96
N PHE B 38 4.19 -6.19 -12.60
CA PHE B 38 5.15 -7.04 -11.91
C PHE B 38 6.55 -6.79 -12.44
N PRO B 39 7.12 -5.58 -12.18
CA PRO B 39 8.40 -5.34 -12.84
C PRO B 39 9.57 -6.23 -12.38
N ARG B 40 9.45 -6.92 -11.24
CA ARG B 40 10.53 -7.86 -10.86
C ARG B 40 10.31 -9.34 -11.22
N VAL B 41 9.17 -9.65 -11.82
CA VAL B 41 8.74 -11.02 -11.89
C VAL B 41 8.76 -11.49 -13.33
N THR B 42 9.56 -12.51 -13.58
CA THR B 42 9.62 -13.07 -14.94
C THR B 42 8.56 -14.13 -15.14
N PRO B 43 7.63 -13.92 -16.08
CA PRO B 43 6.58 -14.92 -16.26
C PRO B 43 7.03 -16.14 -17.10
N HIS B 44 6.77 -17.32 -16.55
CA HIS B 44 6.94 -18.58 -17.26
C HIS B 44 5.52 -19.08 -17.58
N TYR B 45 5.06 -18.82 -18.80
CA TYR B 45 3.69 -19.13 -19.21
C TYR B 45 3.34 -20.63 -19.08
N ALA B 46 2.23 -20.91 -18.38
CA ALA B 46 1.77 -22.29 -18.19
C ALA B 46 1.13 -22.78 -19.50
N VAL B 47 1.93 -23.48 -20.30
CA VAL B 47 1.49 -23.90 -21.66
C VAL B 47 0.22 -24.80 -21.62
N LYS B 48 0.00 -25.48 -20.50
CA LYS B 48 -1.19 -26.37 -20.37
C LYS B 48 -2.49 -25.60 -20.50
N CYS B 49 -2.48 -24.31 -20.18
CA CYS B 49 -3.68 -23.49 -20.20
C CYS B 49 -4.19 -23.25 -21.63
N ASN B 50 -3.25 -23.10 -22.58
CA ASN B 50 -3.57 -22.91 -24.00
C ASN B 50 -2.27 -23.10 -24.78
N ASN B 51 -2.21 -24.16 -25.55
CA ASN B 51 -0.95 -24.50 -26.26
C ASN B 51 -1.01 -24.13 -27.74
N ASP B 52 -1.94 -23.24 -28.10
CA ASP B 52 -2.01 -22.69 -29.46
C ASP B 52 -0.59 -22.24 -29.94
N GLU B 53 -0.17 -22.70 -31.13
CA GLU B 53 1.21 -22.44 -31.55
C GLU B 53 1.49 -20.94 -31.76
N VAL B 54 0.51 -20.23 -32.33
CA VAL B 54 0.65 -18.78 -32.56
C VAL B 54 0.83 -18.03 -31.22
N LEU B 55 0.13 -18.52 -30.22
CA LEU B 55 0.18 -17.96 -28.88
C LEU B 55 1.57 -18.14 -28.29
N LEU B 56 2.08 -19.36 -28.39
CA LEU B 56 3.40 -19.71 -27.90
C LEU B 56 4.52 -18.91 -28.61
N LYS B 57 4.38 -18.74 -29.93
CA LYS B 57 5.31 -17.93 -30.72
C LYS B 57 5.24 -16.44 -30.33
N THR B 58 4.02 -15.95 -30.09
CA THR B 58 3.83 -14.56 -29.67
C THR B 58 4.57 -14.29 -28.34
N MET B 59 4.43 -15.23 -27.42
CA MET B 59 5.12 -15.16 -26.14
C MET B 59 6.64 -15.29 -26.27
N CYS B 60 7.10 -16.24 -27.09
CA CYS B 60 8.53 -16.42 -27.37
C CYS B 60 9.14 -15.10 -27.78
N ASP B 61 8.51 -14.45 -28.77
CA ASP B 61 9.03 -13.23 -29.36
C ASP B 61 8.97 -12.02 -28.41
N LYS B 62 8.15 -12.12 -27.36
CA LYS B 62 8.06 -11.06 -26.34
C LYS B 62 8.88 -11.36 -25.06
N ASN B 63 9.80 -12.32 -25.17
CA ASN B 63 10.72 -12.66 -24.11
C ASN B 63 10.04 -13.22 -22.84
N VAL B 64 8.86 -13.85 -23.01
CA VAL B 64 8.23 -14.52 -21.90
C VAL B 64 8.71 -15.97 -21.89
N ASN B 65 8.96 -16.49 -20.69
CA ASN B 65 9.45 -17.84 -20.53
C ASN B 65 8.32 -18.88 -20.42
N PHE B 66 8.64 -20.11 -20.08
CA PHE B 66 7.69 -21.21 -20.15
C PHE B 66 7.68 -22.17 -18.97
N ASP B 67 6.45 -22.55 -18.58
CA ASP B 67 6.22 -23.57 -17.57
C ASP B 67 5.66 -24.77 -18.34
N CYS B 68 6.47 -25.82 -18.45
CA CYS B 68 6.04 -27.07 -19.14
C CYS B 68 5.73 -28.19 -18.14
N ALA B 69 4.68 -28.94 -18.40
CA ALA B 69 4.14 -29.91 -17.45
C ALA B 69 4.46 -31.38 -17.81
N SER B 70 4.99 -31.57 -19.01
CA SER B 70 5.22 -32.90 -19.57
C SER B 70 6.23 -32.81 -20.76
N SER B 71 6.64 -33.96 -21.26
CA SER B 71 7.57 -34.01 -22.40
C SER B 71 6.95 -33.43 -23.68
N SER B 72 5.66 -33.66 -23.86
CA SER B 72 4.91 -33.15 -25.03
C SER B 72 4.92 -31.62 -25.04
N GLU B 73 4.65 -31.02 -23.86
CA GLU B 73 4.73 -29.56 -23.72
C GLU B 73 6.16 -29.02 -23.91
N ILE B 74 7.16 -29.75 -23.43
CA ILE B 74 8.55 -29.35 -23.68
C ILE B 74 8.82 -29.28 -25.21
N LYS B 75 8.50 -30.39 -25.89
CA LYS B 75 8.55 -30.48 -27.34
C LYS B 75 7.90 -29.30 -28.09
N LYS B 76 6.65 -28.98 -27.77
CA LYS B 76 5.93 -27.85 -28.36
C LYS B 76 6.75 -26.53 -28.29
N VAL B 77 7.36 -26.29 -27.13
CA VAL B 77 8.07 -25.05 -26.87
C VAL B 77 9.43 -25.01 -27.62
N ILE B 78 10.18 -26.12 -27.54
CA ILE B 78 11.48 -26.24 -28.25
C ILE B 78 11.36 -26.12 -29.77
N GLN B 79 10.30 -26.71 -30.31
CA GLN B 79 10.06 -26.68 -31.76
C GLN B 79 9.77 -25.26 -32.26
N ILE B 80 9.30 -24.41 -31.35
CA ILE B 80 9.11 -22.97 -31.59
C ILE B 80 10.47 -22.25 -31.64
N GLY B 81 11.54 -22.92 -31.21
CA GLY B 81 12.86 -22.34 -31.22
C GLY B 81 13.27 -21.66 -29.91
N VAL B 82 12.51 -21.92 -28.85
CA VAL B 82 12.79 -21.34 -27.54
C VAL B 82 13.96 -22.08 -26.91
N SER B 83 14.92 -21.33 -26.40
CA SER B 83 16.03 -21.92 -25.67
C SER B 83 15.52 -22.73 -24.45
N PRO B 84 16.11 -23.93 -24.22
CA PRO B 84 15.86 -24.76 -23.04
C PRO B 84 16.04 -24.00 -21.72
N SER B 85 16.92 -23.01 -21.67
CA SER B 85 17.14 -22.21 -20.43
C SER B 85 15.89 -21.44 -19.97
N ARG B 86 14.94 -21.27 -20.88
CA ARG B 86 13.70 -20.52 -20.61
C ARG B 86 12.55 -21.39 -20.09
N ILE B 87 12.78 -22.69 -19.98
CA ILE B 87 11.77 -23.65 -19.55
C ILE B 87 12.01 -24.13 -18.11
N ILE B 88 10.97 -24.06 -17.29
CA ILE B 88 10.94 -24.76 -16.00
C ILE B 88 9.95 -25.96 -16.12
N PHE B 89 10.40 -27.15 -15.75
CA PHE B 89 9.58 -28.36 -15.79
C PHE B 89 8.79 -28.33 -14.44
N ALA B 90 7.77 -27.48 -14.38
CA ALA B 90 7.13 -27.15 -13.07
C ALA B 90 6.00 -28.13 -12.75
N HIS B 91 6.36 -29.40 -12.66
CA HIS B 91 5.40 -30.44 -12.29
C HIS B 91 6.15 -31.33 -11.31
N THR B 92 5.66 -31.45 -10.09
CA THR B 92 6.38 -32.18 -9.04
C THR B 92 6.43 -33.71 -9.26
N MET B 93 5.65 -34.19 -10.23
CA MET B 93 5.63 -35.61 -10.57
C MET B 93 5.93 -35.83 -12.04
N LYS B 94 7.13 -36.32 -12.35
CA LYS B 94 7.59 -36.45 -13.73
C LYS B 94 7.99 -37.90 -14.00
N THR B 95 7.53 -38.48 -15.11
CA THR B 95 7.92 -39.83 -15.43
C THR B 95 9.45 -39.84 -15.61
N ILE B 96 10.06 -40.98 -15.28
CA ILE B 96 11.48 -41.23 -15.56
C ILE B 96 11.80 -40.95 -17.05
N ASP B 97 10.92 -41.39 -17.93
CA ASP B 97 11.13 -41.17 -19.38
C ASP B 97 11.04 -39.69 -19.80
N ASP B 98 10.16 -38.93 -19.15
CA ASP B 98 10.08 -37.49 -19.31
C ASP B 98 11.28 -36.74 -18.73
N LEU B 99 11.81 -37.23 -17.59
CA LEU B 99 13.07 -36.71 -17.02
C LEU B 99 14.26 -36.92 -17.98
N ILE B 100 14.33 -38.12 -18.52
CA ILE B 100 15.36 -38.45 -19.54
C ILE B 100 15.26 -37.52 -20.77
N PHE B 101 14.05 -37.32 -21.28
CA PHE B 101 13.76 -36.34 -22.32
C PHE B 101 14.19 -34.90 -21.96
N ALA B 102 13.76 -34.41 -20.78
CA ALA B 102 14.18 -33.09 -20.28
C ALA B 102 15.71 -32.91 -20.30
N LYS B 103 16.43 -33.89 -19.78
CA LYS B 103 17.90 -33.93 -19.80
C LYS B 103 18.47 -33.85 -21.24
N ASP B 104 17.91 -34.66 -22.15
CA ASP B 104 18.30 -34.59 -23.56
C ASP B 104 18.08 -33.14 -24.10
N GLN B 105 16.91 -32.57 -23.81
CA GLN B 105 16.56 -31.25 -24.35
C GLN B 105 17.24 -30.05 -23.67
N GLY B 106 17.83 -30.26 -22.49
CA GLY B 106 18.45 -29.14 -21.75
C GLY B 106 17.51 -28.46 -20.73
N VAL B 107 16.41 -29.12 -20.42
CA VAL B 107 15.46 -28.59 -19.48
C VAL B 107 16.00 -29.04 -18.12
N ASP B 108 16.65 -28.10 -17.42
CA ASP B 108 17.53 -28.40 -16.27
C ASP B 108 17.08 -27.70 -14.95
N ILE B 109 15.83 -27.26 -14.94
CA ILE B 109 15.16 -26.77 -13.73
C ILE B 109 13.77 -27.45 -13.62
N ALA B 110 13.46 -27.98 -12.45
CA ALA B 110 12.16 -28.62 -12.21
C ALA B 110 11.72 -28.47 -10.76
N THR B 111 10.45 -28.78 -10.48
CA THR B 111 9.93 -28.76 -9.10
C THR B 111 9.83 -30.17 -8.50
N PHE B 112 9.71 -30.24 -7.17
CA PHE B 112 9.46 -31.51 -6.50
C PHE B 112 8.72 -31.25 -5.16
N ASP B 113 8.14 -32.31 -4.60
CA ASP B 113 7.46 -32.25 -3.29
C ASP B 113 7.53 -33.58 -2.52
N SER B 114 8.45 -34.47 -2.96
CA SER B 114 8.57 -35.83 -2.36
C SER B 114 9.98 -36.35 -2.43
N SER B 115 10.32 -37.22 -1.49
CA SER B 115 11.65 -37.83 -1.46
C SER B 115 11.87 -38.79 -2.63
N PHE B 116 10.83 -39.55 -2.99
CA PHE B 116 10.91 -40.41 -4.17
C PHE B 116 11.17 -39.64 -5.48
N GLU B 117 10.70 -38.40 -5.54
CA GLU B 117 11.01 -37.55 -6.69
C GLU B 117 12.51 -37.23 -6.79
N LEU B 118 13.13 -37.00 -5.62
CA LEU B 118 14.58 -36.80 -5.53
C LEU B 118 15.40 -38.03 -5.89
N ASP B 119 14.91 -39.22 -5.53
CA ASP B 119 15.49 -40.51 -5.96
C ASP B 119 15.59 -40.63 -7.49
N LYS B 120 14.50 -40.26 -8.17
CA LYS B 120 14.44 -40.20 -9.64
C LYS B 120 15.41 -39.16 -10.22
N ILE B 121 15.45 -37.97 -9.62
CA ILE B 121 16.38 -36.93 -10.07
C ILE B 121 17.83 -37.42 -9.95
N HIS B 122 18.16 -37.98 -8.79
CA HIS B 122 19.50 -38.52 -8.54
C HIS B 122 19.90 -39.54 -9.59
N THR B 123 18.97 -40.45 -9.91
CA THR B 123 19.26 -41.54 -10.84
C THR B 123 19.29 -41.12 -12.33
N TYR B 124 18.35 -40.25 -12.72
CA TYR B 124 18.10 -39.94 -14.14
C TYR B 124 18.46 -38.54 -14.68
N HIS B 125 18.50 -37.55 -13.79
CA HIS B 125 18.79 -36.16 -14.16
C HIS B 125 19.50 -35.43 -13.00
N PRO B 126 20.67 -35.96 -12.56
CA PRO B 126 21.26 -35.48 -11.31
C PRO B 126 21.73 -34.01 -11.37
N ASN B 127 21.88 -33.48 -12.59
CA ASN B 127 22.27 -32.08 -12.80
C ASN B 127 21.09 -31.10 -12.77
N CYS B 128 19.86 -31.62 -12.72
CA CYS B 128 18.69 -30.79 -12.71
C CYS B 128 18.62 -29.93 -11.42
N LYS B 129 18.47 -28.62 -11.59
CA LYS B 129 18.34 -27.74 -10.44
C LYS B 129 16.89 -27.81 -9.92
N MET B 130 16.71 -27.95 -8.62
CA MET B 130 15.37 -28.25 -8.07
C MET B 130 14.70 -27.09 -7.32
N ILE B 131 13.39 -26.97 -7.51
CA ILE B 131 12.61 -25.99 -6.80
C ILE B 131 11.60 -26.74 -5.96
N LEU B 132 11.69 -26.55 -4.63
CA LEU B 132 10.81 -27.23 -3.74
C LEU B 132 9.43 -26.56 -3.75
N ARG B 133 8.42 -27.36 -4.03
CA ARG B 133 7.06 -26.83 -4.05
C ARG B 133 6.36 -27.07 -2.71
N ILE B 134 5.94 -25.97 -2.09
CA ILE B 134 5.23 -26.02 -0.80
C ILE B 134 3.72 -25.80 -0.93
N ARG B 135 2.96 -26.44 -0.06
CA ARG B 135 1.52 -26.28 -0.10
C ARG B 135 1.13 -24.99 0.63
N CYS B 136 0.43 -24.10 -0.07
CA CYS B 136 -0.13 -22.86 0.50
C CYS B 136 -1.42 -22.49 -0.17
N ASP B 137 -2.56 -22.80 0.44
CA ASP B 137 -3.85 -22.75 -0.29
C ASP B 137 -4.59 -21.40 -0.25
N ASP B 138 -5.20 -21.05 -1.36
CA ASP B 138 -6.31 -20.10 -1.41
C ASP B 138 -7.61 -20.93 -1.31
N PRO B 139 -8.31 -20.89 -0.18
CA PRO B 139 -9.55 -21.67 -0.07
C PRO B 139 -10.68 -21.17 -1.01
N ASN B 140 -10.55 -19.93 -1.46
CA ASN B 140 -11.54 -19.35 -2.40
C ASN B 140 -11.23 -19.49 -3.90
N ALA B 141 -10.11 -20.13 -4.24
CA ALA B 141 -9.74 -20.39 -5.66
C ALA B 141 -10.76 -21.33 -6.34
N ALA B 142 -11.03 -21.07 -7.61
CA ALA B 142 -11.94 -21.89 -8.44
C ALA B 142 -11.54 -23.36 -8.54
N VAL B 143 -10.24 -23.60 -8.72
CA VAL B 143 -9.68 -24.96 -8.90
C VAL B 143 -8.68 -25.20 -7.77
N GLN B 144 -8.99 -26.13 -6.87
CA GLN B 144 -8.09 -26.46 -5.77
C GLN B 144 -6.97 -27.45 -6.13
N LEU B 145 -5.79 -27.23 -5.54
CA LEU B 145 -4.54 -27.93 -5.91
C LEU B 145 -3.78 -28.56 -4.74
N GLY B 146 -4.02 -28.02 -3.53
CA GLY B 146 -3.22 -28.36 -2.35
C GLY B 146 -3.27 -29.81 -1.84
N ASN B 147 -4.47 -30.42 -1.86
CA ASN B 147 -4.64 -31.86 -1.64
C ASN B 147 -3.52 -32.74 -2.30
N LYS B 148 -3.23 -32.45 -3.55
CA LYS B 148 -2.49 -33.34 -4.42
C LYS B 148 -1.00 -32.93 -4.56
N PHE B 149 -0.69 -31.64 -4.44
CA PHE B 149 0.68 -31.10 -4.63
C PHE B 149 1.19 -30.17 -3.53
N GLY B 150 2.48 -30.18 -3.29
CA GLY B 150 3.10 -29.21 -2.38
C GLY B 150 3.44 -29.92 -1.10
N ALA B 151 4.63 -29.59 -0.58
CA ALA B 151 5.10 -30.20 0.64
C ALA B 151 4.36 -29.54 1.81
N ASN B 152 4.08 -30.32 2.83
CA ASN B 152 3.50 -29.79 4.06
C ASN B 152 4.61 -29.15 4.89
N GLU B 153 4.25 -28.32 5.87
CA GLU B 153 5.26 -27.57 6.61
C GLU B 153 6.23 -28.50 7.34
N ASP B 154 5.68 -29.56 7.93
CA ASP B 154 6.43 -30.44 8.76
C ASP B 154 7.41 -31.33 8.02
N GLU B 155 7.34 -31.33 6.69
CA GLU B 155 8.28 -32.11 5.88
C GLU B 155 9.31 -31.28 5.10
N ILE B 156 9.21 -29.96 5.16
CA ILE B 156 10.12 -29.07 4.43
C ILE B 156 11.58 -29.30 4.78
N ARG B 157 11.92 -29.33 6.07
CA ARG B 157 13.32 -29.55 6.45
C ARG B 157 13.87 -30.92 5.98
N HIS B 158 13.09 -31.98 6.16
CA HIS B 158 13.50 -33.32 5.76
C HIS B 158 13.72 -33.44 4.22
N LEU B 159 12.81 -32.87 3.45
CA LEU B 159 12.99 -32.86 1.98
C LEU B 159 14.26 -32.12 1.56
N LEU B 160 14.52 -30.98 2.20
CA LEU B 160 15.75 -30.23 1.90
C LEU B 160 17.04 -30.96 2.27
N GLU B 161 17.03 -31.58 3.44
CA GLU B 161 18.17 -32.39 3.92
C GLU B 161 18.39 -33.57 2.98
N TYR B 162 17.31 -34.17 2.54
CA TYR B 162 17.38 -35.35 1.66
C TYR B 162 18.02 -35.01 0.33
N ALA B 163 17.63 -33.86 -0.23
CA ALA B 163 18.24 -33.31 -1.45
C ALA B 163 19.74 -33.11 -1.25
N LYS B 164 20.10 -32.55 -0.09
CA LYS B 164 21.48 -32.23 0.23
C LYS B 164 22.31 -33.50 0.29
N GLN B 165 21.75 -34.52 0.94
CA GLN B 165 22.34 -35.86 1.07
C GLN B 165 22.60 -36.53 -0.29
N LEU B 166 21.70 -36.27 -1.24
CA LEU B 166 21.86 -36.81 -2.59
C LEU B 166 22.69 -35.92 -3.52
N ASP B 167 23.27 -34.82 -2.99
CA ASP B 167 24.02 -33.84 -3.80
C ASP B 167 23.13 -33.19 -4.91
N ILE B 168 21.86 -32.92 -4.58
CA ILE B 168 20.96 -32.27 -5.51
C ILE B 168 20.87 -30.79 -5.12
N GLU B 169 21.08 -29.91 -6.08
CA GLU B 169 20.98 -28.46 -5.85
C GLU B 169 19.52 -28.03 -5.71
N VAL B 170 19.18 -27.44 -4.58
CA VAL B 170 17.88 -26.83 -4.43
C VAL B 170 18.08 -25.32 -4.58
N ILE B 171 17.47 -24.76 -5.62
CA ILE B 171 17.75 -23.35 -5.96
C ILE B 171 16.55 -22.45 -5.71
N GLY B 172 15.46 -23.00 -5.16
CA GLY B 172 14.39 -22.13 -4.75
C GLY B 172 13.13 -22.81 -4.28
N ILE B 173 12.11 -21.99 -4.12
CA ILE B 173 10.83 -22.41 -3.55
C ILE B 173 9.69 -21.88 -4.43
N SER B 174 8.68 -22.73 -4.60
CA SER B 174 7.46 -22.37 -5.33
C SER B 174 6.19 -22.78 -4.55
N PHE B 175 5.08 -22.21 -4.97
CA PHE B 175 3.74 -22.59 -4.48
C PHE B 175 2.78 -22.28 -5.62
N HIS B 176 1.60 -22.90 -5.56
CA HIS B 176 0.48 -22.44 -6.35
C HIS B 176 -0.75 -22.43 -5.40
N VAL B 177 -1.36 -21.27 -5.22
CA VAL B 177 -2.45 -21.11 -4.26
C VAL B 177 -3.74 -21.83 -4.72
N GLY B 178 -3.83 -22.13 -6.02
CA GLY B 178 -5.03 -22.68 -6.64
C GLY B 178 -5.38 -21.87 -7.86
N SER B 179 -5.98 -22.52 -8.86
CA SER B 179 -6.19 -21.86 -10.13
C SER B 179 -7.46 -21.02 -10.12
N GLY B 180 -7.41 -19.82 -10.69
CA GLY B 180 -8.56 -18.90 -10.65
C GLY B 180 -8.74 -18.32 -9.25
N SER B 181 -7.74 -17.58 -8.80
CA SER B 181 -7.66 -16.96 -7.51
C SER B 181 -7.88 -15.45 -7.56
N ARG B 182 -8.71 -14.95 -6.63
CA ARG B 182 -8.97 -13.49 -6.45
C ARG B 182 -8.82 -13.13 -4.97
N ASN B 183 -7.87 -13.81 -4.33
CA ASN B 183 -7.57 -13.63 -2.90
C ASN B 183 -6.12 -13.12 -2.70
N PRO B 184 -5.93 -11.79 -2.58
CA PRO B 184 -4.59 -11.24 -2.47
C PRO B 184 -3.92 -11.73 -1.19
N GLU B 185 -4.70 -11.95 -0.14
CA GLU B 185 -4.12 -12.40 1.12
C GLU B 185 -3.46 -13.80 1.04
N ALA B 186 -4.05 -14.70 0.24
CA ALA B 186 -3.45 -16.03 0.04
C ALA B 186 -1.99 -15.92 -0.48
N TYR B 187 -1.74 -14.98 -1.37
CA TYR B 187 -0.40 -14.78 -1.95
C TYR B 187 0.59 -14.24 -0.91
N TYR B 188 0.11 -13.31 -0.09
CA TYR B 188 0.96 -12.68 0.91
C TYR B 188 1.43 -13.76 1.87
N ARG B 189 0.47 -14.55 2.39
CA ARG B 189 0.78 -15.69 3.28
C ARG B 189 1.71 -16.73 2.64
N ALA B 190 1.51 -17.01 1.36
CA ALA B 190 2.31 -18.00 0.65
C ALA B 190 3.74 -17.52 0.49
N ILE B 191 3.91 -16.22 0.22
CA ILE B 191 5.25 -15.64 0.05
C ILE B 191 6.00 -15.61 1.40
N LYS B 192 5.26 -15.35 2.49
CA LYS B 192 5.85 -15.43 3.83
C LYS B 192 6.35 -16.83 4.15
N SER B 193 5.47 -17.82 3.95
CA SER B 193 5.85 -19.22 4.17
C SER B 193 7.05 -19.65 3.28
N SER B 194 7.08 -19.12 2.06
CA SER B 194 8.19 -19.34 1.11
C SER B 194 9.54 -18.79 1.63
N LYS B 195 9.53 -17.60 2.22
CA LYS B 195 10.72 -17.06 2.85
C LYS B 195 11.21 -17.99 3.98
N GLU B 196 10.29 -18.52 4.77
CA GLU B 196 10.62 -19.41 5.88
C GLU B 196 11.26 -20.70 5.32
N ALA B 197 10.64 -21.23 4.27
CA ALA B 197 11.20 -22.39 3.57
C ALA B 197 12.58 -22.08 2.95
N PHE B 198 12.72 -20.86 2.43
CA PHE B 198 13.93 -20.39 1.76
C PHE B 198 15.10 -20.34 2.75
N ASN B 199 14.78 -19.91 3.97
CA ASN B 199 15.73 -19.84 5.05
C ASN B 199 16.10 -21.21 5.60
N GLU B 200 15.14 -22.13 5.66
CA GLU B 200 15.45 -23.53 5.98
C GLU B 200 16.45 -24.15 5.01
N ALA B 201 16.31 -23.80 3.73
CA ALA B 201 17.22 -24.32 2.66
C ALA B 201 18.65 -23.82 2.83
N ILE B 202 18.78 -22.52 3.17
CA ILE B 202 20.09 -21.92 3.56
C ILE B 202 20.66 -22.60 4.81
N SER B 203 19.82 -22.80 5.83
CA SER B 203 20.21 -23.53 7.05
C SER B 203 20.78 -24.92 6.77
N VAL B 204 20.22 -25.62 5.77
CA VAL B 204 20.66 -26.97 5.41
C VAL B 204 21.96 -26.97 4.55
N GLY B 205 22.26 -25.85 3.90
CA GLY B 205 23.46 -25.71 3.09
C GLY B 205 23.22 -25.49 1.60
N HIS B 206 21.95 -25.40 1.20
CA HIS B 206 21.63 -24.98 -0.18
C HIS B 206 21.88 -23.46 -0.33
N LYS B 207 21.97 -23.01 -1.57
CA LYS B 207 22.12 -21.59 -1.90
C LYS B 207 20.99 -21.18 -2.85
N PRO B 208 19.74 -21.16 -2.33
CA PRO B 208 18.60 -20.81 -3.17
C PRO B 208 18.65 -19.34 -3.58
N TYR B 209 18.07 -19.05 -4.75
CA TYR B 209 17.98 -17.68 -5.22
C TYR B 209 16.68 -17.42 -5.98
N ILE B 210 15.78 -18.40 -5.99
CA ILE B 210 14.55 -18.27 -6.77
C ILE B 210 13.28 -18.32 -5.89
N LEU B 211 12.42 -17.32 -6.06
CA LEU B 211 11.03 -17.39 -5.61
C LEU B 211 10.12 -17.56 -6.82
N ASP B 212 9.27 -18.59 -6.79
CA ASP B 212 8.35 -18.85 -7.85
C ASP B 212 6.93 -18.76 -7.26
N ILE B 213 6.19 -17.71 -7.62
CA ILE B 213 4.87 -17.43 -7.00
C ILE B 213 3.74 -18.20 -7.70
N GLY B 214 4.10 -19.10 -8.62
CA GLY B 214 3.09 -19.95 -9.30
C GLY B 214 2.10 -19.15 -10.12
N GLY B 215 0.87 -19.68 -10.26
CA GLY B 215 -0.14 -19.03 -11.10
C GLY B 215 -1.42 -18.65 -10.37
N GLY B 216 -2.54 -18.64 -11.09
CA GLY B 216 -3.85 -18.38 -10.40
C GLY B 216 -4.50 -17.06 -10.74
N LEU B 217 -3.72 -16.08 -11.17
CA LEU B 217 -4.24 -14.72 -11.37
C LEU B 217 -5.07 -14.55 -12.65
N HIS B 218 -6.13 -13.74 -12.53
CA HIS B 218 -6.89 -13.30 -13.68
C HIS B 218 -6.38 -11.96 -14.13
N ALA B 219 -6.54 -11.72 -15.43
CA ALA B 219 -6.38 -10.39 -15.96
C ALA B 219 -7.76 -9.75 -15.90
N ASP B 220 -8.16 -9.24 -14.72
CA ASP B 220 -9.48 -8.65 -14.53
C ASP B 220 -9.45 -7.20 -14.97
N ILE B 221 -10.29 -6.90 -15.95
CA ILE B 221 -10.35 -5.59 -16.59
C ILE B 221 -11.70 -4.91 -16.31
N ASP B 222 -11.64 -3.67 -15.84
CA ASP B 222 -12.84 -2.84 -15.77
C ASP B 222 -12.57 -1.50 -16.45
N GLU B 223 -13.41 -1.17 -17.43
CA GLU B 223 -13.30 0.13 -18.14
C GLU B 223 -11.94 0.32 -18.85
N GLY B 224 -11.42 -0.79 -19.38
CA GLY B 224 -10.20 -0.78 -20.17
C GLY B 224 -8.88 -0.79 -19.43
N GLU B 225 -8.91 -1.04 -18.14
CA GLU B 225 -7.69 -1.03 -17.33
C GLU B 225 -7.70 -2.25 -16.45
N LEU B 226 -6.54 -2.90 -16.36
CA LEU B 226 -6.32 -4.04 -15.49
C LEU B 226 -6.40 -3.59 -14.02
N SER B 227 -7.07 -4.38 -13.20
CA SER B 227 -7.08 -4.10 -11.75
C SER B 227 -5.76 -4.53 -11.13
N THR B 228 -5.28 -3.74 -10.20
CA THR B 228 -4.06 -4.06 -9.49
C THR B 228 -4.32 -4.60 -8.09
N TYR B 229 -5.57 -5.01 -7.78
CA TYR B 229 -5.85 -5.58 -6.44
C TYR B 229 -4.91 -6.73 -6.03
N MET B 230 -4.54 -7.60 -6.98
CA MET B 230 -3.65 -8.73 -6.72
C MET B 230 -2.14 -8.30 -6.79
N SER B 231 -1.75 -7.65 -7.90
CA SER B 231 -0.35 -7.19 -8.13
C SER B 231 0.20 -6.31 -7.02
N ASP B 232 -0.59 -5.34 -6.57
CA ASP B 232 -0.19 -4.46 -5.48
C ASP B 232 0.26 -5.24 -4.24
N TYR B 233 -0.58 -6.15 -3.74
CA TYR B 233 -0.29 -6.91 -2.51
C TYR B 233 0.79 -8.01 -2.68
N ILE B 234 0.82 -8.64 -3.86
CA ILE B 234 1.91 -9.55 -4.20
C ILE B 234 3.26 -8.80 -4.14
N ASN B 235 3.28 -7.59 -4.70
CA ASN B 235 4.49 -6.74 -4.65
C ASN B 235 4.81 -6.31 -3.21
N ASP B 236 3.78 -6.02 -2.42
CA ASP B 236 3.94 -5.72 -0.98
C ASP B 236 4.58 -6.92 -0.25
N ALA B 237 4.12 -8.15 -0.52
CA ALA B 237 4.71 -9.36 0.05
C ALA B 237 6.20 -9.54 -0.39
N ILE B 238 6.47 -9.29 -1.66
CA ILE B 238 7.83 -9.40 -2.22
C ILE B 238 8.78 -8.40 -1.56
N LYS B 239 8.29 -7.20 -1.33
CA LYS B 239 9.04 -6.16 -0.64
C LYS B 239 9.30 -6.54 0.83
N ASP B 240 8.30 -7.13 1.49
CA ASP B 240 8.41 -7.61 2.88
C ASP B 240 9.36 -8.78 3.08
N PHE B 241 9.34 -9.73 2.13
CA PHE B 241 9.97 -11.03 2.34
C PHE B 241 11.16 -11.34 1.41
N PHE B 242 11.16 -10.78 0.20
CA PHE B 242 12.26 -10.99 -0.76
C PHE B 242 12.75 -9.67 -1.41
N PRO B 243 13.13 -8.66 -0.59
CA PRO B 243 13.58 -7.37 -1.15
C PRO B 243 14.95 -7.43 -1.83
N GLU B 244 15.75 -8.44 -1.47
CA GLU B 244 17.11 -8.60 -2.01
C GLU B 244 17.11 -8.70 -3.55
N ASP B 245 17.94 -7.87 -4.19
CA ASP B 245 18.17 -7.88 -5.65
C ASP B 245 18.74 -9.21 -6.15
N THR B 246 19.42 -9.92 -5.25
CA THR B 246 20.00 -11.23 -5.53
C THR B 246 19.00 -12.37 -5.71
N VAL B 247 17.74 -12.11 -5.36
CA VAL B 247 16.68 -13.07 -5.57
C VAL B 247 16.03 -12.82 -6.92
N THR B 248 15.95 -13.87 -7.72
CA THR B 248 15.18 -13.88 -8.94
C THR B 248 13.75 -14.37 -8.64
N ILE B 249 12.77 -13.57 -9.04
CA ILE B 249 11.37 -13.92 -8.84
C ILE B 249 10.74 -14.32 -10.20
N VAL B 250 10.05 -15.46 -10.19
CA VAL B 250 9.30 -15.91 -11.36
C VAL B 250 7.86 -16.24 -10.98
N ALA B 251 7.00 -16.35 -11.99
CA ALA B 251 5.61 -16.79 -11.82
C ALA B 251 5.30 -17.85 -12.89
N GLU B 252 4.21 -18.61 -12.69
CA GLU B 252 3.76 -19.57 -13.70
C GLU B 252 2.33 -19.23 -14.18
N PRO B 253 2.12 -18.03 -14.77
CA PRO B 253 0.73 -17.66 -15.08
C PRO B 253 0.20 -18.40 -16.33
N GLY B 254 -1.05 -18.88 -16.30
CA GLY B 254 -1.65 -19.43 -17.53
C GLY B 254 -2.81 -18.52 -17.95
N ARG B 255 -3.89 -18.56 -17.15
CA ARG B 255 -5.11 -17.83 -17.43
C ARG B 255 -4.92 -16.32 -17.61
N PHE B 256 -3.98 -15.72 -16.88
CA PHE B 256 -3.70 -14.27 -17.01
C PHE B 256 -3.56 -13.86 -18.48
N PHE B 257 -2.79 -14.66 -19.22
CA PHE B 257 -2.51 -14.35 -20.63
C PHE B 257 -3.49 -15.02 -21.59
N ALA B 258 -3.93 -16.23 -21.28
CA ALA B 258 -4.74 -17.00 -22.20
C ALA B 258 -6.25 -16.62 -22.24
N GLU B 259 -6.81 -16.22 -21.09
CA GLU B 259 -8.24 -15.96 -20.98
C GLU B 259 -8.81 -15.08 -22.09
N HIS B 260 -8.21 -13.91 -22.30
CA HIS B 260 -8.71 -12.91 -23.27
C HIS B 260 -8.17 -13.09 -24.68
N TYR B 261 -7.35 -14.12 -24.89
CA TYR B 261 -6.72 -14.38 -26.19
C TYR B 261 -7.75 -14.70 -27.30
N SER B 262 -8.82 -15.40 -26.92
CA SER B 262 -9.78 -15.91 -27.87
C SER B 262 -11.23 -15.61 -27.47
N VAL B 263 -12.09 -15.56 -28.48
CA VAL B 263 -13.53 -15.80 -28.33
C VAL B 263 -13.87 -17.09 -29.06
N LEU B 264 -14.95 -17.72 -28.63
CA LEU B 264 -15.44 -18.92 -29.28
C LEU B 264 -16.82 -18.71 -29.91
N ALA B 265 -16.87 -18.75 -31.25
CA ALA B 265 -18.10 -18.62 -32.01
C ALA B 265 -18.72 -20.00 -32.24
N THR B 266 -20.02 -20.09 -31.99
CA THR B 266 -20.75 -21.35 -32.16
C THR B 266 -22.15 -21.06 -32.73
N GLN B 267 -22.71 -22.02 -33.45
CA GLN B 267 -24.00 -21.82 -34.13
C GLN B 267 -25.12 -22.61 -33.47
N VAL B 268 -26.32 -22.04 -33.52
CA VAL B 268 -27.54 -22.72 -33.11
C VAL B 268 -27.92 -23.74 -34.20
N ILE B 269 -27.91 -25.03 -33.86
CA ILE B 269 -28.18 -26.11 -34.83
C ILE B 269 -29.51 -26.80 -34.55
N GLY B 270 -30.11 -26.54 -33.37
CA GLY B 270 -31.34 -27.20 -32.97
C GLY B 270 -32.11 -26.29 -32.04
N LYS B 271 -33.43 -26.46 -32.03
CA LYS B 271 -34.31 -25.60 -31.24
C LYS B 271 -35.52 -26.40 -30.75
N ARG B 272 -35.96 -26.09 -29.54
CA ARG B 272 -37.21 -26.64 -28.96
C ARG B 272 -37.81 -25.59 -28.01
N VAL B 273 -39.10 -25.25 -28.18
CA VAL B 273 -39.77 -24.28 -27.32
C VAL B 273 -40.98 -24.93 -26.67
N ARG B 274 -40.99 -24.96 -25.35
CA ARG B 274 -42.07 -25.62 -24.59
C ARG B 274 -42.50 -24.75 -23.39
N ASP B 275 -43.78 -24.37 -23.39
CA ASP B 275 -44.39 -23.62 -22.29
C ASP B 275 -43.53 -22.39 -21.96
N GLY B 276 -43.16 -21.66 -23.01
CA GLY B 276 -42.39 -20.43 -22.88
C GLY B 276 -40.91 -20.53 -22.51
N LEU B 277 -40.41 -21.75 -22.36
CA LEU B 277 -38.98 -21.99 -22.21
C LEU B 277 -38.31 -22.26 -23.57
N TYR B 278 -37.28 -21.49 -23.89
CA TYR B 278 -36.61 -21.59 -25.20
C TYR B 278 -35.32 -22.38 -25.10
N GLU B 279 -35.33 -23.60 -25.66
CA GLU B 279 -34.12 -24.44 -25.58
C GLU B 279 -33.36 -24.50 -26.91
N TYR B 280 -32.04 -24.41 -26.81
CA TYR B 280 -31.19 -24.29 -28.00
C TYR B 280 -30.07 -25.30 -27.94
N PHE B 281 -29.74 -25.90 -29.07
CA PHE B 281 -28.62 -26.81 -29.11
C PHE B 281 -27.58 -26.19 -30.03
N PHE B 282 -26.33 -26.23 -29.58
CA PHE B 282 -25.23 -25.55 -30.30
C PHE B 282 -24.27 -26.59 -30.86
N ASN B 283 -23.46 -26.19 -31.85
CA ASN B 283 -22.42 -27.10 -32.38
C ASN B 283 -21.12 -27.05 -31.55
N GLU B 284 -21.32 -26.86 -30.26
CA GLU B 284 -20.30 -26.96 -29.22
C GLU B 284 -20.88 -27.69 -28.00
N SER B 285 -20.02 -28.00 -27.02
CA SER B 285 -20.45 -28.77 -25.88
C SER B 285 -19.39 -28.70 -24.74
N THR B 286 -19.79 -29.17 -23.58
CA THR B 286 -18.91 -29.31 -22.42
C THR B 286 -17.81 -30.34 -22.66
N TYR B 287 -18.01 -31.20 -23.65
CA TYR B 287 -17.00 -32.15 -24.07
C TYR B 287 -16.13 -31.57 -25.19
N GLY B 288 -16.49 -30.37 -25.64
CA GLY B 288 -15.75 -29.59 -26.63
C GLY B 288 -15.00 -28.44 -25.97
N GLY B 289 -15.34 -27.20 -26.31
CA GLY B 289 -14.66 -26.02 -25.75
C GLY B 289 -15.18 -25.53 -24.35
N PHE B 290 -16.16 -26.24 -23.82
CA PHE B 290 -16.91 -25.74 -22.63
C PHE B 290 -16.73 -26.56 -21.35
N SER B 291 -15.57 -27.21 -21.22
CA SER B 291 -15.26 -27.93 -19.95
C SER B 291 -15.31 -27.03 -18.69
N ASN B 292 -15.09 -25.72 -18.84
CA ASN B 292 -15.06 -24.78 -17.69
C ASN B 292 -16.38 -24.69 -16.95
N VAL B 293 -17.47 -24.96 -17.67
CA VAL B 293 -18.82 -25.02 -17.08
C VAL B 293 -18.83 -26.12 -16.00
N ILE B 294 -18.18 -27.23 -16.28
CA ILE B 294 -18.12 -28.36 -15.33
C ILE B 294 -17.07 -28.12 -14.23
N PHE B 295 -15.84 -27.84 -14.64
CA PHE B 295 -14.72 -27.85 -13.69
C PHE B 295 -14.53 -26.51 -12.95
N GLU B 296 -15.04 -25.41 -13.52
CA GLU B 296 -14.86 -24.11 -12.92
C GLU B 296 -16.16 -23.42 -12.62
N LYS B 297 -17.27 -24.17 -12.71
CA LYS B 297 -18.62 -23.62 -12.48
C LYS B 297 -18.88 -22.33 -13.29
N SER B 298 -18.31 -22.23 -14.50
CA SER B 298 -18.58 -21.10 -15.37
C SER B 298 -20.07 -21.02 -15.78
N VAL B 299 -20.62 -19.81 -15.80
CA VAL B 299 -21.97 -19.58 -16.29
C VAL B 299 -21.83 -18.51 -17.38
N PRO B 300 -21.47 -18.94 -18.60
CA PRO B 300 -21.18 -18.06 -19.72
C PRO B 300 -22.43 -17.55 -20.50
N THR B 301 -22.42 -16.24 -20.79
CA THR B 301 -23.46 -15.56 -21.53
C THR B 301 -22.91 -15.26 -22.93
N PRO B 302 -23.61 -15.72 -23.99
CA PRO B 302 -23.11 -15.46 -25.35
C PRO B 302 -23.49 -14.05 -25.81
N GLN B 303 -22.72 -13.52 -26.75
CA GLN B 303 -23.06 -12.34 -27.51
C GLN B 303 -23.67 -12.77 -28.87
N LEU B 304 -24.84 -12.22 -29.19
CA LEU B 304 -25.48 -12.41 -30.52
C LEU B 304 -24.79 -11.63 -31.65
N LEU B 305 -24.61 -12.28 -32.79
CA LEU B 305 -23.97 -11.59 -33.94
C LEU B 305 -24.98 -10.80 -34.77
N ARG B 306 -26.20 -11.33 -34.81
CA ARG B 306 -27.35 -10.68 -35.45
C ARG B 306 -27.79 -9.48 -34.64
N ASP B 307 -27.93 -8.34 -35.30
CA ASP B 307 -28.37 -7.11 -34.62
C ASP B 307 -29.86 -7.21 -34.24
N VAL B 308 -30.19 -6.79 -33.02
CA VAL B 308 -31.57 -6.74 -32.56
C VAL B 308 -31.96 -5.33 -32.09
N PRO B 309 -33.24 -4.95 -32.24
CA PRO B 309 -33.77 -3.65 -31.79
C PRO B 309 -33.55 -3.46 -30.31
N ASP B 310 -33.38 -2.21 -29.87
CA ASP B 310 -33.06 -1.93 -28.46
C ASP B 310 -34.16 -2.31 -27.45
N ASP B 311 -35.39 -2.49 -27.92
CA ASP B 311 -36.49 -2.86 -27.07
C ASP B 311 -36.93 -4.33 -27.29
N GLU B 312 -36.12 -5.07 -28.03
CA GLU B 312 -36.46 -6.44 -28.37
C GLU B 312 -36.56 -7.25 -27.07
N GLU B 313 -37.66 -8.01 -26.97
CA GLU B 313 -37.98 -8.88 -25.82
C GLU B 313 -36.94 -9.96 -25.53
N TYR B 314 -36.48 -10.06 -24.27
CA TYR B 314 -35.70 -11.25 -23.88
C TYR B 314 -36.60 -12.37 -23.39
N VAL B 315 -36.21 -13.61 -23.67
CA VAL B 315 -36.97 -14.80 -23.33
C VAL B 315 -36.09 -15.75 -22.50
N PRO B 316 -36.70 -16.60 -21.63
CA PRO B 316 -35.81 -17.46 -20.82
C PRO B 316 -35.30 -18.63 -21.67
N SER B 317 -33.96 -18.80 -21.69
CA SER B 317 -33.30 -19.69 -22.65
C SER B 317 -32.44 -20.71 -21.92
N VAL B 318 -32.29 -21.87 -22.52
CA VAL B 318 -31.43 -22.93 -22.01
C VAL B 318 -30.49 -23.25 -23.17
N LEU B 319 -29.20 -23.21 -22.86
CA LEU B 319 -28.15 -23.42 -23.87
C LEU B 319 -27.54 -24.82 -23.69
N TYR B 320 -27.94 -25.75 -24.56
CA TYR B 320 -27.46 -27.14 -24.54
C TYR B 320 -26.26 -27.38 -25.48
N GLY B 321 -25.33 -28.23 -25.04
CA GLY B 321 -24.30 -28.77 -25.88
C GLY B 321 -24.85 -29.84 -26.83
N CYS B 322 -24.06 -30.15 -27.85
CA CYS B 322 -24.49 -31.02 -28.97
C CYS B 322 -24.43 -32.52 -28.66
N THR B 323 -23.81 -32.92 -27.54
CA THR B 323 -23.75 -34.35 -27.20
C THR B 323 -25.06 -35.00 -26.67
N CYS B 324 -25.09 -36.32 -26.65
N CYS B 324 -25.06 -36.32 -26.66
CA CYS B 324 -26.22 -37.07 -26.10
CA CYS B 324 -26.08 -37.19 -26.07
C CYS B 324 -26.28 -37.07 -24.55
C CYS B 324 -26.31 -36.96 -24.57
N ASP B 325 -25.28 -36.48 -23.89
CA ASP B 325 -25.21 -36.47 -22.43
C ASP B 325 -26.03 -35.36 -21.75
N GLY B 326 -26.77 -35.70 -20.72
CA GLY B 326 -27.63 -34.75 -19.97
C GLY B 326 -26.84 -33.72 -19.15
N VAL B 327 -25.63 -34.09 -18.76
CA VAL B 327 -24.72 -33.19 -18.05
C VAL B 327 -24.22 -32.05 -18.94
N ASP B 328 -24.26 -32.30 -20.26
CA ASP B 328 -23.71 -31.39 -21.23
C ASP B 328 -24.67 -30.20 -21.48
N VAL B 329 -24.61 -29.23 -20.57
CA VAL B 329 -25.43 -28.04 -20.66
C VAL B 329 -24.44 -26.86 -20.56
N ILE B 330 -24.45 -25.98 -21.56
CA ILE B 330 -23.57 -24.77 -21.51
C ILE B 330 -24.06 -23.71 -20.45
N ASN B 331 -25.38 -23.44 -20.45
CA ASN B 331 -25.99 -22.50 -19.53
C ASN B 331 -27.43 -22.95 -19.30
N HIS B 332 -27.75 -23.28 -18.04
CA HIS B 332 -29.06 -23.76 -17.62
C HIS B 332 -30.20 -22.74 -17.74
N ASN B 333 -29.86 -21.46 -17.57
CA ASN B 333 -30.85 -20.41 -17.55
C ASN B 333 -30.22 -19.07 -17.86
N VAL B 334 -30.65 -18.46 -18.96
CA VAL B 334 -30.12 -17.15 -19.33
C VAL B 334 -31.21 -16.42 -20.11
N ALA B 335 -31.38 -15.12 -19.85
CA ALA B 335 -32.29 -14.28 -20.62
C ALA B 335 -31.61 -13.78 -21.91
N LEU B 336 -32.27 -14.02 -23.04
CA LEU B 336 -31.73 -13.66 -24.36
C LEU B 336 -32.85 -13.34 -25.35
N PRO B 337 -32.52 -12.56 -26.42
CA PRO B 337 -33.42 -12.43 -27.56
C PRO B 337 -33.69 -13.83 -28.10
N GLU B 338 -34.86 -14.06 -28.70
CA GLU B 338 -35.16 -15.37 -29.32
C GLU B 338 -34.07 -15.63 -30.35
N LEU B 339 -33.56 -16.85 -30.34
CA LEU B 339 -32.62 -17.33 -31.37
C LEU B 339 -33.34 -18.25 -32.36
N HIS B 340 -32.68 -18.45 -33.50
CA HIS B 340 -33.14 -19.33 -34.58
C HIS B 340 -32.00 -20.18 -35.09
N ILE B 341 -32.34 -21.38 -35.56
CA ILE B 341 -31.38 -22.28 -36.13
C ILE B 341 -30.65 -21.51 -37.25
N GLY B 342 -29.33 -21.55 -37.20
CA GLY B 342 -28.47 -20.81 -38.13
C GLY B 342 -27.84 -19.56 -37.48
N ASP B 343 -28.43 -19.07 -36.38
CA ASP B 343 -27.85 -17.93 -35.63
C ASP B 343 -26.45 -18.27 -35.12
N TRP B 344 -25.52 -17.34 -35.27
CA TRP B 344 -24.20 -17.44 -34.66
C TRP B 344 -24.16 -16.59 -33.40
N VAL B 345 -23.54 -17.14 -32.36
CA VAL B 345 -23.21 -16.39 -31.17
C VAL B 345 -21.70 -16.54 -30.88
N TYR B 346 -21.17 -15.72 -29.97
CA TYR B 346 -19.82 -15.95 -29.51
C TYR B 346 -19.69 -15.67 -28.01
N PHE B 347 -18.78 -16.40 -27.39
CA PHE B 347 -18.46 -16.30 -25.98
C PHE B 347 -17.13 -15.55 -25.77
N PRO B 348 -17.18 -14.34 -25.20
CA PRO B 348 -15.98 -13.53 -24.97
C PRO B 348 -15.01 -14.24 -24.04
N SER B 349 -13.74 -13.88 -24.12
CA SER B 349 -12.73 -14.29 -23.15
C SER B 349 -12.71 -15.81 -22.91
N TRP B 350 -12.55 -16.54 -24.01
CA TRP B 350 -12.71 -17.99 -23.99
C TRP B 350 -11.42 -18.72 -24.41
N GLY B 351 -10.27 -18.27 -23.90
CA GLY B 351 -8.98 -18.87 -24.31
C GLY B 351 -8.29 -19.71 -23.25
N ALA B 352 -8.80 -19.65 -22.00
CA ALA B 352 -8.14 -20.35 -20.88
C ALA B 352 -8.82 -21.65 -20.50
N TYR B 353 -8.13 -22.78 -20.64
CA TYR B 353 -8.70 -24.11 -20.34
C TYR B 353 -9.96 -24.35 -21.18
N THR B 354 -9.83 -24.08 -22.48
CA THR B 354 -10.99 -24.22 -23.35
C THR B 354 -10.63 -25.21 -24.47
N ASN B 355 -9.95 -24.74 -25.48
CA ASN B 355 -9.55 -25.62 -26.57
C ASN B 355 -8.62 -26.77 -26.13
N VAL B 356 -7.86 -26.58 -25.06
CA VAL B 356 -6.94 -27.64 -24.60
C VAL B 356 -7.64 -28.87 -24.06
N LEU B 357 -8.90 -28.70 -23.67
CA LEU B 357 -9.70 -29.74 -23.05
C LEU B 357 -10.71 -30.42 -24.01
N THR B 358 -10.55 -30.19 -25.30
CA THR B 358 -11.51 -30.76 -26.27
C THR B 358 -11.41 -32.29 -26.34
N THR B 359 -12.57 -32.93 -26.50
CA THR B 359 -12.67 -34.37 -26.80
C THR B 359 -13.37 -34.61 -28.16
N SER B 360 -13.21 -35.81 -28.71
CA SER B 360 -13.99 -36.16 -29.88
C SER B 360 -15.26 -37.01 -29.53
N PHE B 361 -15.70 -36.88 -28.29
CA PHE B 361 -16.89 -37.64 -27.80
C PHE B 361 -18.10 -37.41 -28.74
N ASN B 362 -18.86 -38.48 -29.01
CA ASN B 362 -20.01 -38.45 -29.94
C ASN B 362 -19.65 -38.13 -31.41
N GLY B 363 -18.36 -37.97 -31.70
CA GLY B 363 -17.91 -37.60 -33.05
C GLY B 363 -17.95 -36.08 -33.22
N PHE B 364 -18.15 -35.33 -32.11
CA PHE B 364 -18.08 -33.87 -32.18
C PHE B 364 -16.67 -33.35 -31.77
N GLY B 365 -16.57 -32.07 -31.40
CA GLY B 365 -15.33 -31.53 -30.85
C GLY B 365 -14.40 -30.82 -31.83
N GLU B 366 -14.75 -30.86 -33.12
CA GLU B 366 -13.98 -30.15 -34.15
C GLU B 366 -14.24 -28.64 -34.09
N TYR B 367 -13.21 -27.85 -34.40
CA TYR B 367 -13.27 -26.40 -34.45
C TYR B 367 -12.21 -25.85 -35.43
N ASP B 368 -12.48 -24.66 -35.98
CA ASP B 368 -11.44 -23.92 -36.71
C ASP B 368 -10.86 -22.78 -35.86
N VAL B 369 -9.75 -22.20 -36.30
CA VAL B 369 -9.16 -21.06 -35.60
C VAL B 369 -8.84 -19.98 -36.63
N TYR B 370 -9.28 -18.76 -36.36
CA TYR B 370 -8.91 -17.60 -37.14
C TYR B 370 -8.11 -16.67 -36.28
N TYR B 371 -7.03 -16.14 -36.87
CA TYR B 371 -6.13 -15.22 -36.18
C TYR B 371 -6.37 -13.77 -36.63
N ILE B 372 -6.51 -12.92 -35.62
CA ILE B 372 -6.84 -11.48 -35.67
C ILE B 372 -8.07 -11.20 -36.48
N MET C 1 -54.77 -34.52 0.03
CA MET C 1 -55.31 -34.48 -1.33
C MET C 1 -56.00 -33.15 -1.61
N ASN C 2 -56.51 -33.00 -2.82
CA ASN C 2 -56.89 -31.67 -3.34
C ASN C 2 -58.08 -31.04 -2.65
N SER C 3 -59.20 -31.75 -2.65
CA SER C 3 -60.33 -31.30 -1.89
C SER C 3 -60.04 -31.38 -0.36
N VAL C 4 -59.23 -32.35 0.08
CA VAL C 4 -58.87 -32.47 1.50
C VAL C 4 -58.08 -31.25 2.01
N VAL C 5 -57.12 -30.84 1.20
CA VAL C 5 -56.26 -29.71 1.53
C VAL C 5 -57.05 -28.40 1.50
N ASN C 6 -57.94 -28.25 0.52
CA ASN C 6 -58.82 -27.08 0.41
C ASN C 6 -59.73 -26.91 1.61
N ASN C 7 -60.28 -28.02 2.09
CA ASN C 7 -61.15 -28.03 3.27
C ASN C 7 -60.40 -27.71 4.57
N ILE C 8 -59.15 -28.17 4.70
CA ILE C 8 -58.27 -27.77 5.82
C ILE C 8 -58.08 -26.24 5.81
N LEU C 9 -57.75 -25.70 4.63
CA LEU C 9 -57.64 -24.24 4.49
C LEU C 9 -58.89 -23.43 4.85
N LYS C 10 -60.06 -23.87 4.36
CA LYS C 10 -61.30 -23.21 4.67
C LYS C 10 -61.62 -23.28 6.18
N ALA C 11 -61.27 -24.42 6.78
CA ALA C 11 -61.46 -24.67 8.20
C ALA C 11 -60.46 -23.92 9.07
N HIS C 12 -59.30 -23.61 8.50
CA HIS C 12 -58.22 -22.89 9.17
C HIS C 12 -57.86 -21.65 8.32
N PRO C 13 -58.71 -20.60 8.35
CA PRO C 13 -58.55 -19.43 7.46
C PRO C 13 -57.33 -18.57 7.80
N HIS C 14 -56.86 -18.70 9.04
CA HIS C 14 -55.66 -17.99 9.46
C HIS C 14 -54.36 -18.79 9.35
N GLN C 15 -54.40 -19.90 8.60
CA GLN C 15 -53.18 -20.70 8.34
C GLN C 15 -52.11 -19.83 7.76
N THR C 16 -50.98 -19.78 8.46
CA THR C 16 -49.82 -18.99 8.02
C THR C 16 -48.64 -19.90 7.64
N LYS C 17 -48.26 -20.80 8.55
CA LYS C 17 -47.14 -21.74 8.29
C LYS C 17 -47.47 -22.78 7.21
N SER C 18 -46.43 -23.35 6.55
CA SER C 18 -46.59 -24.56 5.76
C SER C 18 -47.10 -25.69 6.65
N PHE C 19 -47.70 -26.72 6.05
CA PHE C 19 -48.27 -27.80 6.85
C PHE C 19 -48.24 -29.16 6.19
N TYR C 20 -48.03 -30.21 7.00
CA TYR C 20 -48.10 -31.57 6.48
C TYR C 20 -49.52 -32.08 6.67
N VAL C 21 -50.03 -32.79 5.68
CA VAL C 21 -51.32 -33.45 5.80
C VAL C 21 -51.03 -34.94 5.82
N SER C 22 -51.32 -35.56 6.96
CA SER C 22 -50.84 -36.91 7.21
C SER C 22 -51.97 -37.89 7.37
N SER C 23 -51.78 -39.07 6.79
CA SER C 23 -52.77 -40.12 6.71
C SER C 23 -52.32 -41.46 7.34
N PRO C 24 -52.73 -41.72 8.61
CA PRO C 24 -52.53 -43.01 9.27
C PRO C 24 -53.09 -44.20 8.48
N LYS C 25 -54.21 -44.00 7.79
CA LYS C 25 -54.81 -45.08 6.97
C LYS C 25 -53.95 -45.54 5.78
N ILE C 26 -53.29 -44.60 5.11
CA ILE C 26 -52.34 -44.96 4.06
C ILE C 26 -51.30 -45.96 4.60
N VAL C 27 -50.69 -45.62 5.73
CA VAL C 27 -49.70 -46.48 6.39
C VAL C 27 -50.29 -47.87 6.83
N GLU C 28 -51.47 -47.89 7.43
CA GLU C 28 -52.17 -49.17 7.75
C GLU C 28 -52.36 -50.06 6.50
N ASP C 29 -52.84 -49.47 5.41
CA ASP C 29 -53.01 -50.18 4.13
C ASP C 29 -51.67 -50.74 3.62
N LEU C 30 -50.62 -49.96 3.78
CA LEU C 30 -49.27 -50.34 3.35
C LEU C 30 -48.66 -51.42 4.23
N ILE C 31 -49.01 -51.42 5.53
CA ILE C 31 -48.58 -52.50 6.45
C ILE C 31 -49.22 -53.83 6.03
N ASP C 32 -50.50 -53.76 5.69
CA ASP C 32 -51.28 -54.88 5.15
C ASP C 32 -50.68 -55.41 3.83
N GLN C 33 -50.19 -54.49 2.99
CA GLN C 33 -49.52 -54.86 1.74
C GLN C 33 -48.16 -55.52 1.98
N TRP C 34 -47.37 -54.96 2.92
CA TRP C 34 -46.10 -55.56 3.31
C TRP C 34 -46.32 -57.04 3.73
N THR C 35 -47.36 -57.29 4.51
CA THR C 35 -47.74 -58.63 4.93
C THR C 35 -47.97 -59.59 3.75
N ILE C 36 -48.58 -59.11 2.68
CA ILE C 36 -48.81 -59.87 1.44
C ILE C 36 -47.52 -60.00 0.59
N LEU C 37 -46.78 -58.90 0.45
CA LEU C 37 -45.53 -58.85 -0.33
C LEU C 37 -44.38 -59.65 0.29
N PHE C 38 -44.20 -59.50 1.59
CA PHE C 38 -43.17 -60.23 2.33
C PHE C 38 -43.78 -61.05 3.48
N PRO C 39 -44.42 -62.21 3.17
CA PRO C 39 -45.08 -63.00 4.21
C PRO C 39 -44.16 -63.47 5.33
N ARG C 40 -42.85 -63.62 5.09
CA ARG C 40 -42.02 -64.04 6.22
C ARG C 40 -41.10 -62.99 6.84
N VAL C 41 -41.26 -61.73 6.44
CA VAL C 41 -40.40 -60.64 6.93
C VAL C 41 -41.15 -59.71 7.91
N THR C 42 -40.62 -59.63 9.14
CA THR C 42 -41.15 -58.72 10.16
C THR C 42 -40.48 -57.36 10.01
N PRO C 43 -41.27 -56.31 9.69
CA PRO C 43 -40.60 -55.02 9.53
C PRO C 43 -40.32 -54.33 10.88
N HIS C 44 -39.12 -53.75 10.99
CA HIS C 44 -38.70 -52.89 12.08
C HIS C 44 -38.54 -51.50 11.51
N TYR C 45 -39.59 -50.70 11.61
CA TYR C 45 -39.61 -49.38 11.03
C TYR C 45 -38.43 -48.48 11.49
N ALA C 46 -37.72 -47.91 10.51
CA ALA C 46 -36.61 -47.01 10.75
C ALA C 46 -37.14 -45.64 11.14
N VAL C 47 -37.24 -45.44 12.45
CA VAL C 47 -37.85 -44.21 13.00
C VAL C 47 -37.17 -42.92 12.52
N LYS C 48 -35.86 -42.99 12.24
CA LYS C 48 -35.16 -41.82 11.73
C LYS C 48 -35.86 -41.21 10.49
N CYS C 49 -36.56 -42.04 9.73
CA CYS C 49 -37.15 -41.60 8.46
C CYS C 49 -38.26 -40.56 8.71
N ASN C 50 -39.02 -40.81 9.77
CA ASN C 50 -40.14 -39.96 10.14
C ASN C 50 -40.60 -40.44 11.51
N ASN C 51 -40.38 -39.57 12.51
CA ASN C 51 -40.70 -39.87 13.92
C ASN C 51 -42.00 -39.26 14.42
N ASP C 52 -42.88 -38.87 13.48
CA ASP C 52 -44.22 -38.40 13.81
C ASP C 52 -44.89 -39.39 14.80
N GLU C 53 -45.43 -38.87 15.92
CA GLU C 53 -45.94 -39.69 17.05
C GLU C 53 -47.15 -40.49 16.62
N VAL C 54 -48.03 -39.87 15.84
CA VAL C 54 -49.21 -40.54 15.31
C VAL C 54 -48.76 -41.69 14.37
N LEU C 55 -47.77 -41.43 13.53
CA LEU C 55 -47.22 -42.49 12.67
C LEU C 55 -46.69 -43.68 13.51
N LEU C 56 -45.91 -43.37 14.54
CA LEU C 56 -45.31 -44.40 15.41
C LEU C 56 -46.39 -45.22 16.15
N LYS C 57 -47.38 -44.52 16.70
CA LYS C 57 -48.52 -45.18 17.35
C LYS C 57 -49.25 -46.12 16.37
N THR C 58 -49.49 -45.62 15.16
CA THR C 58 -50.24 -46.37 14.15
C THR C 58 -49.55 -47.70 13.87
N MET C 59 -48.23 -47.66 13.74
CA MET C 59 -47.43 -48.84 13.49
C MET C 59 -47.42 -49.78 14.68
N CYS C 60 -47.23 -49.22 15.86
CA CYS C 60 -47.25 -50.00 17.10
C CYS C 60 -48.51 -50.86 17.16
N ASP C 61 -49.64 -50.21 16.86
CA ASP C 61 -50.93 -50.83 16.93
C ASP C 61 -51.13 -51.92 15.87
N LYS C 62 -50.34 -51.82 14.79
CA LYS C 62 -50.40 -52.79 13.71
C LYS C 62 -49.35 -53.89 13.86
N ASN C 63 -48.71 -53.97 15.03
CA ASN C 63 -47.67 -54.98 15.30
C ASN C 63 -46.40 -54.86 14.43
N VAL C 64 -46.10 -53.65 14.01
CA VAL C 64 -44.82 -53.35 13.40
C VAL C 64 -43.83 -53.10 14.55
N ASN C 65 -42.61 -53.64 14.40
CA ASN C 65 -41.54 -53.38 15.36
C ASN C 65 -40.71 -52.15 14.91
N PHE C 66 -39.57 -51.90 15.55
CA PHE C 66 -38.87 -50.62 15.36
C PHE C 66 -37.36 -50.76 15.30
N ASP C 67 -36.78 -49.94 14.43
CA ASP C 67 -35.32 -49.79 14.31
C ASP C 67 -34.98 -48.38 14.85
N CYS C 68 -34.32 -48.31 16.01
CA CYS C 68 -33.87 -47.05 16.57
C CYS C 68 -32.38 -46.87 16.41
N ALA C 69 -31.96 -45.63 16.16
CA ALA C 69 -30.55 -45.36 15.85
C ALA C 69 -29.79 -44.69 17.00
N SER C 70 -30.54 -44.34 18.07
CA SER C 70 -30.01 -43.59 19.20
C SER C 70 -30.90 -43.76 20.44
N SER C 71 -30.36 -43.33 21.58
CA SER C 71 -31.12 -43.30 22.83
C SER C 71 -32.38 -42.42 22.71
N SER C 72 -32.24 -41.26 22.09
CA SER C 72 -33.42 -40.38 21.93
C SER C 72 -34.57 -41.06 21.15
N GLU C 73 -34.20 -41.82 20.11
CA GLU C 73 -35.17 -42.60 19.33
C GLU C 73 -35.75 -43.78 20.14
N ILE C 74 -34.91 -44.43 20.96
CA ILE C 74 -35.38 -45.44 21.91
C ILE C 74 -36.47 -44.84 22.84
N LYS C 75 -36.14 -43.71 23.47
CA LYS C 75 -37.09 -43.01 24.37
C LYS C 75 -38.41 -42.72 23.68
N LYS C 76 -38.33 -42.24 22.44
CA LYS C 76 -39.50 -41.85 21.69
C LYS C 76 -40.45 -43.02 21.46
N VAL C 77 -39.90 -44.17 21.06
CA VAL C 77 -40.69 -45.38 20.80
C VAL C 77 -41.32 -45.92 22.10
N ILE C 78 -40.48 -46.03 23.14
CA ILE C 78 -40.97 -46.44 24.48
C ILE C 78 -42.12 -45.56 24.98
N GLN C 79 -41.98 -44.24 24.82
CA GLN C 79 -43.00 -43.30 25.23
C GLN C 79 -44.32 -43.47 24.42
N ILE C 80 -44.22 -44.02 23.21
CA ILE C 80 -45.41 -44.40 22.43
C ILE C 80 -46.14 -45.58 23.11
N GLY C 81 -45.44 -46.29 24.00
CA GLY C 81 -46.04 -47.44 24.70
C GLY C 81 -45.58 -48.77 24.11
N VAL C 82 -44.56 -48.73 23.23
CA VAL C 82 -44.05 -49.93 22.61
C VAL C 82 -43.11 -50.63 23.59
N SER C 83 -43.18 -51.96 23.66
CA SER C 83 -42.27 -52.74 24.48
C SER C 83 -40.82 -52.61 23.95
N PRO C 84 -39.85 -52.39 24.86
CA PRO C 84 -38.42 -52.34 24.54
C PRO C 84 -37.97 -53.60 23.81
N SER C 85 -38.66 -54.73 24.05
CA SER C 85 -38.34 -56.00 23.40
C SER C 85 -38.58 -55.98 21.87
N ARG C 86 -39.37 -55.01 21.40
CA ARG C 86 -39.69 -54.84 20.00
C ARG C 86 -38.71 -53.93 19.21
N ILE C 87 -37.66 -53.46 19.86
CA ILE C 87 -36.71 -52.52 19.26
C ILE C 87 -35.41 -53.25 18.92
N ILE C 88 -34.89 -53.00 17.72
CA ILE C 88 -33.51 -53.31 17.35
C ILE C 88 -32.69 -52.01 17.29
N PHE C 89 -31.59 -51.98 18.05
CA PHE C 89 -30.67 -50.83 18.08
C PHE C 89 -29.75 -51.02 16.84
N ALA C 90 -30.29 -50.75 15.65
CA ALA C 90 -29.60 -51.12 14.39
C ALA C 90 -28.67 -50.01 13.90
N HIS C 91 -27.78 -49.58 14.78
CA HIS C 91 -26.68 -48.67 14.44
C HIS C 91 -25.40 -49.37 14.90
N THR C 92 -24.40 -49.47 14.03
CA THR C 92 -23.20 -50.23 14.38
C THR C 92 -22.27 -49.41 15.31
N MET C 93 -22.51 -48.11 15.40
CA MET C 93 -21.63 -47.23 16.21
C MET C 93 -22.54 -46.55 17.25
N LYS C 94 -22.44 -47.05 18.47
CA LYS C 94 -23.30 -46.59 19.58
C LYS C 94 -22.47 -46.08 20.75
N THR C 95 -22.83 -44.94 21.32
CA THR C 95 -22.10 -44.40 22.47
C THR C 95 -22.24 -45.36 23.67
N ILE C 96 -21.21 -45.37 24.50
CA ILE C 96 -21.22 -46.17 25.71
C ILE C 96 -22.46 -45.83 26.56
N ASP C 97 -22.79 -44.55 26.66
CA ASP C 97 -23.95 -44.13 27.48
C ASP C 97 -25.30 -44.56 26.89
N ASP C 98 -25.37 -44.57 25.57
CA ASP C 98 -26.53 -45.12 24.86
C ASP C 98 -26.66 -46.63 25.06
N LEU C 99 -25.53 -47.31 25.19
CA LEU C 99 -25.51 -48.77 25.42
C LEU C 99 -26.00 -49.09 26.87
N ILE C 100 -25.52 -48.32 27.84
CA ILE C 100 -25.97 -48.49 29.26
C ILE C 100 -27.47 -48.25 29.32
N PHE C 101 -27.92 -47.17 28.67
CA PHE C 101 -29.31 -46.82 28.57
C PHE C 101 -30.11 -47.96 27.94
N ALA C 102 -29.65 -48.43 26.78
CA ALA C 102 -30.28 -49.53 26.09
C ALA C 102 -30.47 -50.73 27.01
N LYS C 103 -29.39 -51.10 27.70
CA LYS C 103 -29.41 -52.27 28.57
C LYS C 103 -30.45 -52.11 29.72
N ASP C 104 -30.44 -50.94 30.35
CA ASP C 104 -31.40 -50.64 31.43
C ASP C 104 -32.85 -50.66 30.95
N GLN C 105 -33.10 -50.06 29.77
CA GLN C 105 -34.43 -49.97 29.17
C GLN C 105 -35.02 -51.30 28.69
N GLY C 106 -34.15 -52.22 28.29
CA GLY C 106 -34.58 -53.49 27.72
C GLY C 106 -34.35 -53.63 26.21
N VAL C 107 -33.56 -52.71 25.65
CA VAL C 107 -33.19 -52.80 24.25
C VAL C 107 -31.88 -53.61 24.16
N ASP C 108 -32.06 -54.89 23.80
CA ASP C 108 -30.97 -55.86 23.88
C ASP C 108 -30.76 -56.65 22.61
N ILE C 109 -31.03 -56.02 21.47
CA ILE C 109 -30.65 -56.48 20.13
C ILE C 109 -30.02 -55.28 19.44
N ALA C 110 -28.83 -55.50 18.86
CA ALA C 110 -28.06 -54.41 18.26
C ALA C 110 -27.14 -54.95 17.15
N THR C 111 -26.66 -54.04 16.30
CA THR C 111 -25.71 -54.38 15.20
C THR C 111 -24.29 -53.93 15.51
N PHE C 112 -23.30 -54.48 14.79
CA PHE C 112 -21.93 -54.03 14.92
C PHE C 112 -21.15 -54.33 13.62
N ASP C 113 -20.02 -53.67 13.46
CA ASP C 113 -19.15 -53.95 12.29
C ASP C 113 -17.67 -53.76 12.61
N SER C 114 -17.37 -53.71 13.91
CA SER C 114 -16.02 -53.44 14.40
C SER C 114 -15.73 -54.13 15.73
N SER C 115 -14.46 -54.51 15.91
CA SER C 115 -13.99 -55.12 17.17
C SER C 115 -14.14 -54.19 18.39
N PHE C 116 -13.91 -52.90 18.19
CA PHE C 116 -14.03 -51.93 19.29
C PHE C 116 -15.50 -51.82 19.77
N GLU C 117 -16.44 -52.03 18.86
CA GLU C 117 -17.87 -52.06 19.21
C GLU C 117 -18.14 -53.25 20.12
N LEU C 118 -17.55 -54.39 19.77
CA LEU C 118 -17.61 -55.56 20.64
C LEU C 118 -17.01 -55.35 22.03
N ASP C 119 -15.89 -54.63 22.09
CA ASP C 119 -15.31 -54.22 23.36
C ASP C 119 -16.31 -53.43 24.24
N LYS C 120 -17.01 -52.47 23.64
CA LYS C 120 -18.03 -51.69 24.34
C LYS C 120 -19.18 -52.59 24.82
N ILE C 121 -19.57 -53.56 23.98
CA ILE C 121 -20.65 -54.48 24.29
C ILE C 121 -20.29 -55.31 25.52
N HIS C 122 -19.10 -55.90 25.48
CA HIS C 122 -18.60 -56.77 26.54
C HIS C 122 -18.63 -56.04 27.90
N THR C 123 -18.16 -54.80 27.91
CA THR C 123 -18.05 -54.04 29.14
C THR C 123 -19.41 -53.52 29.64
N TYR C 124 -20.23 -53.02 28.72
CA TYR C 124 -21.38 -52.20 29.05
C TYR C 124 -22.75 -52.84 28.79
N HIS C 125 -22.79 -53.81 27.89
CA HIS C 125 -24.06 -54.47 27.54
C HIS C 125 -23.84 -55.93 27.13
N PRO C 126 -23.22 -56.74 28.03
CA PRO C 126 -22.60 -58.03 27.64
C PRO C 126 -23.54 -59.10 27.12
N ASN C 127 -24.82 -58.97 27.43
CA ASN C 127 -25.84 -59.97 27.02
C ASN C 127 -26.73 -59.49 25.85
N CYS C 128 -26.32 -58.37 25.25
CA CYS C 128 -27.04 -57.80 24.15
C CYS C 128 -26.83 -58.75 22.96
N LYS C 129 -27.93 -59.16 22.33
CA LYS C 129 -27.87 -60.04 21.18
C LYS C 129 -27.41 -59.25 19.97
N MET C 130 -26.35 -59.72 19.31
CA MET C 130 -25.66 -58.95 18.28
C MET C 130 -25.90 -59.50 16.87
N ILE C 131 -26.06 -58.57 15.93
CA ILE C 131 -26.20 -58.88 14.50
C ILE C 131 -25.01 -58.26 13.80
N LEU C 132 -24.27 -59.09 13.05
CA LEU C 132 -23.14 -58.58 12.27
C LEU C 132 -23.65 -57.91 10.99
N ARG C 133 -23.36 -56.62 10.83
CA ARG C 133 -23.71 -55.93 9.58
C ARG C 133 -22.55 -56.07 8.58
N ILE C 134 -22.84 -56.65 7.41
CA ILE C 134 -21.83 -56.80 6.33
C ILE C 134 -22.05 -55.77 5.25
N ARG C 135 -20.98 -55.33 4.59
CA ARG C 135 -21.12 -54.37 3.51
C ARG C 135 -21.52 -55.10 2.23
N CYS C 136 -22.59 -54.63 1.60
CA CYS C 136 -23.10 -55.20 0.35
C CYS C 136 -23.82 -54.10 -0.43
N ASP C 137 -23.14 -53.38 -1.30
CA ASP C 137 -23.70 -52.14 -1.87
C ASP C 137 -24.56 -52.34 -3.13
N ASP C 138 -25.59 -51.53 -3.23
CA ASP C 138 -26.24 -51.31 -4.51
C ASP C 138 -25.52 -50.11 -5.17
N PRO C 139 -24.80 -50.35 -6.30
CA PRO C 139 -24.14 -49.22 -7.00
C PRO C 139 -25.11 -48.10 -7.42
N ASN C 140 -26.40 -48.44 -7.56
CA ASN C 140 -27.41 -47.53 -8.11
C ASN C 140 -28.34 -46.92 -7.07
N ALA C 141 -28.11 -47.27 -5.80
CA ALA C 141 -28.91 -46.69 -4.72
C ALA C 141 -28.70 -45.17 -4.74
N ALA C 142 -29.78 -44.44 -4.45
CA ALA C 142 -29.75 -42.96 -4.29
C ALA C 142 -28.80 -42.44 -3.19
N VAL C 143 -28.80 -43.09 -2.03
CA VAL C 143 -27.92 -42.70 -0.90
C VAL C 143 -27.03 -43.91 -0.55
N GLN C 144 -25.73 -43.75 -0.88
CA GLN C 144 -24.66 -44.73 -0.59
C GLN C 144 -24.21 -44.78 0.90
N LEU C 145 -23.93 -45.99 1.39
CA LEU C 145 -23.75 -46.27 2.88
C LEU C 145 -22.56 -47.20 3.19
N GLY C 146 -22.10 -47.98 2.20
CA GLY C 146 -21.11 -49.03 2.48
C GLY C 146 -19.68 -48.58 2.81
N ASN C 147 -19.29 -47.42 2.31
CA ASN C 147 -18.08 -46.69 2.78
C ASN C 147 -17.93 -46.58 4.34
N LYS C 148 -19.01 -46.16 4.97
CA LYS C 148 -19.01 -45.81 6.39
C LYS C 148 -19.39 -47.01 7.26
N PHE C 149 -20.22 -47.92 6.73
CA PHE C 149 -20.82 -48.99 7.57
C PHE C 149 -20.69 -50.38 6.91
N GLY C 150 -20.61 -51.42 7.75
CA GLY C 150 -20.59 -52.81 7.32
C GLY C 150 -19.20 -53.39 7.25
N ALA C 151 -19.09 -54.65 7.64
CA ALA C 151 -17.83 -55.37 7.59
C ALA C 151 -17.50 -55.77 6.16
N ASN C 152 -16.22 -55.66 5.80
CA ASN C 152 -15.70 -56.23 4.59
C ASN C 152 -15.62 -57.75 4.70
N GLU C 153 -15.70 -58.44 3.57
CA GLU C 153 -15.65 -59.91 3.53
C GLU C 153 -14.45 -60.50 4.29
N ASP C 154 -13.31 -59.86 4.17
CA ASP C 154 -12.08 -60.35 4.78
C ASP C 154 -12.01 -60.16 6.30
N GLU C 155 -12.97 -59.44 6.87
CA GLU C 155 -12.97 -59.25 8.32
C GLU C 155 -14.12 -59.98 9.07
N ILE C 156 -15.01 -60.63 8.31
CA ILE C 156 -16.18 -61.37 8.83
C ILE C 156 -15.79 -62.43 9.88
N ARG C 157 -14.93 -63.37 9.47
CA ARG C 157 -14.46 -64.47 10.32
C ARG C 157 -13.84 -63.96 11.62
N HIS C 158 -12.87 -63.03 11.52
CA HIS C 158 -12.21 -62.44 12.71
C HIS C 158 -13.19 -61.77 13.69
N LEU C 159 -14.12 -60.97 13.17
CA LEU C 159 -15.18 -60.35 13.98
C LEU C 159 -16.02 -61.37 14.74
N LEU C 160 -16.38 -62.44 14.04
CA LEU C 160 -17.19 -63.49 14.64
C LEU C 160 -16.42 -64.25 15.71
N GLU C 161 -15.13 -64.49 15.46
CA GLU C 161 -14.28 -65.16 16.43
C GLU C 161 -14.07 -64.28 17.66
N TYR C 162 -13.85 -62.99 17.40
CA TYR C 162 -13.62 -62.02 18.46
C TYR C 162 -14.85 -61.89 19.38
N ALA C 163 -16.04 -61.94 18.78
CA ALA C 163 -17.29 -61.92 19.60
C ALA C 163 -17.43 -63.19 20.47
N LYS C 164 -17.18 -64.35 19.85
CA LYS C 164 -17.07 -65.63 20.59
C LYS C 164 -16.08 -65.57 21.77
N GLN C 165 -14.88 -65.03 21.50
CA GLN C 165 -13.89 -64.82 22.54
C GLN C 165 -14.39 -63.93 23.71
N LEU C 166 -15.23 -62.94 23.43
CA LEU C 166 -15.74 -62.06 24.49
C LEU C 166 -17.07 -62.57 25.07
N ASP C 167 -17.47 -63.76 24.65
CA ASP C 167 -18.70 -64.39 25.11
C ASP C 167 -19.90 -63.61 24.66
N ILE C 168 -19.81 -63.03 23.47
CA ILE C 168 -20.92 -62.22 22.94
C ILE C 168 -21.76 -63.06 22.01
N GLU C 169 -23.08 -63.13 22.26
CA GLU C 169 -23.97 -63.92 21.42
C GLU C 169 -24.29 -63.25 20.06
N VAL C 170 -23.75 -63.79 18.98
CA VAL C 170 -24.12 -63.30 17.63
C VAL C 170 -25.30 -64.13 17.09
N ILE C 171 -26.42 -63.48 16.81
CA ILE C 171 -27.64 -64.21 16.44
C ILE C 171 -28.04 -64.06 14.96
N GLY C 172 -27.33 -63.19 14.23
CA GLY C 172 -27.68 -63.00 12.82
C GLY C 172 -26.76 -62.10 12.06
N ILE C 173 -27.15 -61.88 10.80
CA ILE C 173 -26.45 -61.06 9.84
C ILE C 173 -27.41 -60.04 9.25
N SER C 174 -26.93 -58.80 9.13
CA SER C 174 -27.63 -57.76 8.41
C SER C 174 -26.80 -57.10 7.29
N PHE C 175 -27.52 -56.39 6.44
CA PHE C 175 -26.94 -55.48 5.44
C PHE C 175 -27.92 -54.36 5.16
N HIS C 176 -27.39 -53.30 4.59
CA HIS C 176 -28.18 -52.29 3.93
C HIS C 176 -27.52 -51.95 2.59
N VAL C 177 -28.22 -52.25 1.49
CA VAL C 177 -27.64 -52.03 0.15
C VAL C 177 -27.43 -50.56 -0.20
N GLY C 178 -28.19 -49.69 0.47
CA GLY C 178 -28.23 -48.26 0.17
C GLY C 178 -29.66 -47.78 0.19
N SER C 179 -29.86 -46.53 0.59
CA SER C 179 -31.21 -46.00 0.77
C SER C 179 -31.76 -45.54 -0.58
N GLY C 180 -33.00 -45.94 -0.89
CA GLY C 180 -33.66 -45.60 -2.12
C GLY C 180 -33.12 -46.44 -3.27
N SER C 181 -33.34 -47.75 -3.18
CA SER C 181 -32.84 -48.74 -4.08
C SER C 181 -33.95 -49.27 -4.98
N ARG C 182 -33.65 -49.36 -6.26
CA ARG C 182 -34.57 -50.06 -7.19
C ARG C 182 -33.84 -51.17 -7.96
N ASN C 183 -32.86 -51.81 -7.30
CA ASN C 183 -32.00 -52.81 -7.95
C ASN C 183 -32.13 -54.20 -7.28
N PRO C 184 -32.92 -55.10 -7.89
CA PRO C 184 -33.25 -56.36 -7.22
C PRO C 184 -32.03 -57.25 -7.05
N GLU C 185 -31.14 -57.26 -8.05
CA GLU C 185 -29.91 -58.06 -7.99
C GLU C 185 -29.07 -57.68 -6.75
N ALA C 186 -29.01 -56.40 -6.40
CA ALA C 186 -28.30 -55.97 -5.20
C ALA C 186 -28.79 -56.74 -3.96
N TYR C 187 -30.09 -56.95 -3.83
CA TYR C 187 -30.66 -57.66 -2.66
C TYR C 187 -30.34 -59.15 -2.73
N TYR C 188 -30.43 -59.68 -3.95
CA TYR C 188 -30.16 -61.09 -4.18
C TYR C 188 -28.73 -61.46 -3.78
N ARG C 189 -27.77 -60.65 -4.25
CA ARG C 189 -26.35 -60.86 -3.96
C ARG C 189 -26.08 -60.67 -2.45
N ALA C 190 -26.69 -59.66 -1.87
CA ALA C 190 -26.52 -59.38 -0.44
C ALA C 190 -27.02 -60.53 0.43
N ILE C 191 -28.16 -61.13 0.04
CA ILE C 191 -28.75 -62.26 0.79
C ILE C 191 -27.85 -63.49 0.64
N LYS C 192 -27.29 -63.67 -0.55
CA LYS C 192 -26.31 -64.73 -0.76
C LYS C 192 -25.07 -64.56 0.14
N SER C 193 -24.50 -63.36 0.10
CA SER C 193 -23.34 -63.01 0.93
C SER C 193 -23.68 -63.19 2.43
N SER C 194 -24.92 -62.87 2.78
CA SER C 194 -25.41 -63.04 4.18
C SER C 194 -25.43 -64.51 4.62
N LYS C 195 -25.81 -65.39 3.70
CA LYS C 195 -25.77 -66.84 3.95
C LYS C 195 -24.33 -67.31 4.21
N GLU C 196 -23.41 -66.83 3.38
CA GLU C 196 -21.98 -67.16 3.51
C GLU C 196 -21.41 -66.69 4.87
N ALA C 197 -21.79 -65.48 5.29
CA ALA C 197 -21.41 -64.96 6.61
C ALA C 197 -22.09 -65.73 7.75
N PHE C 198 -23.32 -66.12 7.47
CA PHE C 198 -24.14 -66.92 8.38
C PHE C 198 -23.43 -68.27 8.60
N ASN C 199 -22.94 -68.88 7.53
CA ASN C 199 -22.23 -70.14 7.60
C ASN C 199 -20.93 -70.06 8.40
N GLU C 200 -20.24 -68.94 8.22
CA GLU C 200 -19.06 -68.60 8.99
C GLU C 200 -19.34 -68.48 10.51
N ALA C 201 -20.48 -67.89 10.86
CA ALA C 201 -20.85 -67.74 12.28
C ALA C 201 -21.05 -69.10 12.95
N ILE C 202 -21.70 -70.01 12.21
CA ILE C 202 -21.96 -71.38 12.65
C ILE C 202 -20.60 -72.05 12.88
N SER C 203 -19.76 -72.00 11.86
CA SER C 203 -18.40 -72.58 11.90
C SER C 203 -17.63 -72.17 13.15
N VAL C 204 -17.83 -70.91 13.57
CA VAL C 204 -17.10 -70.28 14.67
C VAL C 204 -17.67 -70.72 16.01
N GLY C 205 -18.93 -71.16 15.99
CA GLY C 205 -19.57 -71.67 17.19
C GLY C 205 -20.80 -70.88 17.62
N HIS C 206 -21.13 -69.82 16.88
CA HIS C 206 -22.38 -69.07 17.14
C HIS C 206 -23.55 -69.89 16.58
N LYS C 207 -24.75 -69.58 17.04
CA LYS C 207 -25.96 -70.27 16.57
C LYS C 207 -26.99 -69.28 16.02
N PRO C 208 -26.66 -68.64 14.89
CA PRO C 208 -27.50 -67.56 14.38
C PRO C 208 -28.83 -68.05 13.82
N TYR C 209 -29.81 -67.16 13.83
CA TYR C 209 -31.13 -67.50 13.28
C TYR C 209 -31.85 -66.29 12.69
N ILE C 210 -31.19 -65.13 12.62
CA ILE C 210 -31.80 -63.95 11.99
C ILE C 210 -31.10 -63.51 10.68
N LEU C 211 -31.89 -63.37 9.61
CA LEU C 211 -31.54 -62.54 8.47
C LEU C 211 -32.23 -61.17 8.52
N ASP C 212 -31.43 -60.10 8.49
CA ASP C 212 -31.91 -58.72 8.49
C ASP C 212 -31.54 -58.09 7.13
N ILE C 213 -32.57 -57.91 6.30
CA ILE C 213 -32.39 -57.40 4.93
C ILE C 213 -32.30 -55.86 4.81
N GLY C 214 -32.19 -55.18 5.96
CA GLY C 214 -32.05 -53.73 5.96
C GLY C 214 -33.23 -52.99 5.31
N GLY C 215 -32.92 -51.82 4.75
CA GLY C 215 -33.94 -50.96 4.19
C GLY C 215 -33.71 -50.71 2.72
N GLY C 216 -34.18 -49.56 2.24
CA GLY C 216 -33.90 -49.09 0.87
C GLY C 216 -35.01 -49.18 -0.15
N LEU C 217 -36.00 -50.00 0.15
CA LEU C 217 -37.14 -50.22 -0.75
C LEU C 217 -38.15 -49.05 -0.80
N HIS C 218 -38.58 -48.72 -2.01
CA HIS C 218 -39.70 -47.80 -2.24
C HIS C 218 -41.05 -48.56 -2.25
N ALA C 219 -42.11 -47.87 -1.87
CA ALA C 219 -43.45 -48.34 -2.14
C ALA C 219 -43.81 -47.63 -3.44
N ASP C 220 -43.47 -48.27 -4.57
CA ASP C 220 -43.73 -47.68 -5.88
C ASP C 220 -45.15 -48.04 -6.35
N ILE C 221 -45.98 -47.03 -6.55
CA ILE C 221 -47.39 -47.29 -6.82
C ILE C 221 -47.74 -46.94 -8.27
N LEU C 226 -49.39 -51.21 -6.00
CA LEU C 226 -48.07 -51.47 -5.44
C LEU C 226 -47.27 -52.43 -6.28
N SER C 227 -46.19 -51.91 -6.86
CA SER C 227 -45.20 -52.72 -7.57
C SER C 227 -44.66 -53.85 -6.71
N THR C 228 -44.61 -55.04 -7.30
CA THR C 228 -44.04 -56.20 -6.63
C THR C 228 -42.74 -56.57 -7.32
N MET C 230 -39.30 -55.80 -6.77
CA MET C 230 -38.37 -55.94 -5.64
C MET C 230 -38.74 -57.15 -4.74
N SER C 231 -39.95 -57.15 -4.18
CA SER C 231 -40.44 -58.22 -3.29
C SER C 231 -40.32 -59.63 -3.89
N ASP C 232 -40.67 -59.80 -5.15
CA ASP C 232 -40.64 -61.13 -5.77
C ASP C 232 -39.22 -61.68 -5.78
N TYR C 233 -38.30 -60.84 -6.19
CA TYR C 233 -36.91 -61.18 -6.21
C TYR C 233 -36.27 -61.41 -4.84
N ILE C 234 -36.63 -60.57 -3.89
CA ILE C 234 -36.18 -60.77 -2.50
C ILE C 234 -36.67 -62.14 -1.95
N ASN C 235 -37.96 -62.40 -2.12
CA ASN C 235 -38.54 -63.68 -1.72
C ASN C 235 -37.91 -64.92 -2.35
N ASP C 236 -37.46 -64.80 -3.60
CA ASP C 236 -36.72 -65.88 -4.25
C ASP C 236 -35.34 -66.11 -3.59
N ALA C 237 -34.59 -65.04 -3.38
CA ALA C 237 -33.33 -65.08 -2.63
C ALA C 237 -33.49 -65.73 -1.25
N ILE C 238 -34.59 -65.39 -0.57
CA ILE C 238 -34.92 -65.97 0.74
C ILE C 238 -35.12 -67.49 0.60
N LYS C 239 -35.80 -67.90 -0.48
CA LYS C 239 -36.06 -69.33 -0.73
C LYS C 239 -34.76 -70.06 -1.07
N ASP C 240 -33.95 -69.44 -1.92
CA ASP C 240 -32.70 -70.05 -2.37
C ASP C 240 -31.69 -70.28 -1.27
N PHE C 241 -31.61 -69.32 -0.34
CA PHE C 241 -30.52 -69.25 0.65
C PHE C 241 -30.92 -69.46 2.09
N PHE C 242 -32.16 -69.13 2.43
CA PHE C 242 -32.64 -69.30 3.79
C PHE C 242 -33.99 -70.01 3.82
N PRO C 243 -34.10 -71.18 3.15
CA PRO C 243 -35.41 -71.84 3.09
C PRO C 243 -35.88 -72.39 4.43
N GLU C 244 -34.93 -72.60 5.34
CA GLU C 244 -35.15 -73.22 6.65
C GLU C 244 -36.23 -72.47 7.46
N ASP C 245 -37.13 -73.20 8.12
CA ASP C 245 -38.17 -72.49 8.88
C ASP C 245 -37.66 -72.03 10.26
N THR C 246 -36.44 -72.46 10.62
CA THR C 246 -35.82 -72.07 11.88
C THR C 246 -35.15 -70.70 11.77
N VAL C 247 -35.02 -70.17 10.55
CA VAL C 247 -34.49 -68.81 10.36
C VAL C 247 -35.62 -67.78 10.36
N THR C 248 -35.47 -66.78 11.24
CA THR C 248 -36.33 -65.61 11.36
C THR C 248 -35.79 -64.43 10.51
N ILE C 249 -36.66 -63.88 9.67
CA ILE C 249 -36.29 -62.79 8.79
C ILE C 249 -36.95 -61.48 9.18
N VAL C 250 -36.12 -60.45 9.26
CA VAL C 250 -36.54 -59.08 9.55
C VAL C 250 -36.03 -58.08 8.49
N ALA C 251 -36.61 -56.88 8.50
CA ALA C 251 -36.21 -55.78 7.62
C ALA C 251 -36.19 -54.48 8.43
N GLU C 252 -35.55 -53.44 7.89
CA GLU C 252 -35.50 -52.11 8.51
C GLU C 252 -36.04 -51.01 7.59
N PRO C 253 -37.28 -51.15 7.08
CA PRO C 253 -37.73 -50.18 6.07
C PRO C 253 -38.06 -48.84 6.74
N GLY C 254 -37.67 -47.73 6.10
CA GLY C 254 -38.08 -46.39 6.53
C GLY C 254 -39.01 -45.78 5.49
N ARG C 255 -38.46 -45.50 4.30
CA ARG C 255 -39.20 -44.80 3.25
C ARG C 255 -40.40 -45.59 2.70
N PHE C 256 -40.32 -46.92 2.71
CA PHE C 256 -41.39 -47.73 2.15
C PHE C 256 -42.72 -47.27 2.81
N PHE C 257 -42.67 -47.08 4.13
CA PHE C 257 -43.85 -46.67 4.93
C PHE C 257 -44.10 -45.16 5.07
N ALA C 258 -43.02 -44.38 5.24
CA ALA C 258 -43.13 -42.94 5.46
C ALA C 258 -43.45 -42.08 4.20
N GLU C 259 -42.90 -42.48 3.04
CA GLU C 259 -43.00 -41.67 1.81
C GLU C 259 -44.40 -41.12 1.57
N HIS C 260 -45.38 -42.02 1.46
CA HIS C 260 -46.75 -41.64 1.12
C HIS C 260 -47.64 -41.18 2.30
N TYR C 261 -47.03 -41.09 3.47
CA TYR C 261 -47.75 -40.79 4.70
C TYR C 261 -48.30 -39.35 4.66
N SER C 262 -47.50 -38.42 4.14
CA SER C 262 -47.84 -37.00 4.10
C SER C 262 -47.73 -36.36 2.73
N VAL C 263 -48.48 -35.27 2.59
CA VAL C 263 -48.16 -34.22 1.63
C VAL C 263 -47.75 -32.96 2.37
N LEU C 264 -46.93 -32.14 1.73
CA LEU C 264 -46.52 -30.87 2.28
C LEU C 264 -47.13 -29.67 1.54
N ALA C 265 -48.01 -28.95 2.22
CA ALA C 265 -48.66 -27.77 1.64
C ALA C 265 -47.83 -26.55 2.02
N THR C 266 -47.59 -25.67 1.06
CA THR C 266 -46.76 -24.48 1.26
C THR C 266 -47.33 -23.33 0.41
N GLN C 267 -47.11 -22.11 0.85
CA GLN C 267 -47.72 -20.93 0.22
C GLN C 267 -46.70 -20.07 -0.54
N VAL C 268 -47.09 -19.58 -1.72
CA VAL C 268 -46.36 -18.54 -2.42
C VAL C 268 -46.41 -17.24 -1.59
N ILE C 269 -45.25 -16.79 -1.12
CA ILE C 269 -45.14 -15.56 -0.32
C ILE C 269 -44.47 -14.39 -1.02
N GLY C 270 -43.71 -14.68 -2.09
CA GLY C 270 -43.00 -13.65 -2.83
C GLY C 270 -42.96 -14.06 -4.30
N LYS C 271 -42.73 -13.06 -5.15
CA LYS C 271 -42.85 -13.21 -6.59
C LYS C 271 -41.99 -12.17 -7.31
N ARG C 272 -41.48 -12.57 -8.46
CA ARG C 272 -40.63 -11.72 -9.28
C ARG C 272 -40.69 -12.29 -10.69
N VAL C 273 -41.03 -11.47 -11.67
CA VAL C 273 -41.11 -11.88 -13.08
C VAL C 273 -40.10 -11.08 -13.90
N ARG C 274 -39.17 -11.78 -14.53
CA ARG C 274 -38.08 -11.15 -15.27
C ARG C 274 -37.84 -11.87 -16.61
N ASP C 275 -38.09 -11.14 -17.69
CA ASP C 275 -37.86 -11.62 -19.06
C ASP C 275 -38.51 -12.98 -19.34
N GLY C 276 -39.79 -13.08 -19.00
CA GLY C 276 -40.59 -14.28 -19.20
C GLY C 276 -40.36 -15.44 -18.24
N LEU C 277 -39.49 -15.25 -17.24
CA LEU C 277 -39.25 -16.26 -16.23
C LEU C 277 -39.96 -15.87 -14.91
N TYR C 278 -40.68 -16.83 -14.31
CA TYR C 278 -41.59 -16.54 -13.17
C TYR C 278 -40.96 -17.14 -11.91
N GLU C 279 -40.46 -16.28 -11.01
CA GLU C 279 -39.68 -16.69 -9.85
C GLU C 279 -40.55 -16.51 -8.58
N TYR C 280 -40.65 -17.58 -7.79
CA TYR C 280 -41.53 -17.63 -6.64
C TYR C 280 -40.76 -18.03 -5.39
N PHE C 281 -41.18 -17.48 -4.24
CA PHE C 281 -40.60 -17.82 -2.95
C PHE C 281 -41.74 -18.37 -2.11
N PHE C 282 -41.47 -19.47 -1.44
CA PHE C 282 -42.48 -20.16 -0.63
C PHE C 282 -42.08 -20.08 0.82
N ASN C 283 -43.03 -20.35 1.72
CA ASN C 283 -42.75 -20.38 3.17
C ASN C 283 -42.18 -21.74 3.60
N GLU C 284 -41.46 -22.37 2.68
CA GLU C 284 -40.73 -23.59 2.94
C GLU C 284 -39.31 -23.44 2.31
N SER C 285 -38.41 -24.35 2.61
CA SER C 285 -37.03 -24.25 2.11
C SER C 285 -36.30 -25.60 2.19
N THR C 286 -35.13 -25.66 1.58
CA THR C 286 -34.28 -26.83 1.65
C THR C 286 -33.71 -26.99 3.08
N TYR C 287 -33.81 -25.93 3.87
CA TYR C 287 -33.44 -25.95 5.28
C TYR C 287 -34.65 -26.28 6.18
N GLY C 288 -35.83 -26.38 5.57
CA GLY C 288 -37.07 -26.79 6.24
C GLY C 288 -37.38 -28.23 5.84
N GLY C 289 -38.47 -28.45 5.08
CA GLY C 289 -38.86 -29.79 4.60
C GLY C 289 -38.22 -30.30 3.29
N PHE C 290 -37.39 -29.50 2.65
CA PHE C 290 -36.96 -29.87 1.28
C PHE C 290 -35.47 -30.26 1.22
N SER C 291 -34.95 -30.82 2.32
CA SER C 291 -33.55 -31.35 2.34
C SER C 291 -33.26 -32.39 1.21
N ASN C 292 -34.26 -33.20 0.87
CA ASN C 292 -34.15 -34.23 -0.20
C ASN C 292 -33.77 -33.65 -1.56
N VAL C 293 -34.14 -32.39 -1.80
CA VAL C 293 -33.62 -31.67 -2.98
C VAL C 293 -32.08 -31.66 -3.02
N ILE C 294 -31.46 -31.53 -1.86
CA ILE C 294 -29.98 -31.50 -1.75
C ILE C 294 -29.39 -32.92 -1.72
N PHE C 295 -29.94 -33.80 -0.87
CA PHE C 295 -29.26 -35.08 -0.63
C PHE C 295 -29.74 -36.22 -1.49
N GLU C 296 -30.93 -36.10 -2.05
CA GLU C 296 -31.50 -37.17 -2.91
C GLU C 296 -31.76 -36.71 -4.32
N LYS C 297 -31.30 -35.49 -4.61
CA LYS C 297 -31.48 -34.89 -5.94
C LYS C 297 -32.94 -34.90 -6.42
N SER C 298 -33.85 -34.70 -5.47
CA SER C 298 -35.28 -34.68 -5.79
C SER C 298 -35.56 -33.45 -6.69
N VAL C 299 -36.45 -33.61 -7.68
CA VAL C 299 -36.91 -32.48 -8.52
C VAL C 299 -38.45 -32.51 -8.47
N PRO C 300 -39.06 -32.06 -7.34
CA PRO C 300 -40.50 -32.26 -7.09
C PRO C 300 -41.39 -31.19 -7.74
N THR C 301 -42.53 -31.62 -8.25
CA THR C 301 -43.44 -30.73 -8.96
C THR C 301 -44.64 -30.54 -8.03
N PRO C 302 -44.98 -29.28 -7.74
CA PRO C 302 -46.14 -29.06 -6.87
C PRO C 302 -47.47 -29.30 -7.57
N GLN C 303 -48.50 -29.56 -6.80
CA GLN C 303 -49.89 -29.53 -7.29
C GLN C 303 -50.51 -28.19 -6.90
N LEU C 304 -51.13 -27.49 -7.85
CA LEU C 304 -51.82 -26.24 -7.53
C LEU C 304 -53.15 -26.48 -6.86
N LEU C 305 -53.45 -25.73 -5.81
CA LEU C 305 -54.74 -25.83 -5.14
C LEU C 305 -55.83 -25.13 -5.95
N ARG C 306 -55.55 -23.90 -6.38
CA ARG C 306 -56.47 -23.14 -7.21
C ARG C 306 -56.75 -23.88 -8.51
N ASP C 307 -58.03 -24.04 -8.82
CA ASP C 307 -58.43 -24.66 -10.08
C ASP C 307 -58.17 -23.75 -11.29
N VAL C 308 -57.69 -24.35 -12.36
CA VAL C 308 -57.40 -23.59 -13.58
C VAL C 308 -58.10 -24.26 -14.76
N PRO C 309 -58.43 -23.48 -15.80
CA PRO C 309 -59.01 -24.02 -17.02
C PRO C 309 -58.06 -25.01 -17.68
N ASP C 310 -58.58 -25.84 -18.59
CA ASP C 310 -57.75 -26.86 -19.25
C ASP C 310 -56.84 -26.23 -20.32
N ASP C 311 -57.23 -25.05 -20.80
CA ASP C 311 -56.41 -24.29 -21.73
C ASP C 311 -55.45 -23.25 -21.07
N GLU C 312 -55.20 -23.41 -19.78
CA GLU C 312 -54.32 -22.48 -19.04
C GLU C 312 -52.90 -22.57 -19.57
N GLU C 313 -52.32 -21.41 -19.83
CA GLU C 313 -50.93 -21.31 -20.27
C GLU C 313 -49.99 -21.73 -19.13
N TYR C 314 -49.05 -22.62 -19.40
CA TYR C 314 -47.98 -22.88 -18.43
C TYR C 314 -46.80 -21.97 -18.73
N VAL C 315 -46.17 -21.47 -17.68
CA VAL C 315 -45.02 -20.57 -17.79
C VAL C 315 -43.77 -21.21 -17.15
N PRO C 316 -42.54 -20.82 -17.61
CA PRO C 316 -41.34 -21.37 -16.99
C PRO C 316 -41.19 -20.77 -15.59
N SER C 317 -41.14 -21.63 -14.59
CA SER C 317 -41.15 -21.20 -13.20
C SER C 317 -39.94 -21.70 -12.43
N VAL C 318 -39.57 -20.96 -11.39
CA VAL C 318 -38.46 -21.30 -10.52
C VAL C 318 -39.01 -21.25 -9.09
N LEU C 319 -38.80 -22.32 -8.35
CA LEU C 319 -39.37 -22.40 -6.99
C LEU C 319 -38.29 -22.23 -5.95
N TYR C 320 -38.23 -21.04 -5.34
CA TYR C 320 -37.21 -20.79 -4.32
C TYR C 320 -37.69 -21.02 -2.89
N GLY C 321 -36.77 -21.50 -2.05
CA GLY C 321 -37.00 -21.58 -0.62
C GLY C 321 -36.86 -20.20 0.03
N CYS C 322 -37.41 -20.06 1.23
CA CYS C 322 -37.50 -18.77 1.91
C CYS C 322 -36.21 -18.23 2.49
N THR C 323 -35.16 -19.05 2.62
CA THR C 323 -33.92 -18.56 3.28
C THR C 323 -33.10 -17.60 2.43
N CYS C 324 -32.14 -16.95 3.07
N CYS C 324 -32.15 -16.86 3.05
CA CYS C 324 -31.25 -16.01 2.41
CA CYS C 324 -31.27 -15.92 2.38
C CYS C 324 -30.16 -16.69 1.52
C CYS C 324 -30.17 -16.59 1.49
N ASP C 325 -30.27 -17.99 1.37
CA ASP C 325 -29.17 -18.77 0.85
C ASP C 325 -29.41 -19.16 -0.60
N GLY C 326 -28.44 -18.91 -1.47
CA GLY C 326 -28.63 -19.16 -2.90
C GLY C 326 -28.79 -20.61 -3.33
N VAL C 327 -28.25 -21.52 -2.53
CA VAL C 327 -28.43 -22.96 -2.71
C VAL C 327 -29.87 -23.42 -2.40
N ASP C 328 -30.58 -22.59 -1.64
CA ASP C 328 -31.93 -22.91 -1.21
C ASP C 328 -32.95 -22.69 -2.34
N VAL C 329 -33.00 -23.70 -3.21
CA VAL C 329 -33.90 -23.73 -4.35
C VAL C 329 -34.66 -25.06 -4.34
N ILE C 330 -35.97 -24.96 -4.31
CA ILE C 330 -36.80 -26.15 -4.33
C ILE C 330 -36.81 -26.86 -5.73
N ASN C 331 -36.96 -26.07 -6.79
CA ASN C 331 -37.01 -26.58 -8.16
C ASN C 331 -36.51 -25.47 -9.09
N HIS C 332 -35.38 -25.72 -9.72
CA HIS C 332 -34.78 -24.71 -10.60
C HIS C 332 -35.60 -24.37 -11.83
N ASN C 333 -36.33 -25.35 -12.38
CA ASN C 333 -37.08 -25.19 -13.62
C ASN C 333 -38.26 -26.11 -13.71
N VAL C 334 -39.47 -25.52 -13.74
CA VAL C 334 -40.69 -26.32 -13.87
C VAL C 334 -41.78 -25.49 -14.56
N ALA C 335 -42.52 -26.15 -15.45
CA ALA C 335 -43.61 -25.52 -16.17
C ALA C 335 -44.86 -25.60 -15.26
N LEU C 336 -45.44 -24.43 -15.00
CA LEU C 336 -46.68 -24.33 -14.19
C LEU C 336 -47.58 -23.19 -14.67
N PRO C 337 -48.90 -23.27 -14.37
CA PRO C 337 -49.71 -22.07 -14.47
C PRO C 337 -49.07 -20.92 -13.66
N GLU C 338 -49.26 -19.69 -14.09
CA GLU C 338 -48.84 -18.52 -13.31
C GLU C 338 -49.44 -18.60 -11.90
N LEU C 339 -48.60 -18.35 -10.91
CA LEU C 339 -48.99 -18.39 -9.52
C LEU C 339 -49.02 -16.97 -9.01
N HIS C 340 -49.66 -16.77 -7.84
CA HIS C 340 -49.75 -15.45 -7.23
C HIS C 340 -49.47 -15.54 -5.74
N ILE C 341 -49.01 -14.44 -5.16
CA ILE C 341 -48.76 -14.39 -3.72
C ILE C 341 -50.09 -14.71 -3.02
N GLY C 342 -50.05 -15.69 -2.12
CA GLY C 342 -51.24 -16.22 -1.42
C GLY C 342 -51.66 -17.59 -1.91
N ASP C 343 -51.27 -17.96 -3.14
CA ASP C 343 -51.55 -19.29 -3.69
C ASP C 343 -50.94 -20.38 -2.82
N TRP C 344 -51.72 -21.40 -2.48
CA TRP C 344 -51.19 -22.60 -1.82
C TRP C 344 -50.91 -23.70 -2.86
N VAL C 345 -49.89 -24.50 -2.61
CA VAL C 345 -49.61 -25.63 -3.46
C VAL C 345 -49.26 -26.76 -2.52
N TYR C 346 -49.23 -27.99 -3.03
CA TYR C 346 -48.74 -29.05 -2.19
C TYR C 346 -47.88 -30.07 -2.92
N PHE C 347 -46.99 -30.68 -2.16
CA PHE C 347 -46.07 -31.64 -2.68
C PHE C 347 -46.45 -33.04 -2.23
N PRO C 348 -46.89 -33.89 -3.18
CA PRO C 348 -47.30 -35.26 -2.81
C PRO C 348 -46.15 -36.17 -2.30
N SER C 349 -46.52 -37.19 -1.51
CA SER C 349 -45.57 -38.23 -1.07
C SER C 349 -44.34 -37.59 -0.42
N TRP C 350 -44.62 -36.71 0.53
CA TRP C 350 -43.59 -35.91 1.18
C TRP C 350 -43.37 -36.27 2.65
N GLY C 351 -43.32 -37.58 2.95
CA GLY C 351 -43.20 -38.06 4.31
C GLY C 351 -41.88 -38.71 4.71
N ALA C 352 -41.01 -38.99 3.74
CA ALA C 352 -39.72 -39.68 3.97
C ALA C 352 -38.54 -38.72 3.95
N TYR C 353 -37.80 -38.62 5.07
CA TYR C 353 -36.63 -37.72 5.14
C TYR C 353 -36.99 -36.27 4.78
N THR C 354 -38.13 -35.81 5.31
CA THR C 354 -38.60 -34.46 5.10
C THR C 354 -38.68 -33.70 6.46
N ASN C 355 -39.80 -33.85 7.18
CA ASN C 355 -39.93 -33.14 8.46
C ASN C 355 -38.82 -33.43 9.48
N VAL C 356 -38.25 -34.63 9.44
CA VAL C 356 -37.17 -34.99 10.37
C VAL C 356 -35.90 -34.18 10.14
N LEU C 357 -35.72 -33.64 8.94
CA LEU C 357 -34.52 -32.87 8.67
C LEU C 357 -34.67 -31.33 8.82
N THR C 358 -35.71 -30.87 9.51
CA THR C 358 -35.93 -29.42 9.64
C THR C 358 -34.83 -28.73 10.50
N THR C 359 -34.51 -27.50 10.12
CA THR C 359 -33.67 -26.63 10.92
C THR C 359 -34.49 -25.36 11.18
N SER C 360 -33.97 -24.51 12.06
CA SER C 360 -34.55 -23.17 12.24
C SER C 360 -33.64 -22.08 11.67
N PHE C 361 -32.82 -22.44 10.68
CA PHE C 361 -31.96 -21.47 9.99
C PHE C 361 -32.79 -20.26 9.49
N ASN C 362 -32.24 -19.07 9.68
CA ASN C 362 -32.89 -17.78 9.34
C ASN C 362 -34.14 -17.49 10.18
N GLY C 363 -34.43 -18.38 11.11
CA GLY C 363 -35.67 -18.29 11.91
C GLY C 363 -36.92 -18.87 11.26
N PHE C 364 -36.76 -19.58 10.12
CA PHE C 364 -37.85 -20.30 9.51
C PHE C 364 -37.92 -21.77 9.97
N GLY C 365 -38.63 -22.61 9.22
CA GLY C 365 -38.68 -24.05 9.48
C GLY C 365 -39.83 -24.58 10.32
N GLU C 366 -40.70 -23.68 10.78
CA GLU C 366 -41.92 -24.05 11.48
C GLU C 366 -42.97 -24.62 10.53
N TYR C 367 -43.77 -25.56 11.06
CA TYR C 367 -44.88 -26.15 10.28
C TYR C 367 -45.94 -26.69 11.21
N ASP C 368 -47.14 -26.86 10.67
CA ASP C 368 -48.24 -27.52 11.39
C ASP C 368 -48.40 -28.90 10.77
N VAL C 369 -49.10 -29.78 11.48
CA VAL C 369 -49.46 -31.09 10.96
C VAL C 369 -50.96 -31.29 11.19
N TYR C 370 -51.66 -31.68 10.14
CA TYR C 370 -53.07 -32.04 10.22
C TYR C 370 -53.21 -33.51 9.87
N TYR C 371 -54.00 -34.20 10.67
CA TYR C 371 -54.19 -35.63 10.46
C TYR C 371 -55.52 -35.92 9.82
N ILE C 372 -55.48 -36.82 8.83
CA ILE C 372 -56.67 -37.20 8.09
C ILE C 372 -57.00 -38.70 8.17
N MET D 1 -9.02 -22.81 23.41
CA MET D 1 -7.81 -23.03 24.30
C MET D 1 -7.90 -24.36 25.03
N ASN D 2 -6.81 -25.13 24.91
CA ASN D 2 -6.73 -26.45 25.47
C ASN D 2 -7.02 -26.50 26.94
N SER D 3 -6.46 -25.55 27.68
CA SER D 3 -6.60 -25.53 29.12
C SER D 3 -8.02 -25.13 29.59
N VAL D 4 -8.69 -24.24 28.84
CA VAL D 4 -10.07 -23.86 29.17
C VAL D 4 -11.04 -25.06 29.00
N VAL D 5 -10.89 -25.76 27.87
CA VAL D 5 -11.73 -26.91 27.59
C VAL D 5 -11.47 -28.04 28.60
N ASN D 6 -10.19 -28.28 28.87
CA ASN D 6 -9.81 -29.23 29.94
C ASN D 6 -10.37 -28.88 31.31
N ASN D 7 -10.37 -27.59 31.64
CA ASN D 7 -10.97 -27.13 32.91
C ASN D 7 -12.46 -27.40 32.90
N ILE D 8 -13.12 -27.23 31.74
CA ILE D 8 -14.57 -27.49 31.69
C ILE D 8 -14.87 -28.95 32.05
N LEU D 9 -14.08 -29.85 31.48
CA LEU D 9 -14.24 -31.29 31.69
C LEU D 9 -13.85 -31.79 33.06
N LYS D 10 -12.85 -31.16 33.68
CA LYS D 10 -12.46 -31.56 35.04
C LYS D 10 -13.44 -31.06 36.11
N ALA D 11 -14.08 -29.94 35.84
CA ALA D 11 -15.00 -29.33 36.79
C ALA D 11 -16.46 -29.70 36.55
N HIS D 12 -16.77 -30.04 35.30
CA HIS D 12 -18.13 -30.46 34.86
C HIS D 12 -18.05 -31.78 34.07
N THR D 16 -21.02 -35.08 28.78
CA THR D 16 -21.29 -36.18 27.85
C THR D 16 -21.51 -35.66 26.43
N LYS D 17 -22.60 -34.96 26.06
CA LYS D 17 -22.87 -34.37 24.73
C LYS D 17 -21.69 -33.55 24.25
N SER D 18 -21.66 -33.29 22.93
CA SER D 18 -20.82 -32.24 22.39
C SER D 18 -21.18 -30.89 23.00
N PHE D 19 -20.23 -29.97 23.03
CA PHE D 19 -20.46 -28.67 23.63
C PHE D 19 -19.67 -27.55 22.99
N TYR D 20 -20.31 -26.40 22.84
CA TYR D 20 -19.67 -25.16 22.42
C TYR D 20 -19.09 -24.42 23.64
N VAL D 21 -17.88 -23.91 23.49
CA VAL D 21 -17.27 -23.05 24.48
C VAL D 21 -17.17 -21.66 23.82
N SER D 22 -17.92 -20.72 24.39
CA SER D 22 -18.21 -19.47 23.70
C SER D 22 -17.65 -18.31 24.50
N SER D 23 -17.01 -17.39 23.79
CA SER D 23 -16.31 -16.25 24.44
C SER D 23 -16.83 -14.87 24.00
N PRO D 24 -17.79 -14.30 24.76
CA PRO D 24 -18.21 -12.90 24.61
C PRO D 24 -17.06 -11.87 24.44
N LYS D 25 -15.97 -12.02 25.20
CA LYS D 25 -14.82 -11.10 25.12
C LYS D 25 -14.17 -11.03 23.75
N ILE D 26 -14.02 -12.18 23.10
CA ILE D 26 -13.48 -12.26 21.75
C ILE D 26 -14.34 -11.38 20.84
N VAL D 27 -15.67 -11.51 20.98
CA VAL D 27 -16.62 -10.74 20.18
C VAL D 27 -16.48 -9.22 20.45
N GLU D 28 -16.41 -8.85 21.73
CA GLU D 28 -16.24 -7.45 22.11
C GLU D 28 -14.96 -6.87 21.49
N ASP D 29 -13.87 -7.64 21.57
CA ASP D 29 -12.61 -7.25 20.96
C ASP D 29 -12.72 -7.07 19.43
N LEU D 30 -13.46 -7.97 18.78
CA LEU D 30 -13.76 -7.83 17.37
C LEU D 30 -14.66 -6.64 17.01
N ILE D 31 -15.59 -6.31 17.89
CA ILE D 31 -16.39 -5.10 17.73
C ILE D 31 -15.50 -3.85 17.80
N ASP D 32 -14.56 -3.85 18.75
CA ASP D 32 -13.57 -2.77 18.86
C ASP D 32 -12.67 -2.74 17.61
N GLN D 33 -12.28 -3.91 17.10
CA GLN D 33 -11.50 -3.94 15.85
C GLN D 33 -12.27 -3.46 14.63
N TRP D 34 -13.57 -3.76 14.59
CA TRP D 34 -14.45 -3.27 13.52
C TRP D 34 -14.49 -1.73 13.45
N THR D 35 -14.42 -1.07 14.62
CA THR D 35 -14.49 0.38 14.68
C THR D 35 -13.20 1.02 14.12
N ILE D 36 -12.07 0.38 14.40
CA ILE D 36 -10.78 0.74 13.82
C ILE D 36 -10.73 0.45 12.30
N LEU D 37 -11.21 -0.73 11.90
CA LEU D 37 -11.15 -1.20 10.50
C LEU D 37 -12.15 -0.48 9.58
N PHE D 38 -13.32 -0.17 10.11
CA PHE D 38 -14.37 0.47 9.33
C PHE D 38 -14.99 1.61 10.14
N PRO D 39 -14.27 2.74 10.30
CA PRO D 39 -14.76 3.81 11.16
C PRO D 39 -16.07 4.46 10.66
N ARG D 40 -16.36 4.38 9.36
CA ARG D 40 -17.60 4.96 8.82
C ARG D 40 -18.80 4.01 8.79
N VAL D 41 -18.60 2.75 9.14
CA VAL D 41 -19.58 1.72 8.88
C VAL D 41 -20.18 1.18 10.18
N THR D 42 -21.50 1.31 10.29
CA THR D 42 -22.27 0.75 11.36
C THR D 42 -22.65 -0.71 11.08
N PRO D 43 -22.18 -1.65 11.93
CA PRO D 43 -22.51 -3.05 11.69
C PRO D 43 -23.93 -3.38 12.16
N HIS D 44 -24.67 -4.02 11.28
CA HIS D 44 -25.93 -4.62 11.59
C HIS D 44 -25.73 -6.13 11.56
N TYR D 45 -25.48 -6.72 12.73
CA TYR D 45 -25.16 -8.14 12.80
C TYR D 45 -26.24 -9.08 12.20
N ALA D 46 -25.79 -9.97 11.31
CA ALA D 46 -26.66 -10.95 10.68
C ALA D 46 -26.97 -12.09 11.66
N VAL D 47 -28.06 -11.91 12.42
CA VAL D 47 -28.44 -12.89 13.43
C VAL D 47 -28.52 -14.34 12.94
N LYS D 48 -28.84 -14.55 11.65
CA LYS D 48 -29.01 -15.90 11.13
C LYS D 48 -27.71 -16.72 11.26
N CYS D 49 -26.58 -16.03 11.30
CA CYS D 49 -25.24 -16.67 11.35
C CYS D 49 -25.05 -17.44 12.68
N ASN D 50 -25.55 -16.86 13.76
CA ASN D 50 -25.44 -17.43 15.08
C ASN D 50 -26.37 -16.59 15.93
N ASN D 51 -27.48 -17.22 16.33
CA ASN D 51 -28.50 -16.52 17.14
C ASN D 51 -28.41 -16.72 18.67
N ASP D 52 -27.24 -17.17 19.16
CA ASP D 52 -26.96 -17.32 20.60
C ASP D 52 -27.34 -16.05 21.43
N GLU D 53 -28.16 -16.24 22.46
CA GLU D 53 -28.68 -15.13 23.28
C GLU D 53 -27.58 -14.25 23.85
N VAL D 54 -26.61 -14.91 24.46
CA VAL D 54 -25.48 -14.25 25.08
C VAL D 54 -24.71 -13.45 24.00
N LEU D 55 -24.58 -14.02 22.81
CA LEU D 55 -23.90 -13.33 21.71
C LEU D 55 -24.67 -12.06 21.33
N LEU D 56 -25.98 -12.17 21.24
CA LEU D 56 -26.83 -11.03 20.83
C LEU D 56 -26.84 -9.90 21.84
N LYS D 57 -26.90 -10.28 23.12
CA LYS D 57 -26.78 -9.35 24.25
C LYS D 57 -25.42 -8.64 24.25
N THR D 58 -24.36 -9.40 23.98
CA THR D 58 -23.02 -8.84 23.91
C THR D 58 -23.01 -7.74 22.85
N MET D 59 -23.56 -8.04 21.67
CA MET D 59 -23.71 -7.04 20.58
C MET D 59 -24.53 -5.80 20.99
N CYS D 60 -25.69 -6.05 21.57
CA CYS D 60 -26.59 -4.98 22.04
C CYS D 60 -25.83 -3.98 22.89
N ASP D 61 -25.12 -4.48 23.89
CA ASP D 61 -24.42 -3.64 24.86
C ASP D 61 -23.24 -2.87 24.26
N LYS D 62 -22.63 -3.46 23.21
CA LYS D 62 -21.56 -2.80 22.44
C LYS D 62 -22.08 -1.88 21.33
N ASN D 63 -23.39 -1.66 21.27
CA ASN D 63 -24.02 -0.71 20.34
C ASN D 63 -23.92 -1.08 18.89
N VAL D 64 -23.85 -2.38 18.66
CA VAL D 64 -24.03 -2.99 17.35
C VAL D 64 -25.53 -3.10 17.07
N ASN D 65 -25.89 -2.87 15.82
CA ASN D 65 -27.28 -3.02 15.39
C ASN D 65 -27.51 -4.43 14.83
N PHE D 66 -28.64 -4.66 14.15
CA PHE D 66 -29.05 -6.02 13.80
C PHE D 66 -29.70 -6.12 12.41
N ASP D 67 -29.35 -7.18 11.70
CA ASP D 67 -30.00 -7.53 10.45
C ASP D 67 -30.83 -8.78 10.77
N CYS D 68 -32.17 -8.62 10.74
CA CYS D 68 -33.07 -9.73 10.97
C CYS D 68 -33.72 -10.26 9.67
N ALA D 69 -33.79 -11.57 9.53
CA ALA D 69 -34.26 -12.20 8.27
C ALA D 69 -35.72 -12.64 8.28
N SER D 70 -36.31 -12.64 9.48
CA SER D 70 -37.64 -13.19 9.69
C SER D 70 -38.22 -12.58 10.97
N SER D 71 -39.54 -12.78 11.12
CA SER D 71 -40.22 -12.42 12.35
C SER D 71 -39.62 -13.07 13.61
N SER D 72 -39.25 -14.35 13.51
CA SER D 72 -38.61 -15.04 14.62
C SER D 72 -37.32 -14.35 15.08
N GLU D 73 -36.50 -13.95 14.10
CA GLU D 73 -35.28 -13.18 14.37
C GLU D 73 -35.50 -11.81 14.97
N ILE D 74 -36.49 -11.08 14.47
CA ILE D 74 -36.93 -9.84 15.12
C ILE D 74 -37.23 -10.05 16.62
N LYS D 75 -38.08 -11.03 16.89
CA LYS D 75 -38.51 -11.36 18.26
C LYS D 75 -37.33 -11.61 19.19
N LYS D 76 -36.32 -12.32 18.69
CA LYS D 76 -35.11 -12.65 19.44
C LYS D 76 -34.36 -11.38 19.84
N VAL D 77 -34.31 -10.43 18.92
CA VAL D 77 -33.64 -9.15 19.13
C VAL D 77 -34.45 -8.23 20.07
N ILE D 78 -35.76 -8.13 19.83
CA ILE D 78 -36.65 -7.31 20.66
C ILE D 78 -36.69 -7.86 22.11
N GLN D 79 -36.70 -9.19 22.21
CA GLN D 79 -36.69 -9.90 23.52
C GLN D 79 -35.61 -9.36 24.44
N ILE D 80 -34.42 -9.18 23.89
CA ILE D 80 -33.29 -8.74 24.71
C ILE D 80 -33.26 -7.23 25.08
N GLY D 81 -34.26 -6.48 24.60
CA GLY D 81 -34.36 -5.06 24.93
C GLY D 81 -33.82 -4.08 23.89
N VAL D 82 -33.45 -4.58 22.69
CA VAL D 82 -33.00 -3.69 21.61
C VAL D 82 -34.17 -2.89 21.00
N SER D 83 -33.99 -1.57 20.83
CA SER D 83 -34.95 -0.76 20.09
C SER D 83 -35.14 -1.29 18.64
N PRO D 84 -36.40 -1.36 18.14
CA PRO D 84 -36.62 -1.78 16.74
C PRO D 84 -35.99 -0.83 15.73
N SER D 85 -35.62 0.36 16.20
CA SER D 85 -34.96 1.37 15.39
C SER D 85 -33.57 0.93 14.98
N ARG D 86 -33.01 -0.03 15.70
CA ARG D 86 -31.68 -0.63 15.42
C ARG D 86 -31.76 -1.85 14.51
N ILE D 87 -32.94 -2.18 14.00
CA ILE D 87 -33.13 -3.36 13.14
C ILE D 87 -33.40 -3.02 11.66
N ILE D 88 -32.66 -3.67 10.77
CA ILE D 88 -33.00 -3.70 9.33
C ILE D 88 -33.56 -5.08 9.04
N PHE D 89 -34.74 -5.11 8.42
CA PHE D 89 -35.34 -6.36 8.00
C PHE D 89 -34.75 -6.61 6.59
N ALA D 90 -33.53 -7.14 6.57
CA ALA D 90 -32.68 -7.14 5.38
C ALA D 90 -32.88 -8.43 4.59
N HIS D 91 -34.15 -8.79 4.39
CA HIS D 91 -34.55 -9.90 3.53
C HIS D 91 -35.46 -9.30 2.47
N THR D 92 -35.09 -9.50 1.19
CA THR D 92 -35.90 -8.91 0.10
C THR D 92 -37.27 -9.63 -0.08
N MET D 93 -37.40 -10.84 0.44
CA MET D 93 -38.63 -11.62 0.30
C MET D 93 -39.23 -11.93 1.68
N LYS D 94 -40.24 -11.16 2.04
CA LYS D 94 -40.82 -11.15 3.41
C LYS D 94 -42.31 -11.51 3.37
N THR D 95 -42.78 -12.45 4.18
CA THR D 95 -44.17 -12.86 4.11
C THR D 95 -45.07 -11.70 4.53
N ILE D 96 -46.30 -11.72 4.06
CA ILE D 96 -47.32 -10.73 4.46
C ILE D 96 -47.39 -10.64 6.01
N ASP D 97 -47.51 -11.78 6.66
CA ASP D 97 -47.63 -11.84 8.11
C ASP D 97 -46.40 -11.31 8.83
N ASP D 98 -45.21 -11.54 8.27
CA ASP D 98 -44.00 -10.99 8.84
C ASP D 98 -43.90 -9.48 8.71
N LEU D 99 -44.47 -8.95 7.62
CA LEU D 99 -44.53 -7.50 7.40
C LEU D 99 -45.52 -6.87 8.42
N ILE D 100 -46.63 -7.57 8.62
CA ILE D 100 -47.63 -7.14 9.63
C ILE D 100 -46.92 -7.10 10.99
N PHE D 101 -46.20 -8.17 11.32
CA PHE D 101 -45.46 -8.25 12.57
C PHE D 101 -44.43 -7.12 12.74
N ALA D 102 -43.64 -6.88 11.68
CA ALA D 102 -42.64 -5.82 11.68
C ALA D 102 -43.26 -4.43 11.97
N LYS D 103 -44.40 -4.17 11.33
CA LYS D 103 -45.10 -2.91 11.47
C LYS D 103 -45.59 -2.69 12.93
N ASP D 104 -46.13 -3.74 13.55
CA ASP D 104 -46.56 -3.68 15.02
C ASP D 104 -45.32 -3.42 15.88
N GLN D 105 -44.22 -4.12 15.59
CA GLN D 105 -43.01 -3.96 16.38
C GLN D 105 -42.24 -2.64 16.21
N GLY D 106 -42.48 -1.93 15.10
CA GLY D 106 -41.68 -0.76 14.73
C GLY D 106 -40.40 -1.02 13.93
N VAL D 107 -40.30 -2.21 13.36
CA VAL D 107 -39.20 -2.51 12.42
C VAL D 107 -39.58 -1.90 11.08
N ASP D 108 -39.04 -0.71 10.85
CA ASP D 108 -39.46 0.14 9.74
C ASP D 108 -38.40 0.36 8.64
N ILE D 109 -37.37 -0.50 8.59
CA ILE D 109 -36.41 -0.50 7.46
C ILE D 109 -36.35 -1.92 6.88
N ALA D 110 -36.51 -2.02 5.56
CA ALA D 110 -36.45 -3.32 4.89
C ALA D 110 -35.81 -3.21 3.51
N THR D 111 -35.36 -4.35 3.01
CA THR D 111 -34.88 -4.44 1.61
C THR D 111 -35.89 -5.02 0.63
N PHE D 112 -35.61 -4.83 -0.67
CA PHE D 112 -36.45 -5.39 -1.73
C PHE D 112 -35.63 -5.48 -3.05
N ASP D 113 -36.14 -6.29 -3.96
CA ASP D 113 -35.52 -6.46 -5.28
C ASP D 113 -36.57 -6.77 -6.36
N SER D 114 -37.86 -6.60 -6.02
CA SER D 114 -38.96 -6.89 -6.93
C SER D 114 -40.14 -5.92 -6.78
N SER D 115 -40.89 -5.76 -7.87
CA SER D 115 -42.10 -4.92 -7.89
C SER D 115 -43.21 -5.47 -6.98
N PHE D 116 -43.39 -6.78 -6.96
CA PHE D 116 -44.42 -7.41 -6.13
C PHE D 116 -44.14 -7.21 -4.63
N GLU D 117 -42.87 -7.12 -4.25
CA GLU D 117 -42.48 -6.81 -2.89
C GLU D 117 -42.92 -5.39 -2.52
N LEU D 118 -42.71 -4.44 -3.44
CA LEU D 118 -43.26 -3.10 -3.30
C LEU D 118 -44.78 -3.07 -3.15
N ASP D 119 -45.48 -3.91 -3.94
CA ASP D 119 -46.92 -4.07 -3.75
C ASP D 119 -47.29 -4.48 -2.31
N LYS D 120 -46.49 -5.40 -1.74
CA LYS D 120 -46.70 -5.87 -0.36
C LYS D 120 -46.45 -4.76 0.65
N ILE D 121 -45.37 -3.99 0.45
CA ILE D 121 -45.08 -2.86 1.35
C ILE D 121 -46.17 -1.79 1.28
N HIS D 122 -46.62 -1.48 0.07
CA HIS D 122 -47.68 -0.53 -0.13
C HIS D 122 -48.93 -0.92 0.69
N THR D 123 -49.33 -2.19 0.61
CA THR D 123 -50.57 -2.68 1.21
C THR D 123 -50.44 -2.91 2.72
N TYR D 124 -49.30 -3.45 3.14
CA TYR D 124 -49.17 -3.97 4.50
C TYR D 124 -48.25 -3.21 5.44
N HIS D 125 -47.27 -2.47 4.92
CA HIS D 125 -46.35 -1.72 5.78
C HIS D 125 -45.94 -0.44 5.02
N PRO D 126 -46.92 0.45 4.74
CA PRO D 126 -46.66 1.55 3.78
C PRO D 126 -45.62 2.55 4.26
N ASN D 127 -45.31 2.55 5.55
CA ASN D 127 -44.30 3.48 6.06
C ASN D 127 -42.91 2.92 6.22
N CYS D 128 -42.73 1.69 5.73
CA CYS D 128 -41.47 1.03 5.87
C CYS D 128 -40.48 1.66 4.86
N LYS D 129 -39.34 2.11 5.37
CA LYS D 129 -38.30 2.75 4.57
C LYS D 129 -37.52 1.65 3.85
N MET D 130 -37.35 1.79 2.54
CA MET D 130 -36.87 0.67 1.71
C MET D 130 -35.47 0.90 1.17
N ILE D 131 -34.71 -0.18 1.13
CA ILE D 131 -33.37 -0.24 0.59
C ILE D 131 -33.41 -1.18 -0.64
N LEU D 132 -33.11 -0.64 -1.79
CA LEU D 132 -32.99 -1.47 -3.00
C LEU D 132 -31.72 -2.33 -2.96
N ARG D 133 -31.91 -3.65 -2.92
CA ARG D 133 -30.78 -4.58 -3.10
C ARG D 133 -30.46 -4.85 -4.58
N ILE D 134 -29.22 -4.57 -4.96
CA ILE D 134 -28.77 -4.81 -6.35
C ILE D 134 -27.81 -6.00 -6.39
N ARG D 135 -27.88 -6.75 -7.49
CA ARG D 135 -27.01 -7.89 -7.69
C ARG D 135 -25.59 -7.43 -8.06
N CYS D 136 -24.59 -7.88 -7.28
CA CYS D 136 -23.15 -7.67 -7.65
C CYS D 136 -22.31 -8.82 -7.12
N ASP D 137 -22.01 -9.84 -7.92
CA ASP D 137 -21.45 -11.07 -7.36
C ASP D 137 -19.94 -11.05 -7.18
N ASP D 138 -19.47 -11.63 -6.09
CA ASP D 138 -18.10 -12.14 -6.02
C ASP D 138 -18.15 -13.57 -6.54
N PRO D 139 -17.60 -13.81 -7.73
CA PRO D 139 -17.64 -15.20 -8.27
C PRO D 139 -16.79 -16.21 -7.46
N ASN D 140 -15.96 -15.72 -6.54
CA ASN D 140 -15.09 -16.54 -5.71
C ASN D 140 -15.60 -16.70 -4.26
N ALA D 141 -16.79 -16.15 -3.97
CA ALA D 141 -17.35 -16.33 -2.63
C ALA D 141 -17.70 -17.80 -2.46
N ALA D 142 -17.51 -18.29 -1.23
CA ALA D 142 -17.95 -19.61 -0.77
C ALA D 142 -19.43 -19.93 -1.07
N VAL D 143 -20.32 -18.98 -0.76
CA VAL D 143 -21.75 -19.14 -1.01
C VAL D 143 -22.26 -18.09 -2.00
N GLN D 144 -22.74 -18.55 -3.15
CA GLN D 144 -23.30 -17.67 -4.18
C GLN D 144 -24.75 -17.32 -3.89
N LEU D 145 -25.11 -16.06 -4.19
CA LEU D 145 -26.37 -15.43 -3.74
C LEU D 145 -27.04 -14.63 -4.87
N GLY D 146 -26.31 -14.33 -5.96
CA GLY D 146 -26.84 -13.46 -7.00
C GLY D 146 -27.98 -14.00 -7.83
N ASN D 147 -27.93 -15.30 -8.08
CA ASN D 147 -29.02 -16.06 -8.71
C ASN D 147 -30.42 -15.74 -8.11
N LYS D 148 -30.46 -15.79 -6.80
CA LYS D 148 -31.72 -15.76 -6.04
C LYS D 148 -32.13 -14.34 -5.65
N PHE D 149 -31.16 -13.47 -5.40
CA PHE D 149 -31.40 -12.16 -4.82
C PHE D 149 -30.72 -10.98 -5.54
N GLY D 150 -31.35 -9.81 -5.51
CA GLY D 150 -30.75 -8.59 -6.02
C GLY D 150 -31.27 -8.24 -7.41
N ALA D 151 -31.47 -6.94 -7.65
CA ALA D 151 -31.96 -6.44 -8.92
C ALA D 151 -30.85 -6.47 -9.96
N ASN D 152 -31.23 -6.84 -11.18
CA ASN D 152 -30.37 -6.67 -12.35
C ASN D 152 -30.26 -5.19 -12.70
N GLU D 153 -29.15 -4.84 -13.35
CA GLU D 153 -28.87 -3.46 -13.75
C GLU D 153 -30.03 -2.86 -14.52
N ASP D 154 -30.61 -3.65 -15.42
CA ASP D 154 -31.63 -3.17 -16.34
C ASP D 154 -33.00 -2.99 -15.72
N GLU D 155 -33.11 -3.37 -14.47
CA GLU D 155 -34.39 -3.20 -13.75
C GLU D 155 -34.34 -2.16 -12.62
N ILE D 156 -33.17 -1.57 -12.40
CA ILE D 156 -33.00 -0.60 -11.31
C ILE D 156 -33.93 0.64 -11.44
N ARG D 157 -33.95 1.23 -12.63
CA ARG D 157 -34.76 2.43 -12.85
C ARG D 157 -36.25 2.15 -12.62
N HIS D 158 -36.74 1.07 -13.24
CA HIS D 158 -38.14 0.66 -13.17
C HIS D 158 -38.62 0.42 -11.74
N LEU D 159 -37.81 -0.25 -10.93
CA LEU D 159 -38.11 -0.54 -9.51
C LEU D 159 -38.22 0.75 -8.70
N LEU D 160 -37.26 1.63 -8.91
CA LEU D 160 -37.21 2.95 -8.28
C LEU D 160 -38.42 3.81 -8.65
N GLU D 161 -38.77 3.83 -9.94
CA GLU D 161 -39.92 4.59 -10.41
C GLU D 161 -41.22 4.03 -9.83
N TYR D 162 -41.29 2.71 -9.70
CA TYR D 162 -42.48 2.03 -9.24
C TYR D 162 -42.73 2.29 -7.73
N ALA D 163 -41.64 2.35 -6.98
CA ALA D 163 -41.65 2.69 -5.55
C ALA D 163 -42.13 4.13 -5.37
N LYS D 164 -41.68 5.00 -6.28
CA LYS D 164 -42.05 6.40 -6.29
C LYS D 164 -43.55 6.55 -6.57
N GLN D 165 -44.04 5.81 -7.56
CA GLN D 165 -45.49 5.80 -7.93
C GLN D 165 -46.38 5.36 -6.76
N LEU D 166 -45.86 4.40 -5.99
CA LEU D 166 -46.59 3.90 -4.86
C LEU D 166 -46.34 4.70 -3.57
N ASP D 167 -45.60 5.81 -3.66
CA ASP D 167 -45.29 6.67 -2.49
C ASP D 167 -44.51 5.90 -1.39
N ILE D 168 -43.57 5.09 -1.86
CA ILE D 168 -42.70 4.30 -0.97
C ILE D 168 -41.34 4.99 -1.01
N GLU D 169 -40.84 5.31 0.17
CA GLU D 169 -39.61 6.02 0.34
C GLU D 169 -38.43 5.06 0.22
N VAL D 170 -37.59 5.29 -0.79
CA VAL D 170 -36.40 4.47 -0.93
C VAL D 170 -35.26 5.30 -0.36
N ILE D 171 -34.62 4.77 0.67
CA ILE D 171 -33.60 5.51 1.41
C ILE D 171 -32.16 5.04 1.20
N GLY D 172 -31.98 4.01 0.39
CA GLY D 172 -30.65 3.45 0.21
C GLY D 172 -30.53 2.31 -0.77
N ILE D 173 -29.28 1.87 -0.96
CA ILE D 173 -28.95 0.74 -1.83
C ILE D 173 -28.09 -0.20 -1.00
N SER D 174 -28.38 -1.49 -1.12
CA SER D 174 -27.55 -2.54 -0.55
C SER D 174 -27.09 -3.52 -1.64
N PHE D 175 -26.10 -4.34 -1.29
CA PHE D 175 -25.68 -5.47 -2.10
C PHE D 175 -25.12 -6.48 -1.13
N HIS D 176 -25.07 -7.71 -1.59
CA HIS D 176 -24.29 -8.78 -0.98
C HIS D 176 -23.50 -9.57 -2.07
N VAL D 177 -22.18 -9.50 -1.98
CA VAL D 177 -21.34 -10.09 -3.04
C VAL D 177 -21.39 -11.62 -2.96
N GLY D 178 -21.74 -12.14 -1.80
CA GLY D 178 -21.77 -13.56 -1.52
C GLY D 178 -21.08 -13.85 -0.21
N SER D 179 -21.53 -14.90 0.47
CA SER D 179 -21.06 -15.22 1.82
C SER D 179 -19.72 -15.96 1.79
N GLY D 180 -18.80 -15.50 2.63
CA GLY D 180 -17.45 -15.99 2.67
C GLY D 180 -16.67 -15.47 1.46
N SER D 181 -16.48 -14.16 1.38
CA SER D 181 -15.71 -13.47 0.33
C SER D 181 -14.31 -13.05 0.81
N ARG D 182 -13.32 -13.22 -0.06
CA ARG D 182 -11.93 -12.74 0.16
C ARG D 182 -11.41 -11.97 -1.05
N ASN D 183 -12.37 -11.40 -1.77
CA ASN D 183 -12.13 -10.69 -3.00
C ASN D 183 -12.48 -9.18 -2.85
N PRO D 184 -11.47 -8.33 -2.57
CA PRO D 184 -11.64 -6.88 -2.43
C PRO D 184 -12.24 -6.17 -3.65
N GLU D 185 -11.87 -6.63 -4.86
CA GLU D 185 -12.40 -6.05 -6.10
C GLU D 185 -13.93 -6.18 -6.23
N ALA D 186 -14.49 -7.32 -5.80
CA ALA D 186 -15.96 -7.53 -5.79
C ALA D 186 -16.64 -6.43 -5.00
N TYR D 187 -16.11 -6.10 -3.83
CA TYR D 187 -16.60 -4.97 -3.02
C TYR D 187 -16.41 -3.61 -3.71
N TYR D 188 -15.22 -3.38 -4.30
CA TYR D 188 -14.97 -2.13 -5.03
C TYR D 188 -16.01 -1.91 -6.12
N ARG D 189 -16.28 -2.96 -6.89
CA ARG D 189 -17.19 -2.89 -8.04
C ARG D 189 -18.65 -2.70 -7.59
N ALA D 190 -18.99 -3.39 -6.52
CA ALA D 190 -20.34 -3.32 -5.95
C ALA D 190 -20.64 -1.92 -5.39
N ILE D 191 -19.66 -1.29 -4.74
CA ILE D 191 -19.82 0.08 -4.25
C ILE D 191 -20.00 1.11 -5.39
N LYS D 192 -19.21 0.95 -6.45
CA LYS D 192 -19.33 1.75 -7.68
C LYS D 192 -20.72 1.59 -8.28
N SER D 193 -21.16 0.34 -8.47
CA SER D 193 -22.48 0.05 -9.00
C SER D 193 -23.58 0.65 -8.09
N SER D 194 -23.31 0.65 -6.79
CA SER D 194 -24.26 1.20 -5.80
C SER D 194 -24.43 2.73 -5.97
N LYS D 195 -23.34 3.42 -6.31
CA LYS D 195 -23.38 4.87 -6.55
C LYS D 195 -24.22 5.21 -7.78
N GLU D 196 -24.09 4.40 -8.82
CA GLU D 196 -24.94 4.49 -9.99
C GLU D 196 -26.44 4.35 -9.65
N ALA D 197 -26.78 3.30 -8.89
CA ALA D 197 -28.15 3.07 -8.47
C ALA D 197 -28.67 4.22 -7.60
N PHE D 198 -27.84 4.66 -6.66
CA PHE D 198 -28.05 5.81 -5.80
C PHE D 198 -28.35 7.09 -6.62
N ASN D 199 -27.64 7.25 -7.74
CA ASN D 199 -27.85 8.35 -8.68
C ASN D 199 -29.12 8.21 -9.52
N GLU D 200 -29.45 7.00 -9.96
CA GLU D 200 -30.76 6.75 -10.56
C GLU D 200 -31.89 7.05 -9.54
N ALA D 201 -31.68 6.68 -8.27
CA ALA D 201 -32.69 6.95 -7.23
C ALA D 201 -32.98 8.44 -7.10
N ILE D 202 -31.92 9.25 -7.12
CA ILE D 202 -32.04 10.71 -7.04
C ILE D 202 -32.78 11.25 -8.26
N SER D 203 -32.41 10.79 -9.44
CA SER D 203 -33.03 11.22 -10.70
C SER D 203 -34.54 10.97 -10.66
N VAL D 204 -34.92 9.83 -10.07
CA VAL D 204 -36.32 9.46 -9.91
C VAL D 204 -37.04 10.36 -8.89
N GLY D 205 -36.27 10.99 -8.00
CA GLY D 205 -36.87 11.89 -6.99
C GLY D 205 -36.88 11.37 -5.57
N HIS D 206 -36.30 10.19 -5.37
CA HIS D 206 -36.05 9.69 -4.02
C HIS D 206 -34.91 10.49 -3.43
N LYS D 207 -34.75 10.42 -2.11
CA LYS D 207 -33.66 11.12 -1.46
C LYS D 207 -32.87 10.14 -0.59
N PRO D 208 -32.11 9.24 -1.25
CA PRO D 208 -31.38 8.21 -0.48
C PRO D 208 -30.23 8.78 0.36
N TYR D 209 -29.91 8.10 1.47
CA TYR D 209 -28.77 8.49 2.31
C TYR D 209 -28.03 7.29 2.92
N ILE D 210 -28.42 6.07 2.53
CA ILE D 210 -27.79 4.88 3.06
C ILE D 210 -27.08 4.05 1.99
N LEU D 211 -25.82 3.74 2.27
CA LEU D 211 -25.14 2.66 1.55
C LEU D 211 -25.00 1.46 2.48
N ASP D 212 -25.48 0.30 2.03
CA ASP D 212 -25.38 -0.93 2.78
C ASP D 212 -24.46 -1.91 2.04
N ILE D 213 -23.27 -2.14 2.58
CA ILE D 213 -22.31 -3.04 1.90
C ILE D 213 -22.49 -4.54 2.19
N GLY D 214 -23.64 -4.92 2.78
CA GLY D 214 -23.94 -6.33 3.03
C GLY D 214 -22.92 -7.08 3.89
N GLY D 215 -22.79 -8.38 3.62
CA GLY D 215 -21.96 -9.27 4.43
C GLY D 215 -20.75 -9.85 3.70
N GLY D 216 -20.26 -10.99 4.19
CA GLY D 216 -19.28 -11.81 3.44
C GLY D 216 -17.88 -11.83 4.00
N LEU D 217 -17.50 -10.80 4.75
CA LEU D 217 -16.13 -10.66 5.23
C LEU D 217 -15.77 -11.64 6.34
N HIS D 218 -14.56 -12.21 6.23
CA HIS D 218 -13.98 -12.99 7.32
C HIS D 218 -13.17 -12.11 8.28
N ALA D 219 -13.15 -12.49 9.55
CA ALA D 219 -12.10 -11.99 10.45
C ALA D 219 -10.88 -12.91 10.38
N ASP D 220 -10.08 -12.76 9.32
CA ASP D 220 -8.88 -13.58 9.16
C ASP D 220 -7.78 -13.07 10.08
N ILE D 221 -7.32 -13.94 10.96
CA ILE D 221 -6.30 -13.59 11.94
C ILE D 221 -5.04 -14.36 11.60
N ASP D 222 -3.93 -13.62 11.48
CA ASP D 222 -2.62 -14.20 11.22
C ASP D 222 -1.63 -13.59 12.22
N GLU D 225 -3.00 -11.04 14.61
CA GLU D 225 -3.36 -9.75 13.97
C GLU D 225 -4.32 -9.99 12.80
N LEU D 226 -5.31 -9.11 12.71
CA LEU D 226 -6.30 -9.10 11.62
C LEU D 226 -5.69 -8.53 10.36
N THR D 228 -5.86 -6.33 7.29
CA THR D 228 -6.46 -5.02 6.97
C THR D 228 -6.50 -4.76 5.46
N MET D 230 -8.70 -6.21 3.11
CA MET D 230 -10.10 -6.05 2.69
C MET D 230 -10.60 -4.68 3.10
N SER D 231 -10.53 -4.36 4.40
CA SER D 231 -11.08 -3.10 4.95
C SER D 231 -10.51 -1.84 4.26
N ASP D 232 -9.19 -1.82 4.11
CA ASP D 232 -8.49 -0.71 3.46
C ASP D 232 -9.02 -0.46 2.05
N TYR D 233 -9.22 -1.55 1.31
CA TYR D 233 -9.73 -1.52 -0.06
C TYR D 233 -11.21 -1.10 -0.11
N ILE D 234 -12.02 -1.60 0.80
CA ILE D 234 -13.42 -1.16 0.93
C ILE D 234 -13.52 0.34 1.26
N ASN D 235 -12.74 0.78 2.26
CA ASN D 235 -12.75 2.21 2.66
C ASN D 235 -12.35 3.16 1.51
N ASP D 236 -11.41 2.73 0.67
CA ASP D 236 -11.02 3.50 -0.52
C ASP D 236 -12.17 3.64 -1.48
N ALA D 237 -12.87 2.54 -1.71
CA ALA D 237 -14.10 2.52 -2.53
C ALA D 237 -15.18 3.47 -2.01
N ILE D 238 -15.43 3.44 -0.70
CA ILE D 238 -16.32 4.39 -0.01
C ILE D 238 -15.91 5.84 -0.31
N LYS D 239 -14.63 6.13 -0.12
CA LYS D 239 -14.03 7.43 -0.35
C LYS D 239 -14.16 7.87 -1.81
N ASP D 240 -13.88 6.96 -2.74
CA ASP D 240 -14.03 7.26 -4.17
C ASP D 240 -15.49 7.57 -4.59
N PHE D 241 -16.47 6.86 -4.04
CA PHE D 241 -17.86 6.99 -4.52
C PHE D 241 -18.86 7.63 -3.56
N PHE D 242 -18.63 7.44 -2.27
CA PHE D 242 -19.50 8.03 -1.25
C PHE D 242 -18.72 8.92 -0.26
N PRO D 243 -17.92 9.88 -0.77
CA PRO D 243 -17.17 10.73 0.19
C PRO D 243 -18.04 11.69 1.02
N GLU D 244 -19.25 12.00 0.54
CA GLU D 244 -20.10 13.03 1.16
C GLU D 244 -20.44 12.70 2.61
N VAL D 247 -24.06 10.90 3.76
CA VAL D 247 -24.28 9.47 3.52
C VAL D 247 -23.91 8.63 4.75
N THR D 248 -24.89 7.85 5.21
CA THR D 248 -24.67 6.85 6.23
C THR D 248 -24.32 5.49 5.64
N ILE D 249 -23.26 4.90 6.16
CA ILE D 249 -22.83 3.59 5.67
C ILE D 249 -23.08 2.51 6.70
N VAL D 250 -23.66 1.40 6.23
CA VAL D 250 -23.92 0.27 7.11
C VAL D 250 -23.45 -1.03 6.44
N ALA D 251 -23.28 -2.07 7.26
CA ALA D 251 -22.95 -3.41 6.77
C ALA D 251 -23.82 -4.45 7.45
N GLU D 252 -23.87 -5.64 6.87
CA GLU D 252 -24.59 -6.75 7.47
C GLU D 252 -23.66 -7.96 7.75
N PRO D 253 -22.61 -7.76 8.60
CA PRO D 253 -21.69 -8.88 8.83
C PRO D 253 -22.30 -9.98 9.70
N GLY D 254 -22.08 -11.23 9.29
CA GLY D 254 -22.44 -12.37 10.12
C GLY D 254 -21.16 -13.04 10.62
N ARG D 255 -20.47 -13.71 9.69
CA ARG D 255 -19.32 -14.53 10.03
C ARG D 255 -18.15 -13.76 10.66
N PHE D 256 -18.01 -12.48 10.33
CA PHE D 256 -16.91 -11.67 10.85
C PHE D 256 -16.86 -11.73 12.37
N PHE D 257 -18.05 -11.67 12.98
CA PHE D 257 -18.21 -11.65 14.45
C PHE D 257 -18.41 -13.05 15.05
N ALA D 258 -19.17 -13.87 14.32
CA ALA D 258 -19.58 -15.18 14.83
C ALA D 258 -18.50 -16.27 14.72
N GLU D 259 -17.62 -16.21 13.70
CA GLU D 259 -16.72 -17.34 13.44
C GLU D 259 -15.91 -17.75 14.66
N HIS D 260 -15.23 -16.79 15.28
CA HIS D 260 -14.31 -17.04 16.41
C HIS D 260 -14.96 -17.01 17.78
N TYR D 261 -16.27 -16.80 17.78
CA TYR D 261 -17.04 -16.78 19.00
C TYR D 261 -16.95 -18.10 19.79
N SER D 262 -16.97 -19.23 19.08
CA SER D 262 -17.02 -20.52 19.72
C SER D 262 -16.02 -21.52 19.17
N VAL D 263 -15.64 -22.48 20.01
CA VAL D 263 -15.04 -23.74 19.53
C VAL D 263 -16.07 -24.84 19.80
N LEU D 264 -16.03 -25.92 19.05
CA LEU D 264 -16.97 -27.03 19.28
C LEU D 264 -16.23 -28.29 19.74
N ALA D 265 -16.47 -28.70 21.00
CA ALA D 265 -15.85 -29.90 21.57
C ALA D 265 -16.71 -31.13 21.33
N THR D 266 -16.08 -32.25 20.95
CA THR D 266 -16.80 -33.49 20.61
C THR D 266 -15.94 -34.70 20.96
N GLN D 267 -16.57 -35.82 21.31
CA GLN D 267 -15.84 -37.00 21.82
C GLN D 267 -15.86 -38.13 20.80
N VAL D 268 -14.75 -38.88 20.72
CA VAL D 268 -14.72 -40.12 19.97
C VAL D 268 -15.57 -41.17 20.71
N ILE D 269 -16.57 -41.68 20.02
CA ILE D 269 -17.48 -42.69 20.56
C ILE D 269 -17.40 -44.05 19.94
N GLY D 270 -16.80 -44.13 18.74
CA GLY D 270 -16.65 -45.38 18.01
C GLY D 270 -15.31 -45.38 17.27
N LYS D 271 -14.79 -46.57 17.02
CA LYS D 271 -13.50 -46.74 16.29
C LYS D 271 -13.45 -48.03 15.46
N ARG D 272 -12.69 -47.98 14.37
CA ARG D 272 -12.52 -49.11 13.50
C ARG D 272 -11.17 -48.93 12.80
N VAL D 273 -10.32 -49.94 12.85
CA VAL D 273 -9.01 -49.86 12.23
C VAL D 273 -8.87 -50.96 11.19
N ARG D 274 -8.69 -50.58 9.91
CA ARG D 274 -8.61 -51.52 8.79
C ARG D 274 -7.47 -51.17 7.85
N ASP D 275 -6.54 -52.12 7.69
CA ASP D 275 -5.40 -52.00 6.78
C ASP D 275 -4.72 -50.65 6.91
N GLY D 276 -4.46 -50.27 8.17
CA GLY D 276 -3.69 -49.06 8.49
C GLY D 276 -4.42 -47.75 8.36
N LEU D 277 -5.74 -47.83 8.17
CA LEU D 277 -6.63 -46.68 8.12
C LEU D 277 -7.46 -46.64 9.43
N TYR D 278 -7.46 -45.49 10.10
CA TYR D 278 -8.07 -45.32 11.44
C TYR D 278 -9.40 -44.54 11.30
N GLU D 279 -10.50 -45.25 11.47
CA GLU D 279 -11.80 -44.65 11.26
C GLU D 279 -12.45 -44.35 12.62
N TYR D 280 -12.94 -43.13 12.78
CA TYR D 280 -13.49 -42.70 14.06
C TYR D 280 -14.88 -42.14 13.89
N PHE D 281 -15.75 -42.41 14.89
CA PHE D 281 -17.08 -41.84 14.97
C PHE D 281 -17.18 -40.95 16.19
N PHE D 282 -17.74 -39.75 15.98
CA PHE D 282 -17.88 -38.72 16.97
C PHE D 282 -19.34 -38.48 17.35
N ASN D 283 -19.57 -37.93 18.54
CA ASN D 283 -20.94 -37.56 18.92
C ASN D 283 -21.39 -36.24 18.30
N GLU D 284 -20.91 -35.99 17.08
CA GLU D 284 -21.32 -34.87 16.25
C GLU D 284 -21.46 -35.38 14.83
N SER D 285 -21.97 -34.53 13.95
CA SER D 285 -22.24 -34.91 12.58
C SER D 285 -22.50 -33.70 11.69
N THR D 286 -22.61 -33.96 10.39
CA THR D 286 -22.91 -32.93 9.42
C THR D 286 -24.39 -32.51 9.53
N TYR D 287 -25.19 -33.35 10.18
CA TYR D 287 -26.59 -33.03 10.50
C TYR D 287 -26.72 -32.30 11.86
N GLY D 288 -25.57 -32.11 12.53
CA GLY D 288 -25.49 -31.37 13.77
C GLY D 288 -24.75 -30.05 13.55
N GLY D 289 -23.54 -29.91 14.11
CA GLY D 289 -22.78 -28.66 14.02
C GLY D 289 -21.85 -28.54 12.78
N PHE D 290 -21.79 -29.58 11.94
CA PHE D 290 -20.83 -29.62 10.81
C PHE D 290 -21.48 -29.53 9.41
N SER D 291 -22.61 -28.84 9.31
CA SER D 291 -23.21 -28.59 7.98
C SER D 291 -22.32 -27.77 7.05
N ASN D 292 -21.39 -26.96 7.58
CA ASN D 292 -20.41 -26.23 6.71
C ASN D 292 -19.53 -27.15 5.85
N VAL D 293 -19.29 -28.36 6.37
CA VAL D 293 -18.57 -29.38 5.62
C VAL D 293 -19.25 -29.60 4.25
N ILE D 294 -20.57 -29.62 4.24
CA ILE D 294 -21.39 -29.85 3.05
C ILE D 294 -21.59 -28.55 2.24
N PHE D 295 -21.95 -27.48 2.94
CA PHE D 295 -22.34 -26.22 2.28
C PHE D 295 -21.17 -25.28 1.94
N GLU D 296 -20.09 -25.34 2.72
CA GLU D 296 -18.98 -24.40 2.55
C GLU D 296 -17.69 -25.16 2.23
N LYS D 297 -17.82 -26.45 1.93
CA LYS D 297 -16.67 -27.30 1.65
C LYS D 297 -15.56 -27.24 2.69
N SER D 298 -15.96 -27.07 3.96
CA SER D 298 -15.03 -27.04 5.09
C SER D 298 -14.33 -28.40 5.19
N VAL D 299 -13.04 -28.36 5.50
CA VAL D 299 -12.24 -29.54 5.75
C VAL D 299 -11.53 -29.28 7.08
N PRO D 300 -12.26 -29.47 8.21
CA PRO D 300 -11.76 -29.06 9.52
C PRO D 300 -10.84 -30.08 10.18
N THR D 301 -9.79 -29.54 10.79
CA THR D 301 -8.81 -30.34 11.51
C THR D 301 -9.04 -30.10 13.01
N PRO D 302 -9.25 -31.19 13.78
CA PRO D 302 -9.46 -31.05 15.22
C PRO D 302 -8.18 -30.87 16.05
N GLN D 303 -8.32 -30.20 17.20
CA GLN D 303 -7.25 -30.13 18.18
C GLN D 303 -7.47 -31.24 19.23
N LEU D 304 -6.44 -32.02 19.48
CA LEU D 304 -6.46 -33.01 20.56
C LEU D 304 -6.39 -32.34 21.92
N LEU D 305 -7.22 -32.82 22.84
CA LEU D 305 -7.12 -32.36 24.23
C LEU D 305 -6.06 -33.13 25.00
N ARG D 306 -5.95 -34.42 24.70
CA ARG D 306 -4.93 -35.27 25.31
C ARG D 306 -3.56 -34.88 24.79
N ASP D 307 -2.64 -34.69 25.72
CA ASP D 307 -1.30 -34.29 25.37
C ASP D 307 -0.53 -35.48 24.82
N VAL D 308 0.26 -35.22 23.78
CA VAL D 308 1.11 -36.23 23.12
C VAL D 308 2.53 -35.72 23.02
N PRO D 309 3.52 -36.64 23.03
CA PRO D 309 4.91 -36.22 22.87
C PRO D 309 5.18 -35.60 21.51
N ASP D 310 6.31 -34.90 21.42
CA ASP D 310 6.76 -34.29 20.17
C ASP D 310 6.95 -35.31 19.04
N ASP D 311 7.40 -36.52 19.36
CA ASP D 311 7.67 -37.55 18.34
C ASP D 311 6.51 -38.55 18.11
N GLU D 312 5.31 -38.21 18.55
CA GLU D 312 4.16 -39.09 18.32
C GLU D 312 3.95 -39.27 16.81
N GLU D 313 3.88 -40.54 16.39
CA GLU D 313 3.48 -40.91 15.04
C GLU D 313 2.06 -40.43 14.71
N TYR D 314 1.89 -39.83 13.53
CA TYR D 314 0.57 -39.51 13.01
C TYR D 314 0.12 -40.63 12.07
N VAL D 315 -1.18 -40.94 12.13
CA VAL D 315 -1.76 -42.00 11.31
C VAL D 315 -2.89 -41.44 10.40
N PRO D 316 -3.20 -42.13 9.28
CA PRO D 316 -4.21 -41.60 8.38
C PRO D 316 -5.58 -41.88 8.99
N SER D 317 -6.38 -40.83 9.14
CA SER D 317 -7.57 -40.90 9.93
C SER D 317 -8.79 -40.43 9.12
N VAL D 318 -9.97 -40.98 9.43
CA VAL D 318 -11.22 -40.56 8.82
C VAL D 318 -12.21 -40.17 9.95
N LEU D 319 -12.75 -38.96 9.86
CA LEU D 319 -13.65 -38.47 10.93
C LEU D 319 -15.08 -38.56 10.47
N TYR D 320 -15.82 -39.51 11.03
CA TYR D 320 -17.19 -39.77 10.61
C TYR D 320 -18.13 -39.10 11.61
N GLY D 321 -19.24 -38.57 11.11
CA GLY D 321 -20.38 -38.15 11.95
C GLY D 321 -21.17 -39.33 12.49
N CYS D 322 -21.94 -39.11 13.58
CA CYS D 322 -22.61 -40.20 14.25
C CYS D 322 -23.87 -40.72 13.54
N THR D 323 -24.36 -40.06 12.48
CA THR D 323 -25.62 -40.51 11.85
C THR D 323 -25.43 -41.73 10.94
N CYS D 324 -26.56 -42.35 10.59
N CYS D 324 -26.54 -42.36 10.58
CA CYS D 324 -26.65 -43.47 9.66
CA CYS D 324 -26.52 -43.53 9.70
C CYS D 324 -26.16 -43.19 8.24
C CYS D 324 -26.23 -43.21 8.21
N ASP D 325 -26.09 -41.92 7.88
CA ASP D 325 -25.91 -41.50 6.47
C ASP D 325 -24.45 -41.56 6.07
N GLY D 326 -24.19 -42.09 4.86
CA GLY D 326 -22.83 -42.15 4.31
C GLY D 326 -22.21 -40.82 3.94
N VAL D 327 -23.06 -39.82 3.71
CA VAL D 327 -22.63 -38.46 3.35
C VAL D 327 -22.10 -37.76 4.57
N ASP D 328 -22.52 -38.24 5.75
CA ASP D 328 -22.12 -37.68 7.03
C ASP D 328 -20.68 -38.05 7.42
N VAL D 329 -19.73 -37.35 6.81
CA VAL D 329 -18.29 -37.46 7.09
C VAL D 329 -17.80 -36.04 7.42
N ILE D 330 -17.18 -35.92 8.58
CA ILE D 330 -16.61 -34.64 9.01
C ILE D 330 -15.31 -34.27 8.26
N ASN D 331 -14.42 -35.25 8.15
CA ASN D 331 -13.18 -35.14 7.40
C ASN D 331 -12.85 -36.50 6.82
N HIS D 332 -12.83 -36.60 5.49
CA HIS D 332 -12.48 -37.82 4.77
C HIS D 332 -11.03 -38.31 5.01
N ASN D 333 -10.08 -37.39 5.18
CA ASN D 333 -8.65 -37.75 5.34
C ASN D 333 -7.86 -36.72 6.10
N VAL D 334 -7.32 -37.14 7.24
CA VAL D 334 -6.53 -36.21 8.04
C VAL D 334 -5.50 -36.98 8.83
N ALA D 335 -4.24 -36.53 8.81
CA ALA D 335 -3.19 -37.12 9.62
C ALA D 335 -3.35 -36.65 11.09
N LEU D 336 -3.48 -37.60 12.01
CA LEU D 336 -3.55 -37.30 13.43
C LEU D 336 -2.84 -38.36 14.27
N PRO D 337 -2.45 -38.02 15.51
CA PRO D 337 -2.06 -39.06 16.45
C PRO D 337 -3.23 -40.05 16.61
N GLU D 338 -2.93 -41.30 16.96
CA GLU D 338 -3.97 -42.29 17.20
C GLU D 338 -4.95 -41.80 18.29
N LEU D 339 -6.24 -41.90 17.99
CA LEU D 339 -7.27 -41.56 18.97
C LEU D 339 -7.86 -42.84 19.54
N HIS D 340 -8.41 -42.70 20.76
CA HIS D 340 -9.11 -43.79 21.41
C HIS D 340 -10.54 -43.36 21.81
N ILE D 341 -11.44 -44.32 21.88
CA ILE D 341 -12.82 -44.04 22.30
C ILE D 341 -12.76 -43.35 23.70
N GLY D 342 -13.44 -42.22 23.84
CA GLY D 342 -13.42 -41.44 25.11
C GLY D 342 -12.59 -40.17 25.01
N ASP D 343 -11.76 -40.09 23.96
CA ASP D 343 -10.94 -38.90 23.67
C ASP D 343 -11.82 -37.71 23.30
N TRP D 344 -11.56 -36.54 23.89
CA TRP D 344 -12.16 -35.31 23.42
C TRP D 344 -11.24 -34.55 22.47
N VAL D 345 -11.85 -33.94 21.47
CA VAL D 345 -11.14 -33.02 20.60
C VAL D 345 -11.98 -31.75 20.51
N TYR D 346 -11.41 -30.69 19.94
CA TYR D 346 -12.22 -29.52 19.61
C TYR D 346 -11.86 -28.88 18.28
N PHE D 347 -12.86 -28.28 17.66
CA PHE D 347 -12.73 -27.57 16.41
C PHE D 347 -12.75 -26.06 16.68
N PRO D 348 -11.61 -25.38 16.44
CA PRO D 348 -11.50 -23.93 16.62
C PRO D 348 -12.40 -23.14 15.67
N SER D 349 -12.74 -21.91 16.06
CA SER D 349 -13.51 -21.01 15.19
C SER D 349 -14.69 -21.70 14.55
N TRP D 350 -15.57 -22.22 15.42
CA TRP D 350 -16.74 -22.98 14.99
C TRP D 350 -18.06 -22.31 15.44
N GLY D 351 -18.15 -21.01 15.18
CA GLY D 351 -19.33 -20.23 15.60
C GLY D 351 -20.19 -19.68 14.46
N ALA D 352 -19.71 -19.75 13.23
CA ALA D 352 -20.47 -19.20 12.11
C ALA D 352 -21.18 -20.31 11.33
N TYR D 353 -22.52 -20.29 11.29
CA TYR D 353 -23.27 -21.28 10.49
C TYR D 353 -22.96 -22.70 10.95
N THR D 354 -22.98 -22.86 12.26
CA THR D 354 -22.71 -24.14 12.89
C THR D 354 -23.93 -24.55 13.75
N ASN D 355 -24.07 -23.98 14.94
CA ASN D 355 -25.18 -24.38 15.83
C ASN D 355 -26.56 -24.00 15.24
N VAL D 356 -26.63 -22.95 14.43
CA VAL D 356 -27.91 -22.51 13.84
C VAL D 356 -28.51 -23.53 12.85
N LEU D 357 -27.67 -24.42 12.31
CA LEU D 357 -28.08 -25.36 11.27
C LEU D 357 -28.31 -26.78 11.79
N THR D 358 -28.32 -26.94 13.10
CA THR D 358 -28.53 -28.26 13.68
C THR D 358 -29.89 -28.85 13.34
N THR D 359 -29.89 -30.16 13.14
CA THR D 359 -31.14 -30.94 13.03
C THR D 359 -31.14 -31.99 14.16
N SER D 360 -32.34 -32.55 14.44
CA SER D 360 -32.45 -33.74 15.30
C SER D 360 -32.49 -35.07 14.49
N PHE D 361 -31.91 -35.07 13.27
CA PHE D 361 -31.83 -36.31 12.46
C PHE D 361 -31.20 -37.48 13.23
N ASN D 362 -31.80 -38.67 13.10
CA ASN D 362 -31.38 -39.87 13.86
C ASN D 362 -31.57 -39.79 15.39
N GLY D 363 -32.18 -38.72 15.87
CA GLY D 363 -32.29 -38.46 17.32
C GLY D 363 -31.01 -37.89 17.94
N PHE D 364 -30.08 -37.49 17.06
CA PHE D 364 -28.86 -36.83 17.49
C PHE D 364 -29.06 -35.30 17.42
N GLY D 365 -27.98 -34.54 17.51
CA GLY D 365 -28.08 -33.10 17.31
C GLY D 365 -28.07 -32.23 18.56
N GLU D 366 -28.11 -32.86 19.75
CA GLU D 366 -28.05 -32.14 21.02
C GLU D 366 -26.61 -31.71 21.38
N TYR D 367 -26.51 -30.62 22.14
CA TYR D 367 -25.24 -30.04 22.53
C TYR D 367 -25.49 -29.13 23.73
N ASP D 368 -24.43 -28.87 24.48
CA ASP D 368 -24.50 -27.92 25.62
C ASP D 368 -23.64 -26.70 25.25
N VAL D 369 -23.78 -25.62 26.01
CA VAL D 369 -22.95 -24.42 25.78
C VAL D 369 -22.39 -23.93 27.08
N TYR D 370 -21.09 -23.62 27.06
CA TYR D 370 -20.41 -23.05 28.22
C TYR D 370 -19.89 -21.67 27.84
N TYR D 371 -20.05 -20.70 28.71
CA TYR D 371 -19.56 -19.37 28.42
C TYR D 371 -18.33 -19.03 29.26
N ILE D 372 -17.38 -18.35 28.63
CA ILE D 372 -16.09 -18.08 29.28
C ILE D 372 -15.70 -16.61 29.16
N MET E 1 35.77 3.51 -4.44
CA MET E 1 36.57 2.36 -3.89
C MET E 1 38.01 2.73 -3.53
N ASN E 2 38.41 2.32 -2.31
CA ASN E 2 39.67 2.68 -1.70
C ASN E 2 40.84 2.13 -2.54
N SER E 3 40.74 0.88 -2.99
CA SER E 3 41.84 0.29 -3.73
C SER E 3 41.97 0.88 -5.14
N VAL E 4 40.83 1.21 -5.79
CA VAL E 4 40.87 1.81 -7.15
C VAL E 4 41.62 3.16 -7.08
N VAL E 5 41.28 3.96 -6.06
CA VAL E 5 41.85 5.29 -5.94
C VAL E 5 43.35 5.22 -5.61
N ASN E 6 43.71 4.29 -4.73
CA ASN E 6 45.13 4.07 -4.40
C ASN E 6 45.93 3.60 -5.63
N ASN E 7 45.29 2.75 -6.45
CA ASN E 7 45.93 2.26 -7.69
C ASN E 7 46.18 3.44 -8.64
N ILE E 8 45.24 4.38 -8.70
CA ILE E 8 45.40 5.60 -9.53
C ILE E 8 46.58 6.41 -9.08
N LEU E 9 46.66 6.62 -7.77
CA LEU E 9 47.78 7.34 -7.18
C LEU E 9 49.11 6.65 -7.42
N LYS E 10 49.12 5.31 -7.41
CA LYS E 10 50.37 4.56 -7.70
C LYS E 10 50.79 4.57 -9.16
N ALA E 11 49.80 4.47 -10.06
CA ALA E 11 50.02 4.59 -11.47
C ALA E 11 50.39 6.01 -11.88
N HIS E 12 49.91 6.99 -11.12
CA HIS E 12 50.21 8.41 -11.40
C HIS E 12 50.85 9.13 -10.25
N PRO E 13 52.13 8.85 -9.97
CA PRO E 13 52.73 9.44 -8.81
C PRO E 13 53.02 10.93 -8.97
N GLN E 15 50.63 13.02 -9.79
CA GLN E 15 49.26 13.56 -9.52
C GLN E 15 49.31 14.66 -8.48
N THR E 16 48.93 15.86 -8.89
CA THR E 16 48.90 17.00 -7.97
C THR E 16 47.50 17.57 -7.69
N LYS E 17 46.76 17.82 -8.76
CA LYS E 17 45.41 18.41 -8.67
C LYS E 17 44.49 17.42 -7.98
N SER E 18 43.43 17.94 -7.32
CA SER E 18 42.28 17.09 -6.96
C SER E 18 41.75 16.39 -8.22
N PHE E 19 41.06 15.27 -8.03
CA PHE E 19 40.57 14.51 -9.20
C PHE E 19 39.31 13.72 -8.91
N TYR E 20 38.42 13.75 -9.89
CA TYR E 20 37.23 12.90 -9.90
C TYR E 20 37.56 11.51 -10.45
N VAL E 21 37.01 10.51 -9.77
CA VAL E 21 37.01 9.15 -10.29
C VAL E 21 35.58 8.78 -10.64
N SER E 22 35.33 8.60 -11.92
CA SER E 22 33.95 8.48 -12.44
C SER E 22 33.69 7.10 -13.06
N SER E 23 32.53 6.52 -12.75
CA SER E 23 32.22 5.16 -13.18
C SER E 23 30.91 5.12 -14.01
N PRO E 24 31.04 5.05 -15.35
CA PRO E 24 29.87 4.85 -16.22
C PRO E 24 29.04 3.59 -15.86
N LYS E 25 29.69 2.54 -15.37
CA LYS E 25 28.98 1.30 -15.03
C LYS E 25 27.95 1.50 -13.90
N ILE E 26 28.35 2.27 -12.89
CA ILE E 26 27.44 2.65 -11.81
C ILE E 26 26.17 3.30 -12.37
N VAL E 27 26.33 4.24 -13.28
CA VAL E 27 25.17 4.93 -13.90
C VAL E 27 24.33 3.95 -14.73
N GLU E 28 25.00 3.11 -15.54
CA GLU E 28 24.34 2.04 -16.32
C GLU E 28 23.42 1.16 -15.44
N ASP E 29 23.97 0.76 -14.30
CA ASP E 29 23.28 -0.06 -13.34
C ASP E 29 22.05 0.66 -12.73
N LEU E 30 22.19 1.96 -12.43
CA LEU E 30 21.08 2.79 -11.95
C LEU E 30 20.01 3.04 -13.02
N ILE E 31 20.42 3.15 -14.29
CA ILE E 31 19.47 3.18 -15.42
C ILE E 31 18.58 1.93 -15.42
N ASP E 32 19.24 0.76 -15.37
CA ASP E 32 18.56 -0.55 -15.28
C ASP E 32 17.60 -0.59 -14.08
N GLN E 33 18.03 -0.01 -12.96
CA GLN E 33 17.18 0.10 -11.79
C GLN E 33 15.98 1.04 -11.98
N TRP E 34 16.24 2.20 -12.59
CA TRP E 34 15.17 3.14 -12.94
C TRP E 34 14.03 2.41 -13.67
N THR E 35 14.37 1.65 -14.70
CA THR E 35 13.37 0.99 -15.52
C THR E 35 12.53 0.01 -14.70
N ILE E 36 13.13 -0.57 -13.66
CA ILE E 36 12.39 -1.42 -12.73
C ILE E 36 11.52 -0.63 -11.75
N LEU E 37 12.09 0.41 -11.16
CA LEU E 37 11.39 1.26 -10.19
C LEU E 37 10.28 2.08 -10.86
N PHE E 38 10.49 2.45 -12.11
CA PHE E 38 9.56 3.31 -12.84
C PHE E 38 9.22 2.77 -14.24
N PRO E 39 8.54 1.62 -14.31
CA PRO E 39 8.25 0.98 -15.62
C PRO E 39 7.47 1.85 -16.60
N ARG E 40 6.76 2.87 -16.11
CA ARG E 40 6.04 3.76 -17.02
C ARG E 40 6.73 5.10 -17.35
N VAL E 41 7.87 5.37 -16.71
CA VAL E 41 8.44 6.70 -16.74
C VAL E 41 9.76 6.76 -17.52
N THR E 42 9.78 7.57 -18.59
CA THR E 42 10.96 7.75 -19.40
C THR E 42 11.76 8.93 -18.82
N PRO E 43 13.02 8.68 -18.37
CA PRO E 43 13.82 9.75 -17.79
C PRO E 43 14.49 10.66 -18.84
N HIS E 44 14.36 11.97 -18.64
CA HIS E 44 15.07 12.99 -19.41
C HIS E 44 16.11 13.57 -18.47
N TYR E 45 17.34 13.09 -18.59
CA TYR E 45 18.40 13.49 -17.67
C TYR E 45 18.65 15.01 -17.69
N ALA E 46 18.63 15.60 -16.49
CA ALA E 46 18.92 17.03 -16.30
C ALA E 46 20.43 17.28 -16.38
N VAL E 47 20.86 17.69 -17.55
CA VAL E 47 22.29 17.82 -17.82
C VAL E 47 22.99 18.87 -16.96
N LYS E 48 22.24 19.87 -16.49
CA LYS E 48 22.78 20.87 -15.58
C LYS E 48 23.40 20.28 -14.31
N CYS E 49 22.94 19.10 -13.90
CA CYS E 49 23.40 18.45 -12.65
C CYS E 49 24.87 17.99 -12.79
N ASN E 50 25.19 17.49 -13.99
CA ASN E 50 26.53 16.97 -14.32
C ASN E 50 26.60 16.78 -15.83
N ASN E 51 27.40 17.62 -16.47
CA ASN E 51 27.48 17.64 -17.92
C ASN E 51 28.71 16.91 -18.50
N ASP E 52 29.36 16.10 -17.66
CA ASP E 52 30.47 15.24 -18.09
C ASP E 52 30.16 14.52 -19.42
N GLU E 53 31.06 14.68 -20.40
CA GLU E 53 30.82 14.14 -21.74
C GLU E 53 30.63 12.61 -21.70
N VAL E 54 31.44 11.92 -20.90
CA VAL E 54 31.32 10.45 -20.81
C VAL E 54 29.99 10.02 -20.20
N LEU E 55 29.55 10.78 -19.20
CA LEU E 55 28.25 10.57 -18.60
C LEU E 55 27.12 10.71 -19.60
N LEU E 56 27.13 11.79 -20.38
CA LEU E 56 26.11 12.02 -21.40
C LEU E 56 26.08 10.93 -22.46
N LYS E 57 27.26 10.52 -22.96
CA LYS E 57 27.37 9.41 -23.92
C LYS E 57 26.82 8.10 -23.35
N THR E 58 27.14 7.82 -22.08
CA THR E 58 26.63 6.65 -21.36
C THR E 58 25.10 6.64 -21.34
N MET E 59 24.49 7.79 -21.05
CA MET E 59 23.03 7.92 -21.02
C MET E 59 22.44 7.73 -22.44
N CYS E 60 23.06 8.39 -23.42
CA CYS E 60 22.68 8.25 -24.84
C CYS E 60 22.57 6.79 -25.22
N ASP E 61 23.58 6.02 -24.84
CA ASP E 61 23.71 4.62 -25.30
C ASP E 61 22.73 3.69 -24.59
N LYS E 62 22.23 4.13 -23.44
CA LYS E 62 21.28 3.37 -22.64
C LYS E 62 19.84 3.86 -22.90
N ASN E 63 19.64 4.59 -24.00
CA ASN E 63 18.31 5.13 -24.37
C ASN E 63 17.62 6.03 -23.30
N VAL E 64 18.45 6.80 -22.59
CA VAL E 64 18.00 7.87 -21.71
C VAL E 64 17.90 9.14 -22.56
N ASN E 65 16.85 9.90 -22.31
CA ASN E 65 16.65 11.15 -23.02
C ASN E 65 17.23 12.32 -22.18
N PHE E 66 16.98 13.55 -22.58
CA PHE E 66 17.65 14.68 -21.97
C PHE E 66 16.77 15.87 -21.68
N ASP E 67 17.05 16.48 -20.52
CA ASP E 67 16.51 17.76 -20.18
C ASP E 67 17.61 18.83 -20.27
N CYS E 68 17.43 19.75 -21.22
CA CYS E 68 18.38 20.82 -21.46
C CYS E 68 17.78 22.15 -21.01
N ALA E 69 18.61 22.98 -20.40
CA ALA E 69 18.18 24.23 -19.81
C ALA E 69 18.62 25.48 -20.55
N SER E 70 19.48 25.30 -21.56
CA SER E 70 20.08 26.44 -22.28
C SER E 70 20.61 25.95 -23.64
N SER E 71 20.96 26.89 -24.49
CA SER E 71 21.51 26.54 -25.80
C SER E 71 22.81 25.77 -25.66
N SER E 72 23.62 26.15 -24.69
CA SER E 72 24.87 25.44 -24.41
C SER E 72 24.63 23.97 -24.08
N GLU E 73 23.64 23.70 -23.22
CA GLU E 73 23.29 22.32 -22.88
C GLU E 73 22.75 21.52 -24.09
N ILE E 74 21.94 22.17 -24.92
CA ILE E 74 21.46 21.55 -26.18
C ILE E 74 22.66 21.13 -27.06
N LYS E 75 23.59 22.06 -27.23
CA LYS E 75 24.79 21.82 -28.01
C LYS E 75 25.57 20.58 -27.50
N LYS E 76 25.74 20.49 -26.20
CA LYS E 76 26.48 19.37 -25.58
C LYS E 76 25.88 18.00 -25.93
N VAL E 77 24.57 17.95 -25.91
CA VAL E 77 23.81 16.73 -26.15
C VAL E 77 23.80 16.43 -27.67
N ILE E 78 23.52 17.45 -28.48
CA ILE E 78 23.61 17.31 -29.96
C ILE E 78 24.95 16.77 -30.48
N GLN E 79 26.04 17.33 -29.95
CA GLN E 79 27.41 16.93 -30.32
C GLN E 79 27.66 15.46 -30.04
N ILE E 80 26.98 14.94 -29.02
CA ILE E 80 27.10 13.52 -28.64
C ILE E 80 26.44 12.62 -29.72
N GLY E 81 25.66 13.25 -30.62
CA GLY E 81 25.01 12.52 -31.70
C GLY E 81 23.59 12.17 -31.34
N VAL E 82 23.11 12.71 -30.22
CA VAL E 82 21.76 12.42 -29.78
C VAL E 82 20.72 13.14 -30.63
N SER E 83 19.67 12.42 -31.01
CA SER E 83 18.56 13.01 -31.76
C SER E 83 17.88 14.17 -30.99
N PRO E 84 17.55 15.30 -31.70
CA PRO E 84 16.86 16.45 -31.10
C PRO E 84 15.48 16.06 -30.52
N SER E 85 14.89 14.98 -31.08
CA SER E 85 13.56 14.48 -30.60
C SER E 85 13.60 13.99 -29.14
N ARG E 86 14.81 13.71 -28.67
CA ARG E 86 15.02 13.19 -27.33
C ARG E 86 15.23 14.33 -26.30
N ILE E 87 15.23 15.56 -26.77
CA ILE E 87 15.47 16.69 -25.86
C ILE E 87 14.19 17.44 -25.52
N ILE E 88 14.01 17.73 -24.23
CA ILE E 88 13.00 18.68 -23.79
C ILE E 88 13.75 19.92 -23.26
N PHE E 89 13.41 21.08 -23.81
CA PHE E 89 13.99 22.35 -23.38
C PHE E 89 13.23 22.76 -22.09
N ALA E 90 13.49 22.06 -20.98
CA ALA E 90 12.64 22.19 -19.74
C ALA E 90 13.04 23.39 -18.86
N HIS E 91 13.08 24.55 -19.49
CA HIS E 91 13.32 25.80 -18.77
C HIS E 91 12.21 26.72 -19.18
N THR E 92 11.47 27.22 -18.19
CA THR E 92 10.31 28.07 -18.51
C THR E 92 10.67 29.47 -19.02
N MET E 93 11.91 29.91 -18.83
CA MET E 93 12.37 31.24 -19.26
C MET E 93 13.61 31.06 -20.19
N LYS E 94 13.38 31.19 -21.49
CA LYS E 94 14.37 30.90 -22.54
C LYS E 94 14.64 32.15 -23.34
N THR E 95 15.89 32.47 -23.60
CA THR E 95 16.15 33.68 -24.36
C THR E 95 15.59 33.49 -25.80
N ILE E 96 15.24 34.60 -26.45
CA ILE E 96 14.84 34.60 -27.85
C ILE E 96 15.93 33.94 -28.72
N ASP E 97 17.17 34.30 -28.51
CA ASP E 97 18.29 33.73 -29.27
C ASP E 97 18.41 32.21 -29.01
N ASP E 98 18.14 31.77 -27.77
CA ASP E 98 18.10 30.30 -27.51
C ASP E 98 16.93 29.53 -28.17
N LEU E 99 15.76 30.17 -28.19
CA LEU E 99 14.61 29.64 -28.93
C LEU E 99 14.91 29.49 -30.44
N ILE E 100 15.52 30.53 -31.02
CA ILE E 100 15.94 30.51 -32.46
C ILE E 100 16.89 29.33 -32.67
N PHE E 101 17.82 29.16 -31.74
CA PHE E 101 18.76 28.06 -31.77
C PHE E 101 18.05 26.69 -31.66
N ALA E 102 17.16 26.56 -30.66
CA ALA E 102 16.31 25.37 -30.54
C ALA E 102 15.60 25.01 -31.86
N LYS E 103 14.94 26.01 -32.44
CA LYS E 103 14.24 25.84 -33.70
C LYS E 103 15.21 25.32 -34.81
N ASP E 104 16.40 25.88 -34.86
CA ASP E 104 17.42 25.49 -35.85
C ASP E 104 17.77 24.00 -35.60
N GLN E 105 17.92 23.63 -34.33
CA GLN E 105 18.38 22.29 -33.98
C GLN E 105 17.30 21.19 -34.03
N GLY E 106 16.02 21.54 -34.11
CA GLY E 106 14.95 20.53 -33.95
C GLY E 106 14.50 20.24 -32.49
N VAL E 107 14.90 21.10 -31.56
CA VAL E 107 14.43 20.95 -30.18
C VAL E 107 13.06 21.65 -30.11
N ASP E 108 12.01 20.83 -30.15
CA ASP E 108 10.67 21.29 -30.49
C ASP E 108 9.68 21.03 -29.36
N ILE E 109 10.20 20.77 -28.15
CA ILE E 109 9.39 20.63 -26.96
C ILE E 109 10.04 21.47 -25.84
N ALA E 110 9.23 22.30 -25.20
CA ALA E 110 9.72 23.14 -24.09
C ALA E 110 8.62 23.41 -23.06
N THR E 111 9.03 23.93 -21.90
CA THR E 111 8.07 24.30 -20.82
C THR E 111 7.82 25.82 -20.79
N PHE E 112 6.79 26.25 -20.05
CA PHE E 112 6.44 27.67 -19.90
C PHE E 112 5.59 27.83 -18.60
N ASP E 113 5.52 29.06 -18.10
CA ASP E 113 4.71 29.39 -16.92
C ASP E 113 4.20 30.86 -16.92
N SER E 114 4.30 31.51 -18.09
CA SER E 114 3.92 32.91 -18.27
C SER E 114 3.41 33.20 -19.67
N SER E 115 2.56 34.21 -19.77
CA SER E 115 1.98 34.63 -21.04
C SER E 115 3.06 35.22 -21.98
N PHE E 116 3.99 36.00 -21.41
CA PHE E 116 5.15 36.53 -22.17
C PHE E 116 6.03 35.46 -22.82
N GLU E 117 6.17 34.32 -22.13
CA GLU E 117 6.86 33.19 -22.74
C GLU E 117 6.13 32.69 -24.00
N LEU E 118 4.80 32.61 -23.91
CA LEU E 118 3.93 32.26 -25.03
C LEU E 118 4.07 33.26 -26.19
N ASP E 119 4.15 34.56 -25.87
CA ASP E 119 4.47 35.58 -26.87
C ASP E 119 5.79 35.26 -27.62
N LYS E 120 6.83 34.88 -26.88
CA LYS E 120 8.14 34.56 -27.52
C LYS E 120 8.03 33.34 -28.42
N ILE E 121 7.33 32.31 -27.94
CA ILE E 121 7.10 31.09 -28.74
C ILE E 121 6.37 31.42 -30.05
N HIS E 122 5.29 32.18 -29.94
CA HIS E 122 4.50 32.54 -31.08
C HIS E 122 5.40 33.23 -32.15
N THR E 123 6.24 34.15 -31.70
CA THR E 123 7.04 34.96 -32.59
C THR E 123 8.24 34.19 -33.17
N TYR E 124 8.91 33.38 -32.36
CA TYR E 124 10.22 32.81 -32.72
C TYR E 124 10.27 31.29 -32.92
N HIS E 125 9.33 30.57 -32.35
CA HIS E 125 9.33 29.11 -32.42
C HIS E 125 7.87 28.59 -32.33
N PRO E 126 7.01 29.00 -33.30
CA PRO E 126 5.57 28.71 -33.20
C PRO E 126 5.23 27.22 -33.27
N ASN E 127 6.12 26.40 -33.86
CA ASN E 127 5.87 24.97 -33.96
C ASN E 127 6.25 24.21 -32.67
N CYS E 128 6.87 24.91 -31.72
CA CYS E 128 7.31 24.27 -30.49
C CYS E 128 6.10 23.74 -29.69
N LYS E 129 6.15 22.46 -29.33
CA LYS E 129 5.14 21.85 -28.46
C LYS E 129 5.40 22.24 -26.99
N MET E 130 4.35 22.73 -26.32
CA MET E 130 4.49 23.29 -24.97
C MET E 130 4.10 22.30 -23.87
N ILE E 131 4.76 22.43 -22.73
CA ILE E 131 4.40 21.78 -21.50
C ILE E 131 4.22 22.86 -20.40
N LEU E 132 3.02 22.97 -19.84
CA LEU E 132 2.75 23.97 -18.81
C LEU E 132 3.36 23.49 -17.50
N ARG E 133 4.27 24.28 -16.95
CA ARG E 133 4.84 23.93 -15.64
C ARG E 133 4.03 24.59 -14.54
N ILE E 134 3.50 23.77 -13.62
CA ILE E 134 2.71 24.26 -12.49
C ILE E 134 3.48 24.19 -11.17
N ARG E 135 3.23 25.17 -10.32
CA ARG E 135 3.87 25.19 -8.99
C ARG E 135 3.24 24.15 -8.09
N CYS E 136 4.06 23.24 -7.56
CA CYS E 136 3.65 22.30 -6.48
C CYS E 136 4.83 21.96 -5.56
N ASP E 137 4.96 22.56 -4.38
CA ASP E 137 6.20 22.49 -3.60
C ASP E 137 6.26 21.32 -2.62
N ASP E 138 7.44 20.75 -2.53
CA ASP E 138 7.83 20.02 -1.33
C ASP E 138 8.52 20.98 -0.34
N PRO E 139 7.86 21.26 0.79
CA PRO E 139 8.38 22.15 1.87
C PRO E 139 9.67 21.64 2.53
N ASN E 140 9.88 20.32 2.45
CA ASN E 140 11.10 19.64 2.95
C ASN E 140 12.27 19.39 1.96
N ALA E 141 12.13 19.81 0.70
CA ALA E 141 13.20 19.67 -0.29
C ALA E 141 14.36 20.55 0.09
N ALA E 142 15.55 20.04 -0.15
CA ALA E 142 16.83 20.72 0.08
C ALA E 142 16.94 22.07 -0.65
N VAL E 143 16.57 22.10 -1.92
CA VAL E 143 16.60 23.35 -2.71
C VAL E 143 15.19 23.71 -3.16
N GLN E 144 14.71 24.90 -2.79
CA GLN E 144 13.37 25.31 -3.18
C GLN E 144 13.26 26.10 -4.47
N LEU E 145 12.22 25.82 -5.27
CA LEU E 145 12.08 26.30 -6.67
C LEU E 145 10.76 27.03 -6.92
N GLY E 146 9.88 26.93 -5.93
CA GLY E 146 8.49 27.38 -6.07
C GLY E 146 8.20 28.86 -6.34
N ASN E 147 8.75 29.76 -5.55
CA ASN E 147 8.65 31.21 -5.86
C ASN E 147 9.05 31.62 -7.32
N LYS E 148 10.18 31.11 -7.80
CA LYS E 148 10.72 31.53 -9.07
C LYS E 148 9.98 30.92 -10.28
N PHE E 149 9.58 29.66 -10.18
CA PHE E 149 9.04 28.88 -11.31
C PHE E 149 7.72 28.17 -11.04
N GLY E 150 6.89 28.11 -12.08
CA GLY E 150 5.65 27.33 -12.08
C GLY E 150 4.42 28.25 -11.94
N ALA E 151 3.35 27.93 -12.68
CA ALA E 151 2.12 28.69 -12.62
C ALA E 151 1.36 28.40 -11.32
N ASN E 152 0.80 29.44 -10.72
CA ASN E 152 -0.10 29.27 -9.59
C ASN E 152 -1.43 28.67 -10.07
N GLU E 153 -2.20 28.10 -9.13
CA GLU E 153 -3.46 27.44 -9.50
C GLU E 153 -4.40 28.37 -10.27
N ASP E 154 -4.48 29.62 -9.82
CA ASP E 154 -5.40 30.60 -10.41
C ASP E 154 -4.98 31.11 -11.80
N GLU E 155 -3.79 30.73 -12.24
CA GLU E 155 -3.29 31.15 -13.54
C GLU E 155 -3.45 30.09 -14.64
N ILE E 156 -3.63 28.83 -14.25
CA ILE E 156 -3.63 27.68 -15.20
C ILE E 156 -4.62 27.88 -16.36
N ARG E 157 -5.89 28.12 -16.03
CA ARG E 157 -6.88 28.27 -17.09
C ARG E 157 -6.53 29.40 -18.08
N HIS E 158 -6.17 30.57 -17.55
CA HIS E 158 -5.83 31.73 -18.35
C HIS E 158 -4.63 31.46 -19.28
N LEU E 159 -3.61 30.79 -18.75
CA LEU E 159 -2.41 30.47 -19.54
C LEU E 159 -2.75 29.53 -20.67
N LEU E 160 -3.57 28.54 -20.38
CA LEU E 160 -3.98 27.56 -21.39
C LEU E 160 -4.84 28.16 -22.50
N GLU E 161 -5.76 29.07 -22.13
CA GLU E 161 -6.58 29.78 -23.10
C GLU E 161 -5.74 30.71 -23.99
N TYR E 162 -4.80 31.42 -23.37
CA TYR E 162 -3.87 32.29 -24.09
C TYR E 162 -3.03 31.53 -25.11
N ALA E 163 -2.59 30.34 -24.73
CA ALA E 163 -1.87 29.44 -25.62
C ALA E 163 -2.73 29.06 -26.83
N LYS E 164 -3.97 28.67 -26.57
CA LYS E 164 -4.93 28.30 -27.61
C LYS E 164 -5.18 29.45 -28.60
N GLN E 165 -5.31 30.66 -28.05
CA GLN E 165 -5.56 31.88 -28.80
C GLN E 165 -4.37 32.22 -29.73
N LEU E 166 -3.17 31.78 -29.34
CA LEU E 166 -1.99 31.97 -30.14
C LEU E 166 -1.70 30.80 -31.08
N ASP E 167 -2.61 29.81 -31.12
CA ASP E 167 -2.48 28.60 -31.93
C ASP E 167 -1.23 27.84 -31.50
N ILE E 168 -0.97 27.83 -30.18
CA ILE E 168 0.16 27.11 -29.60
C ILE E 168 -0.37 25.84 -28.95
N GLU E 169 0.26 24.72 -29.31
CA GLU E 169 -0.12 23.39 -28.86
C GLU E 169 0.43 23.08 -27.47
N VAL E 170 -0.45 22.90 -26.49
CA VAL E 170 -0.03 22.45 -25.16
C VAL E 170 -0.26 20.94 -25.10
N ILE E 171 0.83 20.19 -25.01
CA ILE E 171 0.77 18.72 -25.03
C ILE E 171 1.01 18.04 -23.67
N GLY E 172 1.16 18.88 -22.63
CA GLY E 172 1.37 18.33 -21.30
C GLY E 172 1.52 19.29 -20.14
N ILE E 173 1.75 18.69 -18.98
CA ILE E 173 1.88 19.35 -17.69
C ILE E 173 3.15 18.84 -16.97
N SER E 174 3.94 19.76 -16.44
CA SER E 174 5.06 19.40 -15.56
C SER E 174 5.01 20.11 -14.19
N PHE E 175 5.84 19.61 -13.27
CA PHE E 175 6.07 20.24 -11.97
C PHE E 175 7.47 19.82 -11.55
N HIS E 176 8.06 20.60 -10.64
CA HIS E 176 9.22 20.16 -9.90
C HIS E 176 9.00 20.52 -8.43
N VAL E 177 8.95 19.51 -7.57
CA VAL E 177 8.58 19.74 -6.11
C VAL E 177 9.70 20.47 -5.35
N GLY E 178 10.90 20.48 -5.94
CA GLY E 178 12.11 21.00 -5.31
C GLY E 178 13.20 19.96 -5.38
N SER E 179 14.44 20.41 -5.43
CA SER E 179 15.61 19.54 -5.65
C SER E 179 16.09 18.96 -4.33
N GLY E 180 16.43 17.67 -4.35
CA GLY E 180 16.72 16.92 -3.13
C GLY E 180 15.51 16.67 -2.26
N SER E 181 14.49 15.98 -2.79
CA SER E 181 13.27 15.68 -2.10
C SER E 181 13.20 14.24 -1.58
N ARG E 182 12.79 14.10 -0.31
CA ARG E 182 12.50 12.79 0.30
C ARG E 182 11.08 12.71 0.91
N ASN E 183 10.14 13.36 0.24
CA ASN E 183 8.75 13.49 0.67
C ASN E 183 7.81 12.90 -0.41
N PRO E 184 7.39 11.63 -0.23
CA PRO E 184 6.60 10.96 -1.29
C PRO E 184 5.20 11.60 -1.46
N GLU E 185 4.67 12.19 -0.39
CA GLU E 185 3.37 12.82 -0.50
C GLU E 185 3.36 14.09 -1.40
N ALA E 186 4.47 14.83 -1.41
CA ALA E 186 4.62 16.00 -2.28
C ALA E 186 4.41 15.61 -3.76
N TYR E 187 4.91 14.44 -4.13
CA TYR E 187 4.73 13.93 -5.52
C TYR E 187 3.29 13.50 -5.76
N TYR E 188 2.69 12.83 -4.77
CA TYR E 188 1.31 12.38 -4.89
C TYR E 188 0.40 13.57 -5.18
N ARG E 189 0.56 14.63 -4.38
CA ARG E 189 -0.29 15.82 -4.50
C ARG E 189 -0.05 16.56 -5.82
N ALA E 190 1.21 16.60 -6.26
CA ALA E 190 1.61 17.24 -7.50
C ALA E 190 1.01 16.52 -8.70
N ILE E 191 1.04 15.19 -8.68
CA ILE E 191 0.44 14.39 -9.76
C ILE E 191 -1.08 14.63 -9.83
N LYS E 192 -1.71 14.66 -8.67
CA LYS E 192 -3.13 14.98 -8.53
C LYS E 192 -3.46 16.35 -9.12
N SER E 193 -2.69 17.35 -8.69
CA SER E 193 -2.80 18.71 -9.23
C SER E 193 -2.56 18.73 -10.76
N SER E 194 -1.61 17.92 -11.23
CA SER E 194 -1.29 17.81 -12.69
C SER E 194 -2.48 17.26 -13.48
N LYS E 195 -3.13 16.22 -12.94
CA LYS E 195 -4.38 15.72 -13.50
C LYS E 195 -5.48 16.80 -13.59
N GLU E 196 -5.64 17.63 -12.57
CA GLU E 196 -6.61 18.75 -12.65
C GLU E 196 -6.27 19.76 -13.77
N ALA E 197 -4.98 20.04 -13.93
CA ALA E 197 -4.49 20.94 -14.96
C ALA E 197 -4.65 20.33 -16.38
N PHE E 198 -4.42 19.03 -16.48
CA PHE E 198 -4.70 18.24 -17.67
C PHE E 198 -6.17 18.38 -18.09
N ASN E 199 -7.06 18.23 -17.12
CA ASN E 199 -8.48 18.37 -17.36
C ASN E 199 -8.83 19.77 -17.81
N GLU E 200 -8.15 20.78 -17.24
CA GLU E 200 -8.37 22.17 -17.67
C GLU E 200 -7.94 22.40 -19.11
N ALA E 201 -6.80 21.82 -19.48
CA ALA E 201 -6.26 21.91 -20.86
C ALA E 201 -7.22 21.29 -21.91
N ILE E 202 -7.72 20.08 -21.62
CA ILE E 202 -8.76 19.43 -22.44
C ILE E 202 -9.99 20.33 -22.64
N SER E 203 -10.47 20.90 -21.54
CA SER E 203 -11.63 21.79 -21.50
C SER E 203 -11.39 22.98 -22.43
N VAL E 204 -10.15 23.48 -22.43
CA VAL E 204 -9.77 24.61 -23.28
C VAL E 204 -9.72 24.22 -24.77
N GLY E 205 -9.51 22.94 -25.06
CA GLY E 205 -9.44 22.47 -26.45
C GLY E 205 -8.09 21.90 -26.81
N HIS E 206 -7.16 21.85 -25.85
CA HIS E 206 -5.87 21.20 -26.10
C HIS E 206 -6.03 19.68 -25.99
N LYS E 207 -5.05 18.96 -26.52
CA LYS E 207 -5.03 17.51 -26.47
C LYS E 207 -3.75 17.03 -25.78
N PRO E 208 -3.62 17.28 -24.46
CA PRO E 208 -2.39 16.91 -23.77
C PRO E 208 -2.23 15.40 -23.66
N TYR E 209 -0.98 14.94 -23.62
CA TYR E 209 -0.69 13.53 -23.46
C TYR E 209 0.57 13.27 -22.62
N ILE E 210 1.30 14.33 -22.22
CA ILE E 210 2.50 14.16 -21.40
C ILE E 210 2.32 14.59 -19.93
N LEU E 211 2.66 13.68 -19.03
CA LEU E 211 2.87 14.05 -17.61
C LEU E 211 4.35 14.06 -17.36
N ASP E 212 4.86 15.18 -16.86
CA ASP E 212 6.28 15.33 -16.57
C ASP E 212 6.43 15.55 -15.06
N ILE E 213 6.94 14.54 -14.37
CA ILE E 213 7.02 14.59 -12.88
C ILE E 213 8.29 15.30 -12.31
N GLY E 214 9.07 15.88 -13.23
CA GLY E 214 10.23 16.69 -12.84
C GLY E 214 11.32 15.85 -12.20
N GLY E 215 12.17 16.51 -11.39
CA GLY E 215 13.30 15.86 -10.73
C GLY E 215 13.17 15.82 -9.21
N GLY E 216 14.28 15.79 -8.50
CA GLY E 216 14.24 15.86 -7.02
C GLY E 216 14.62 14.61 -6.26
N LEU E 217 14.45 13.44 -6.88
CA LEU E 217 14.65 12.16 -6.18
C LEU E 217 16.13 11.81 -5.99
N HIS E 218 16.46 11.27 -4.81
CA HIS E 218 17.76 10.68 -4.56
C HIS E 218 17.73 9.20 -4.95
N ALA E 219 18.90 8.69 -5.28
CA ALA E 219 19.15 7.28 -5.34
C ALA E 219 19.73 6.93 -3.98
N ASP E 220 18.85 6.70 -3.02
CA ASP E 220 19.26 6.40 -1.65
C ASP E 220 19.55 4.91 -1.50
N ILE E 221 20.79 4.60 -1.18
CA ILE E 221 21.25 3.23 -1.15
C ILE E 221 21.65 2.83 0.27
N ASP E 222 21.11 1.72 0.76
CA ASP E 222 21.47 1.21 2.08
C ASP E 222 21.82 -0.25 1.96
N GLU E 223 23.04 -0.60 2.35
CA GLU E 223 23.54 -2.02 2.25
C GLU E 223 23.39 -2.60 0.83
N GLY E 224 23.56 -1.75 -0.18
CA GLY E 224 23.59 -2.23 -1.55
C GLY E 224 22.28 -2.19 -2.29
N GLU E 225 21.17 -2.02 -1.56
CA GLU E 225 19.86 -1.87 -2.19
C GLU E 225 19.45 -0.40 -2.27
N LEU E 226 18.97 0.00 -3.44
CA LEU E 226 18.21 1.25 -3.58
C LEU E 226 16.94 1.16 -2.79
N SER E 227 16.57 2.28 -2.18
CA SER E 227 15.28 2.40 -1.52
C SER E 227 14.18 2.63 -2.55
N THR E 228 13.06 1.96 -2.35
CA THR E 228 11.93 2.14 -3.25
C THR E 228 10.88 2.94 -2.53
N MET E 230 10.14 6.23 -2.58
CA MET E 230 9.68 7.37 -3.38
C MET E 230 8.92 6.83 -4.61
N SER E 231 9.57 5.92 -5.34
CA SER E 231 9.06 5.33 -6.59
C SER E 231 7.71 4.65 -6.41
N ASP E 232 7.56 3.94 -5.28
CA ASP E 232 6.32 3.21 -5.02
C ASP E 232 5.09 4.12 -4.88
N TYR E 233 5.28 5.25 -4.19
CA TYR E 233 4.22 6.20 -3.98
C TYR E 233 3.93 7.03 -5.25
N ILE E 234 4.97 7.38 -5.99
CA ILE E 234 4.83 8.01 -7.32
C ILE E 234 3.99 7.11 -8.25
N ASN E 235 4.31 5.82 -8.29
CA ASN E 235 3.59 4.86 -9.13
C ASN E 235 2.11 4.69 -8.71
N ASP E 236 1.82 4.82 -7.42
CA ASP E 236 0.43 4.74 -6.92
C ASP E 236 -0.36 5.95 -7.41
N ALA E 237 0.27 7.12 -7.37
CA ALA E 237 -0.33 8.35 -7.88
C ALA E 237 -0.60 8.26 -9.39
N ILE E 238 0.33 7.66 -10.12
CA ILE E 238 0.21 7.49 -11.57
C ILE E 238 -0.95 6.55 -11.85
N LYS E 239 -1.01 5.44 -11.12
CA LYS E 239 -2.13 4.52 -11.26
C LYS E 239 -3.48 5.21 -10.96
N ASP E 240 -3.52 5.97 -9.87
CA ASP E 240 -4.73 6.71 -9.49
C ASP E 240 -5.22 7.77 -10.50
N PHE E 241 -4.30 8.55 -11.06
CA PHE E 241 -4.64 9.77 -11.76
C PHE E 241 -4.35 9.71 -13.26
N PHE E 242 -3.35 8.92 -13.64
CA PHE E 242 -3.06 8.71 -15.08
C PHE E 242 -3.00 7.21 -15.45
N PRO E 243 -4.07 6.43 -15.15
CA PRO E 243 -4.07 4.98 -15.44
C PRO E 243 -4.06 4.61 -16.93
N GLU E 244 -4.34 5.58 -17.79
CA GLU E 244 -4.47 5.34 -19.25
C GLU E 244 -3.14 5.09 -19.97
N ASP E 245 -3.14 4.03 -20.78
CA ASP E 245 -1.98 3.66 -21.59
C ASP E 245 -1.65 4.69 -22.69
N THR E 246 -2.60 5.59 -22.97
CA THR E 246 -2.39 6.69 -23.94
C THR E 246 -1.59 7.92 -23.43
N VAL E 247 -1.36 7.97 -22.13
CA VAL E 247 -0.55 9.04 -21.55
C VAL E 247 0.92 8.61 -21.60
N THR E 248 1.80 9.53 -21.98
CA THR E 248 3.25 9.34 -21.88
C THR E 248 3.78 10.03 -20.62
N ILE E 249 4.45 9.27 -19.76
CA ILE E 249 4.97 9.84 -18.52
C ILE E 249 6.51 9.98 -18.61
N VAL E 250 6.98 11.18 -18.32
CA VAL E 250 8.42 11.44 -18.29
C VAL E 250 8.83 12.04 -16.94
N ALA E 251 10.13 11.99 -16.65
CA ALA E 251 10.73 12.66 -15.48
C ALA E 251 12.00 13.42 -15.90
N GLU E 252 12.48 14.33 -15.04
CA GLU E 252 13.69 15.10 -15.33
C GLU E 252 14.74 14.88 -14.20
N PRO E 253 15.15 13.60 -13.98
CA PRO E 253 16.03 13.37 -12.82
C PRO E 253 17.43 13.90 -13.11
N GLY E 254 18.04 14.58 -12.14
CA GLY E 254 19.46 14.94 -12.26
C GLY E 254 20.28 14.14 -11.24
N ARG E 255 20.13 14.50 -9.98
CA ARG E 255 20.88 13.83 -8.90
C ARG E 255 20.81 12.31 -9.04
N PHE E 256 19.59 11.79 -9.10
CA PHE E 256 19.37 10.34 -9.04
C PHE E 256 20.48 9.58 -9.78
N PHE E 257 20.83 10.05 -10.98
CA PHE E 257 21.91 9.40 -11.76
C PHE E 257 23.30 9.93 -11.49
N ALA E 258 23.42 11.25 -11.29
CA ALA E 258 24.76 11.85 -11.18
C ALA E 258 25.46 11.65 -9.82
N GLU E 259 24.68 11.58 -8.73
CA GLU E 259 25.28 11.65 -7.37
C GLU E 259 26.40 10.60 -7.22
N HIS E 260 26.10 9.34 -7.53
CA HIS E 260 27.04 8.25 -7.26
C HIS E 260 27.99 7.98 -8.44
N TYR E 261 27.91 8.81 -9.47
CA TYR E 261 28.76 8.65 -10.67
C TYR E 261 30.25 8.80 -10.35
N SER E 262 30.56 9.73 -9.42
CA SER E 262 31.93 10.14 -9.14
C SER E 262 32.25 10.16 -7.65
N VAL E 263 33.53 9.96 -7.33
CA VAL E 263 34.05 10.39 -6.02
C VAL E 263 35.05 11.51 -6.32
N LEU E 264 35.28 12.38 -5.35
CA LEU E 264 36.28 13.44 -5.49
C LEU E 264 37.45 13.24 -4.51
N ALA E 265 38.64 13.02 -5.08
CA ALA E 265 39.87 12.85 -4.31
C ALA E 265 40.58 14.20 -4.18
N THR E 266 41.07 14.48 -2.97
CA THR E 266 41.70 15.77 -2.65
C THR E 266 42.78 15.54 -1.60
N GLN E 267 43.81 16.38 -1.63
CA GLN E 267 44.98 16.18 -0.79
C GLN E 267 45.07 17.24 0.31
N VAL E 268 45.57 16.82 1.48
CA VAL E 268 45.93 17.72 2.59
C VAL E 268 47.20 18.51 2.21
N ILE E 269 47.08 19.81 2.06
CA ILE E 269 48.22 20.62 1.61
C ILE E 269 48.72 21.57 2.74
N GLY E 270 47.92 21.69 3.80
CA GLY E 270 48.28 22.59 4.91
C GLY E 270 47.69 22.07 6.20
N LYS E 271 48.32 22.43 7.32
CA LYS E 271 47.93 21.89 8.60
C LYS E 271 48.22 22.89 9.72
N ARG E 272 47.32 22.91 10.71
CA ARG E 272 47.51 23.76 11.88
C ARG E 272 46.83 23.07 13.05
N VAL E 273 47.53 22.99 14.19
CA VAL E 273 47.02 22.29 15.38
C VAL E 273 47.11 23.24 16.57
N ARG E 274 45.95 23.51 17.18
CA ARG E 274 45.85 24.48 18.26
C ARG E 274 44.91 23.96 19.34
N ASP E 275 45.44 23.73 20.52
CA ASP E 275 44.68 23.36 21.72
C ASP E 275 43.76 22.14 21.44
N GLY E 276 44.32 21.12 20.79
CA GLY E 276 43.58 19.89 20.59
C GLY E 276 42.69 19.84 19.35
N LEU E 277 42.57 20.97 18.64
CA LEU E 277 41.82 21.04 17.40
C LEU E 277 42.71 20.95 16.15
N TYR E 278 42.38 20.03 15.25
CA TYR E 278 43.20 19.73 14.06
C TYR E 278 42.63 20.37 12.78
N GLU E 279 43.28 21.43 12.32
CA GLU E 279 42.75 22.19 11.20
C GLU E 279 43.55 21.79 9.93
N TYR E 280 42.82 21.45 8.89
CA TYR E 280 43.42 21.04 7.64
C TYR E 280 42.98 21.88 6.44
N PHE E 281 43.91 22.08 5.49
CA PHE E 281 43.60 22.78 4.25
C PHE E 281 43.83 21.79 3.11
N PHE E 282 42.87 21.76 2.22
CA PHE E 282 42.84 20.81 1.08
C PHE E 282 43.03 21.55 -0.23
N ASN E 283 43.46 20.83 -1.27
CA ASN E 283 43.53 21.44 -2.60
C ASN E 283 42.18 21.46 -3.35
N GLU E 284 41.10 21.58 -2.58
CA GLU E 284 39.74 21.78 -3.07
C GLU E 284 39.11 22.89 -2.22
N SER E 285 37.94 23.38 -2.64
CA SER E 285 37.25 24.44 -1.88
C SER E 285 35.76 24.48 -2.22
N THR E 286 35.00 25.28 -1.43
CA THR E 286 33.60 25.51 -1.74
C THR E 286 33.42 26.35 -3.03
N TYR E 287 34.50 26.97 -3.53
CA TYR E 287 34.52 27.62 -4.87
C TYR E 287 35.00 26.67 -5.97
N GLY E 288 35.34 25.44 -5.57
CA GLY E 288 35.76 24.39 -6.50
C GLY E 288 34.63 23.37 -6.60
N GLY E 289 34.87 22.15 -6.10
CA GLY E 289 33.83 21.12 -6.16
C GLY E 289 32.86 20.99 -4.99
N PHE E 290 33.00 21.84 -3.96
CA PHE E 290 32.22 21.72 -2.72
C PHE E 290 31.18 22.84 -2.49
N SER E 291 30.63 23.36 -3.59
CA SER E 291 29.55 24.38 -3.47
C SER E 291 28.29 23.83 -2.76
N ASN E 292 28.09 22.52 -2.80
CA ASN E 292 26.99 21.86 -2.06
C ASN E 292 26.98 22.15 -0.56
N VAL E 293 28.17 22.34 0.00
CA VAL E 293 28.32 22.75 1.42
C VAL E 293 27.55 24.04 1.70
N ILE E 294 27.60 24.97 0.78
CA ILE E 294 26.90 26.26 0.93
C ILE E 294 25.41 26.15 0.54
N PHE E 295 25.14 25.58 -0.63
CA PHE E 295 23.81 25.64 -1.24
C PHE E 295 22.89 24.50 -0.76
N GLU E 296 23.46 23.35 -0.41
CA GLU E 296 22.65 22.19 0.04
C GLU E 296 22.91 21.81 1.46
N LYS E 297 23.60 22.67 2.20
CA LYS E 297 23.95 22.42 3.60
C LYS E 297 24.62 21.05 3.81
N SER E 298 25.37 20.63 2.83
CA SER E 298 26.16 19.40 2.90
C SER E 298 27.22 19.40 4.03
N VAL E 299 27.23 18.32 4.81
CA VAL E 299 28.29 18.10 5.77
C VAL E 299 29.01 16.78 5.42
N PRO E 300 29.91 16.81 4.44
CA PRO E 300 30.54 15.56 3.94
C PRO E 300 31.70 15.07 4.81
N THR E 301 31.79 13.74 4.99
CA THR E 301 32.89 13.10 5.68
C THR E 301 33.80 12.39 4.65
N PRO E 302 35.12 12.69 4.68
CA PRO E 302 36.08 12.07 3.75
C PRO E 302 36.45 10.63 4.16
N GLN E 303 36.80 9.82 3.17
CA GLN E 303 37.39 8.50 3.36
C GLN E 303 38.91 8.61 3.24
N LEU E 304 39.64 8.14 4.26
CA LEU E 304 41.10 8.12 4.20
C LEU E 304 41.65 7.04 3.27
N LEU E 305 42.64 7.42 2.46
CA LEU E 305 43.25 6.42 1.56
C LEU E 305 44.37 5.70 2.27
N ARG E 306 44.95 6.33 3.29
CA ARG E 306 45.96 5.70 4.12
C ARG E 306 45.24 4.77 5.08
N ASP E 307 45.77 3.56 5.19
CA ASP E 307 45.28 2.56 6.13
C ASP E 307 45.64 2.89 7.59
N VAL E 308 44.66 2.80 8.47
CA VAL E 308 44.89 3.02 9.90
C VAL E 308 44.37 1.81 10.66
N PRO E 309 44.99 1.48 11.83
CA PRO E 309 44.46 0.34 12.60
C PRO E 309 43.03 0.61 13.10
N ASP E 310 42.34 -0.46 13.47
CA ASP E 310 40.93 -0.40 13.89
C ASP E 310 40.69 0.46 15.13
N ASP E 311 41.67 0.53 15.99
CA ASP E 311 41.58 1.29 17.21
C ASP E 311 42.25 2.71 17.15
N GLU E 312 42.56 3.18 15.93
CA GLU E 312 43.13 4.51 15.69
C GLU E 312 42.32 5.63 16.40
N GLU E 313 43.01 6.45 17.19
CA GLU E 313 42.43 7.62 17.86
C GLU E 313 41.83 8.62 16.86
N TYR E 314 40.55 8.95 17.00
CA TYR E 314 39.98 10.05 16.20
C TYR E 314 40.15 11.36 16.99
N VAL E 315 40.35 12.46 16.27
CA VAL E 315 40.56 13.75 16.92
C VAL E 315 39.61 14.77 16.24
N PRO E 316 39.24 15.86 16.97
CA PRO E 316 38.33 16.82 16.34
C PRO E 316 39.02 17.61 15.21
N SER E 317 38.45 17.56 14.02
CA SER E 317 39.08 18.06 12.78
C SER E 317 38.19 19.11 12.10
N VAL E 318 38.84 20.11 11.51
CA VAL E 318 38.19 21.14 10.71
C VAL E 318 38.78 21.04 9.29
N LEU E 319 37.88 20.94 8.32
CA LEU E 319 38.30 20.79 6.92
C LEU E 319 38.09 22.06 6.13
N TYR E 320 39.19 22.80 5.93
CA TYR E 320 39.13 24.06 5.22
C TYR E 320 39.39 23.91 3.70
N GLY E 321 38.68 24.71 2.92
CA GLY E 321 38.97 24.91 1.52
C GLY E 321 40.23 25.79 1.33
N CYS E 322 40.81 25.72 0.13
CA CYS E 322 42.12 26.36 -0.14
C CYS E 322 42.07 27.86 -0.40
N THR E 323 40.88 28.44 -0.60
CA THR E 323 40.78 29.88 -0.87
C THR E 323 41.04 30.79 0.34
N CYS E 324 41.22 32.08 0.04
N CYS E 324 41.24 32.09 0.10
CA CYS E 324 41.36 33.21 0.96
CA CYS E 324 41.45 33.07 1.18
C CYS E 324 40.17 33.41 1.89
C CYS E 324 40.16 33.39 1.95
N ASP E 325 39.03 32.88 1.47
CA ASP E 325 37.70 33.25 2.06
C ASP E 325 37.38 32.50 3.37
N GLY E 326 36.83 33.22 4.33
CA GLY E 326 36.42 32.63 5.63
C GLY E 326 35.23 31.67 5.50
N VAL E 327 34.36 31.91 4.50
CA VAL E 327 33.14 31.12 4.32
C VAL E 327 33.50 29.76 3.76
N ASP E 328 34.70 29.67 3.16
CA ASP E 328 35.16 28.48 2.45
C ASP E 328 35.63 27.40 3.42
N VAL E 329 34.66 26.68 3.99
CA VAL E 329 34.94 25.63 4.96
C VAL E 329 34.22 24.36 4.46
N ILE E 330 34.97 23.30 4.16
CA ILE E 330 34.35 22.06 3.68
C ILE E 330 33.55 21.36 4.79
N ASN E 331 34.16 21.26 5.98
CA ASN E 331 33.48 20.66 7.13
C ASN E 331 33.99 21.35 8.38
N HIS E 332 33.05 21.97 9.11
CA HIS E 332 33.37 22.72 10.33
C HIS E 332 33.91 21.89 11.50
N ASN E 333 33.45 20.64 11.60
CA ASN E 333 33.70 19.81 12.78
C ASN E 333 33.42 18.35 12.47
N VAL E 334 34.47 17.56 12.48
CA VAL E 334 34.37 16.13 12.13
C VAL E 334 35.45 15.34 12.85
N ALA E 335 35.07 14.22 13.44
CA ALA E 335 36.04 13.32 14.07
C ALA E 335 36.73 12.45 12.99
N LEU E 336 38.06 12.51 12.98
CA LEU E 336 38.87 11.76 12.01
C LEU E 336 40.20 11.31 12.63
N PRO E 337 40.79 10.22 12.08
CA PRO E 337 42.19 9.95 12.44
C PRO E 337 43.02 11.17 12.10
N GLU E 338 44.11 11.39 12.85
CA GLU E 338 45.01 12.49 12.54
C GLU E 338 45.48 12.37 11.07
N LEU E 339 45.45 13.50 10.37
CA LEU E 339 45.95 13.61 8.98
C LEU E 339 47.28 14.38 8.93
N HIS E 340 47.98 14.22 7.79
CA HIS E 340 49.29 14.80 7.57
C HIS E 340 49.33 15.40 6.16
N ILE E 341 50.10 16.48 6.02
CA ILE E 341 50.30 17.09 4.70
C ILE E 341 50.80 15.99 3.74
N GLY E 342 50.15 15.88 2.59
CA GLY E 342 50.46 14.84 1.64
C GLY E 342 49.44 13.69 1.66
N ASP E 343 48.65 13.58 2.76
CA ASP E 343 47.57 12.58 2.81
C ASP E 343 46.51 12.83 1.73
N TRP E 344 46.11 11.77 1.02
CA TRP E 344 44.99 11.82 0.11
C TRP E 344 43.71 11.29 0.82
N VAL E 345 42.60 11.95 0.54
CA VAL E 345 41.28 11.47 0.96
C VAL E 345 40.34 11.54 -0.23
N TYR E 346 39.17 10.91 -0.11
CA TYR E 346 38.13 11.09 -1.13
C TYR E 346 36.72 11.19 -0.51
N PHE E 347 35.86 11.94 -1.19
CA PHE E 347 34.47 12.13 -0.78
C PHE E 347 33.59 11.28 -1.69
N PRO E 348 32.89 10.28 -1.11
CA PRO E 348 32.03 9.39 -1.89
C PRO E 348 30.85 10.15 -2.46
N SER E 349 30.30 9.62 -3.54
CA SER E 349 29.03 10.11 -4.09
C SER E 349 29.07 11.63 -4.33
N TRP E 350 30.09 12.06 -5.07
CA TRP E 350 30.34 13.48 -5.29
C TRP E 350 30.15 13.88 -6.78
N GLY E 351 29.05 13.41 -7.35
CA GLY E 351 28.80 13.63 -8.80
C GLY E 351 27.71 14.63 -9.16
N ALA E 352 26.88 15.04 -8.16
CA ALA E 352 25.70 15.85 -8.43
C ALA E 352 25.91 17.30 -7.93
N TYR E 353 25.90 18.27 -8.86
CA TYR E 353 26.05 19.71 -8.50
C TYR E 353 27.41 19.92 -7.85
N THR E 354 28.46 19.34 -8.47
CA THR E 354 29.79 19.43 -7.88
C THR E 354 30.77 20.04 -8.95
N ASN E 355 31.24 19.22 -9.89
CA ASN E 355 32.15 19.74 -10.95
C ASN E 355 31.52 20.88 -11.76
N VAL E 356 30.20 20.86 -11.89
CA VAL E 356 29.51 21.83 -12.74
C VAL E 356 29.52 23.25 -12.17
N LEU E 357 29.71 23.35 -10.84
CA LEU E 357 29.71 24.64 -10.15
C LEU E 357 31.12 25.18 -9.83
N THR E 358 32.13 24.61 -10.44
CA THR E 358 33.49 25.06 -10.20
C THR E 358 33.73 26.50 -10.67
N THR E 359 34.52 27.25 -9.87
CA THR E 359 35.05 28.55 -10.28
C THR E 359 36.58 28.53 -10.33
N SER E 360 37.16 29.56 -10.95
CA SER E 360 38.60 29.72 -10.89
C SER E 360 39.01 30.77 -9.83
N PHE E 361 38.16 30.98 -8.83
CA PHE E 361 38.45 31.96 -7.76
C PHE E 361 39.80 31.68 -7.07
N ASN E 362 40.57 32.74 -6.85
CA ASN E 362 41.90 32.66 -6.25
C ASN E 362 42.96 31.96 -7.12
N GLY E 363 42.60 31.60 -8.35
CA GLY E 363 43.50 30.85 -9.23
C GLY E 363 43.47 29.35 -8.92
N PHE E 364 42.47 28.91 -8.14
CA PHE E 364 42.30 27.49 -7.87
C PHE E 364 41.18 26.92 -8.76
N GLY E 365 40.64 25.75 -8.41
CA GLY E 365 39.48 25.19 -9.08
C GLY E 365 39.79 24.15 -10.17
N GLU E 366 41.07 23.90 -10.42
CA GLU E 366 41.47 22.88 -11.40
C GLU E 366 41.37 21.46 -10.82
N TYR E 367 41.02 20.52 -11.69
CA TYR E 367 40.89 19.12 -11.32
C TYR E 367 41.15 18.25 -12.56
N ASP E 368 41.55 17.02 -12.33
CA ASP E 368 41.59 16.01 -13.39
C ASP E 368 40.40 15.07 -13.23
N VAL E 369 40.17 14.25 -14.26
CA VAL E 369 39.14 13.23 -14.30
C VAL E 369 39.68 11.89 -14.78
N TYR E 370 39.52 10.87 -13.95
CA TYR E 370 39.81 9.49 -14.31
C TYR E 370 38.53 8.71 -14.45
N TYR E 371 38.38 7.99 -15.58
CA TYR E 371 37.27 7.08 -15.74
C TYR E 371 37.70 5.66 -15.49
N ILE E 372 36.81 4.91 -14.87
CA ILE E 372 36.94 3.48 -14.55
C ILE E 372 37.15 3.36 -13.06
N MET F 1 27.95 57.22 -18.38
CA MET F 1 27.92 55.72 -18.50
C MET F 1 26.68 55.28 -19.28
N ASN F 2 25.56 55.94 -19.03
CA ASN F 2 24.35 55.65 -19.78
C ASN F 2 24.55 55.80 -21.29
N SER F 3 25.12 56.93 -21.70
CA SER F 3 25.41 57.13 -23.11
C SER F 3 26.47 56.17 -23.69
N VAL F 4 27.51 55.85 -22.93
CA VAL F 4 28.60 54.92 -23.37
C VAL F 4 28.00 53.51 -23.59
N VAL F 5 27.20 53.04 -22.64
CA VAL F 5 26.62 51.70 -22.79
C VAL F 5 25.69 51.70 -24.02
N ASN F 6 24.82 52.71 -24.10
CA ASN F 6 23.96 52.88 -25.27
C ASN F 6 24.74 52.90 -26.57
N ASN F 7 25.87 53.61 -26.58
CA ASN F 7 26.72 53.65 -27.77
C ASN F 7 27.24 52.27 -28.14
N ILE F 8 27.56 51.46 -27.13
CA ILE F 8 28.06 50.11 -27.39
C ILE F 8 26.98 49.25 -27.99
N LEU F 9 25.77 49.37 -27.47
CA LEU F 9 24.65 48.54 -27.93
C LEU F 9 24.28 48.88 -29.39
N LYS F 10 24.24 50.18 -29.71
CA LYS F 10 24.08 50.66 -31.10
C LYS F 10 25.17 50.11 -32.02
N ALA F 11 26.43 50.18 -31.56
CA ALA F 11 27.57 49.68 -32.34
C ALA F 11 27.64 48.17 -32.48
N HIS F 12 26.99 47.44 -31.57
CA HIS F 12 27.00 46.00 -31.60
C HIS F 12 25.58 45.45 -31.51
N PRO F 13 24.79 45.62 -32.60
CA PRO F 13 23.38 45.30 -32.53
C PRO F 13 23.03 43.84 -32.34
N HIS F 14 23.98 42.93 -32.56
CA HIS F 14 23.77 41.52 -32.30
C HIS F 14 24.24 41.09 -30.90
N GLN F 15 24.52 42.05 -30.02
CA GLN F 15 24.92 41.75 -28.63
C GLN F 15 23.86 40.88 -27.99
N THR F 16 24.26 39.69 -27.55
CA THR F 16 23.33 38.79 -26.89
C THR F 16 23.73 38.56 -25.43
N LYS F 17 25.02 38.34 -25.18
CA LYS F 17 25.54 38.06 -23.83
C LYS F 17 25.49 39.31 -22.97
N SER F 18 25.44 39.12 -21.64
CA SER F 18 25.75 40.22 -20.73
C SER F 18 27.19 40.66 -21.02
N PHE F 19 27.52 41.89 -20.64
CA PHE F 19 28.88 42.39 -20.85
C PHE F 19 29.34 43.38 -19.78
N TYR F 20 30.61 43.28 -19.39
CA TYR F 20 31.22 44.30 -18.55
C TYR F 20 31.73 45.47 -19.41
N VAL F 21 31.51 46.68 -18.90
CA VAL F 21 32.11 47.87 -19.46
C VAL F 21 33.16 48.36 -18.47
N SER F 22 34.43 48.24 -18.87
CA SER F 22 35.55 48.43 -17.95
C SER F 22 36.43 49.63 -18.36
N SER F 23 36.86 50.40 -17.36
CA SER F 23 37.57 51.64 -17.59
C SER F 23 38.90 51.73 -16.81
N PRO F 24 40.02 51.48 -17.53
CA PRO F 24 41.35 51.63 -16.97
C PRO F 24 41.61 53.03 -16.36
N LYS F 25 41.06 54.07 -16.98
CA LYS F 25 41.24 55.45 -16.51
C LYS F 25 40.71 55.64 -15.09
N ILE F 26 39.60 54.98 -14.76
CA ILE F 26 39.09 55.04 -13.40
C ILE F 26 40.10 54.49 -12.40
N VAL F 27 40.73 53.36 -12.75
CA VAL F 27 41.69 52.73 -11.86
C VAL F 27 42.97 53.59 -11.73
N GLU F 28 43.46 54.10 -12.86
CA GLU F 28 44.59 55.04 -12.88
C GLU F 28 44.39 56.21 -11.93
N ASP F 29 43.20 56.82 -11.99
CA ASP F 29 42.83 57.92 -11.10
C ASP F 29 42.80 57.50 -9.62
N LEU F 30 42.32 56.28 -9.34
CA LEU F 30 42.27 55.75 -7.98
C LEU F 30 43.64 55.42 -7.43
N ILE F 31 44.54 54.97 -8.29
CA ILE F 31 45.96 54.81 -7.94
C ILE F 31 46.61 56.14 -7.54
N ASP F 32 46.35 57.20 -8.31
CA ASP F 32 46.83 58.54 -7.96
C ASP F 32 46.24 59.00 -6.63
N GLN F 33 44.96 58.70 -6.40
CA GLN F 33 44.32 59.01 -5.14
C GLN F 33 44.90 58.21 -3.98
N TRP F 34 45.22 56.92 -4.22
CA TRP F 34 45.87 56.11 -3.22
C TRP F 34 47.18 56.76 -2.75
N THR F 35 47.98 57.23 -3.71
CA THR F 35 49.28 57.89 -3.41
C THR F 35 49.10 59.08 -2.47
N ILE F 36 48.03 59.83 -2.70
CA ILE F 36 47.66 61.00 -1.87
C ILE F 36 47.11 60.56 -0.50
N LEU F 37 46.16 59.61 -0.50
CA LEU F 37 45.57 59.04 0.76
C LEU F 37 46.56 58.30 1.65
N PHE F 38 47.44 57.50 1.05
CA PHE F 38 48.37 56.69 1.80
C PHE F 38 49.78 56.91 1.26
N PRO F 39 50.37 58.08 1.57
CA PRO F 39 51.72 58.38 1.02
C PRO F 39 52.80 57.40 1.44
N ARG F 40 52.67 56.76 2.61
CA ARG F 40 53.65 55.76 3.03
C ARG F 40 53.37 54.30 2.61
N VAL F 41 52.22 54.03 2.00
CA VAL F 41 51.77 52.65 1.79
C VAL F 41 51.81 52.21 0.35
N THR F 42 52.61 51.19 0.06
CA THR F 42 52.74 50.67 -1.30
C THR F 42 51.69 49.56 -1.45
N PRO F 43 50.70 49.76 -2.34
CA PRO F 43 49.65 48.75 -2.51
C PRO F 43 50.12 47.54 -3.33
N HIS F 44 49.86 46.36 -2.75
CA HIS F 44 49.97 45.11 -3.46
C HIS F 44 48.56 44.61 -3.82
N TYR F 45 48.11 44.93 -5.03
CA TYR F 45 46.75 44.58 -5.49
C TYR F 45 46.41 43.09 -5.34
N ALA F 46 45.26 42.84 -4.71
CA ALA F 46 44.75 41.48 -4.53
C ALA F 46 44.12 40.99 -5.85
N VAL F 47 44.95 40.26 -6.62
CA VAL F 47 44.61 39.76 -7.96
C VAL F 47 43.28 38.96 -7.96
N LYS F 48 43.04 38.25 -6.86
CA LYS F 48 41.85 37.40 -6.72
C LYS F 48 40.51 38.15 -6.86
N CYS F 49 40.52 39.43 -6.50
CA CYS F 49 39.35 40.29 -6.53
C CYS F 49 38.86 40.52 -7.99
N ASN F 50 39.84 40.68 -8.89
CA ASN F 50 39.56 40.87 -10.31
C ASN F 50 40.86 40.66 -11.08
N ASN F 51 40.88 39.62 -11.92
CA ASN F 51 42.11 39.27 -12.63
C ASN F 51 42.11 39.64 -14.13
N ASP F 52 41.22 40.56 -14.53
CA ASP F 52 41.13 41.11 -15.88
C ASP F 52 42.55 41.56 -16.34
N GLU F 53 42.99 41.09 -17.51
CA GLU F 53 44.38 41.31 -17.94
C GLU F 53 44.70 42.77 -18.16
N VAL F 54 43.75 43.52 -18.74
CA VAL F 54 43.92 44.97 -18.94
C VAL F 54 44.07 45.67 -17.57
N LEU F 55 43.24 45.26 -16.60
CA LEU F 55 43.35 45.78 -15.24
C LEU F 55 44.75 45.57 -14.64
N LEU F 56 45.24 44.34 -14.70
CA LEU F 56 46.55 43.99 -14.16
C LEU F 56 47.71 44.77 -14.83
N LYS F 57 47.61 44.95 -16.14
CA LYS F 57 48.59 45.76 -16.94
C LYS F 57 48.52 47.25 -16.57
N THR F 58 47.30 47.77 -16.44
CA THR F 58 47.08 49.15 -16.01
C THR F 58 47.82 49.41 -14.67
N MET F 59 47.67 48.49 -13.73
CA MET F 59 48.30 48.62 -12.41
C MET F 59 49.84 48.45 -12.52
N CYS F 60 50.26 47.49 -13.34
CA CYS F 60 51.69 47.24 -13.61
C CYS F 60 52.37 48.55 -14.03
N ASP F 61 51.77 49.21 -15.01
CA ASP F 61 52.35 50.41 -15.60
C ASP F 61 52.32 51.60 -14.65
N LYS F 62 51.47 51.57 -13.61
CA LYS F 62 51.45 52.64 -12.60
C LYS F 62 52.25 52.30 -11.35
N ASN F 63 53.07 51.26 -11.43
CA ASN F 63 53.98 50.89 -10.31
C ASN F 63 53.29 50.35 -9.06
N VAL F 64 52.08 49.83 -9.24
CA VAL F 64 51.40 49.06 -8.20
C VAL F 64 51.98 47.65 -8.17
N ASN F 65 52.20 47.14 -6.96
CA ASN F 65 52.64 45.74 -6.77
C ASN F 65 51.47 44.74 -6.67
N PHE F 66 51.78 43.50 -6.34
CA PHE F 66 50.74 42.47 -6.42
C PHE F 66 50.74 41.51 -5.25
N ASP F 67 49.52 41.12 -4.86
CA ASP F 67 49.29 40.07 -3.89
C ASP F 67 48.69 38.86 -4.65
N CYS F 68 49.43 37.77 -4.69
CA CYS F 68 49.01 36.56 -5.42
C CYS F 68 48.71 35.47 -4.42
N ALA F 69 47.66 34.68 -4.68
CA ALA F 69 47.18 33.69 -3.71
C ALA F 69 47.51 32.24 -4.09
N SER F 70 48.10 32.05 -5.28
CA SER F 70 48.34 30.73 -5.85
C SER F 70 49.37 30.84 -7.03
N SER F 71 49.87 29.69 -7.44
CA SER F 71 50.79 29.65 -8.59
C SER F 71 50.10 30.21 -9.86
N SER F 72 48.81 29.92 -10.05
CA SER F 72 48.11 30.40 -11.26
C SER F 72 48.04 31.92 -11.30
N GLU F 73 47.81 32.54 -10.14
CA GLU F 73 47.83 34.00 -10.04
C GLU F 73 49.25 34.58 -10.28
N ILE F 74 50.24 33.90 -9.73
CA ILE F 74 51.64 34.28 -9.98
C ILE F 74 51.89 34.26 -11.50
N LYS F 75 51.58 33.14 -12.14
CA LYS F 75 51.67 33.03 -13.63
C LYS F 75 50.99 34.17 -14.37
N LYS F 76 49.76 34.52 -13.95
CA LYS F 76 49.03 35.63 -14.56
C LYS F 76 49.78 36.96 -14.51
N VAL F 77 50.33 37.28 -13.35
CA VAL F 77 51.08 38.52 -13.19
C VAL F 77 52.41 38.52 -14.01
N ILE F 78 53.13 37.41 -13.95
CA ILE F 78 54.41 37.26 -14.70
C ILE F 78 54.15 37.50 -16.22
N GLN F 79 53.06 36.92 -16.73
CA GLN F 79 52.69 36.99 -18.14
C GLN F 79 52.39 38.41 -18.62
N ILE F 80 51.91 39.25 -17.68
CA ILE F 80 51.67 40.66 -17.96
C ILE F 80 53.01 41.45 -18.08
N GLY F 81 54.10 40.87 -17.60
CA GLY F 81 55.40 41.51 -17.64
C GLY F 81 55.96 42.01 -16.31
N VAL F 82 55.28 41.67 -15.22
CA VAL F 82 55.67 42.12 -13.90
C VAL F 82 56.75 41.22 -13.36
N SER F 83 57.78 41.83 -12.81
CA SER F 83 58.81 41.09 -12.10
C SER F 83 58.21 40.35 -10.89
N PRO F 84 58.53 39.05 -10.72
CA PRO F 84 58.24 38.29 -9.49
C PRO F 84 58.68 38.97 -8.19
N SER F 85 59.71 39.80 -8.27
CA SER F 85 60.20 40.57 -7.12
C SER F 85 59.12 41.55 -6.58
N ARG F 86 58.12 41.87 -7.41
CA ARG F 86 57.01 42.73 -7.01
C ARG F 86 55.77 42.00 -6.41
N ILE F 87 55.90 40.69 -6.20
CA ILE F 87 54.77 39.88 -5.76
C ILE F 87 54.97 39.46 -4.29
N ILE F 88 53.93 39.62 -3.49
CA ILE F 88 53.86 38.94 -2.19
C ILE F 88 52.87 37.75 -2.32
N PHE F 89 53.31 36.57 -1.91
CA PHE F 89 52.52 35.36 -1.96
C PHE F 89 51.72 35.38 -0.64
N ALA F 90 50.75 36.30 -0.57
CA ALA F 90 50.05 36.60 0.71
C ALA F 90 48.94 35.60 0.99
N HIS F 91 49.30 34.33 0.98
CA HIS F 91 48.37 33.25 1.35
C HIS F 91 49.10 32.41 2.38
N THR F 92 48.53 32.25 3.57
CA THR F 92 49.25 31.55 4.65
C THR F 92 49.35 30.04 4.47
N MET F 93 48.62 29.49 3.50
CA MET F 93 48.56 28.06 3.28
C MET F 93 48.84 27.79 1.77
N LYS F 94 50.07 27.36 1.48
CA LYS F 94 50.54 27.24 0.08
C LYS F 94 50.98 25.81 -0.21
N THR F 95 50.60 25.26 -1.36
CA THR F 95 50.98 23.92 -1.65
C THR F 95 52.52 23.85 -1.82
N ILE F 96 53.09 22.70 -1.51
CA ILE F 96 54.52 22.42 -1.72
C ILE F 96 54.93 22.73 -3.16
N ASP F 97 54.14 22.27 -4.12
CA ASP F 97 54.45 22.54 -5.53
C ASP F 97 54.36 24.02 -5.90
N ASP F 98 53.39 24.72 -5.32
CA ASP F 98 53.32 26.16 -5.48
C ASP F 98 54.54 26.89 -4.89
N LEU F 99 55.05 26.39 -3.76
CA LEU F 99 56.24 26.96 -3.11
C LEU F 99 57.50 26.74 -3.97
N ILE F 100 57.62 25.55 -4.56
CA ILE F 100 58.75 25.21 -5.44
C ILE F 100 58.72 26.13 -6.68
N PHE F 101 57.54 26.28 -7.28
CA PHE F 101 57.29 27.20 -8.36
C PHE F 101 57.63 28.64 -8.00
N ALA F 102 57.11 29.11 -6.84
CA ALA F 102 57.44 30.42 -6.29
C ALA F 102 58.97 30.66 -6.23
N LYS F 103 59.66 29.70 -5.64
CA LYS F 103 61.13 29.75 -5.43
C LYS F 103 61.82 29.84 -6.81
N ASP F 104 61.44 28.95 -7.72
CA ASP F 104 62.00 28.95 -9.09
C ASP F 104 61.84 30.30 -9.79
N GLN F 105 60.62 30.87 -9.75
CA GLN F 105 60.33 32.13 -10.43
C GLN F 105 60.87 33.41 -9.79
N GLY F 106 61.03 33.43 -8.47
CA GLY F 106 61.50 34.62 -7.75
C GLY F 106 60.46 35.29 -6.86
N VAL F 107 59.40 34.57 -6.57
CA VAL F 107 58.44 35.04 -5.60
C VAL F 107 58.97 34.55 -4.26
N ASP F 108 59.59 35.47 -3.53
CA ASP F 108 60.36 35.11 -2.33
C ASP F 108 59.94 35.95 -1.09
N ILE F 109 58.68 36.40 -1.12
CA ILE F 109 58.05 36.96 0.05
C ILE F 109 56.67 36.29 0.17
N ALA F 110 56.38 35.77 1.37
CA ALA F 110 55.07 35.12 1.64
C ALA F 110 54.64 35.26 3.11
N THR F 111 53.36 34.97 3.35
CA THR F 111 52.82 34.99 4.71
C THR F 111 52.73 33.59 5.31
N PHE F 112 52.44 33.55 6.62
CA PHE F 112 52.24 32.27 7.31
C PHE F 112 51.53 32.50 8.64
N ASP F 113 50.98 31.43 9.19
CA ASP F 113 50.29 31.50 10.50
C ASP F 113 50.36 30.18 11.28
N SER F 114 51.25 29.27 10.87
CA SER F 114 51.39 27.94 11.50
C SER F 114 52.81 27.39 11.44
N SER F 115 53.13 26.52 12.39
CA SER F 115 54.43 25.85 12.42
C SER F 115 54.63 24.90 11.22
N PHE F 116 53.56 24.22 10.78
CA PHE F 116 53.66 23.29 9.63
C PHE F 116 53.98 24.02 8.33
N GLU F 117 53.53 25.28 8.23
CA GLU F 117 53.81 26.08 7.06
C GLU F 117 55.31 26.43 7.04
N LEU F 118 55.87 26.71 8.23
CA LEU F 118 57.32 26.99 8.36
C LEU F 118 58.17 25.76 8.00
N ASP F 119 57.68 24.58 8.38
CA ASP F 119 58.28 23.32 7.98
C ASP F 119 58.38 23.15 6.44
N LYS F 120 57.31 23.52 5.72
CA LYS F 120 57.31 23.51 4.24
C LYS F 120 58.29 24.55 3.65
N ILE F 121 58.26 25.76 4.21
CA ILE F 121 59.22 26.82 3.83
C ILE F 121 60.67 26.31 3.96
N HIS F 122 61.00 25.75 5.12
CA HIS F 122 62.34 25.24 5.42
C HIS F 122 62.81 24.24 4.34
N THR F 123 61.95 23.29 4.01
CA THR F 123 62.27 22.21 3.05
C THR F 123 62.29 22.70 1.59
N TYR F 124 61.35 23.56 1.24
CA TYR F 124 61.08 23.82 -0.17
C TYR F 124 61.38 25.23 -0.66
N HIS F 125 61.53 26.17 0.26
CA HIS F 125 61.76 27.57 -0.10
C HIS F 125 62.48 28.27 1.06
N PRO F 126 63.64 27.72 1.51
CA PRO F 126 64.26 28.09 2.78
C PRO F 126 64.66 29.56 2.94
N ASN F 127 64.84 30.28 1.83
CA ASN F 127 65.18 31.70 1.88
C ASN F 127 64.03 32.64 1.57
N CYS F 128 62.80 32.10 1.49
CA CYS F 128 61.64 32.94 1.32
C CYS F 128 61.53 33.88 2.54
N LYS F 129 61.31 35.16 2.30
CA LYS F 129 61.20 36.11 3.40
C LYS F 129 59.75 36.06 3.91
N MET F 130 59.60 35.79 5.18
CA MET F 130 58.25 35.54 5.76
C MET F 130 57.58 36.73 6.47
N ILE F 131 56.27 36.83 6.27
CA ILE F 131 55.43 37.79 6.96
C ILE F 131 54.47 36.97 7.85
N LEU F 132 54.53 37.21 9.16
CA LEU F 132 53.62 36.57 10.10
C LEU F 132 52.27 37.25 10.01
N ARG F 133 51.24 36.47 9.72
CA ARG F 133 49.88 37.00 9.71
C ARG F 133 49.21 36.76 11.04
N ILE F 134 48.80 37.86 11.65
CA ILE F 134 48.12 37.77 12.95
C ILE F 134 46.62 38.00 12.81
N ARG F 135 45.84 37.33 13.66
CA ARG F 135 44.38 37.53 13.65
C ARG F 135 43.97 38.83 14.37
N CYS F 136 43.27 39.71 13.67
CA CYS F 136 42.70 40.95 14.26
C CYS F 136 41.46 41.30 13.53
N ASP F 137 40.28 40.91 14.02
CA ASP F 137 39.02 41.13 13.27
C ASP F 137 38.34 42.49 13.42
N ASP F 138 37.69 42.92 12.33
CA ASP F 138 36.65 43.91 12.35
C ASP F 138 35.34 43.14 12.46
N PRO F 139 34.66 43.22 13.63
CA PRO F 139 33.35 42.57 13.86
C PRO F 139 32.31 43.02 12.87
N ASN F 140 32.49 44.21 12.29
CA ASN F 140 31.52 44.81 11.42
C ASN F 140 31.84 44.70 9.91
N ALA F 141 32.92 44.00 9.57
CA ALA F 141 33.25 43.74 8.17
C ALA F 141 32.20 42.88 7.47
N ALA F 142 31.97 43.18 6.20
CA ALA F 142 31.01 42.45 5.36
C ALA F 142 31.38 40.98 5.13
N VAL F 143 32.69 40.69 5.05
CA VAL F 143 33.19 39.31 4.95
C VAL F 143 34.21 39.01 6.06
N GLN F 144 33.95 37.98 6.87
CA GLN F 144 34.80 37.56 8.00
C GLN F 144 35.88 36.52 7.64
N LEU F 145 37.08 36.67 8.21
CA LEU F 145 38.28 35.85 7.85
C LEU F 145 39.08 35.31 9.03
N GLY F 146 38.83 35.87 10.22
CA GLY F 146 39.53 35.47 11.47
C GLY F 146 39.57 33.99 11.89
N ASN F 147 38.45 33.27 11.80
CA ASN F 147 38.44 31.83 12.12
C ASN F 147 39.54 30.99 11.35
N LYS F 148 39.57 31.17 10.06
CA LYS F 148 40.39 30.36 9.17
C LYS F 148 41.89 30.78 9.11
N PHE F 149 42.18 32.08 9.25
CA PHE F 149 43.54 32.63 9.01
C PHE F 149 44.06 33.54 10.13
N GLY F 150 45.38 33.58 10.34
CA GLY F 150 46.01 34.50 11.29
C GLY F 150 46.31 33.84 12.64
N ALA F 151 47.45 34.19 13.19
CA ALA F 151 47.87 33.58 14.42
C ALA F 151 47.16 34.28 15.58
N ASN F 152 46.74 33.49 16.56
CA ASN F 152 46.20 34.03 17.81
C ASN F 152 47.31 34.65 18.66
N GLU F 153 46.92 35.56 19.57
CA GLU F 153 47.90 36.32 20.36
C GLU F 153 48.86 35.43 21.09
N ASP F 154 48.32 34.34 21.64
CA ASP F 154 49.10 33.44 22.45
C ASP F 154 50.06 32.50 21.71
N GLU F 155 50.05 32.52 20.38
CA GLU F 155 50.98 31.71 19.59
C GLU F 155 52.03 32.56 18.83
N ILE F 156 51.93 33.89 18.94
CA ILE F 156 52.82 34.82 18.22
C ILE F 156 54.30 34.54 18.53
N ARG F 157 54.65 34.51 19.82
CA ARG F 157 56.04 34.30 20.19
C ARG F 157 56.55 32.91 19.84
N HIS F 158 55.75 31.87 20.09
CA HIS F 158 56.10 30.52 19.67
C HIS F 158 56.40 30.41 18.15
N LEU F 159 55.54 31.01 17.32
CA LEU F 159 55.72 30.94 15.86
C LEU F 159 57.02 31.65 15.40
N LEU F 160 57.27 32.82 15.96
CA LEU F 160 58.51 33.57 15.74
C LEU F 160 59.77 32.82 16.19
N GLU F 161 59.72 32.14 17.33
CA GLU F 161 60.85 31.33 17.81
C GLU F 161 61.10 30.13 16.90
N TYR F 162 60.01 29.47 16.49
CA TYR F 162 60.10 28.30 15.61
C TYR F 162 60.72 28.67 14.25
N ALA F 163 60.33 29.84 13.75
CA ALA F 163 60.88 30.41 12.53
C ALA F 163 62.39 30.62 12.67
N LYS F 164 62.79 31.24 13.79
CA LYS F 164 64.25 31.47 14.06
C LYS F 164 65.06 30.15 14.13
N GLN F 165 64.50 29.15 14.82
CA GLN F 165 65.04 27.79 14.90
C GLN F 165 65.31 27.11 13.53
N LEU F 166 64.47 27.44 12.55
CA LEU F 166 64.55 26.86 11.21
C LEU F 166 65.34 27.75 10.24
N ASP F 167 66.04 28.76 10.77
CA ASP F 167 66.79 29.71 9.96
C ASP F 167 65.91 30.41 8.94
N ILE F 168 64.65 30.67 9.31
CA ILE F 168 63.71 31.36 8.41
C ILE F 168 63.63 32.84 8.80
N GLU F 169 63.81 33.72 7.82
CA GLU F 169 63.83 35.15 8.03
C GLU F 169 62.41 35.69 8.07
N VAL F 170 62.04 36.27 9.20
CA VAL F 170 60.75 36.91 9.33
C VAL F 170 60.96 38.42 9.19
N ILE F 171 60.36 38.99 8.17
CA ILE F 171 60.59 40.39 7.88
C ILE F 171 59.44 41.35 8.22
N GLY F 172 58.32 40.79 8.72
CA GLY F 172 57.19 41.64 8.93
C GLY F 172 55.96 40.98 9.54
N ILE F 173 54.94 41.81 9.72
CA ILE F 173 53.69 41.40 10.30
C ILE F 173 52.59 41.83 9.37
N SER F 174 51.60 40.96 9.18
CA SER F 174 50.39 41.35 8.44
C SER F 174 49.12 41.01 9.24
N PHE F 175 48.01 41.60 8.81
CA PHE F 175 46.68 41.23 9.29
C PHE F 175 45.72 41.53 8.16
N HIS F 176 44.54 40.93 8.22
CA HIS F 176 43.42 41.38 7.40
C HIS F 176 42.20 41.46 8.36
N VAL F 177 41.58 42.62 8.46
CA VAL F 177 40.49 42.82 9.45
C VAL F 177 39.17 42.20 8.97
N GLY F 178 39.11 41.92 7.68
CA GLY F 178 37.92 41.41 7.01
C GLY F 178 37.68 42.22 5.76
N SER F 179 37.04 41.59 4.77
CA SER F 179 36.72 42.27 3.52
C SER F 179 35.44 43.10 3.60
N GLY F 180 35.49 44.30 3.04
CA GLY F 180 34.37 45.27 3.08
C GLY F 180 34.21 45.86 4.46
N SER F 181 35.26 46.50 4.96
CA SER F 181 35.31 47.09 6.29
C SER F 181 35.08 48.57 6.22
N ARG F 182 34.34 49.09 7.21
CA ARG F 182 34.13 50.54 7.34
C ARG F 182 34.31 50.97 8.80
N ASN F 183 35.22 50.29 9.48
CA ASN F 183 35.50 50.46 10.89
C ASN F 183 36.98 50.87 11.09
N PRO F 184 37.23 52.19 11.22
CA PRO F 184 38.59 52.75 11.31
C PRO F 184 39.33 52.28 12.54
N GLU F 185 38.60 52.04 13.63
CA GLU F 185 39.25 51.57 14.85
C GLU F 185 39.75 50.13 14.80
N ALA F 186 39.12 49.29 13.98
CA ALA F 186 39.63 47.93 13.79
C ALA F 186 41.07 47.98 13.27
N TYR F 187 41.30 48.88 12.33
CA TYR F 187 42.65 49.07 11.72
C TYR F 187 43.61 49.65 12.73
N TYR F 188 43.11 50.60 13.54
CA TYR F 188 43.94 51.21 14.58
C TYR F 188 44.40 50.13 15.56
N ARG F 189 43.48 49.30 16.02
CA ARG F 189 43.78 48.23 16.97
C ARG F 189 44.68 47.19 16.37
N ALA F 190 44.42 46.87 15.09
CA ALA F 190 45.26 45.91 14.36
C ALA F 190 46.72 46.36 14.22
N ILE F 191 46.92 47.65 13.93
CA ILE F 191 48.28 48.22 13.76
C ILE F 191 49.02 48.27 15.11
N LYS F 192 48.29 48.58 16.19
CA LYS F 192 48.85 48.48 17.54
C LYS F 192 49.30 47.06 17.85
N SER F 193 48.44 46.07 17.61
CA SER F 193 48.77 44.68 17.89
C SER F 193 49.93 44.23 16.99
N SER F 194 49.99 44.81 15.80
CA SER F 194 51.06 44.53 14.84
C SER F 194 52.42 45.01 15.36
N LYS F 195 52.45 46.20 15.99
CA LYS F 195 53.66 46.72 16.65
C LYS F 195 54.15 45.82 17.79
N GLU F 196 53.21 45.31 18.56
CA GLU F 196 53.53 44.36 19.65
C GLU F 196 54.16 43.07 19.11
N ALA F 197 53.62 42.57 18.01
CA ALA F 197 54.16 41.38 17.35
C ALA F 197 55.53 41.67 16.70
N PHE F 198 55.67 42.88 16.16
CA PHE F 198 56.94 43.42 15.64
C PHE F 198 58.01 43.37 16.72
N ASN F 199 57.66 43.85 17.92
CA ASN F 199 58.56 43.86 19.06
C ASN F 199 58.89 42.48 19.60
N GLU F 200 57.93 41.54 19.56
CA GLU F 200 58.23 40.14 19.88
C GLU F 200 59.22 39.56 18.88
N ALA F 201 59.06 39.92 17.61
CA ALA F 201 59.98 39.42 16.57
C ALA F 201 61.42 39.87 16.82
N ILE F 202 61.59 41.14 17.18
CA ILE F 202 62.90 41.74 17.55
C ILE F 202 63.47 41.02 18.75
N SER F 203 62.65 40.85 19.78
CA SER F 203 63.04 40.16 21.00
C SER F 203 63.59 38.76 20.69
N VAL F 204 62.98 38.08 19.71
CA VAL F 204 63.40 36.75 19.29
C VAL F 204 64.69 36.69 18.48
N GLY F 205 65.03 37.76 17.78
CA GLY F 205 66.26 37.77 17.00
C GLY F 205 66.02 38.06 15.53
N HIS F 206 64.77 38.34 15.16
CA HIS F 206 64.45 38.72 13.78
C HIS F 206 64.67 40.22 13.64
N LYS F 207 64.89 40.68 12.43
CA LYS F 207 64.96 42.12 12.18
C LYS F 207 63.84 42.55 11.20
N PRO F 208 62.57 42.59 11.68
CA PRO F 208 61.48 42.93 10.77
C PRO F 208 61.51 44.38 10.35
N TYR F 209 60.96 44.66 9.17
CA TYR F 209 60.90 46.01 8.71
C TYR F 209 59.64 46.28 7.90
N ILE F 210 58.74 45.32 7.81
CA ILE F 210 57.51 45.51 7.03
C ILE F 210 56.25 45.43 7.88
N LEU F 211 55.39 46.45 7.75
CA LEU F 211 54.03 46.37 8.20
C LEU F 211 53.13 46.17 6.98
N ASP F 212 52.31 45.13 7.03
CA ASP F 212 51.34 44.87 5.96
C ASP F 212 49.88 44.98 6.51
N ILE F 213 49.16 46.02 6.11
CA ILE F 213 47.82 46.33 6.67
C ILE F 213 46.67 45.55 5.98
N GLY F 214 47.03 44.60 5.10
CA GLY F 214 46.05 43.83 4.35
C GLY F 214 45.08 44.64 3.51
N GLY F 215 43.83 44.16 3.42
CA GLY F 215 42.87 44.75 2.52
C GLY F 215 41.65 45.20 3.29
N GLY F 216 40.50 45.21 2.61
CA GLY F 216 39.24 45.48 3.28
C GLY F 216 38.56 46.82 3.00
N LEU F 217 39.32 47.78 2.46
CA LEU F 217 38.83 49.16 2.29
C LEU F 217 37.96 49.32 1.04
N HIS F 218 36.95 50.18 1.13
CA HIS F 218 36.20 50.61 -0.02
C HIS F 218 36.76 51.92 -0.53
N ALA F 219 36.68 52.13 -1.85
CA ALA F 219 36.83 53.45 -2.40
C ALA F 219 35.45 54.11 -2.40
N ASP F 220 35.04 54.58 -1.24
CA ASP F 220 33.73 55.22 -1.07
C ASP F 220 33.79 56.65 -1.60
N ILE F 221 32.96 56.95 -2.60
CA ILE F 221 32.98 58.25 -3.28
C ILE F 221 31.72 59.07 -2.90
N GLY F 224 31.65 63.50 -5.53
CA GLY F 224 32.79 63.51 -6.47
C GLY F 224 34.11 63.58 -5.72
N GLU F 225 34.17 62.93 -4.57
CA GLU F 225 35.38 62.89 -3.77
C GLU F 225 35.46 61.61 -2.95
N LEU F 226 36.63 61.00 -2.91
CA LEU F 226 36.85 59.81 -2.11
C LEU F 226 36.85 60.20 -0.66
N SER F 227 36.18 59.41 0.16
CA SER F 227 36.19 59.59 1.60
C SER F 227 37.56 59.29 2.18
N THR F 228 37.99 60.14 3.11
CA THR F 228 39.29 59.99 3.73
C THR F 228 39.18 59.49 5.16
N TYR F 229 37.97 59.21 5.64
CA TYR F 229 37.84 58.74 7.02
C TYR F 229 38.73 57.55 7.45
N MET F 230 38.70 56.46 6.67
CA MET F 230 39.52 55.28 6.98
C MET F 230 41.03 55.63 6.86
N SER F 231 41.42 56.29 5.77
CA SER F 231 42.86 56.61 5.53
C SER F 231 43.42 57.52 6.61
N ASP F 232 42.65 58.53 7.03
CA ASP F 232 43.12 59.45 8.07
C ASP F 232 43.45 58.70 9.35
N TYR F 233 42.58 57.74 9.70
CA TYR F 233 42.77 57.01 10.95
C TYR F 233 43.87 55.93 10.82
N ILE F 234 43.95 55.27 9.67
CA ILE F 234 45.08 54.38 9.39
C ILE F 234 46.40 55.14 9.47
N ASN F 235 46.44 56.33 8.85
CA ASN F 235 47.67 57.14 8.87
C ASN F 235 48.07 57.57 10.29
N ASP F 236 47.06 57.83 11.14
CA ASP F 236 47.33 58.15 12.53
C ASP F 236 47.95 56.98 13.29
N ALA F 237 47.46 55.77 13.05
CA ALA F 237 47.98 54.56 13.71
C ALA F 237 49.42 54.29 13.28
N ILE F 238 49.70 54.47 11.99
CA ILE F 238 51.05 54.33 11.46
C ILE F 238 52.02 55.31 12.15
N LYS F 239 51.62 56.57 12.24
CA LYS F 239 52.39 57.59 12.93
C LYS F 239 52.59 57.25 14.43
N ASP F 240 51.55 56.73 15.09
CA ASP F 240 51.64 56.41 16.54
C ASP F 240 52.52 55.19 16.84
N PHE F 241 52.47 54.19 15.94
CA PHE F 241 53.14 52.93 16.18
C PHE F 241 54.29 52.62 15.23
N PHE F 242 54.31 53.17 14.03
CA PHE F 242 55.43 52.93 13.08
C PHE F 242 55.97 54.22 12.51
N PRO F 243 56.45 55.14 13.39
CA PRO F 243 56.92 56.43 12.87
C PRO F 243 58.23 56.34 12.09
N GLU F 244 59.02 55.31 12.36
CA GLU F 244 60.40 55.23 11.90
C GLU F 244 60.45 55.05 10.39
N ASP F 245 61.41 55.76 9.78
CA ASP F 245 61.58 55.73 8.33
C ASP F 245 62.20 54.43 7.89
N THR F 246 62.63 53.61 8.85
CA THR F 246 63.19 52.30 8.54
C THR F 246 62.14 51.24 8.21
N VAL F 247 60.87 51.58 8.45
CA VAL F 247 59.74 50.68 8.28
C VAL F 247 59.08 50.92 6.92
N THR F 248 58.93 49.84 6.15
CA THR F 248 58.19 49.88 4.90
C THR F 248 56.75 49.45 5.17
N ILE F 249 55.77 50.24 4.73
CA ILE F 249 54.36 49.85 4.94
C ILE F 249 53.78 49.44 3.57
N VAL F 250 53.10 48.29 3.56
CA VAL F 250 52.38 47.79 2.39
C VAL F 250 50.91 47.50 2.75
N ALA F 251 50.08 47.30 1.72
CA ALA F 251 48.67 46.91 1.87
C ALA F 251 48.33 45.86 0.80
N GLU F 252 47.22 45.14 0.98
CA GLU F 252 46.77 44.16 -0.01
C GLU F 252 45.33 44.50 -0.50
N PRO F 253 45.14 45.72 -1.06
CA PRO F 253 43.76 46.06 -1.42
C PRO F 253 43.28 45.33 -2.67
N GLY F 254 42.01 44.92 -2.67
CA GLY F 254 41.40 44.36 -3.86
C GLY F 254 40.25 45.23 -4.27
N ARG F 255 39.19 45.24 -3.44
CA ARG F 255 37.98 45.97 -3.74
C ARG F 255 38.21 47.46 -3.96
N PHE F 256 39.15 48.06 -3.23
CA PHE F 256 39.41 49.51 -3.37
C PHE F 256 39.58 49.91 -4.85
N PHE F 257 40.37 49.13 -5.57
CA PHE F 257 40.68 49.42 -6.97
C PHE F 257 39.70 48.81 -7.97
N ALA F 258 39.17 47.63 -7.63
CA ALA F 258 38.39 46.82 -8.57
C ALA F 258 36.94 47.25 -8.68
N GLU F 259 36.36 47.66 -7.54
CA GLU F 259 34.92 47.91 -7.47
C GLU F 259 34.39 48.79 -8.61
N HIS F 260 35.00 49.95 -8.78
CA HIS F 260 34.50 50.92 -9.74
C HIS F 260 35.09 50.72 -11.16
N TYR F 261 35.88 49.66 -11.36
CA TYR F 261 36.52 49.40 -12.68
C TYR F 261 35.47 49.11 -13.77
N SER F 262 34.35 48.49 -13.35
CA SER F 262 33.40 47.92 -14.29
C SER F 262 31.96 48.20 -13.90
N VAL F 263 31.11 48.29 -14.91
CA VAL F 263 29.68 48.09 -14.76
C VAL F 263 29.32 46.79 -15.47
N LEU F 264 28.24 46.17 -15.02
CA LEU F 264 27.73 44.98 -15.69
C LEU F 264 26.39 45.19 -16.37
N ALA F 265 26.38 45.12 -17.71
CA ALA F 265 25.14 45.26 -18.50
C ALA F 265 24.48 43.92 -18.73
N THR F 266 23.17 43.87 -18.52
CA THR F 266 22.41 42.64 -18.66
C THR F 266 21.01 42.92 -19.23
N GLN F 267 20.47 41.95 -19.97
CA GLN F 267 19.23 42.15 -20.69
C GLN F 267 18.07 41.39 -20.05
N VAL F 268 16.90 42.01 -20.07
CA VAL F 268 15.67 41.32 -19.69
C VAL F 268 15.30 40.30 -20.79
N ILE F 269 15.29 39.02 -20.44
CA ILE F 269 15.02 37.96 -21.41
C ILE F 269 13.66 37.30 -21.16
N GLY F 270 13.08 37.57 -19.98
CA GLY F 270 11.80 36.99 -19.60
C GLY F 270 11.02 37.86 -18.63
N LYS F 271 9.70 37.62 -18.59
CA LYS F 271 8.78 38.50 -17.87
C LYS F 271 7.52 37.74 -17.46
N ARG F 272 7.01 38.10 -16.28
CA ARG F 272 5.81 37.50 -15.71
C ARG F 272 5.19 38.55 -14.76
N VAL F 273 3.93 38.92 -14.99
CA VAL F 273 3.25 39.91 -14.16
C VAL F 273 2.04 39.22 -13.47
N ARG F 274 2.10 39.16 -12.13
CA ARG F 274 1.06 38.50 -11.36
C ARG F 274 0.67 39.36 -10.15
N ASP F 275 -0.60 39.74 -10.10
CA ASP F 275 -1.20 40.47 -9.01
C ASP F 275 -0.39 41.71 -8.60
N GLY F 276 0.01 42.49 -9.60
CA GLY F 276 0.69 43.77 -9.34
C GLY F 276 2.20 43.68 -9.13
N LEU F 277 2.73 42.46 -9.14
CA LEU F 277 4.16 42.21 -8.91
C LEU F 277 4.83 41.91 -10.27
N TYR F 278 5.90 42.63 -10.59
CA TYR F 278 6.58 42.50 -11.89
C TYR F 278 7.85 41.66 -11.78
N GLU F 279 7.80 40.44 -12.30
CA GLU F 279 8.95 39.53 -12.23
C GLU F 279 9.73 39.49 -13.54
N TYR F 280 11.03 39.66 -13.44
CA TYR F 280 11.88 39.69 -14.63
C TYR F 280 13.01 38.70 -14.53
N PHE F 281 13.36 38.09 -15.68
CA PHE F 281 14.50 37.21 -15.74
C PHE F 281 15.56 37.85 -16.66
N PHE F 282 16.79 37.77 -16.20
CA PHE F 282 17.94 38.40 -16.90
C PHE F 282 18.90 37.36 -17.47
N ASN F 283 19.69 37.74 -18.48
CA ASN F 283 20.75 36.83 -18.98
C ASN F 283 22.00 36.83 -18.10
N GLU F 284 21.77 37.04 -16.80
CA GLU F 284 22.80 36.97 -15.77
C GLU F 284 22.23 36.23 -14.55
N SER F 285 23.07 35.92 -13.58
CA SER F 285 22.59 35.19 -12.42
C SER F 285 23.59 35.26 -11.26
N THR F 286 23.13 34.77 -10.10
CA THR F 286 23.98 34.61 -8.92
C THR F 286 25.10 33.60 -9.13
N TYR F 287 24.94 32.75 -10.17
CA TYR F 287 25.99 31.81 -10.60
C TYR F 287 26.92 32.36 -11.70
N GLY F 288 26.59 33.55 -12.20
CA GLY F 288 27.39 34.32 -13.11
C GLY F 288 28.11 35.44 -12.40
N GLY F 289 27.76 36.69 -12.71
CA GLY F 289 28.44 37.86 -12.13
C GLY F 289 27.90 38.34 -10.77
N PHE F 290 26.86 37.68 -10.26
CA PHE F 290 26.11 38.20 -9.08
C PHE F 290 26.27 37.39 -7.80
N SER F 291 27.37 36.65 -7.71
CA SER F 291 27.66 35.90 -6.46
C SER F 291 27.67 36.80 -5.20
N ASN F 292 27.93 38.10 -5.33
CA ASN F 292 27.96 39.02 -4.15
C ASN F 292 26.59 39.18 -3.47
N VAL F 293 25.53 38.93 -4.24
CA VAL F 293 24.16 38.91 -3.68
C VAL F 293 24.09 37.82 -2.59
N ILE F 294 24.77 36.70 -2.83
CA ILE F 294 24.82 35.57 -1.90
C ILE F 294 25.81 35.81 -0.76
N PHE F 295 27.03 36.17 -1.08
CA PHE F 295 28.12 36.11 -0.11
C PHE F 295 28.39 37.46 0.57
N GLU F 296 27.83 38.53 0.03
CA GLU F 296 28.10 39.86 0.59
C GLU F 296 26.80 40.58 0.87
N LYS F 297 25.70 39.84 0.75
CA LYS F 297 24.36 40.39 1.01
C LYS F 297 24.08 41.65 0.17
N SER F 298 24.59 41.67 -1.06
CA SER F 298 24.39 42.78 -1.95
C SER F 298 22.91 42.91 -2.36
N VAL F 299 22.42 44.15 -2.46
CA VAL F 299 21.05 44.39 -2.90
C VAL F 299 21.15 45.48 -4.01
N PRO F 300 21.58 45.07 -5.21
CA PRO F 300 21.90 46.03 -6.25
C PRO F 300 20.68 46.53 -7.02
N THR F 301 20.69 47.83 -7.31
CA THR F 301 19.65 48.46 -8.09
C THR F 301 20.19 48.75 -9.50
N PRO F 302 19.49 48.26 -10.54
CA PRO F 302 19.93 48.55 -11.91
C PRO F 302 19.61 49.96 -12.41
N GLN F 303 20.46 50.44 -13.30
CA GLN F 303 20.19 51.64 -14.06
C GLN F 303 19.60 51.22 -15.40
N LEU F 304 18.42 51.76 -15.72
CA LEU F 304 17.78 51.56 -17.04
C LEU F 304 18.48 52.29 -18.18
N LEU F 305 18.66 51.61 -19.31
CA LEU F 305 19.29 52.27 -20.48
C LEU F 305 18.25 53.07 -21.24
N ARG F 306 17.03 52.56 -21.28
CA ARG F 306 15.92 53.26 -21.90
C ARG F 306 15.50 54.47 -21.07
N ASP F 307 15.46 55.62 -21.73
CA ASP F 307 15.02 56.87 -21.11
C ASP F 307 13.52 56.87 -20.79
N VAL F 308 13.19 57.35 -19.59
CA VAL F 308 11.78 57.42 -19.16
C VAL F 308 11.43 58.83 -18.72
N PRO F 309 10.14 59.22 -18.82
CA PRO F 309 9.67 60.54 -18.33
C PRO F 309 9.94 60.77 -16.84
N ASP F 311 8.09 61.54 -14.57
CA ASP F 311 6.94 61.03 -13.82
C ASP F 311 6.52 59.61 -14.22
N GLU F 312 7.46 58.82 -14.74
CA GLU F 312 7.25 57.39 -14.95
C GLU F 312 6.78 56.77 -13.66
N GLU F 313 5.74 55.96 -13.74
CA GLU F 313 5.27 55.15 -12.61
C GLU F 313 6.34 54.08 -12.27
N TYR F 314 6.76 53.99 -11.00
CA TYR F 314 7.52 52.82 -10.54
C TYR F 314 6.60 51.72 -10.05
N VAL F 315 6.99 50.49 -10.32
CA VAL F 315 6.22 49.32 -9.96
C VAL F 315 7.10 48.33 -9.17
N PRO F 316 6.46 47.51 -8.31
CA PRO F 316 7.28 46.58 -7.54
C PRO F 316 7.82 45.44 -8.37
N SER F 317 9.13 45.30 -8.35
CA SER F 317 9.85 44.43 -9.29
C SER F 317 10.69 43.39 -8.55
N VAL F 318 10.77 42.20 -9.12
CA VAL F 318 11.65 41.13 -8.67
C VAL F 318 12.64 40.82 -9.80
N LEU F 319 13.92 40.84 -9.48
CA LEU F 319 14.98 40.58 -10.46
C LEU F 319 15.57 39.17 -10.28
N TYR F 320 15.19 38.26 -11.18
CA TYR F 320 15.64 36.87 -11.13
C TYR F 320 16.82 36.59 -12.08
N GLY F 321 17.72 35.73 -11.63
CA GLY F 321 18.74 35.14 -12.47
C GLY F 321 18.21 34.08 -13.45
N CYS F 322 19.01 33.82 -14.47
CA CYS F 322 18.60 32.92 -15.55
C CYS F 322 18.59 31.42 -15.21
N THR F 323 19.23 31.00 -14.11
CA THR F 323 19.32 29.58 -13.80
C THR F 323 18.02 28.99 -13.25
N CYS F 324 17.96 27.67 -13.26
N CYS F 324 17.96 27.67 -13.34
CA CYS F 324 16.79 26.92 -12.78
CA CYS F 324 16.98 26.75 -12.73
C CYS F 324 16.63 26.94 -11.26
C CYS F 324 16.64 26.97 -11.27
N ASP F 325 17.60 27.51 -10.55
CA ASP F 325 17.70 27.45 -9.09
C ASP F 325 16.87 28.55 -8.42
N GLY F 326 16.15 28.21 -7.35
CA GLY F 326 15.32 29.21 -6.65
C GLY F 326 16.12 30.22 -5.81
N VAL F 327 17.31 29.84 -5.37
CA VAL F 327 18.22 30.78 -4.66
C VAL F 327 18.71 31.91 -5.56
N ASP F 328 18.64 31.65 -6.87
CA ASP F 328 19.28 32.51 -7.83
C ASP F 328 18.39 33.73 -8.13
N VAL F 329 18.45 34.69 -7.21
CA VAL F 329 17.65 35.88 -7.28
C VAL F 329 18.60 37.07 -7.14
N ILE F 330 18.62 37.94 -8.14
CA ILE F 330 19.47 39.14 -8.11
C ILE F 330 18.99 40.20 -7.11
N ASN F 331 17.69 40.52 -7.15
CA ASN F 331 17.08 41.47 -6.24
C ASN F 331 15.63 41.02 -5.98
N HIS F 332 15.34 40.69 -4.73
CA HIS F 332 14.01 40.20 -4.29
C HIS F 332 12.88 41.25 -4.38
N ASN F 333 13.22 42.53 -4.21
CA ASN F 333 12.25 43.61 -4.20
C ASN F 333 12.86 44.94 -4.50
N VAL F 334 12.47 45.53 -5.60
CA VAL F 334 12.97 46.85 -5.93
C VAL F 334 11.94 47.60 -6.79
N ALA F 335 11.79 48.89 -6.51
CA ALA F 335 10.88 49.75 -7.26
C ALA F 335 11.55 50.26 -8.54
N LEU F 336 10.96 49.99 -9.70
CA LEU F 336 11.52 50.37 -10.98
C LEU F 336 10.40 50.69 -11.97
N PRO F 337 10.71 51.47 -13.03
CA PRO F 337 9.80 51.63 -14.15
C PRO F 337 9.54 50.26 -14.76
N GLU F 338 8.37 50.09 -15.39
CA GLU F 338 8.04 48.80 -15.99
C GLU F 338 9.09 48.50 -17.05
N LEU F 339 9.55 47.26 -17.07
CA LEU F 339 10.55 46.81 -18.03
C LEU F 339 9.89 45.87 -19.03
N HIS F 340 10.57 45.67 -20.17
CA HIS F 340 10.08 44.79 -21.23
C HIS F 340 11.19 43.86 -21.71
N ILE F 341 10.79 42.70 -22.23
CA ILE F 341 11.75 41.77 -22.81
C ILE F 341 12.52 42.52 -23.90
N GLY F 342 13.85 42.50 -23.78
CA GLY F 342 14.70 43.27 -24.70
C GLY F 342 15.39 44.49 -24.06
N ASP F 343 14.84 45.00 -22.97
CA ASP F 343 15.43 46.12 -22.24
C ASP F 343 16.79 45.72 -21.67
N TRP F 344 17.75 46.63 -21.78
CA TRP F 344 19.01 46.48 -21.12
C TRP F 344 19.08 47.37 -19.87
N VAL F 345 19.68 46.81 -18.85
CA VAL F 345 20.04 47.60 -17.68
C VAL F 345 21.52 47.41 -17.38
N TYR F 346 22.05 48.24 -16.50
CA TYR F 346 23.39 47.96 -15.97
C TYR F 346 23.50 48.23 -14.49
N PHE F 347 24.40 47.49 -13.87
CA PHE F 347 24.76 47.66 -12.47
C PHE F 347 26.11 48.35 -12.31
N PRO F 348 26.10 49.56 -11.76
CA PRO F 348 27.32 50.35 -11.46
C PRO F 348 28.24 49.63 -10.47
N SER F 349 29.53 49.96 -10.51
CA SER F 349 30.53 49.52 -9.54
C SER F 349 30.50 48.01 -9.33
N TRP F 350 30.58 47.29 -10.45
CA TRP F 350 30.45 45.85 -10.47
C TRP F 350 31.75 45.12 -10.91
N GLY F 351 32.88 45.58 -10.40
CA GLY F 351 34.19 45.02 -10.73
C GLY F 351 34.89 44.19 -9.65
N ALA F 352 34.33 44.14 -8.44
CA ALA F 352 34.97 43.44 -7.30
C ALA F 352 34.26 42.15 -6.91
N TYR F 353 34.99 41.03 -7.00
CA TYR F 353 34.42 39.69 -6.72
C TYR F 353 33.15 39.44 -7.54
N THR F 354 33.24 39.77 -8.84
CA THR F 354 32.12 39.64 -9.77
C THR F 354 32.46 38.65 -10.88
N ASN F 355 33.19 39.08 -11.91
CA ASN F 355 33.59 38.20 -13.00
C ASN F 355 34.46 37.02 -12.57
N VAL F 356 35.27 37.22 -11.51
CA VAL F 356 36.16 36.15 -11.03
C VAL F 356 35.42 34.96 -10.47
N LEU F 357 34.14 35.17 -10.10
CA LEU F 357 33.32 34.12 -9.50
C LEU F 357 32.32 33.44 -10.43
N THR F 358 32.46 33.66 -11.74
CA THR F 358 31.53 33.10 -12.72
C THR F 358 31.60 31.55 -12.74
N THR F 359 30.44 30.91 -12.90
CA THR F 359 30.35 29.49 -13.21
C THR F 359 29.70 29.30 -14.59
N SER F 360 29.84 28.10 -15.15
CA SER F 360 29.04 27.73 -16.32
C SER F 360 27.79 26.87 -15.94
N PHE F 361 27.33 27.01 -14.70
CA PHE F 361 26.11 26.28 -14.24
C PHE F 361 24.90 26.54 -15.17
N ASN F 362 24.19 25.47 -15.51
CA ASN F 362 23.03 25.48 -16.45
C ASN F 362 23.38 25.79 -17.91
N GLY F 363 24.67 25.93 -18.18
CA GLY F 363 25.15 26.34 -19.50
C GLY F 363 25.15 27.84 -19.68
N PHE F 364 24.98 28.61 -18.59
CA PHE F 364 25.05 30.07 -18.70
C PHE F 364 26.43 30.60 -18.25
N GLY F 365 26.51 31.86 -17.86
CA GLY F 365 27.77 32.42 -17.33
C GLY F 365 28.73 33.07 -18.32
N GLU F 366 28.41 33.04 -19.62
CA GLU F 366 29.21 33.76 -20.63
C GLU F 366 28.93 35.24 -20.58
N TYR F 367 29.97 36.03 -20.84
CA TYR F 367 29.89 37.46 -20.93
C TYR F 367 30.96 38.02 -21.90
N ASP F 368 30.72 39.22 -22.40
CA ASP F 368 31.76 39.98 -23.11
C ASP F 368 32.37 41.09 -22.27
N VAL F 369 33.48 41.65 -22.73
CA VAL F 369 34.10 42.79 -22.04
C VAL F 369 34.43 43.87 -23.06
N TYR F 370 33.93 45.08 -22.80
CA TYR F 370 34.22 46.24 -23.60
C TYR F 370 35.07 47.19 -22.79
N TYR F 371 36.17 47.66 -23.39
CA TYR F 371 37.08 48.57 -22.70
C TYR F 371 36.82 50.01 -23.13
N ILE F 372 36.77 50.89 -22.12
CA ILE F 372 36.31 52.30 -22.15
C ILE F 372 35.02 52.55 -22.89
N MET G 1 33.21 40.63 37.53
CA MET G 1 34.45 40.26 38.35
C MET G 1 34.38 38.93 39.11
N ASN G 2 35.52 38.27 39.14
CA ASN G 2 35.68 36.89 39.55
C ASN G 2 35.34 36.72 41.02
N SER G 3 35.87 37.61 41.85
CA SER G 3 35.63 37.50 43.30
C SER G 3 34.19 37.79 43.69
N VAL G 4 33.59 38.82 43.09
CA VAL G 4 32.21 39.19 43.38
C VAL G 4 31.26 38.00 43.13
N VAL G 5 31.43 37.35 41.99
CA VAL G 5 30.61 36.21 41.60
C VAL G 5 30.88 34.97 42.46
N ASN G 6 32.16 34.70 42.76
CA ASN G 6 32.50 33.59 43.62
C ASN G 6 31.97 33.76 45.04
N ASN G 7 31.95 35.01 45.51
CA ASN G 7 31.52 35.33 46.89
C ASN G 7 30.01 35.05 47.04
N ILE G 8 29.28 35.47 46.01
CA ILE G 8 27.85 35.18 45.79
C ILE G 8 27.54 33.68 45.75
N LEU G 9 28.32 32.92 45.00
CA LEU G 9 28.17 31.47 45.06
C LEU G 9 28.48 30.93 46.48
N HIS G 12 25.55 31.41 48.89
CA HIS G 12 24.23 31.06 48.33
C HIS G 12 24.31 29.69 47.65
N GLN G 15 22.23 28.32 45.05
CA GLN G 15 21.98 29.00 43.77
C GLN G 15 21.92 27.96 42.71
N THR G 16 20.74 27.83 42.11
CA THR G 16 20.51 26.83 41.05
C THR G 16 20.41 27.39 39.62
N LYS G 17 19.58 28.40 39.47
CA LYS G 17 19.35 29.13 38.23
C LYS G 17 20.58 29.90 37.79
N SER G 18 20.67 30.18 36.49
CA SER G 18 21.60 31.18 36.03
C SER G 18 21.20 32.53 36.64
N PHE G 19 22.16 33.44 36.74
CA PHE G 19 21.90 34.77 37.34
C PHE G 19 22.68 35.89 36.66
N TYR G 20 22.04 37.05 36.54
CA TYR G 20 22.73 38.32 36.22
C TYR G 20 23.24 38.99 37.50
N VAL G 21 24.48 39.49 37.41
CA VAL G 21 25.04 40.39 38.42
C VAL G 21 25.11 41.78 37.79
N SER G 22 24.33 42.71 38.36
CA SER G 22 24.10 43.98 37.70
C SER G 22 24.62 45.12 38.52
N SER G 23 25.23 46.10 37.85
CA SER G 23 25.88 47.21 38.56
C SER G 23 25.34 48.59 38.15
N PRO G 24 24.42 49.14 38.95
CA PRO G 24 23.91 50.49 38.67
C PRO G 24 25.04 51.53 38.58
N LYS G 25 26.12 51.30 39.32
CA LYS G 25 27.22 52.24 39.39
C LYS G 25 27.97 52.36 38.06
N ILE G 26 28.11 51.24 37.35
CA ILE G 26 28.70 51.23 35.99
C ILE G 26 27.90 52.17 35.10
N VAL G 27 26.58 52.02 35.13
CA VAL G 27 25.70 52.83 34.32
C VAL G 27 25.79 54.32 34.67
N GLU G 28 25.78 54.65 35.97
CA GLU G 28 26.01 56.04 36.46
C GLU G 28 27.32 56.63 35.89
N ASP G 29 28.41 55.84 35.96
CA ASP G 29 29.69 56.22 35.33
C ASP G 29 29.59 56.45 33.82
N LEU G 30 28.82 55.59 33.12
CA LEU G 30 28.61 55.77 31.66
C LEU G 30 27.71 56.97 31.28
N ILE G 31 26.76 57.33 32.15
CA ILE G 31 25.97 58.58 32.00
C ILE G 31 26.86 59.82 32.08
N ASP G 32 27.74 59.86 33.07
CA ASP G 32 28.72 60.96 33.24
C ASP G 32 29.66 61.05 32.02
N GLN G 33 30.11 59.89 31.53
CA GLN G 33 30.91 59.81 30.31
C GLN G 33 30.14 60.27 29.07
N TRP G 34 28.84 59.95 29.00
CA TRP G 34 28.01 60.41 27.89
C TRP G 34 28.00 61.93 27.79
N THR G 35 27.86 62.63 28.93
CA THR G 35 27.74 64.09 28.89
C THR G 35 29.08 64.74 28.53
N ILE G 36 30.19 64.08 28.86
CA ILE G 36 31.52 64.43 28.36
C ILE G 36 31.68 64.18 26.83
N LEU G 37 31.43 62.96 26.38
CA LEU G 37 31.54 62.59 24.96
C LEU G 37 30.60 63.38 24.03
N PHE G 38 29.37 63.62 24.51
CA PHE G 38 28.32 64.26 23.73
C PHE G 38 27.71 65.47 24.48
N PRO G 39 28.44 66.58 24.54
CA PRO G 39 27.96 67.73 25.33
C PRO G 39 26.60 68.30 24.91
N ARG G 40 26.22 68.15 23.64
CA ARG G 40 24.96 68.74 23.15
C ARG G 40 23.78 67.76 23.07
N VAL G 41 24.05 66.48 23.30
CA VAL G 41 23.06 65.45 23.03
C VAL G 41 22.43 64.90 24.32
N THR G 42 21.12 65.09 24.44
CA THR G 42 20.34 64.53 25.55
C THR G 42 19.97 63.06 25.21
N PRO G 43 20.41 62.10 26.03
CA PRO G 43 20.05 60.71 25.72
C PRO G 43 18.62 60.34 26.15
N HIS G 44 17.91 59.69 25.23
CA HIS G 44 16.64 59.08 25.54
C HIS G 44 16.88 57.59 25.52
N TYR G 45 17.08 57.01 26.69
CA TYR G 45 17.38 55.60 26.77
C TYR G 45 16.31 54.71 26.14
N ALA G 46 16.77 53.83 25.25
CA ALA G 46 15.89 52.88 24.56
C ALA G 46 15.56 51.71 25.49
N VAL G 47 14.42 51.81 26.16
CA VAL G 47 14.11 50.85 27.20
C VAL G 47 14.02 49.38 26.70
N LYS G 48 13.70 49.18 25.43
CA LYS G 48 13.58 47.85 24.89
C LYS G 48 14.89 47.02 25.00
N CYS G 49 16.01 47.70 25.11
CA CYS G 49 17.33 47.06 25.15
C CYS G 49 17.53 46.28 26.47
N ASN G 50 16.94 46.84 27.55
CA ASN G 50 17.04 46.30 28.90
C ASN G 50 16.11 47.11 29.78
N ASN G 51 15.03 46.47 30.16
CA ASN G 51 13.97 47.14 30.92
C ASN G 51 14.05 46.84 32.41
N ASP G 52 15.21 46.34 32.86
CA ASP G 52 15.47 46.14 34.31
C ASP G 52 15.06 47.37 35.14
N GLU G 53 14.21 47.13 36.14
CA GLU G 53 13.61 48.20 36.96
C GLU G 53 14.65 49.06 37.65
N VAL G 54 15.63 48.42 38.29
CA VAL G 54 16.76 49.12 38.89
C VAL G 54 17.53 49.95 37.85
N LEU G 55 17.68 49.42 36.65
CA LEU G 55 18.39 50.15 35.59
C LEU G 55 17.61 51.42 35.21
N LEU G 56 16.28 51.28 35.06
CA LEU G 56 15.39 52.43 34.69
C LEU G 56 15.36 53.57 35.73
N LYS G 57 15.26 53.20 37.00
CA LYS G 57 15.34 54.14 38.13
C LYS G 57 16.71 54.82 38.20
N THR G 58 17.79 54.04 38.04
CA THR G 58 19.15 54.60 38.02
C THR G 58 19.24 55.71 36.98
N MET G 59 18.67 55.46 35.80
CA MET G 59 18.64 56.42 34.69
C MET G 59 17.81 57.67 35.02
N CYS G 60 16.62 57.43 35.56
CA CYS G 60 15.72 58.47 36.00
C CYS G 60 16.43 59.47 36.91
N ASP G 61 17.13 58.97 37.91
CA ASP G 61 17.82 59.81 38.89
C ASP G 61 19.04 60.54 38.33
N LYS G 62 19.58 60.05 37.22
CA LYS G 62 20.70 60.72 36.58
C LYS G 62 20.20 61.65 35.47
N ASN G 63 18.89 61.91 35.47
CA ASN G 63 18.26 62.80 34.50
C ASN G 63 18.42 62.43 33.00
N VAL G 64 18.56 61.15 32.74
CA VAL G 64 18.42 60.58 31.41
C VAL G 64 16.93 60.54 31.08
N ASN G 65 16.60 60.75 29.80
CA ASN G 65 15.21 60.63 29.35
C ASN G 65 14.95 59.25 28.75
N PHE G 66 13.80 59.06 28.11
CA PHE G 66 13.42 57.72 27.66
C PHE G 66 12.85 57.63 26.26
N ASP G 67 13.20 56.54 25.59
CA ASP G 67 12.62 56.16 24.33
C ASP G 67 11.77 54.91 24.60
N CYS G 68 10.46 55.07 24.46
CA CYS G 68 9.52 53.96 24.67
C CYS G 68 8.93 53.50 23.35
N ALA G 69 8.83 52.19 23.17
CA ALA G 69 8.40 51.61 21.89
C ALA G 69 6.91 51.19 21.86
N SER G 70 6.27 51.19 23.04
CA SER G 70 4.94 50.63 23.16
C SER G 70 4.27 51.19 24.44
N SER G 71 2.97 50.98 24.56
CA SER G 71 2.27 51.35 25.79
C SER G 71 2.88 50.72 27.04
N SER G 72 3.20 49.43 26.96
CA SER G 72 3.82 48.73 28.08
C SER G 72 5.12 49.37 28.55
N GLU G 73 5.97 49.80 27.60
CA GLU G 73 7.19 50.52 27.93
C GLU G 73 6.96 51.90 28.56
N ILE G 74 5.97 52.61 28.06
CA ILE G 74 5.60 53.90 28.66
C ILE G 74 5.19 53.65 30.13
N LYS G 75 4.38 52.63 30.37
CA LYS G 75 3.88 52.27 31.72
C LYS G 75 5.04 51.99 32.68
N LYS G 76 6.07 51.25 32.21
CA LYS G 76 7.30 50.97 32.98
C LYS G 76 8.02 52.26 33.43
N VAL G 77 8.15 53.22 32.52
CA VAL G 77 8.77 54.52 32.83
C VAL G 77 7.93 55.42 33.76
N ILE G 78 6.65 55.55 33.43
CA ILE G 78 5.72 56.33 34.24
C ILE G 78 5.62 55.80 35.67
N GLN G 79 5.62 54.48 35.83
CA GLN G 79 5.39 53.92 37.14
C GLN G 79 6.59 54.12 38.07
N ILE G 80 7.76 54.45 37.51
CA ILE G 80 8.90 54.82 38.36
C ILE G 80 8.96 56.32 38.70
N GLY G 81 7.90 57.05 38.33
CA GLY G 81 7.78 58.47 38.66
C GLY G 81 8.36 59.47 37.64
N VAL G 82 8.87 58.97 36.51
CA VAL G 82 9.33 59.84 35.40
C VAL G 82 8.19 60.62 34.75
N SER G 83 8.40 61.92 34.55
CA SER G 83 7.45 62.77 33.80
C SER G 83 7.22 62.25 32.36
N PRO G 84 5.95 62.26 31.90
CA PRO G 84 5.67 61.93 30.49
C PRO G 84 6.35 62.86 29.51
N SER G 85 6.75 64.05 29.97
CA SER G 85 7.46 64.98 29.13
C SER G 85 8.90 64.49 28.82
N ARG G 86 9.38 63.51 29.58
CA ARG G 86 10.71 62.90 29.37
C ARG G 86 10.73 61.70 28.39
N ILE G 87 9.57 61.38 27.82
CA ILE G 87 9.45 60.23 26.94
C ILE G 87 9.21 60.67 25.50
N ILE G 88 9.95 60.03 24.60
CA ILE G 88 9.61 60.08 23.17
C ILE G 88 9.12 58.69 22.75
N PHE G 89 7.96 58.64 22.11
CA PHE G 89 7.34 57.41 21.65
C PHE G 89 7.97 57.16 20.26
N ALA G 90 9.21 56.69 20.28
CA ALA G 90 10.06 56.65 19.05
C ALA G 90 9.84 55.37 18.24
N HIS G 91 8.57 55.04 18.03
CA HIS G 91 8.18 53.96 17.12
C HIS G 91 7.31 54.55 16.01
N THR G 92 7.69 54.35 14.75
CA THR G 92 6.89 54.96 13.66
C THR G 92 5.53 54.26 13.42
N MET G 93 5.39 53.06 13.96
CA MET G 93 4.16 52.29 13.77
C MET G 93 3.47 51.98 15.10
N LYS G 94 2.49 52.81 15.46
CA LYS G 94 1.89 52.72 16.81
C LYS G 94 0.42 52.36 16.70
N THR G 95 -0.01 51.36 17.47
CA THR G 95 -1.45 51.02 17.51
C THR G 95 -2.35 52.22 17.94
N ILE G 96 -3.56 52.24 17.41
CA ILE G 96 -4.55 53.25 17.78
C ILE G 96 -4.73 53.32 19.31
N ASP G 97 -4.87 52.15 19.92
CA ASP G 97 -4.97 51.94 21.36
C ASP G 97 -3.79 52.53 22.15
N ASP G 98 -2.56 52.30 21.65
CA ASP G 98 -1.38 52.85 22.30
C ASP G 98 -1.31 54.37 22.17
N LEU G 99 -1.76 54.91 21.04
CA LEU G 99 -1.84 56.37 20.87
C LEU G 99 -2.84 56.99 21.88
N ILE G 100 -3.97 56.33 22.02
CA ILE G 100 -5.00 56.74 22.98
C ILE G 100 -4.37 56.76 24.37
N PHE G 101 -3.66 55.70 24.72
CA PHE G 101 -2.95 55.60 26.00
C PHE G 101 -1.93 56.71 26.17
N ALA G 102 -1.12 56.95 25.13
CA ALA G 102 -0.13 58.04 25.14
C ALA G 102 -0.79 59.40 25.42
N LYS G 103 -1.91 59.65 24.75
CA LYS G 103 -2.61 60.90 24.90
C LYS G 103 -3.13 61.08 26.38
N ASP G 104 -3.64 60.01 27.01
CA ASP G 104 -4.10 60.06 28.44
C ASP G 104 -2.91 60.34 29.36
N GLN G 105 -1.78 59.66 29.09
CA GLN G 105 -0.59 59.83 29.91
C GLN G 105 0.22 61.12 29.69
N GLY G 106 -0.07 61.88 28.64
CA GLY G 106 0.77 63.04 28.33
C GLY G 106 2.06 62.74 27.52
N VAL G 107 2.14 61.54 26.96
CA VAL G 107 3.25 61.24 26.02
C VAL G 107 2.91 61.86 24.65
N ASP G 108 3.54 63.01 24.41
CA ASP G 108 3.13 63.93 23.34
C ASP G 108 4.25 64.19 22.30
N ILE G 109 5.25 63.29 22.25
CA ILE G 109 6.28 63.31 21.16
C ILE G 109 6.38 61.92 20.57
N ALA G 110 6.24 61.82 19.26
CA ALA G 110 6.36 60.52 18.59
C ALA G 110 6.98 60.66 17.20
N THR G 111 7.38 59.52 16.64
CA THR G 111 7.94 59.46 15.29
C THR G 111 6.93 58.89 14.29
N PHE G 112 7.16 59.14 12.98
CA PHE G 112 6.37 58.56 11.90
C PHE G 112 7.24 58.51 10.62
N ASP G 113 6.79 57.69 9.68
CA ASP G 113 7.45 57.55 8.36
C ASP G 113 6.42 57.23 7.27
N SER G 114 5.14 57.51 7.56
CA SER G 114 3.99 57.10 6.75
C SER G 114 2.84 58.11 6.84
N SER G 115 2.07 58.22 5.76
CA SER G 115 0.91 59.10 5.70
C SER G 115 -0.27 58.52 6.51
N PHE G 116 -0.40 57.20 6.50
CA PHE G 116 -1.39 56.52 7.32
C PHE G 116 -1.15 56.72 8.83
N GLU G 117 0.12 56.86 9.21
CA GLU G 117 0.46 57.15 10.57
C GLU G 117 -0.01 58.55 10.96
N LEU G 118 0.23 59.53 10.08
CA LEU G 118 -0.33 60.87 10.27
C LEU G 118 -1.88 60.88 10.39
N ASP G 119 -2.56 60.04 9.62
CA ASP G 119 -4.01 59.89 9.71
C ASP G 119 -4.47 59.45 11.13
N LYS G 120 -3.75 58.47 11.69
CA LYS G 120 -3.98 58.01 13.07
C LYS G 120 -3.74 59.12 14.08
N ILE G 121 -2.66 59.88 13.89
CA ILE G 121 -2.35 60.97 14.81
C ILE G 121 -3.44 62.04 14.79
N HIS G 122 -3.86 62.43 13.59
CA HIS G 122 -4.93 63.40 13.39
C HIS G 122 -6.22 63.00 14.15
N THR G 123 -6.58 61.72 14.06
CA THR G 123 -7.81 61.18 14.65
C THR G 123 -7.71 60.93 16.17
N TYR G 124 -6.58 60.37 16.62
CA TYR G 124 -6.47 59.86 17.99
C TYR G 124 -5.58 60.63 18.94
N HIS G 125 -4.62 61.39 18.41
CA HIS G 125 -3.74 62.16 19.30
C HIS G 125 -3.26 63.40 18.54
N PRO G 126 -4.23 64.28 18.16
CA PRO G 126 -3.95 65.37 17.25
C PRO G 126 -2.92 66.38 17.73
N ASN G 127 -2.66 66.41 19.04
CA ASN G 127 -1.67 67.34 19.60
C ASN G 127 -0.24 66.78 19.79
N CYS G 128 -0.01 65.57 19.32
CA CYS G 128 1.25 64.92 19.55
C CYS G 128 2.27 65.56 18.56
N LYS G 129 3.39 66.07 19.07
CA LYS G 129 4.46 66.64 18.26
C LYS G 129 5.22 65.52 17.54
N MET G 130 5.42 65.67 16.23
CA MET G 130 5.88 64.56 15.41
C MET G 130 7.33 64.76 14.91
N ILE G 131 8.07 63.66 14.92
CA ILE G 131 9.45 63.62 14.42
C ILE G 131 9.42 62.73 13.15
N LEU G 132 9.81 63.31 12.04
CA LEU G 132 9.96 62.53 10.80
C LEU G 132 11.22 61.66 10.83
N ARG G 133 11.01 60.35 10.83
CA ARG G 133 12.14 59.40 10.72
C ARG G 133 12.50 59.14 9.26
N ILE G 134 13.73 59.50 8.90
CA ILE G 134 14.21 59.24 7.54
C ILE G 134 15.12 58.02 7.56
N ARG G 135 15.10 57.27 6.46
CA ARG G 135 15.99 56.14 6.28
C ARG G 135 17.39 56.58 5.80
N CYS G 136 18.41 56.15 6.54
CA CYS G 136 19.80 56.40 6.17
C CYS G 136 20.61 55.28 6.78
N ASP G 137 20.97 54.27 6.00
CA ASP G 137 21.54 53.07 6.57
C ASP G 137 23.05 53.08 6.71
N ASP G 138 23.51 52.45 7.79
CA ASP G 138 24.88 51.98 7.84
C ASP G 138 24.91 50.58 7.18
N PRO G 139 25.52 50.44 5.98
CA PRO G 139 25.60 49.12 5.36
C PRO G 139 26.30 48.10 6.26
N ASN G 140 26.99 48.57 7.28
CA ASN G 140 27.91 47.72 8.03
C ASN G 140 27.46 47.51 9.46
N ALA G 141 26.22 47.90 9.79
CA ALA G 141 25.68 47.73 11.14
C ALA G 141 25.32 46.25 11.34
N ALA G 142 25.49 45.81 12.57
CA ALA G 142 25.18 44.46 13.06
C ALA G 142 23.69 44.06 12.98
N GLN G 144 20.30 45.59 10.88
CA GLN G 144 19.76 46.34 9.71
C GLN G 144 18.27 46.71 9.89
N LEU G 145 17.93 47.97 9.57
CA LEU G 145 16.64 48.59 9.99
C LEU G 145 15.94 49.34 8.87
N GLY G 146 16.71 49.66 7.82
CA GLY G 146 16.23 50.54 6.73
C GLY G 146 15.07 50.05 5.87
N ASN G 147 15.02 48.76 5.52
CA ASN G 147 13.87 48.28 4.74
C ASN G 147 12.50 48.45 5.47
N LYS G 148 12.50 48.23 6.77
CA LYS G 148 11.27 48.23 7.55
C LYS G 148 10.83 49.63 8.00
N PHE G 149 11.80 50.51 8.27
CA PHE G 149 11.54 51.83 8.88
C PHE G 149 12.24 53.02 8.18
N GLY G 150 11.57 54.18 8.18
CA GLY G 150 12.14 55.44 7.71
C GLY G 150 11.66 55.84 6.34
N ALA G 151 11.40 57.13 6.14
CA ALA G 151 10.97 57.66 4.84
C ALA G 151 12.13 57.64 3.84
N ASN G 152 11.84 57.28 2.60
CA ASN G 152 12.79 57.44 1.49
C ASN G 152 12.90 58.92 1.17
N GLU G 153 14.00 59.30 0.52
CA GLU G 153 14.23 60.69 0.14
C GLU G 153 13.07 61.29 -0.65
N ASP G 154 12.50 60.48 -1.54
CA ASP G 154 11.49 60.94 -2.48
C ASP G 154 10.08 61.10 -1.90
N GLU G 155 9.93 60.73 -0.63
CA GLU G 155 8.64 60.91 0.03
C GLU G 155 8.67 61.93 1.18
N ILE G 156 9.84 62.52 1.45
CA ILE G 156 10.01 63.50 2.53
C ILE G 156 9.10 64.75 2.43
N ARG G 157 9.14 65.41 1.28
CA ARG G 157 8.35 66.63 1.06
C ARG G 157 6.87 66.34 1.21
N HIS G 158 6.40 65.24 0.57
CA HIS G 158 5.00 64.84 0.60
C HIS G 158 4.51 64.56 2.04
N LEU G 159 5.30 63.81 2.80
CA LEU G 159 4.98 63.53 4.21
C LEU G 159 4.83 64.80 5.05
N LEU G 160 5.73 65.75 4.81
CA LEU G 160 5.78 67.01 5.53
C LEU G 160 4.59 67.90 5.15
N GLU G 161 4.25 67.89 3.87
CA GLU G 161 3.10 68.61 3.32
C GLU G 161 1.79 68.02 3.86
N TYR G 162 1.73 66.70 3.95
CA TYR G 162 0.52 66.01 4.43
C TYR G 162 0.28 66.27 5.93
N ALA G 163 1.35 66.26 6.72
CA ALA G 163 1.32 66.70 8.13
C ALA G 163 0.79 68.12 8.25
N LYS G 164 1.34 69.02 7.44
CA LYS G 164 0.87 70.40 7.38
C LYS G 164 -0.64 70.54 7.11
N GLN G 165 -1.12 69.79 6.11
CA GLN G 165 -2.52 69.79 5.72
C GLN G 165 -3.40 69.29 6.84
N LEU G 166 -2.90 68.34 7.62
CA LEU G 166 -3.67 67.82 8.75
C LEU G 166 -3.52 68.62 10.04
N ASP G 167 -2.84 69.78 9.97
CA ASP G 167 -2.52 70.60 11.15
C ASP G 167 -1.70 69.83 12.23
N ILE G 168 -0.81 68.98 11.75
CA ILE G 168 0.08 68.23 12.63
C ILE G 168 1.43 68.93 12.62
N GLU G 169 1.91 69.26 13.82
CA GLU G 169 3.20 69.91 14.03
C GLU G 169 4.37 68.92 13.98
N VAL G 170 5.22 69.10 13.00
CA VAL G 170 6.48 68.37 12.91
C VAL G 170 7.59 69.19 13.52
N ILE G 171 8.20 68.65 14.58
CA ILE G 171 9.18 69.40 15.37
C ILE G 171 10.64 68.98 15.14
N GLY G 172 10.85 67.95 14.32
CA GLY G 172 12.20 67.48 14.09
C GLY G 172 12.33 66.30 13.17
N ILE G 173 13.58 65.83 13.06
CA ILE G 173 13.97 64.74 12.20
C ILE G 173 14.80 63.72 12.99
N SER G 174 14.50 62.45 12.81
CA SER G 174 15.29 61.36 13.38
C SER G 174 15.78 60.39 12.29
N PHE G 175 16.76 59.57 12.65
CA PHE G 175 17.15 58.43 11.85
C PHE G 175 17.70 57.40 12.84
N HIS G 176 17.85 56.17 12.37
CA HIS G 176 18.63 55.15 13.03
C HIS G 176 19.41 54.43 11.94
N VAL G 177 20.73 54.47 12.04
CA VAL G 177 21.59 53.88 10.95
C VAL G 177 21.60 52.35 10.99
N GLY G 178 21.15 51.76 12.10
CA GLY G 178 21.27 50.32 12.35
C GLY G 178 21.84 50.11 13.74
N SER G 179 21.41 49.05 14.42
CA SER G 179 21.89 48.70 15.76
C SER G 179 23.27 48.00 15.71
N GLY G 180 24.24 48.41 16.55
CA GLY G 180 25.60 47.85 16.49
C GLY G 180 26.45 48.40 15.36
N SER G 181 26.48 49.72 15.24
CA SER G 181 27.24 50.46 14.23
C SER G 181 28.64 50.89 14.71
N ARG G 182 29.63 50.74 13.83
CA ARG G 182 31.00 51.27 14.04
C ARG G 182 31.52 51.99 12.79
N ASN G 183 30.59 52.57 12.02
CA ASN G 183 30.90 53.30 10.80
C ASN G 183 30.61 54.78 11.05
N PRO G 184 31.65 55.59 11.30
CA PRO G 184 31.40 56.98 11.70
C PRO G 184 30.75 57.78 10.58
N GLU G 185 31.12 57.47 9.35
CA GLU G 185 30.58 58.17 8.20
C GLU G 185 29.08 57.95 7.97
N ALA G 186 28.56 56.78 8.37
CA ALA G 186 27.13 56.56 8.31
C ALA G 186 26.40 57.65 9.11
N TYR G 187 26.94 57.98 10.29
CA TYR G 187 26.33 59.03 11.16
C TYR G 187 26.51 60.40 10.54
N TYR G 188 27.70 60.65 9.95
CA TYR G 188 27.97 61.91 9.27
C TYR G 188 27.01 62.17 8.09
N ARG G 189 26.91 61.20 7.19
CA ARG G 189 25.96 61.24 6.07
C ARG G 189 24.47 61.36 6.55
N ALA G 190 24.10 60.63 7.61
CA ALA G 190 22.75 60.73 8.20
C ALA G 190 22.43 62.12 8.74
N ILE G 191 23.35 62.69 9.50
CA ILE G 191 23.17 64.07 10.00
C ILE G 191 23.01 65.10 8.87
N LYS G 192 23.84 64.96 7.82
CA LYS G 192 23.71 65.80 6.63
C LYS G 192 22.33 65.65 6.01
N SER G 193 21.88 64.41 5.82
CA SER G 193 20.57 64.17 5.21
C SER G 193 19.45 64.70 6.11
N SER G 194 19.69 64.70 7.42
CA SER G 194 18.73 65.23 8.37
C SER G 194 18.49 66.75 8.23
N LYS G 195 19.58 67.47 8.01
CA LYS G 195 19.55 68.91 7.80
C LYS G 195 18.79 69.26 6.50
N GLU G 196 19.01 68.47 5.45
CA GLU G 196 18.23 68.60 4.22
C GLU G 196 16.71 68.43 4.46
N ALA G 197 16.34 67.43 5.26
CA ALA G 197 14.93 67.18 5.59
C ALA G 197 14.37 68.29 6.49
N PHE G 198 15.23 68.77 7.39
CA PHE G 198 14.97 69.92 8.29
C PHE G 198 14.63 71.16 7.46
N ASN G 199 15.45 71.42 6.45
CA ASN G 199 15.20 72.50 5.53
C ASN G 199 13.96 72.32 4.66
N GLU G 200 13.65 71.07 4.29
CA GLU G 200 12.36 70.79 3.63
C GLU G 200 11.15 71.06 4.54
N ALA G 201 11.24 70.72 5.84
CA ALA G 201 10.16 70.97 6.80
C ALA G 201 9.91 72.48 6.94
N ILE G 202 11.01 73.22 7.02
CA ILE G 202 10.99 74.66 7.06
C ILE G 202 10.29 75.24 5.84
N SER G 203 10.70 74.77 4.64
CA SER G 203 10.09 75.25 3.39
C SER G 203 8.57 75.03 3.40
N VAL G 204 8.16 73.84 3.82
CA VAL G 204 6.75 73.47 3.92
C VAL G 204 5.99 74.31 4.93
N GLY G 205 6.68 74.89 5.90
CA GLY G 205 6.05 75.79 6.87
C GLY G 205 6.08 75.35 8.34
N HIS G 206 6.65 74.17 8.59
CA HIS G 206 6.90 73.71 9.97
C HIS G 206 8.02 74.52 10.61
N LYS G 207 8.14 74.42 11.93
CA LYS G 207 9.27 75.09 12.60
C LYS G 207 10.07 74.05 13.41
N PRO G 208 10.79 73.17 12.72
CA PRO G 208 11.45 72.07 13.44
C PRO G 208 12.60 72.56 14.35
N TYR G 209 12.86 71.85 15.43
CA TYR G 209 13.91 72.29 16.35
C TYR G 209 14.67 71.10 16.96
N ILE G 210 14.29 69.89 16.59
CA ILE G 210 14.96 68.69 17.12
C ILE G 210 15.71 67.89 16.05
N LEU G 211 16.98 67.59 16.34
CA LEU G 211 17.66 66.52 15.63
C LEU G 211 17.80 65.32 16.54
N ASP G 212 17.33 64.16 16.07
CA ASP G 212 17.38 62.91 16.81
C ASP G 212 18.29 61.93 16.05
N ILE G 213 19.44 61.63 16.63
CA ILE G 213 20.48 60.82 15.94
C ILE G 213 20.31 59.32 16.18
N GLY G 214 19.22 58.90 16.85
CA GLY G 214 18.94 57.49 17.04
C GLY G 214 19.93 56.73 17.93
N GLY G 215 20.08 55.43 17.70
CA GLY G 215 20.92 54.58 18.51
C GLY G 215 22.06 54.01 17.66
N GLY G 216 22.49 52.79 18.00
CA GLY G 216 23.50 52.03 17.20
C GLY G 216 24.90 52.01 17.77
N LEU G 217 25.21 52.98 18.65
CA LEU G 217 26.56 53.13 19.19
C LEU G 217 26.88 52.10 20.26
N HIS G 218 28.14 51.64 20.24
CA HIS G 218 28.69 50.83 21.31
C HIS G 218 29.47 51.68 22.29
N ALA G 219 29.43 51.25 23.55
CA ALA G 219 30.39 51.73 24.55
C ALA G 219 31.65 50.84 24.45
N ASP G 220 32.54 51.17 23.54
CA ASP G 220 33.76 50.34 23.31
C ASP G 220 34.87 50.61 24.32
N LEU G 226 36.94 54.64 27.50
CA LEU G 226 35.90 54.68 26.47
C LEU G 226 36.47 55.24 25.18
N SER G 227 36.21 54.57 24.07
CA SER G 227 36.67 55.09 22.78
C SER G 227 35.85 56.34 22.39
N THR G 228 36.52 57.29 21.74
CA THR G 228 35.87 58.56 21.36
C THR G 228 35.77 58.76 19.85
N TYR G 229 36.11 57.75 19.05
CA TYR G 229 36.09 57.97 17.61
C TYR G 229 34.67 58.22 17.05
N MET G 230 33.71 57.39 17.41
CA MET G 230 32.33 57.61 16.96
C MET G 230 31.86 59.01 17.40
N SER G 231 31.99 59.31 18.70
CA SER G 231 31.58 60.62 19.25
C SER G 231 32.27 61.83 18.62
N ASP G 232 33.59 61.74 18.42
CA ASP G 232 34.33 62.82 17.74
C ASP G 232 33.74 63.16 16.36
N TYR G 233 33.45 62.13 15.57
CA TYR G 233 32.91 62.34 14.21
C TYR G 233 31.42 62.80 14.22
N ILE G 234 30.64 62.29 15.18
CA ILE G 234 29.24 62.72 15.34
C ILE G 234 29.17 64.22 15.69
N ASN G 235 30.03 64.63 16.60
CA ASN G 235 30.09 66.02 17.05
C ASN G 235 30.55 66.97 15.94
N ASP G 236 31.44 66.49 15.08
CA ASP G 236 31.82 67.25 13.89
C ASP G 236 30.65 67.47 12.94
N ALA G 237 29.89 66.40 12.65
CA ALA G 237 28.75 66.54 11.77
C ALA G 237 27.69 67.48 12.37
N ILE G 238 27.53 67.43 13.70
CA ILE G 238 26.68 68.35 14.43
C ILE G 238 27.18 69.80 14.26
N LYS G 239 28.48 70.02 14.41
CA LYS G 239 29.07 71.33 14.17
C LYS G 239 28.80 71.82 12.73
N ASP G 240 29.08 70.97 11.75
CA ASP G 240 28.94 71.35 10.34
C ASP G 240 27.48 71.67 9.90
N PHE G 241 26.51 70.91 10.42
CA PHE G 241 25.12 70.99 9.91
C PHE G 241 24.07 71.55 10.89
N PHE G 242 24.34 71.44 12.17
CA PHE G 242 23.44 71.97 13.20
C PHE G 242 24.25 72.79 14.23
N PRO G 243 25.02 73.81 13.77
CA PRO G 243 25.77 74.70 14.68
C PRO G 243 24.88 75.51 15.62
N GLU G 244 23.60 75.61 15.30
CA GLU G 244 22.71 76.55 16.00
C GLU G 244 22.32 76.12 17.43
N ASP G 245 22.39 77.09 18.35
CA ASP G 245 21.97 76.86 19.74
C ASP G 245 20.46 76.71 19.84
N THR G 246 19.76 77.10 18.78
CA THR G 246 18.31 76.91 18.66
C THR G 246 17.84 75.46 18.43
N VAL G 247 18.76 74.59 17.99
CA VAL G 247 18.42 73.19 17.76
C VAL G 247 18.70 72.34 19.00
N THR G 248 17.71 71.54 19.39
CA THR G 248 17.82 70.60 20.47
C THR G 248 18.27 69.28 19.84
N ILE G 249 19.33 68.70 20.38
CA ILE G 249 19.82 67.45 19.83
C ILE G 249 19.61 66.31 20.82
N VAL G 250 19.01 65.24 20.35
CA VAL G 250 18.82 64.06 21.17
C VAL G 250 19.38 62.79 20.50
N ALA G 251 19.56 61.75 21.30
CA ALA G 251 19.86 60.41 20.79
C ALA G 251 18.92 59.37 21.43
N GLU G 252 18.89 58.17 20.84
CA GLU G 252 18.12 57.05 21.42
C GLU G 252 19.04 55.85 21.70
N PRO G 253 20.03 56.02 22.60
CA PRO G 253 20.95 54.89 22.84
C PRO G 253 20.34 53.77 23.69
N GLY G 254 20.49 52.51 23.24
CA GLY G 254 20.19 51.36 24.07
C GLY G 254 21.45 50.66 24.57
N ARG G 255 22.14 49.98 23.64
CA ARG G 255 23.32 49.18 23.97
C ARG G 255 24.43 49.98 24.64
N PHE G 256 24.61 51.27 24.30
CA PHE G 256 25.66 52.06 24.92
C PHE G 256 25.62 51.95 26.45
N PHE G 257 24.41 52.04 27.02
CA PHE G 257 24.24 51.99 28.47
C PHE G 257 24.03 50.58 29.01
N ALA G 258 23.27 49.78 28.28
CA ALA G 258 22.87 48.45 28.76
C ALA G 258 23.97 47.37 28.70
N GLU G 259 24.85 47.42 27.71
CA GLU G 259 25.79 46.31 27.45
C GLU G 259 26.56 45.93 28.72
N HIS G 260 27.25 46.90 29.30
CA HIS G 260 28.15 46.64 30.42
C HIS G 260 27.47 46.59 31.79
N TYR G 261 26.14 46.80 31.83
CA TYR G 261 25.39 46.83 33.08
C TYR G 261 25.47 45.49 33.85
N SER G 262 25.50 44.38 33.10
CA SER G 262 25.41 43.04 33.67
C SER G 262 26.46 42.06 33.14
N VAL G 263 26.75 41.05 33.95
CA VAL G 263 27.35 39.82 33.46
C VAL G 263 26.36 38.71 33.73
N LEU G 264 26.39 37.69 32.88
CA LEU G 264 25.52 36.51 33.05
C LEU G 264 26.29 35.24 33.46
N ALA G 265 26.03 34.79 34.69
CA ALA G 265 26.61 33.55 35.23
C ALA G 265 25.73 32.34 34.91
N THR G 266 26.37 31.25 34.51
CA THR G 266 25.68 30.01 34.12
C THR G 266 26.54 28.82 34.47
N GLN G 267 25.90 27.69 34.74
CA GLN G 267 26.56 26.52 35.25
C GLN G 267 26.53 25.40 34.24
N VAL G 268 27.63 24.64 34.20
CA VAL G 268 27.70 23.37 33.44
C VAL G 268 26.79 22.36 34.14
N ILE G 269 25.73 21.93 33.47
CA ILE G 269 24.81 20.91 34.03
C ILE G 269 24.95 19.52 33.42
N GLY G 270 25.58 19.46 32.23
CA GLY G 270 25.77 18.21 31.53
C GLY G 270 27.08 18.24 30.73
N LYS G 271 27.54 17.05 30.36
CA LYS G 271 28.86 16.87 29.68
C LYS G 271 28.91 15.59 28.87
N ARG G 272 29.66 15.66 27.74
CA ARG G 272 29.88 14.53 26.89
C ARG G 272 31.25 14.73 26.22
N VAL G 273 32.14 13.75 26.33
CA VAL G 273 33.46 13.85 25.68
C VAL G 273 33.50 12.75 24.64
N ARG G 274 33.70 13.17 23.37
CA ARG G 274 33.76 12.25 22.22
C ARG G 274 34.90 12.62 21.30
N ASP G 275 35.85 11.69 21.17
CA ASP G 275 36.93 11.79 20.16
C ASP G 275 37.72 13.09 20.28
N GLY G 276 38.08 13.43 21.52
CA GLY G 276 38.85 14.65 21.78
C GLY G 276 38.04 15.95 21.85
N LEU G 277 36.72 15.84 21.68
CA LEU G 277 35.86 17.01 21.65
C LEU G 277 35.01 17.08 22.93
N TYR G 278 35.06 18.22 23.62
CA TYR G 278 34.41 18.41 24.93
C TYR G 278 33.09 19.19 24.81
N GLU G 279 31.99 18.49 25.01
CA GLU G 279 30.68 19.06 24.80
C GLU G 279 29.98 19.30 26.13
N TYR G 280 29.58 20.55 26.34
CA TYR G 280 29.00 20.97 27.62
C TYR G 280 27.61 21.55 27.46
N PHE G 281 26.74 21.24 28.42
CA PHE G 281 25.37 21.81 28.46
C PHE G 281 25.26 22.73 29.65
N PHE G 282 24.72 23.93 29.42
CA PHE G 282 24.54 24.94 30.47
C PHE G 282 23.06 25.14 30.83
N ASN G 283 22.83 25.74 32.01
CA ASN G 283 21.45 26.07 32.41
C ASN G 283 20.96 27.40 31.83
N GLU G 284 21.44 27.70 30.63
CA GLU G 284 21.07 28.88 29.84
C GLU G 284 20.98 28.41 28.38
N SER G 285 20.48 29.26 27.50
CA SER G 285 20.25 28.89 26.09
C SER G 285 20.00 30.12 25.22
N THR G 286 20.02 29.89 23.88
CA THR G 286 19.66 30.93 22.92
C THR G 286 18.18 31.31 23.03
N TYR G 287 17.39 30.47 23.66
CA TYR G 287 16.01 30.83 23.99
C TYR G 287 15.87 31.52 25.37
N GLY G 288 16.97 31.66 26.11
CA GLY G 288 17.01 32.40 27.38
C GLY G 288 17.78 33.70 27.12
N GLY G 289 18.97 33.81 27.72
CA GLY G 289 19.79 35.03 27.64
C GLY G 289 20.74 35.14 26.45
N PHE G 290 20.77 34.11 25.60
CA PHE G 290 21.72 34.06 24.47
C PHE G 290 21.14 34.25 23.07
N SER G 291 20.02 34.98 22.96
CA SER G 291 19.46 35.28 21.62
C SER G 291 20.41 36.04 20.67
N ASN G 292 21.36 36.77 21.23
CA ASN G 292 22.33 37.58 20.48
C ASN G 292 23.22 36.70 19.62
N VAL G 293 23.37 35.45 20.04
CA VAL G 293 24.10 34.43 19.26
C VAL G 293 23.40 34.24 17.90
N ILE G 294 22.08 34.23 17.92
CA ILE G 294 21.29 34.04 16.68
C ILE G 294 21.11 35.33 15.87
N PHE G 295 20.79 36.43 16.55
CA PHE G 295 20.39 37.69 15.88
C PHE G 295 21.55 38.59 15.58
N GLU G 296 22.55 38.58 16.46
CA GLU G 296 23.72 39.46 16.28
C GLU G 296 25.00 38.73 15.97
N LYS G 297 24.91 37.44 15.68
CA LYS G 297 26.10 36.62 15.30
C LYS G 297 27.22 36.66 16.36
N SER G 298 26.81 36.78 17.62
CA SER G 298 27.76 36.86 18.74
C SER G 298 28.45 35.53 18.91
N VAL G 299 29.76 35.57 19.19
CA VAL G 299 30.51 34.36 19.51
C VAL G 299 31.18 34.57 20.89
N PRO G 300 30.41 34.33 21.96
CA PRO G 300 30.89 34.69 23.29
C PRO G 300 31.82 33.67 23.98
N THR G 301 32.84 34.20 24.62
CA THR G 301 33.80 33.41 25.37
C THR G 301 33.51 33.60 26.85
N PRO G 302 33.25 32.49 27.56
CA PRO G 302 33.02 32.59 28.99
C PRO G 302 34.31 32.80 29.81
N GLN G 303 34.15 33.37 31.00
CA GLN G 303 35.23 33.43 31.99
C GLN G 303 35.03 32.33 33.03
N LEU G 304 36.08 31.55 33.28
CA LEU G 304 36.02 30.49 34.30
C LEU G 304 36.11 31.09 35.68
N LEU G 305 35.27 30.57 36.58
CA LEU G 305 35.33 31.04 37.97
C LEU G 305 36.32 30.23 38.77
N ARG G 306 36.40 28.94 38.45
CA ARG G 306 37.44 28.08 39.02
C ARG G 306 38.81 28.48 38.48
N ASP G 307 39.74 28.79 39.38
CA ASP G 307 41.12 29.11 39.01
C ASP G 307 41.85 27.90 38.47
N VAL G 308 42.66 28.11 37.44
CA VAL G 308 43.45 27.05 36.84
C VAL G 308 44.92 27.44 36.81
N PRO G 309 45.81 26.44 36.92
CA PRO G 309 47.22 26.76 36.76
C PRO G 309 47.46 27.37 35.39
N ASP G 310 48.60 28.05 35.28
CA ASP G 310 49.07 28.75 34.09
C ASP G 310 49.47 27.79 32.96
N ASP G 311 49.92 26.59 33.34
CA ASP G 311 50.19 25.50 32.40
C ASP G 311 49.02 24.59 32.01
N GLU G 312 47.79 24.92 32.44
CA GLU G 312 46.60 24.13 32.12
C GLU G 312 46.39 24.01 30.59
N GLU G 313 46.27 22.77 30.14
CA GLU G 313 46.00 22.43 28.73
C GLU G 313 44.59 22.89 28.34
N TYR G 314 44.45 23.64 27.25
CA TYR G 314 43.12 23.99 26.74
C TYR G 314 42.66 22.90 25.81
N VAL G 315 41.37 22.61 25.83
CA VAL G 315 40.75 21.61 24.93
C VAL G 315 39.63 22.19 24.03
N PRO G 316 39.37 21.56 22.87
CA PRO G 316 38.34 22.10 21.98
C PRO G 316 36.98 21.83 22.58
N SER G 317 36.20 22.88 22.74
CA SER G 317 34.96 22.80 23.50
C SER G 317 33.77 23.28 22.67
N VAL G 318 32.58 22.77 23.02
CA VAL G 318 31.35 23.19 22.40
C VAL G 318 30.38 23.55 23.54
N LEU G 319 29.83 24.76 23.46
CA LEU G 319 28.91 25.21 24.52
C LEU G 319 27.45 25.17 24.05
N TYR G 320 26.72 24.16 24.50
CA TYR G 320 25.32 23.97 24.17
C TYR G 320 24.34 24.63 25.16
N GLY G 321 23.27 25.21 24.65
CA GLY G 321 22.14 25.59 25.46
C GLY G 321 21.32 24.40 25.94
N CYS G 322 20.51 24.64 26.96
CA CYS G 322 19.77 23.56 27.65
C CYS G 322 18.54 23.00 26.91
N THR G 323 18.06 23.68 25.88
CA THR G 323 16.85 23.23 25.21
C THR G 323 17.07 22.02 24.29
N CYS G 324 15.97 21.41 23.89
N CYS G 324 15.96 21.47 23.86
CA CYS G 324 16.01 20.24 23.02
CA CYS G 324 15.90 20.31 22.97
C CYS G 324 16.38 20.58 21.56
C CYS G 324 16.40 20.59 21.56
N ASP G 325 16.45 21.86 21.24
CA ASP G 325 16.67 22.31 19.84
C ASP G 325 18.15 22.26 19.45
N GLY G 326 18.43 21.79 18.25
CA GLY G 326 19.80 21.69 17.72
C GLY G 326 20.42 23.04 17.38
N VAL G 327 19.59 24.04 17.14
CA VAL G 327 20.06 25.38 16.81
C VAL G 327 20.57 26.09 18.04
N ASP G 328 20.19 25.57 19.22
CA ASP G 328 20.50 26.19 20.48
C ASP G 328 21.91 25.80 20.92
N VAL G 329 22.87 26.54 20.38
CA VAL G 329 24.30 26.37 20.58
C VAL G 329 24.84 27.76 20.95
N ILE G 330 25.39 27.88 22.15
CA ILE G 330 25.93 29.16 22.60
C ILE G 330 27.25 29.52 21.85
N ASN G 331 28.13 28.55 21.74
CA ASN G 331 29.41 28.68 21.02
C ASN G 331 29.76 27.32 20.41
N HIS G 332 29.85 27.25 19.06
CA HIS G 332 30.14 26.00 18.34
C HIS G 332 31.55 25.45 18.61
N ASN G 333 32.51 26.35 18.84
CA ASN G 333 33.94 25.98 18.99
C ASN G 333 34.72 27.00 19.74
N VAL G 334 35.35 26.56 20.82
CA VAL G 334 36.11 27.47 21.68
C VAL G 334 37.08 26.65 22.49
N ALA G 335 38.33 27.12 22.53
CA ALA G 335 39.36 26.47 23.34
C ALA G 335 39.18 26.92 24.79
N LEU G 336 39.10 25.96 25.71
CA LEU G 336 38.98 26.25 27.14
C LEU G 336 39.65 25.18 27.99
N PRO G 337 40.03 25.52 29.25
CA PRO G 337 40.36 24.47 30.20
C PRO G 337 39.21 23.46 30.30
N GLU G 338 39.51 22.19 30.59
CA GLU G 338 38.44 21.21 30.80
C GLU G 338 37.49 21.70 31.90
N LEU G 339 36.19 21.58 31.64
CA LEU G 339 35.17 21.93 32.60
C LEU G 339 34.51 20.67 33.13
N HIS G 340 33.85 20.79 34.30
CA HIS G 340 33.17 19.67 34.92
C HIS G 340 31.75 20.11 35.35
N ILE G 341 30.83 19.15 35.45
CA ILE G 341 29.47 19.44 35.85
C ILE G 341 29.54 20.09 37.25
N GLY G 342 28.91 21.25 37.40
CA GLY G 342 28.94 22.05 38.65
C GLY G 342 29.76 23.33 38.53
N ASP G 343 30.68 23.34 37.54
CA ASP G 343 31.50 24.52 37.20
C ASP G 343 30.59 25.66 36.79
N TRP G 344 30.83 26.84 37.33
CA TRP G 344 30.17 28.06 36.90
C TRP G 344 31.13 28.86 36.01
N VAL G 345 30.53 29.50 35.01
CA VAL G 345 31.24 30.48 34.19
C VAL G 345 30.41 31.76 34.17
N TYR G 346 30.98 32.85 33.70
CA TYR G 346 30.20 34.05 33.42
C TYR G 346 30.61 34.71 32.09
N PHE G 347 29.64 35.38 31.48
CA PHE G 347 29.81 36.09 30.23
C PHE G 347 29.74 37.59 30.52
N PRO G 348 30.87 38.30 30.34
CA PRO G 348 30.90 39.74 30.62
C PRO G 348 30.07 40.54 29.63
N SER G 349 29.76 41.77 30.02
CA SER G 349 29.03 42.73 29.18
C SER G 349 27.79 42.06 28.53
N TRP G 350 26.94 41.48 29.38
CA TRP G 350 25.77 40.72 28.93
C TRP G 350 24.43 41.39 29.28
N GLY G 351 24.38 42.72 29.12
CA GLY G 351 23.22 43.51 29.53
C GLY G 351 22.34 44.03 28.39
N ALA G 352 22.83 43.94 27.14
CA ALA G 352 22.10 44.48 25.98
C ALA G 352 21.44 43.41 25.10
N TYR G 353 20.11 43.47 24.97
CA TYR G 353 19.34 42.51 24.16
C TYR G 353 19.59 41.07 24.64
N THR G 354 19.58 40.89 25.95
CA THR G 354 19.83 39.61 26.57
C THR G 354 18.59 39.15 27.39
N ASN G 355 18.45 39.67 28.62
CA ASN G 355 17.30 39.30 29.48
C ASN G 355 15.95 39.69 28.84
N VAL G 356 15.92 40.77 28.07
CA VAL G 356 14.63 41.24 27.48
C VAL G 356 14.07 40.24 26.46
N LEU G 357 14.92 39.35 25.95
CA LEU G 357 14.49 38.43 24.90
C LEU G 357 14.22 36.99 25.38
N THR G 358 14.16 36.80 26.69
CA THR G 358 13.95 35.47 27.24
C THR G 358 12.59 34.88 26.86
N THR G 359 12.59 33.56 26.67
CA THR G 359 11.36 32.78 26.51
C THR G 359 11.30 31.75 27.62
N SER G 360 10.13 31.12 27.80
CA SER G 360 10.02 29.98 28.70
C SER G 360 9.99 28.66 27.89
N PHE G 361 10.60 28.69 26.70
CA PHE G 361 10.66 27.48 25.84
C PHE G 361 11.25 26.31 26.61
N ASN G 362 10.63 25.16 26.49
CA ASN G 362 11.02 23.92 27.21
C ASN G 362 10.83 23.97 28.72
N GLY G 363 10.34 25.09 29.22
CA GLY G 363 10.18 25.28 30.67
C GLY G 363 11.46 25.81 31.31
N PHE G 364 12.40 26.20 30.43
CA PHE G 364 13.61 26.89 30.87
C PHE G 364 13.43 28.41 30.82
N GLY G 365 14.52 29.13 30.94
CA GLY G 365 14.46 30.56 30.75
C GLY G 365 14.38 31.40 32.01
N GLU G 366 14.39 30.74 33.18
CA GLU G 366 14.40 31.44 34.48
C GLU G 366 15.81 31.88 34.86
N TYR G 367 15.88 32.95 35.65
CA TYR G 367 17.16 33.49 36.10
C TYR G 367 16.91 34.34 37.37
N ASP G 368 17.96 34.49 38.17
CA ASP G 368 17.94 35.45 39.30
C ASP G 368 18.73 36.69 38.92
N VAL G 369 18.55 37.74 39.71
CA VAL G 369 19.36 38.96 39.53
C VAL G 369 19.92 39.42 40.87
N TYR G 370 21.23 39.65 40.88
CA TYR G 370 21.90 40.27 42.02
C TYR G 370 22.35 41.67 41.63
N TYR G 371 22.13 42.58 42.54
CA TYR G 371 22.46 43.97 42.36
C TYR G 371 23.67 44.35 43.19
N ILE G 372 24.77 44.70 42.52
CA ILE G 372 25.95 45.17 43.25
C ILE G 372 26.29 46.63 43.01
N MET H 1 -14.41 28.56 10.33
CA MET H 1 -13.46 29.34 11.20
C MET H 1 -13.62 30.84 10.98
N ASN H 2 -13.86 31.27 9.75
CA ASN H 2 -14.15 32.68 9.49
C ASN H 2 -15.31 33.17 10.35
N SER H 3 -16.41 32.41 10.33
CA SER H 3 -17.60 32.71 11.09
C SER H 3 -17.32 32.66 12.61
N VAL H 4 -16.56 31.66 13.04
CA VAL H 4 -16.15 31.53 14.44
C VAL H 4 -15.36 32.76 14.94
N VAL H 5 -14.37 33.20 14.16
CA VAL H 5 -13.56 34.35 14.57
C VAL H 5 -14.39 35.63 14.56
N ASN H 6 -15.13 35.85 13.47
CA ASN H 6 -16.08 36.99 13.40
C ASN H 6 -17.05 37.10 14.56
N ASN H 7 -17.53 35.95 15.04
CA ASN H 7 -18.41 35.89 16.20
C ASN H 7 -17.71 36.32 17.49
N ILE H 8 -16.46 35.86 17.67
CA ILE H 8 -15.61 36.28 18.78
C ILE H 8 -15.48 37.81 18.82
N LEU H 9 -15.09 38.38 17.68
CA LEU H 9 -14.88 39.82 17.57
C LEU H 9 -16.11 40.63 17.86
N LYS H 10 -17.28 40.07 17.52
CA LYS H 10 -18.53 40.76 17.72
C LYS H 10 -18.94 40.75 19.21
N ALA H 11 -18.70 39.61 19.85
CA ALA H 11 -18.95 39.44 21.27
C ALA H 11 -17.94 40.16 22.17
N HIS H 12 -16.78 40.47 21.62
CA HIS H 12 -15.69 41.19 22.33
C HIS H 12 -15.29 42.39 21.48
N PRO H 13 -16.14 43.43 21.46
CA PRO H 13 -15.94 44.57 20.55
C PRO H 13 -14.70 45.41 20.84
N HIS H 14 -14.21 45.36 22.08
CA HIS H 14 -13.03 46.12 22.49
C HIS H 14 -11.75 45.29 22.51
N GLN H 15 -11.77 44.18 21.79
CA GLN H 15 -10.65 43.29 21.78
C GLN H 15 -9.54 43.98 20.99
N THR H 16 -8.34 44.03 21.59
CA THR H 16 -7.24 44.85 21.13
C THR H 16 -6.03 43.98 20.80
N LYS H 17 -5.66 43.07 21.70
CA LYS H 17 -4.56 42.17 21.47
C LYS H 17 -4.86 41.15 20.37
N SER H 18 -3.80 40.62 19.73
CA SER H 18 -3.89 39.37 19.01
C SER H 18 -4.43 38.26 19.91
N PHE H 19 -5.02 37.24 19.29
CA PHE H 19 -5.61 36.15 20.06
C PHE H 19 -5.62 34.81 19.34
N TYR H 20 -5.33 33.77 20.11
CA TYR H 20 -5.50 32.39 19.70
C TYR H 20 -6.95 31.92 19.89
N VAL H 21 -7.47 31.29 18.86
CA VAL H 21 -8.75 30.56 18.93
C VAL H 21 -8.38 29.07 18.91
N SER H 22 -8.62 28.42 20.06
CA SER H 22 -8.14 27.04 20.28
C SER H 22 -9.30 26.06 20.39
N SER H 23 -9.12 24.89 19.79
CA SER H 23 -10.18 23.86 19.78
C SER H 23 -9.80 22.49 20.39
N PRO H 24 -10.21 22.23 21.65
CA PRO H 24 -10.09 20.88 22.26
C PRO H 24 -10.67 19.72 21.45
N LYS H 25 -11.77 19.94 20.74
CA LYS H 25 -12.37 18.87 19.93
C LYS H 25 -11.47 18.42 18.77
N ILE H 26 -10.78 19.36 18.12
CA ILE H 26 -9.80 19.01 17.06
C ILE H 26 -8.78 18.02 17.61
N VAL H 27 -8.21 18.35 18.78
CA VAL H 27 -7.22 17.51 19.45
C VAL H 27 -7.81 16.14 19.84
N GLU H 28 -9.03 16.11 20.37
CA GLU H 28 -9.71 14.84 20.67
C GLU H 28 -9.91 13.99 19.41
N ASP H 29 -10.29 14.61 18.29
CA ASP H 29 -10.44 13.88 17.03
C ASP H 29 -9.09 13.29 16.56
N LEU H 30 -8.04 14.08 16.69
CA LEU H 30 -6.68 13.69 16.35
C LEU H 30 -6.11 12.58 17.22
N ILE H 31 -6.46 12.54 18.50
CA ILE H 31 -6.07 11.46 19.41
C ILE H 31 -6.75 10.16 18.96
N ASP H 32 -8.05 10.25 18.64
CA ASP H 32 -8.78 9.15 18.01
C ASP H 32 -8.11 8.67 16.72
N GLN H 33 -7.69 9.61 15.86
CA GLN H 33 -6.99 9.28 14.60
C GLN H 33 -5.62 8.62 14.82
N TRP H 34 -4.89 9.09 15.83
CA TRP H 34 -3.63 8.47 16.26
C TRP H 34 -3.80 6.98 16.62
N THR H 35 -4.84 6.63 17.36
CA THR H 35 -5.07 5.22 17.68
C THR H 35 -5.41 4.36 16.43
N ILE H 36 -6.04 4.96 15.41
CA ILE H 36 -6.29 4.25 14.14
C ILE H 36 -4.97 4.12 13.37
N LEU H 37 -4.23 5.22 13.28
CA LEU H 37 -2.95 5.30 12.57
C LEU H 37 -1.83 4.45 13.20
N PHE H 38 -1.72 4.54 14.54
CA PHE H 38 -0.66 3.91 15.31
C PHE H 38 -1.22 3.06 16.47
N PRO H 39 -1.88 1.92 16.15
CA PRO H 39 -2.61 1.17 17.17
C PRO H 39 -1.72 0.52 18.22
N ARG H 40 -0.43 0.31 17.93
CA ARG H 40 0.45 -0.16 19.01
C ARG H 40 1.39 0.87 19.67
N VAL H 41 1.20 2.14 19.33
CA VAL H 41 2.09 3.19 19.83
C VAL H 41 1.38 4.13 20.82
N THR H 42 1.86 4.18 22.07
CA THR H 42 1.35 5.12 23.08
C THR H 42 2.03 6.50 22.95
N PRO H 43 1.24 7.56 22.62
CA PRO H 43 1.89 8.89 22.51
C PRO H 43 2.16 9.54 23.89
N HIS H 44 3.36 10.11 24.03
CA HIS H 44 3.72 10.95 25.15
C HIS H 44 3.93 12.35 24.58
N TYR H 45 2.86 13.14 24.66
CA TYR H 45 2.83 14.49 24.13
C TYR H 45 3.99 15.34 24.64
N ALA H 46 4.66 15.96 23.68
CA ALA H 46 5.81 16.82 23.90
C ALA H 46 5.31 18.19 24.37
N VAL H 47 5.22 18.32 25.69
CA VAL H 47 4.69 19.53 26.37
C VAL H 47 5.28 20.85 25.80
N LYS H 48 6.58 20.82 25.45
CA LYS H 48 7.30 22.02 25.00
C LYS H 48 6.69 22.66 23.74
N CYS H 49 6.02 21.84 22.93
CA CYS H 49 5.40 22.29 21.69
C CYS H 49 4.26 23.29 21.94
N ASN H 50 3.49 23.05 23.01
CA ASN H 50 2.38 23.91 23.32
C ASN H 50 1.89 23.45 24.70
N ASN H 51 2.10 24.32 25.66
CA ASN H 51 1.78 23.97 27.05
C ASN H 51 0.47 24.59 27.57
N ASP H 52 -0.42 24.96 26.64
CA ASP H 52 -1.75 25.45 26.98
C ASP H 52 -2.45 24.45 27.95
N GLU H 53 -3.04 24.97 29.05
CA GLU H 53 -3.51 24.12 30.16
C GLU H 53 -4.74 23.33 29.73
N VAL H 54 -5.60 23.99 28.95
CA VAL H 54 -6.77 23.34 28.41
C VAL H 54 -6.34 22.20 27.46
N LEU H 55 -5.30 22.46 26.66
CA LEU H 55 -4.77 21.45 25.77
C LEU H 55 -4.27 20.24 26.57
N LEU H 56 -3.47 20.51 27.61
CA LEU H 56 -2.92 19.45 28.48
C LEU H 56 -4.01 18.66 29.21
N LYS H 57 -5.03 19.37 29.69
CA LYS H 57 -6.19 18.70 30.32
C LYS H 57 -6.92 17.81 29.33
N THR H 58 -7.19 18.34 28.15
CA THR H 58 -7.85 17.57 27.10
C THR H 58 -7.14 16.23 26.84
N MET H 59 -5.81 16.23 26.77
CA MET H 59 -5.02 15.03 26.49
C MET H 59 -5.01 14.04 27.62
N CYS H 60 -4.79 14.56 28.83
CA CYS H 60 -4.89 13.77 30.05
C CYS H 60 -6.18 12.93 30.10
N ASP H 61 -7.29 13.59 29.82
CA ASP H 61 -8.61 12.95 29.86
C ASP H 61 -8.78 11.90 28.76
N LYS H 62 -7.97 12.00 27.71
CA LYS H 62 -8.00 11.06 26.59
C LYS H 62 -6.94 9.96 26.74
N ASN H 63 -6.38 9.83 27.94
CA ASN H 63 -5.29 8.83 28.20
C ASN H 63 -4.03 8.93 27.33
N VAL H 64 -3.69 10.16 26.93
CA VAL H 64 -2.40 10.45 26.40
C VAL H 64 -1.44 10.71 27.55
N ASN H 65 -0.19 10.25 27.39
CA ASN H 65 0.86 10.47 28.36
C ASN H 65 1.70 11.68 27.98
N PHE H 66 2.82 11.90 28.67
CA PHE H 66 3.57 13.13 28.47
C PHE H 66 5.09 12.98 28.39
N ASP H 67 5.67 13.85 27.58
CA ASP H 67 7.09 14.00 27.47
C ASP H 67 7.38 15.41 28.00
N CYS H 68 8.03 15.43 29.17
CA CYS H 68 8.46 16.68 29.84
C CYS H 68 9.98 16.87 29.68
N ALA H 69 10.40 18.10 29.52
CA ALA H 69 11.79 18.40 29.11
C ALA H 69 12.58 19.03 30.26
N SER H 70 11.83 19.39 31.33
CA SER H 70 12.37 20.10 32.48
C SER H 70 11.49 19.92 33.71
N SER H 71 12.02 20.38 34.84
CA SER H 71 11.24 20.35 36.09
C SER H 71 9.98 21.22 35.98
N SER H 72 10.11 22.39 35.36
CA SER H 72 8.95 23.28 35.17
C SER H 72 7.83 22.61 34.36
N GLU H 73 8.22 21.88 33.32
CA GLU H 73 7.24 21.16 32.53
C GLU H 73 6.63 20.02 33.34
N ILE H 74 7.45 19.34 34.14
CA ILE H 74 6.94 18.31 35.06
C ILE H 74 5.88 18.90 36.04
N LYS H 75 6.15 20.05 36.65
CA LYS H 75 5.20 20.73 37.56
C LYS H 75 3.88 21.02 36.88
N LYS H 76 3.96 21.57 35.69
CA LYS H 76 2.82 21.96 34.86
C LYS H 76 1.86 20.76 34.60
N VAL H 77 2.44 19.65 34.16
CA VAL H 77 1.68 18.42 33.92
C VAL H 77 1.06 17.84 35.22
N ILE H 78 1.87 17.73 36.27
CA ILE H 78 1.37 17.23 37.57
C ILE H 78 0.20 18.08 38.08
N GLN H 79 0.33 19.40 37.95
CA GLN H 79 -0.70 20.34 38.44
C GLN H 79 -2.00 20.22 37.64
N ILE H 80 -1.94 19.69 36.42
CA ILE H 80 -3.13 19.37 35.61
C ILE H 80 -3.89 18.18 36.28
N GLY H 81 -3.17 17.39 37.08
CA GLY H 81 -3.77 16.23 37.72
C GLY H 81 -3.28 14.90 37.15
N VAL H 82 -2.31 14.96 36.22
CA VAL H 82 -1.74 13.77 35.62
C VAL H 82 -0.87 13.05 36.64
N SER H 83 -0.97 11.72 36.68
CA SER H 83 -0.08 10.89 37.52
C SER H 83 1.39 11.07 37.07
N PRO H 84 2.31 11.26 38.04
CA PRO H 84 3.76 11.28 37.74
C PRO H 84 4.24 10.05 36.89
N SER H 85 3.62 8.88 37.11
CA SER H 85 3.96 7.63 36.38
C SER H 85 3.70 7.69 34.87
N ARG H 86 2.92 8.67 34.44
CA ARG H 86 2.61 8.86 33.01
C ARG H 86 3.61 9.78 32.26
N ILE H 87 4.66 10.20 32.95
CA ILE H 87 5.60 11.16 32.41
C ILE H 87 6.95 10.48 32.07
N ILE H 88 7.42 10.69 30.84
CA ILE H 88 8.81 10.42 30.48
C ILE H 88 9.60 11.75 30.47
N PHE H 89 10.68 11.79 31.22
CA PHE H 89 11.60 12.96 31.24
C PHE H 89 12.55 12.74 30.05
N ALA H 90 12.02 12.94 28.82
CA ALA H 90 12.75 12.63 27.59
C ALA H 90 13.71 13.76 27.15
N HIS H 91 14.54 14.23 28.07
CA HIS H 91 15.65 15.15 27.77
C HIS H 91 16.89 14.40 28.22
N THR H 92 17.87 14.29 27.32
CA THR H 92 19.04 13.51 27.66
C THR H 92 20.00 14.30 28.56
N MET H 93 19.80 15.60 28.66
CA MET H 93 20.67 16.44 29.51
C MET H 93 19.81 17.13 30.57
N LYS H 94 19.89 16.61 31.80
CA LYS H 94 18.99 17.02 32.90
C LYS H 94 19.79 17.53 34.13
N THR H 95 19.42 18.68 34.68
CA THR H 95 20.14 19.16 35.88
C THR H 95 20.05 18.20 37.05
N ILE H 96 21.12 18.14 37.82
CA ILE H 96 21.07 17.39 39.08
C ILE H 96 19.82 17.76 39.90
N ASP H 97 19.49 19.05 39.98
CA ASP H 97 18.37 19.50 40.83
C ASP H 97 17.00 19.09 40.24
N ASP H 98 16.92 19.08 38.91
CA ASP H 98 15.76 18.54 38.19
C ASP H 98 15.60 17.02 38.40
N LEU H 99 16.73 16.29 38.45
CA LEU H 99 16.74 14.86 38.69
C LEU H 99 16.25 14.50 40.13
N ILE H 100 16.74 15.23 41.13
CA ILE H 100 16.22 15.10 42.54
C ILE H 100 14.72 15.35 42.57
N PHE H 101 14.30 16.43 41.91
CA PHE H 101 12.90 16.80 41.81
C PHE H 101 12.08 15.70 41.17
N ALA H 102 12.60 15.16 40.06
CA ALA H 102 11.91 14.15 39.32
C ALA H 102 11.73 12.92 40.21
N LYS H 103 12.80 12.54 40.90
CA LYS H 103 12.78 11.34 41.71
C LYS H 103 11.73 11.54 42.84
N ASP H 104 11.77 12.68 43.49
CA ASP H 104 10.79 12.97 44.60
C ASP H 104 9.34 12.96 44.08
N GLN H 105 9.11 13.58 42.92
CA GLN H 105 7.77 13.71 42.34
C GLN H 105 7.16 12.38 41.87
N GLY H 106 8.00 11.43 41.47
CA GLY H 106 7.52 10.18 40.91
C GLY H 106 7.82 10.03 39.40
N VAL H 107 8.60 10.95 38.85
CA VAL H 107 9.01 10.87 37.46
C VAL H 107 10.27 10.04 37.29
N ASP H 108 10.11 8.77 36.91
CA ASP H 108 11.21 7.79 37.01
C ASP H 108 11.48 6.99 35.72
N ILE H 109 11.20 7.62 34.57
CA ILE H 109 11.63 7.19 33.23
C ILE H 109 12.32 8.38 32.53
N ALA H 110 13.53 8.17 31.99
CA ALA H 110 14.27 9.28 31.42
C ALA H 110 15.19 8.79 30.32
N THR H 111 15.65 9.72 29.49
CA THR H 111 16.59 9.37 28.41
C THR H 111 18.01 9.81 28.75
N PHE H 112 18.98 9.29 28.00
CA PHE H 112 20.38 9.68 28.16
C PHE H 112 21.14 9.36 26.88
N ASP H 113 22.31 9.99 26.71
CA ASP H 113 23.19 9.74 25.55
C ASP H 113 24.67 9.92 25.89
N SER H 114 24.95 9.99 27.20
CA SER H 114 26.32 10.19 27.69
C SER H 114 26.60 9.48 29.02
N SER H 115 27.89 9.20 29.23
CA SER H 115 28.33 8.54 30.48
C SER H 115 28.17 9.44 31.74
N PHE H 116 28.39 10.74 31.57
CA PHE H 116 28.26 11.69 32.68
C PHE H 116 26.80 11.81 33.13
N GLU H 117 25.87 11.61 32.20
CA GLU H 117 24.45 11.56 32.53
C GLU H 117 24.15 10.34 33.40
N LEU H 118 24.76 9.21 33.03
CA LEU H 118 24.67 8.02 33.85
C LEU H 118 25.27 8.21 35.27
N ASP H 119 26.38 8.94 35.37
CA ASP H 119 26.95 9.34 36.68
C ASP H 119 25.93 10.08 37.55
N LYS H 120 25.22 11.06 36.98
CA LYS H 120 24.20 11.82 37.73
C LYS H 120 23.03 10.94 38.17
N ILE H 121 22.61 10.05 37.27
CA ILE H 121 21.55 9.09 37.56
C ILE H 121 21.91 8.21 38.77
N HIS H 122 23.08 7.58 38.68
CA HIS H 122 23.61 6.71 39.74
C HIS H 122 23.55 7.42 41.09
N THR H 123 24.03 8.67 41.12
CA THR H 123 24.09 9.45 42.36
C THR H 123 22.74 9.97 42.87
N TYR H 124 21.96 10.52 41.95
CA TYR H 124 20.75 11.30 42.31
C TYR H 124 19.41 10.69 42.01
N HIS H 125 19.36 9.72 41.09
CA HIS H 125 18.11 9.10 40.73
C HIS H 125 18.32 7.61 40.37
N PRO H 126 18.88 6.82 41.33
CA PRO H 126 19.48 5.51 40.97
C PRO H 126 18.58 4.45 40.37
N ASN H 127 17.29 4.56 40.60
CA ASN H 127 16.33 3.57 40.12
C ASN H 127 15.49 4.12 38.97
N CYS H 128 15.89 5.26 38.44
CA CYS H 128 15.15 5.83 37.34
C CYS H 128 15.42 4.90 36.10
N LYS H 129 14.33 4.53 35.40
CA LYS H 129 14.42 3.62 34.26
C LYS H 129 14.86 4.40 33.00
N MET H 130 15.91 3.89 32.34
CA MET H 130 16.61 4.65 31.32
C MET H 130 16.24 4.19 29.91
N ILE H 131 16.26 5.13 28.97
CA ILE H 131 16.06 4.84 27.57
C ILE H 131 17.28 5.50 26.88
N LEU H 132 18.08 4.68 26.20
CA LEU H 132 19.23 5.19 25.45
C LEU H 132 18.77 5.87 24.15
N ARG H 133 19.01 7.18 24.04
CA ARG H 133 18.72 7.89 22.80
C ARG H 133 19.90 7.73 21.81
N ILE H 134 19.60 7.18 20.64
CA ILE H 134 20.65 7.08 19.56
C ILE H 134 20.42 8.15 18.49
N ARG H 135 21.51 8.59 17.83
CA ARG H 135 21.37 9.54 16.73
C ARG H 135 21.00 8.84 15.41
N CYS H 136 19.97 9.33 14.75
CA CYS H 136 19.46 8.80 13.48
C CYS H 136 18.76 9.96 12.80
N ASP H 137 19.40 10.62 11.85
CA ASP H 137 18.88 11.90 11.32
C ASP H 137 17.95 11.78 10.13
N ASP H 138 16.95 12.65 10.09
CA ASP H 138 16.29 12.96 8.82
C ASP H 138 16.98 14.22 8.28
N PRO H 139 17.78 14.09 7.21
CA PRO H 139 18.44 15.29 6.68
C PRO H 139 17.48 16.31 6.04
N ASN H 140 16.23 15.89 5.81
CA ASN H 140 15.19 16.75 5.23
C ASN H 140 14.24 17.36 6.25
N ALA H 141 14.44 17.03 7.53
CA ALA H 141 13.61 17.60 8.61
C ALA H 141 13.87 19.12 8.70
N ALA H 142 12.83 19.89 8.99
CA ALA H 142 12.89 21.35 9.21
C ALA H 142 13.87 21.77 10.33
N VAL H 143 13.81 21.07 11.47
CA VAL H 143 14.72 21.35 12.61
C VAL H 143 15.63 20.14 12.84
N GLN H 144 16.94 20.33 12.62
CA GLN H 144 17.96 19.31 12.86
C GLN H 144 18.35 19.18 14.33
N LEU H 145 18.54 17.94 14.78
CA LEU H 145 18.70 17.59 16.20
C LEU H 145 19.93 16.74 16.52
N GLY H 146 20.46 16.08 15.50
CA GLY H 146 21.53 15.08 15.63
C GLY H 146 22.91 15.51 16.13
N ASN H 147 23.41 16.66 15.73
CA ASN H 147 24.73 17.13 16.26
C ASN H 147 24.79 17.29 17.81
N LYS H 148 23.65 17.67 18.37
CA LYS H 148 23.52 18.04 19.78
C LYS H 148 23.13 16.81 20.64
N PHE H 149 22.34 15.91 20.06
CA PHE H 149 21.68 14.85 20.87
C PHE H 149 21.79 13.48 20.21
N GLY H 150 21.94 12.43 21.01
CA GLY H 150 21.90 11.04 20.55
C GLY H 150 23.28 10.42 20.49
N ALA H 151 23.38 9.17 20.90
CA ALA H 151 24.65 8.46 20.85
C ALA H 151 24.95 8.04 19.40
N ASN H 152 26.22 8.12 19.05
CA ASN H 152 26.78 7.62 17.79
C ASN H 152 26.86 6.10 17.90
N GLU H 153 26.78 5.42 16.77
CA GLU H 153 26.82 3.96 16.74
C GLU H 153 27.99 3.33 17.54
N ASP H 154 29.16 3.98 17.47
CA ASP H 154 30.40 3.46 18.08
C ASP H 154 30.48 3.69 19.57
N GLU H 155 29.46 4.30 20.15
CA GLU H 155 29.46 4.47 21.60
C GLU H 155 28.31 3.73 22.33
N ILE H 156 27.45 3.09 21.55
CA ILE H 156 26.25 2.38 22.04
C ILE H 156 26.62 1.30 23.05
N ARG H 157 27.54 0.40 22.67
CA ARG H 157 27.94 -0.72 23.54
C ARG H 157 28.56 -0.24 24.85
N HIS H 158 29.51 0.69 24.74
CA HIS H 158 30.17 1.30 25.89
C HIS H 158 29.16 1.91 26.87
N LEU H 159 28.21 2.69 26.36
CA LEU H 159 27.18 3.32 27.21
C LEU H 159 26.30 2.32 27.91
N LEU H 160 25.94 1.24 27.20
CA LEU H 160 25.09 0.20 27.79
C LEU H 160 25.85 -0.57 28.88
N GLU H 161 27.14 -0.80 28.65
CA GLU H 161 28.01 -1.47 29.62
C GLU H 161 28.21 -0.61 30.88
N TYR H 162 28.37 0.68 30.69
CA TYR H 162 28.63 1.64 31.77
C TYR H 162 27.39 1.72 32.67
N ALA H 163 26.21 1.75 32.02
CA ALA H 163 24.94 1.69 32.74
C ALA H 163 24.80 0.41 33.58
N LYS H 164 25.15 -0.74 32.98
CA LYS H 164 25.21 -2.02 33.69
C LYS H 164 26.14 -1.96 34.92
N GLN H 165 27.34 -1.43 34.73
CA GLN H 165 28.30 -1.27 35.82
C GLN H 165 27.77 -0.42 36.98
N LEU H 166 26.94 0.58 36.66
CA LEU H 166 26.38 1.46 37.67
C LEU H 166 25.08 0.93 38.28
N ASP H 167 24.66 -0.26 37.85
CA ASP H 167 23.41 -0.85 38.34
C ASP H 167 22.20 -0.03 37.88
N ILE H 168 22.31 0.50 36.66
CA ILE H 168 21.24 1.33 36.09
C ILE H 168 20.49 0.51 35.05
N GLU H 169 19.18 0.42 35.22
CA GLU H 169 18.29 -0.38 34.38
C GLU H 169 18.00 0.35 33.06
N VAL H 170 18.48 -0.21 31.95
CA VAL H 170 18.16 0.35 30.64
C VAL H 170 16.96 -0.43 30.09
N ILE H 171 15.85 0.24 29.85
CA ILE H 171 14.67 -0.49 29.45
C ILE H 171 14.26 -0.29 27.99
N GLY H 172 15.01 0.55 27.25
CA GLY H 172 14.67 0.83 25.86
C GLY H 172 15.64 1.72 25.09
N ILE H 173 15.27 1.94 23.82
CA ILE H 173 15.97 2.81 22.87
C ILE H 173 14.98 3.83 22.32
N SER H 174 15.47 5.04 22.14
CA SER H 174 14.73 6.11 21.50
C SER H 174 15.58 6.77 20.41
N PHE H 175 14.90 7.55 19.57
CA PHE H 175 15.55 8.45 18.62
C PHE H 175 14.60 9.58 18.36
N HIS H 176 15.14 10.67 17.85
CA HIS H 176 14.34 11.71 17.18
C HIS H 176 15.05 12.05 15.87
N VAL H 177 14.38 11.78 14.73
CA VAL H 177 14.97 12.01 13.38
C VAL H 177 15.19 13.49 13.04
N GLY H 178 14.44 14.34 13.74
CA GLY H 178 14.40 15.78 13.53
C GLY H 178 12.95 16.28 13.57
N SER H 179 12.73 17.52 13.95
CA SER H 179 11.38 18.06 14.08
C SER H 179 10.87 18.56 12.74
N GLY H 180 9.60 18.24 12.43
CA GLY H 180 9.03 18.62 11.14
C GLY H 180 9.58 17.73 10.04
N SER H 181 9.38 16.42 10.16
CA SER H 181 9.91 15.44 9.24
C SER H 181 8.80 14.96 8.29
N ARG H 182 9.11 14.84 7.01
CA ARG H 182 8.17 14.18 6.10
C ARG H 182 8.87 13.07 5.30
N ASN H 183 9.92 12.51 5.90
CA ASN H 183 10.73 11.45 5.25
C ASN H 183 10.51 10.08 5.93
N PRO H 184 9.70 9.17 5.30
CA PRO H 184 9.34 7.88 5.93
C PRO H 184 10.56 6.95 6.06
N GLU H 185 11.50 7.04 5.14
CA GLU H 185 12.70 6.21 5.20
C GLU H 185 13.64 6.50 6.38
N ALA H 186 13.68 7.76 6.83
CA ALA H 186 14.40 8.15 8.06
C ALA H 186 13.91 7.35 9.27
N TYR H 187 12.59 7.26 9.43
CA TYR H 187 11.98 6.48 10.52
C TYR H 187 12.29 5.01 10.39
N TYR H 188 12.26 4.53 9.13
CA TYR H 188 12.54 3.14 8.86
C TYR H 188 13.95 2.75 9.24
N ARG H 189 14.92 3.55 8.83
CA ARG H 189 16.31 3.27 9.14
C ARG H 189 16.56 3.44 10.66
N ALA H 190 15.87 4.39 11.25
CA ALA H 190 16.06 4.64 12.69
C ALA H 190 15.57 3.45 13.51
N ILE H 191 14.43 2.88 13.11
CA ILE H 191 13.84 1.71 13.80
C ILE H 191 14.72 0.48 13.64
N LYS H 192 15.25 0.27 12.42
CA LYS H 192 16.26 -0.76 12.21
C LYS H 192 17.44 -0.58 13.16
N SER H 193 17.97 0.63 13.22
CA SER H 193 19.14 0.93 14.05
C SER H 193 18.79 0.78 15.53
N SER H 194 17.54 1.09 15.88
CA SER H 194 17.08 0.93 17.29
C SER H 194 17.05 -0.55 17.71
N LYS H 195 16.67 -1.43 16.77
CA LYS H 195 16.68 -2.87 17.03
C LYS H 195 18.10 -3.38 17.28
N GLU H 196 19.03 -2.93 16.45
CA GLU H 196 20.44 -3.26 16.62
C GLU H 196 20.95 -2.81 18.01
N ALA H 197 20.64 -1.59 18.41
CA ALA H 197 20.97 -1.08 19.76
C ALA H 197 20.27 -1.90 20.86
N PHE H 198 19.03 -2.27 20.58
CA PHE H 198 18.20 -3.09 21.45
C PHE H 198 18.89 -4.43 21.68
N ASN H 199 19.39 -5.01 20.60
CA ASN H 199 20.14 -6.25 20.67
C ASN H 199 21.45 -6.15 21.46
N GLU H 200 22.11 -5.01 21.38
CA GLU H 200 23.34 -4.79 22.16
C GLU H 200 23.03 -4.71 23.65
N ALA H 201 21.91 -4.07 23.99
CA ALA H 201 21.47 -3.94 25.40
C ALA H 201 21.25 -5.33 26.01
N ILE H 202 20.60 -6.21 25.25
CA ILE H 202 20.37 -7.60 25.65
C ILE H 202 21.71 -8.33 25.86
N SER H 203 22.61 -8.19 24.89
CA SER H 203 23.95 -8.77 24.96
C SER H 203 24.73 -8.37 26.24
N VAL H 204 24.51 -7.13 26.68
CA VAL H 204 25.18 -6.57 27.84
C VAL H 204 24.54 -7.07 29.12
N GLY H 205 23.29 -7.53 29.00
CA GLY H 205 22.57 -8.10 30.12
C GLY H 205 21.41 -7.23 30.63
N HIS H 206 21.05 -6.18 29.88
CA HIS H 206 19.80 -5.44 30.14
C HIS H 206 18.63 -6.24 29.62
N LYS H 207 17.43 -5.87 30.03
CA LYS H 207 16.21 -6.50 29.56
C LYS H 207 15.27 -5.45 29.02
N PRO H 208 15.64 -4.82 27.88
CA PRO H 208 14.78 -3.75 27.39
C PRO H 208 13.44 -4.24 26.85
N TYR H 209 12.47 -3.34 26.84
CA TYR H 209 11.15 -3.69 26.33
C TYR H 209 10.46 -2.52 25.62
N ILE H 210 11.13 -1.38 25.55
CA ILE H 210 10.50 -0.20 24.96
C ILE H 210 11.23 0.28 23.69
N LEU H 211 10.48 0.50 22.61
CA LEU H 211 10.98 1.32 21.50
C LEU H 211 10.26 2.66 21.53
N ASP H 212 11.04 3.74 21.43
CA ASP H 212 10.52 5.09 21.48
C ASP H 212 10.94 5.81 20.18
N ILE H 213 9.96 6.03 19.33
CA ILE H 213 10.20 6.54 17.98
C ILE H 213 10.25 8.07 17.91
N GLY H 214 10.27 8.73 19.08
CA GLY H 214 10.43 10.19 19.10
C GLY H 214 9.26 10.97 18.50
N GLY H 215 9.57 12.15 17.96
CA GLY H 215 8.54 13.04 17.42
C GLY H 215 8.77 13.30 15.94
N GLY H 216 8.34 14.47 15.46
CA GLY H 216 8.66 14.94 14.11
C GLY H 216 7.55 14.86 13.07
N LEU H 217 6.52 14.04 13.34
CA LEU H 217 5.42 13.86 12.39
C LEU H 217 4.46 15.04 12.32
N HIS H 218 3.98 15.30 11.10
CA HIS H 218 2.91 16.27 10.89
C HIS H 218 1.57 15.52 10.81
N ALA H 219 0.50 16.18 11.26
CA ALA H 219 -0.85 15.72 10.99
C ALA H 219 -1.23 16.36 9.65
N ASP H 220 -0.78 15.78 8.54
CA ASP H 220 -1.06 16.39 7.23
C ASP H 220 -2.42 15.94 6.72
N ILE H 221 -3.27 16.91 6.40
CA ILE H 221 -4.68 16.66 6.05
C ILE H 221 -4.93 17.04 4.59
N GLU H 225 -8.95 14.24 5.14
CA GLU H 225 -8.50 13.22 6.12
C GLU H 225 -6.98 13.14 6.22
N LEU H 226 -6.51 12.46 7.27
CA LEU H 226 -5.07 12.34 7.53
C LEU H 226 -4.42 11.38 6.55
N SER H 227 -3.28 11.81 6.01
CA SER H 227 -2.48 10.89 5.21
C SER H 227 -1.83 9.84 6.09
N THR H 228 -1.66 8.66 5.52
CA THR H 228 -1.06 7.51 6.18
C THR H 228 0.23 7.08 5.50
N MET H 230 3.43 8.17 6.16
CA MET H 230 4.36 8.11 7.30
C MET H 230 3.97 6.92 8.20
N SER H 231 2.69 6.86 8.58
CA SER H 231 2.21 5.84 9.52
C SER H 231 2.35 4.44 8.97
N ASP H 232 2.03 4.27 7.70
CA ASP H 232 2.17 2.97 7.07
C ASP H 232 3.60 2.50 7.06
N TYR H 233 4.53 3.40 6.78
CA TYR H 233 5.94 3.05 6.73
C TYR H 233 6.50 2.80 8.14
N ILE H 234 6.05 3.58 9.11
CA ILE H 234 6.51 3.42 10.50
C ILE H 234 6.04 2.04 11.01
N ASN H 235 4.75 1.77 10.83
CA ASN H 235 4.19 0.49 11.24
C ASN H 235 4.83 -0.73 10.57
N ASP H 236 5.14 -0.62 9.28
CA ASP H 236 5.88 -1.67 8.59
C ASP H 236 7.23 -1.97 9.26
N ALA H 237 7.99 -0.90 9.55
CA ALA H 237 9.27 -1.02 10.28
C ALA H 237 9.11 -1.65 11.67
N ILE H 238 8.03 -1.27 12.37
CA ILE H 238 7.73 -1.87 13.67
C ILE H 238 7.53 -3.39 13.51
N LYS H 239 6.75 -3.77 12.51
CA LYS H 239 6.48 -5.18 12.21
C LYS H 239 7.77 -5.91 11.80
N ASP H 240 8.55 -5.31 10.90
CA ASP H 240 9.81 -5.92 10.44
C ASP H 240 10.79 -6.20 11.57
N PHE H 241 10.92 -5.25 12.49
CA PHE H 241 12.02 -5.28 13.47
C PHE H 241 11.57 -5.53 14.92
N PHE H 242 10.36 -5.14 15.26
CA PHE H 242 9.85 -5.33 16.64
C PHE H 242 8.51 -6.07 16.64
N PRO H 243 8.44 -7.27 15.98
CA PRO H 243 7.14 -7.94 15.89
C PRO H 243 6.59 -8.44 17.22
N GLU H 244 7.50 -8.72 18.17
CA GLU H 244 7.21 -9.33 19.46
C GLU H 244 6.24 -8.49 20.30
N ASP H 245 5.24 -9.19 20.84
CA ASP H 245 4.21 -8.60 21.69
C ASP H 245 4.74 -8.17 23.03
N THR H 246 5.94 -8.63 23.39
CA THR H 246 6.60 -8.23 24.62
C THR H 246 7.24 -6.84 24.58
N VAL H 247 7.27 -6.21 23.40
CA VAL H 247 7.81 -4.86 23.25
C VAL H 247 6.68 -3.85 23.23
N THR H 248 6.82 -2.83 24.06
CA THR H 248 5.90 -1.72 24.13
C THR H 248 6.48 -0.61 23.25
N ILE H 249 5.66 -0.02 22.39
CA ILE H 249 6.10 1.10 21.55
C ILE H 249 5.46 2.42 22.05
N VAL H 250 6.30 3.42 22.23
CA VAL H 250 5.90 4.77 22.58
C VAL H 250 6.42 5.80 21.54
N ALA H 251 5.87 7.00 21.58
CA ALA H 251 6.32 8.11 20.73
C ALA H 251 6.28 9.42 21.52
N GLU H 252 7.01 10.42 21.03
CA GLU H 252 7.02 11.75 21.65
C GLU H 252 6.47 12.86 20.72
N PRO H 253 5.21 12.72 20.25
CA PRO H 253 4.74 13.71 19.27
C PRO H 253 4.40 15.06 19.92
N GLY H 254 4.76 16.16 19.28
CA GLY H 254 4.33 17.50 19.77
C GLY H 254 3.45 18.09 18.68
N ARG H 255 4.07 18.39 17.54
CA ARG H 255 3.39 19.09 16.43
C ARG H 255 2.17 18.35 15.88
N PHE H 256 2.18 17.02 15.93
CA PHE H 256 1.11 16.23 15.34
C PHE H 256 -0.22 16.66 15.99
N PHE H 257 -0.16 16.81 17.31
CA PHE H 257 -1.32 17.24 18.13
C PHE H 257 -1.55 18.76 18.20
N ALA H 258 -0.47 19.52 18.32
CA ALA H 258 -0.56 20.97 18.54
C ALA H 258 -0.81 21.84 17.31
N GLU H 259 -0.36 21.41 16.13
CA GLU H 259 -0.40 22.30 14.95
C GLU H 259 -1.80 22.85 14.69
N HIS H 260 -2.79 21.95 14.60
CA HIS H 260 -4.16 22.36 14.22
C HIS H 260 -5.05 22.78 15.40
N TYR H 261 -4.47 22.82 16.57
CA TYR H 261 -5.22 23.13 17.78
C TYR H 261 -5.72 24.57 17.76
N SER H 262 -4.92 25.48 17.16
CA SER H 262 -5.21 26.92 17.21
C SER H 262 -5.08 27.63 15.89
N VAL H 263 -5.78 28.76 15.79
CA VAL H 263 -5.48 29.81 14.83
C VAL H 263 -5.08 31.06 15.58
N LEU H 264 -4.28 31.88 14.93
CA LEU H 264 -3.80 33.13 15.48
C LEU H 264 -4.39 34.33 14.74
N ALA H 265 -5.25 35.06 15.43
CA ALA H 265 -5.86 36.24 14.85
C ALA H 265 -5.02 37.47 15.21
N THR H 266 -4.81 38.34 14.24
CA THR H 266 -4.01 39.53 14.45
C THR H 266 -4.55 40.66 13.60
N GLN H 267 -4.32 41.90 14.05
CA GLN H 267 -4.93 43.05 13.42
C GLN H 267 -3.89 43.93 12.68
N VAL H 268 -4.28 44.46 11.53
CA VAL H 268 -3.48 45.48 10.83
C VAL H 268 -3.50 46.78 11.65
N ILE H 269 -2.34 47.17 12.16
CA ILE H 269 -2.28 48.37 13.00
C ILE H 269 -1.59 49.54 12.31
N GLY H 270 -0.86 49.25 11.22
CA GLY H 270 -0.12 50.27 10.50
C GLY H 270 -0.04 49.93 9.01
N LYS H 271 0.25 50.94 8.21
CA LYS H 271 0.20 50.79 6.74
C LYS H 271 1.09 51.80 6.05
N ARG H 272 1.66 51.39 4.91
CA ARG H 272 2.49 52.23 4.06
C ARG H 272 2.41 51.70 2.62
N VAL H 273 2.05 52.57 1.68
CA VAL H 273 2.00 52.18 0.26
C VAL H 273 3.04 52.99 -0.53
N ARG H 274 3.97 52.28 -1.16
CA ARG H 274 5.07 52.92 -1.86
C ARG H 274 5.27 52.21 -3.23
N ASP H 275 4.99 52.92 -4.30
CA ASP H 275 5.22 52.44 -5.69
C ASP H 275 4.59 51.07 -5.95
N GLY H 276 3.32 50.94 -5.56
CA GLY H 276 2.56 49.73 -5.83
C GLY H 276 2.77 48.60 -4.84
N LEU H 277 3.65 48.79 -3.87
CA LEU H 277 3.90 47.77 -2.85
C LEU H 277 3.21 48.17 -1.51
N TYR H 278 2.46 47.23 -0.94
CA TYR H 278 1.61 47.52 0.23
C TYR H 278 2.23 46.94 1.47
N GLU H 279 2.66 47.80 2.37
CA GLU H 279 3.39 47.37 3.55
C GLU H 279 2.47 47.51 4.81
N TYR H 280 2.32 46.41 5.54
CA TYR H 280 1.41 46.35 6.70
C TYR H 280 2.17 45.96 7.95
N PHE H 281 1.73 46.54 9.07
CA PHE H 281 2.25 46.23 10.40
C PHE H 281 1.12 45.63 11.20
N PHE H 282 1.38 44.51 11.84
CA PHE H 282 0.39 43.81 12.66
C PHE H 282 0.71 43.89 14.14
N ASN H 283 -0.29 43.63 15.00
CA ASN H 283 -0.04 43.59 16.47
C ASN H 283 0.52 42.24 16.91
N GLU H 284 1.32 41.62 16.03
CA GLU H 284 2.05 40.40 16.30
C GLU H 284 3.45 40.53 15.61
N SER H 285 4.34 39.59 15.89
CA SER H 285 5.72 39.71 15.46
C SER H 285 6.42 38.37 15.57
N THR H 286 7.62 38.32 15.00
CA THR H 286 8.43 37.11 15.07
C THR H 286 9.02 36.92 16.46
N TYR H 287 8.98 37.98 17.25
CA TYR H 287 9.28 37.91 18.70
C TYR H 287 8.05 37.54 19.54
N GLY H 288 6.88 37.43 18.89
CA GLY H 288 5.64 37.07 19.59
C GLY H 288 5.26 35.66 19.22
N GLY H 289 4.21 35.50 18.39
CA GLY H 289 3.76 34.19 17.92
C GLY H 289 4.36 33.66 16.61
N PHE H 290 5.30 34.41 15.99
CA PHE H 290 5.77 34.06 14.63
C PHE H 290 7.26 33.66 14.54
N SER H 291 7.79 33.10 15.61
CA SER H 291 9.19 32.66 15.63
C SER H 291 9.48 31.56 14.60
N ASN H 292 8.45 30.78 14.21
CA ASN H 292 8.56 29.76 13.15
C ASN H 292 9.04 30.30 11.80
N VAL H 293 8.69 31.56 11.52
CA VAL H 293 9.25 32.31 10.39
C VAL H 293 10.77 32.28 10.44
N ILE H 294 11.34 32.46 11.64
CA ILE H 294 12.82 32.46 11.80
C ILE H 294 13.36 31.02 11.80
N PHE H 295 12.81 30.19 12.66
CA PHE H 295 13.41 28.90 12.98
C PHE H 295 12.96 27.75 12.09
N GLU H 296 11.76 27.86 11.53
CA GLU H 296 11.25 26.81 10.64
C GLU H 296 11.05 27.24 9.19
N LYS H 297 11.56 28.43 8.85
CA LYS H 297 11.44 28.97 7.49
C LYS H 297 9.99 29.10 7.00
N SER H 298 9.04 29.21 7.93
CA SER H 298 7.62 29.37 7.59
C SER H 298 7.39 30.62 6.71
N VAL H 299 6.54 30.50 5.70
CA VAL H 299 6.09 31.64 4.91
C VAL H 299 4.57 31.61 4.92
N PRO H 300 3.96 32.07 6.01
CA PRO H 300 2.53 31.91 6.20
C PRO H 300 1.64 32.96 5.56
N THR H 301 0.48 32.49 5.12
CA THR H 301 -0.47 33.32 4.39
C THR H 301 -1.74 33.42 5.21
N PRO H 302 -2.14 34.65 5.53
CA PRO H 302 -3.28 34.97 6.37
C PRO H 302 -4.61 34.81 5.63
N GLN H 303 -5.65 34.46 6.36
CA GLN H 303 -7.02 34.51 5.87
C GLN H 303 -7.59 35.86 6.26
N LEU H 304 -8.15 36.58 5.30
CA LEU H 304 -8.85 37.84 5.58
C LEU H 304 -10.20 37.55 6.24
N LEU H 305 -10.51 38.26 7.31
CA LEU H 305 -11.83 38.13 7.93
C LEU H 305 -12.93 38.88 7.17
N ARG H 306 -12.57 40.03 6.62
CA ARG H 306 -13.48 40.86 5.82
C ARG H 306 -13.80 40.15 4.53
N ASP H 307 -15.09 40.04 4.19
CA ASP H 307 -15.45 39.45 2.89
C ASP H 307 -15.14 40.37 1.71
N VAL H 308 -14.66 39.76 0.63
CA VAL H 308 -14.39 40.48 -0.61
C VAL H 308 -15.04 39.78 -1.80
N PRO H 309 -15.34 40.55 -2.86
CA PRO H 309 -15.91 39.98 -4.06
C PRO H 309 -14.91 39.02 -4.70
N ASP H 310 -15.43 38.09 -5.49
CA ASP H 310 -14.56 37.18 -6.23
C ASP H 310 -13.78 37.95 -7.33
N GLU H 312 -12.08 40.65 -6.48
CA GLU H 312 -11.19 41.58 -5.79
C GLU H 312 -9.78 41.48 -6.35
N GLU H 313 -9.17 42.65 -6.52
CA GLU H 313 -7.79 42.77 -6.96
C GLU H 313 -6.80 42.39 -5.85
N TYR H 314 -5.91 41.46 -6.15
CA TYR H 314 -4.82 41.18 -5.22
C TYR H 314 -3.64 42.10 -5.53
N VAL H 315 -3.01 42.62 -4.46
CA VAL H 315 -1.85 43.50 -4.58
C VAL H 315 -0.60 42.87 -3.89
N PRO H 316 0.64 43.26 -4.31
CA PRO H 316 1.82 42.68 -3.68
C PRO H 316 1.97 43.27 -2.27
N SER H 317 1.99 42.40 -1.27
CA SER H 317 1.93 42.81 0.12
C SER H 317 3.14 42.32 0.93
N VAL H 318 3.50 43.11 1.95
CA VAL H 318 4.58 42.77 2.87
C VAL H 318 3.98 42.80 4.29
N LEU H 319 4.18 41.72 5.04
CA LEU H 319 3.61 41.62 6.40
C LEU H 319 4.71 41.75 7.46
N TYR H 320 4.79 42.93 8.10
CA TYR H 320 5.82 43.20 9.09
C TYR H 320 5.27 42.96 10.51
N GLY H 321 6.10 42.44 11.41
CA GLY H 321 5.77 42.39 12.86
C GLY H 321 5.91 43.75 13.52
N CYS H 322 5.43 43.88 14.75
CA CYS H 322 5.28 45.19 15.40
C CYS H 322 6.55 45.75 16.05
N THR H 323 7.59 44.93 16.16
CA THR H 323 8.79 45.38 16.87
C THR H 323 9.64 46.33 16.01
N CYS H 324 10.57 47.00 16.68
N CYS H 324 10.56 47.01 16.70
CA CYS H 324 11.49 47.92 16.03
CA CYS H 324 11.62 47.86 16.16
C CYS H 324 12.59 47.21 15.17
C CYS H 324 12.57 47.19 15.14
N ASP H 325 12.66 45.89 15.23
CA ASP H 325 13.71 45.08 14.56
C ASP H 325 13.43 44.83 13.06
N GLY H 326 14.43 45.08 12.22
CA GLY H 326 14.34 44.87 10.76
C GLY H 326 14.19 43.43 10.33
N VAL H 327 14.64 42.50 11.18
CA VAL H 327 14.47 41.06 10.93
C VAL H 327 13.04 40.57 11.10
N ASP H 328 12.30 41.32 11.93
CA ASP H 328 10.96 40.98 12.31
C ASP H 328 9.98 41.23 11.13
N VAL H 329 9.93 40.23 10.24
CA VAL H 329 9.06 40.22 9.06
C VAL H 329 8.29 38.91 9.07
N ILE H 330 6.97 39.00 9.12
CA ILE H 330 6.14 37.81 9.08
C ILE H 330 6.11 37.15 7.68
N ASN H 331 5.92 37.96 6.65
CA ASN H 331 5.93 37.46 5.26
C ASN H 331 6.49 38.56 4.36
N HIS H 332 7.64 38.30 3.70
CA HIS H 332 8.27 39.31 2.87
C HIS H 332 7.47 39.66 1.62
N ASN H 333 6.73 38.70 1.09
CA ASN H 333 6.03 38.85 -0.19
C ASN H 333 4.83 37.94 -0.35
N VAL H 334 3.63 38.51 -0.43
CA VAL H 334 2.40 37.71 -0.51
C VAL H 334 1.35 38.51 -1.26
N ALA H 335 0.64 37.86 -2.16
CA ALA H 335 -0.43 38.49 -2.92
C ALA H 335 -1.70 38.45 -2.07
N LEU H 336 -2.31 39.61 -1.86
CA LEU H 336 -3.53 39.70 -1.04
C LEU H 336 -4.44 40.84 -1.48
N PRO H 337 -5.75 40.75 -1.11
CA PRO H 337 -6.60 41.93 -1.32
C PRO H 337 -6.03 43.08 -0.50
N GLU H 338 -6.23 44.32 -0.95
CA GLU H 338 -5.79 45.46 -0.13
C GLU H 338 -6.37 45.39 1.27
N LEU H 339 -5.51 45.58 2.27
CA LEU H 339 -5.95 45.65 3.68
C LEU H 339 -5.98 47.10 4.17
N HIS H 340 -6.69 47.31 5.29
CA HIS H 340 -6.80 48.61 5.95
C HIS H 340 -6.53 48.47 7.44
N ILE H 341 -6.07 49.55 8.05
CA ILE H 341 -5.83 49.60 9.47
C ILE H 341 -7.18 49.29 10.15
N GLY H 342 -7.14 48.33 11.07
CA GLY H 342 -8.34 47.82 11.75
C GLY H 342 -8.79 46.47 11.25
N ASP H 343 -8.34 46.09 10.04
CA ASP H 343 -8.65 44.75 9.48
C ASP H 343 -8.11 43.64 10.36
N TRP H 344 -8.90 42.60 10.59
CA TRP H 344 -8.39 41.43 11.28
C TRP H 344 -8.09 40.32 10.27
N VAL H 345 -7.04 39.57 10.53
CA VAL H 345 -6.75 38.40 9.72
C VAL H 345 -6.47 37.29 10.69
N TYR H 346 -6.41 36.07 10.19
CA TYR H 346 -5.89 34.97 10.99
C TYR H 346 -5.06 33.96 10.21
N PHE H 347 -4.20 33.31 10.96
CA PHE H 347 -3.26 32.32 10.49
C PHE H 347 -3.70 30.94 10.99
N PRO H 348 -4.12 30.06 10.06
CA PRO H 348 -4.60 28.72 10.41
C PRO H 348 -3.48 27.84 10.93
N SER H 349 -3.85 26.76 11.61
CA SER H 349 -2.90 25.73 12.03
C SER H 349 -1.67 26.36 12.71
N TRP H 350 -1.93 27.20 13.73
CA TRP H 350 -0.88 28.01 14.34
C TRP H 350 -0.68 27.66 15.81
N GLY H 351 -0.66 26.35 16.09
CA GLY H 351 -0.59 25.88 17.47
C GLY H 351 0.75 25.26 17.90
N ALA H 352 1.65 25.02 16.94
CA ALA H 352 2.88 24.30 17.24
C ALA H 352 4.08 25.24 17.24
N TYR H 353 4.77 25.37 18.38
CA TYR H 353 5.96 26.24 18.48
C TYR H 353 5.60 27.68 18.12
N THR H 354 4.47 28.12 18.65
CA THR H 354 3.98 29.47 18.41
C THR H 354 3.89 30.27 19.74
N ASN H 355 2.81 30.08 20.51
CA ASN H 355 2.61 30.77 21.79
C ASN H 355 3.73 30.47 22.81
N VAL H 356 4.30 29.26 22.76
CA VAL H 356 5.39 28.89 23.69
C VAL H 356 6.65 29.70 23.55
N LEU H 357 6.88 30.25 22.34
CA LEU H 357 8.11 30.99 22.06
C LEU H 357 7.98 32.52 22.22
N THR H 358 6.89 32.98 22.83
CA THR H 358 6.65 34.43 22.99
C THR H 358 7.74 35.08 23.88
N THR H 359 8.14 36.30 23.51
CA THR H 359 8.98 37.18 24.34
C THR H 359 8.17 38.44 24.64
N SER H 360 8.60 39.25 25.62
CA SER H 360 8.02 40.57 25.83
C SER H 360 8.91 41.69 25.24
N PHE H 361 9.72 41.33 24.22
CA PHE H 361 10.60 42.30 23.60
C PHE H 361 9.81 43.52 23.08
N ASN H 362 10.34 44.70 23.32
CA ASN H 362 9.71 46.00 22.92
C ASN H 362 8.47 46.30 23.79
N GLY H 363 8.13 45.38 24.68
CA GLY H 363 6.90 45.51 25.50
C GLY H 363 5.68 44.97 24.76
N PHE H 364 5.93 44.25 23.65
CA PHE H 364 4.86 43.54 22.93
C PHE H 364 4.75 42.08 23.42
N GLY H 365 4.06 41.23 22.65
CA GLY H 365 4.01 39.81 22.96
C GLY H 365 2.75 39.35 23.67
N GLU H 366 1.87 40.28 24.02
CA GLU H 366 0.60 39.97 24.69
C GLU H 366 -0.37 39.31 23.75
N TYR H 367 -1.17 38.40 24.28
CA TYR H 367 -2.23 37.79 23.52
C TYR H 367 -3.34 37.26 24.43
N ASP H 368 -4.52 37.10 23.83
CA ASP H 368 -5.64 36.43 24.48
C ASP H 368 -5.82 35.04 23.87
N VAL H 369 -6.53 34.20 24.59
CA VAL H 369 -6.92 32.87 24.09
C VAL H 369 -8.45 32.70 24.28
N TYR H 370 -9.10 32.29 23.22
CA TYR H 370 -10.52 31.94 23.26
C TYR H 370 -10.68 30.46 22.91
N TYR H 371 -11.47 29.76 23.71
CA TYR H 371 -11.72 28.34 23.50
C TYR H 371 -13.06 28.06 22.82
N ILE H 372 -13.04 27.17 21.83
CA ILE H 372 -14.28 26.80 21.14
C ILE H 372 -14.61 25.32 21.25
#